data_6WDO
#
_entry.id   6WDO
#
_cell.length_a   1.00
_cell.length_b   1.00
_cell.length_c   1.00
_cell.angle_alpha   90.00
_cell.angle_beta   90.00
_cell.angle_gamma   90.00
#
_symmetry.space_group_name_H-M   'P 1'
#
loop_
_entity.id
_entity.type
_entity.pdbx_description
1 polymer 'Calcium uniporter protein, mitochondrial'
2 polymer 'Essential MCU regulator, mitochondrial'
3 polymer 'Calcium uniporter protein, mitochondrial'
4 polymer 'Calcium uptake protein 1, mitochondrial'
5 polymer 'Calcium uptake protein 2, mitochondrial'
6 non-polymer 'CALCIUM ION'
#
loop_
_entity_poly.entity_id
_entity_poly.type
_entity_poly.pdbx_seq_one_letter_code
_entity_poly.pdbx_strand_id
1 'polypeptide(L)'
;DVTVVYQNGLPVISVRLPSRRERCQFTLKPISDSVGVFLRQLQEEDRGIDRVAIYSPDGVRVAASTGIDLLLLDDFKLVI
NDLTYHVRPPKRDLLSHENAATLNDVKTLVQQLYTTLCIEQHQLNKERELIERLEDLKEQLAPLEKVRIEISRKAEKRTT
LVLWGGLAYMATQFGILARLTWWEYSWDIMEPVTYFITYGSAMAMYAYFVMTRQEYVYPEARDRQYLLFFHKGAKKSRFD
LEKYNQLKDAIAQAEMDLKRLRDPLQVHLPLRQ
;
G,A,E,I,O,M
2 'polypeptide(L)' VIVTRSGAILPKPVKMSFGLLRVFSIVIPFLYVGTLISKNFAALLEEHDIFVP H,D,B,F,J,L,P,N
3 'polypeptide(L)'
;DVTVVYQNGLPVISVRLPSRRERCQFTLKPISDSVGVFLRQLQEEDRGIDRVAIYSPDGVRVAASTGIDLLLLDDFKLVI
NDLTYHVRPPKRDLLSHENAATLNDVKTLVQQLYTTLCIEQHQLNKERELIERLEDLKEQLAPLEKVRIEISRKAEKRTT
LVLWGGLAYMATQFGILARLTWWEYSWDIMEPVTYFITYGSAMAMYAYFVMTRQEYVYPEARDRQYLLFFHKGAKKSRFD
LEKYNQLKDAIAQAEMDLKRLRDPLQVH
;
C,K
4 'polypeptide(L)'
;SGFRDRKVMEYENRIRAYSTPDKIFRYFATLKVISEPGEAEVFMTPEDFVRSITPNEKQPEHLGLDQYIIKRFDGKKISQ
EREKFADEGSIFYTLGECGLISFSDYIFLTTVLSTPQRNFEIAFKMFDLNGDGEVDMEEFEQVQSIIRSQTSMGMRHRDR
PTTGNTLKSGLCSALTTYFFGADLKGKLTIKNFLEFQRKLQHDVLKLEFERHDPVDGRITERQFGGMLLAYSGVQSKKLT
AMQRQLKKHFKEGKGLTFQEVENFFTFLKNINDVDTALSFYHMAGASLDKVTMQQVARTVAKVELSDHVCDVVFALFDCD
GNGELSNKEFVSIMKQRLM
;
Q,S
5 'polypeptide(L)'
;LRKQRFMQFSSLEHEGEYYMTPRDFLFSVMFEQMERKTSVKKLTKKDIEDTLSGIQTAGCGSTFFRDLGDKGLISYTEYL
FLLTILTKPHSGFHVAFKMLDTDGNEMIEKREFFKLQKIISKQDDLMTVKTNETGYQEAIVKEPEINTTLQMRFFGKRGQ
RKLHYKEFRRFMENLQTEIQEMEFLQFSKGLSFMRKEDFAEWLLFFTNTENKDIYWKNVREKLSAGESISLDEFKSFCHF
TTHLEDFAIAMQMFSLAHRPVRLAEFKRAVKVATGQELSNNILDTVFKIFDLDGDECLSHEEFLGVLKNR
;
R,T
#
loop_
_chem_comp.id
_chem_comp.type
_chem_comp.name
_chem_comp.formula
CA non-polymer 'CALCIUM ION' 'Ca 2'
#
# COMPACT_ATOMS: atom_id res chain seq x y z
N VAL A 2 -35.54 -28.56 -20.58
CA VAL A 2 -36.77 -29.33 -20.54
C VAL A 2 -37.12 -29.68 -19.10
N THR A 3 -36.29 -29.21 -18.17
CA THR A 3 -36.46 -29.54 -16.77
C THR A 3 -37.39 -28.55 -16.08
N VAL A 4 -38.03 -29.00 -15.01
CA VAL A 4 -38.88 -28.16 -14.17
C VAL A 4 -38.69 -28.58 -12.74
N VAL A 5 -38.19 -27.68 -11.90
CA VAL A 5 -38.15 -27.87 -10.45
C VAL A 5 -38.47 -26.54 -9.79
N TYR A 6 -39.70 -26.41 -9.29
CA TYR A 6 -40.05 -25.33 -8.37
C TYR A 6 -40.12 -25.84 -6.94
N GLN A 7 -39.51 -26.99 -6.68
CA GLN A 7 -39.66 -27.66 -5.40
C GLN A 7 -38.81 -27.02 -4.31
N ASN A 8 -37.69 -26.41 -4.67
CA ASN A 8 -36.94 -25.59 -3.73
C ASN A 8 -37.58 -24.24 -3.48
N GLY A 9 -38.82 -24.04 -3.94
CA GLY A 9 -39.53 -22.80 -3.80
C GLY A 9 -39.59 -21.96 -5.06
N LEU A 10 -38.67 -22.18 -6.00
CA LEU A 10 -38.59 -21.39 -7.20
C LEU A 10 -38.39 -22.32 -8.40
N PRO A 11 -39.18 -22.15 -9.46
CA PRO A 11 -38.95 -22.95 -10.67
C PRO A 11 -37.54 -22.76 -11.19
N VAL A 12 -36.92 -23.86 -11.64
CA VAL A 12 -35.68 -23.83 -12.39
C VAL A 12 -35.88 -24.66 -13.64
N ILE A 13 -35.54 -24.10 -14.78
CA ILE A 13 -35.83 -24.71 -16.07
C ILE A 13 -34.51 -24.83 -16.82
N SER A 14 -33.84 -25.97 -16.65
CA SER A 14 -32.60 -26.22 -17.37
C SER A 14 -32.93 -26.65 -18.79
N VAL A 15 -32.48 -25.88 -19.77
CA VAL A 15 -32.85 -26.10 -21.16
C VAL A 15 -31.59 -26.17 -22.02
N ARG A 16 -31.66 -26.98 -23.06
CA ARG A 16 -30.51 -27.26 -23.92
C ARG A 16 -30.53 -26.33 -25.11
N LEU A 17 -29.50 -25.50 -25.23
CA LEU A 17 -29.36 -24.61 -26.37
C LEU A 17 -29.27 -25.43 -27.66
N PRO A 18 -29.72 -24.86 -28.79
CA PRO A 18 -29.55 -25.56 -30.07
C PRO A 18 -28.07 -25.67 -30.42
N SER A 19 -27.69 -26.83 -30.96
CA SER A 19 -26.31 -27.14 -31.35
C SER A 19 -25.33 -26.89 -30.20
N ARG A 20 -25.82 -26.98 -28.97
CA ARG A 20 -24.98 -26.73 -27.80
C ARG A 20 -25.39 -27.67 -26.68
N ARG A 21 -24.39 -28.19 -25.97
CA ARG A 21 -24.62 -29.02 -24.78
C ARG A 21 -25.05 -28.20 -23.57
N GLU A 22 -25.19 -26.89 -23.73
CA GLU A 22 -25.46 -26.00 -22.61
C GLU A 22 -26.89 -26.16 -22.12
N ARG A 23 -27.11 -27.15 -21.26
CA ARG A 23 -28.40 -27.35 -20.58
C ARG A 23 -28.51 -26.32 -19.45
N CYS A 24 -28.64 -25.06 -19.85
CA CYS A 24 -28.53 -23.94 -18.91
C CYS A 24 -29.71 -23.92 -17.94
N GLN A 25 -29.41 -23.96 -16.66
CA GLN A 25 -30.43 -23.85 -15.63
C GLN A 25 -31.01 -22.44 -15.61
N PHE A 26 -32.34 -22.35 -15.66
CA PHE A 26 -33.05 -21.07 -15.63
C PHE A 26 -33.93 -21.03 -14.38
N THR A 27 -33.43 -20.40 -13.32
CA THR A 27 -34.28 -20.09 -12.19
C THR A 27 -35.18 -18.91 -12.54
N LEU A 28 -36.35 -18.87 -11.89
CA LEU A 28 -37.33 -17.83 -12.18
C LEU A 28 -38.44 -17.80 -11.13
N LYS A 29 -38.81 -16.59 -10.72
CA LYS A 29 -39.83 -16.42 -9.70
C LYS A 29 -41.18 -16.91 -10.21
N PRO A 30 -42.14 -17.16 -9.30
CA PRO A 30 -43.44 -17.64 -9.77
C PRO A 30 -44.33 -16.53 -10.33
N ILE A 31 -44.31 -15.34 -9.73
CA ILE A 31 -45.19 -14.26 -10.15
C ILE A 31 -44.43 -12.99 -10.49
N SER A 32 -43.47 -12.58 -9.66
CA SER A 32 -42.78 -11.32 -9.90
C SER A 32 -42.06 -11.32 -11.23
N ASP A 33 -41.80 -12.49 -11.81
CA ASP A 33 -41.29 -12.59 -13.16
C ASP A 33 -42.41 -13.07 -14.08
N SER A 34 -42.31 -12.68 -15.35
CA SER A 34 -43.28 -13.06 -16.35
C SER A 34 -42.56 -13.65 -17.55
N VAL A 35 -43.31 -14.39 -18.35
CA VAL A 35 -42.74 -15.14 -19.49
C VAL A 35 -41.85 -14.26 -20.33
N GLY A 36 -42.12 -12.95 -20.39
CA GLY A 36 -41.26 -12.04 -21.11
C GLY A 36 -39.86 -12.01 -20.55
N VAL A 37 -39.73 -11.59 -19.29
CA VAL A 37 -38.40 -11.45 -18.69
C VAL A 37 -37.70 -12.80 -18.65
N PHE A 38 -38.45 -13.89 -18.54
CA PHE A 38 -37.84 -15.21 -18.64
C PHE A 38 -37.17 -15.40 -20.00
N LEU A 39 -37.86 -15.00 -21.07
CA LEU A 39 -37.25 -15.05 -22.38
C LEU A 39 -36.16 -13.99 -22.53
N ARG A 40 -36.31 -12.86 -21.85
CA ARG A 40 -35.27 -11.84 -21.87
C ARG A 40 -33.95 -12.40 -21.35
N GLN A 41 -33.96 -12.93 -20.12
CA GLN A 41 -32.76 -13.54 -19.57
C GLN A 41 -32.33 -14.76 -20.36
N LEU A 42 -33.23 -15.34 -21.16
CA LEU A 42 -32.86 -16.48 -21.99
C LEU A 42 -31.95 -16.04 -23.13
N GLN A 43 -32.45 -15.18 -24.01
CA GLN A 43 -31.78 -14.86 -25.26
C GLN A 43 -30.55 -13.98 -25.09
N GLU A 44 -30.39 -13.33 -23.94
CA GLU A 44 -29.25 -12.43 -23.77
C GLU A 44 -27.94 -13.19 -23.60
N GLU A 45 -27.99 -14.44 -23.13
CA GLU A 45 -26.79 -15.18 -22.78
C GLU A 45 -26.37 -16.19 -23.85
N ASP A 46 -26.97 -16.14 -25.03
CA ASP A 46 -26.73 -17.14 -26.05
C ASP A 46 -27.35 -16.63 -27.35
N ARG A 47 -27.32 -17.48 -28.39
CA ARG A 47 -27.77 -17.07 -29.71
C ARG A 47 -28.86 -17.99 -30.25
N GLY A 48 -29.64 -18.59 -29.36
CA GLY A 48 -30.88 -19.21 -29.78
C GLY A 48 -31.97 -18.16 -29.84
N ILE A 49 -31.89 -17.28 -30.84
CA ILE A 49 -32.65 -16.05 -30.84
C ILE A 49 -33.88 -16.15 -31.74
N ASP A 50 -33.77 -16.95 -32.81
CA ASP A 50 -34.78 -16.94 -33.87
C ASP A 50 -36.18 -17.12 -33.31
N ARG A 51 -36.43 -18.25 -32.65
CA ARG A 51 -37.75 -18.54 -32.12
C ARG A 51 -37.66 -18.58 -30.60
N VAL A 52 -37.73 -17.41 -29.99
CA VAL A 52 -37.81 -17.29 -28.53
C VAL A 52 -39.30 -17.11 -28.21
N ALA A 53 -39.98 -18.24 -28.04
CA ALA A 53 -41.43 -18.19 -27.93
C ALA A 53 -41.93 -19.37 -27.10
N ILE A 54 -43.16 -19.25 -26.63
CA ILE A 54 -43.78 -20.25 -25.77
C ILE A 54 -45.14 -20.57 -26.38
N TYR A 55 -45.20 -21.62 -27.19
CA TYR A 55 -46.43 -22.00 -27.86
C TYR A 55 -47.24 -22.89 -26.92
N SER A 56 -48.40 -22.40 -26.49
CA SER A 56 -49.33 -23.21 -25.73
C SER A 56 -49.68 -24.47 -26.52
N PRO A 57 -50.01 -25.59 -25.84
CA PRO A 57 -50.15 -26.89 -26.52
C PRO A 57 -50.90 -26.84 -27.84
N ASP A 58 -51.91 -25.98 -27.93
CA ASP A 58 -52.68 -25.84 -29.15
C ASP A 58 -51.93 -25.09 -30.25
N GLY A 59 -50.64 -24.83 -30.05
CA GLY A 59 -49.90 -23.98 -30.97
C GLY A 59 -50.18 -22.51 -30.83
N VAL A 60 -51.19 -22.13 -30.05
CA VAL A 60 -51.46 -20.73 -29.77
C VAL A 60 -50.28 -20.17 -28.99
N ARG A 61 -49.61 -19.17 -29.56
CA ARG A 61 -48.52 -18.52 -28.87
C ARG A 61 -49.05 -17.81 -27.63
N VAL A 62 -48.47 -18.11 -26.47
CA VAL A 62 -48.91 -17.49 -25.23
C VAL A 62 -48.43 -16.05 -25.24
N ALA A 63 -49.04 -15.21 -24.40
CA ALA A 63 -48.65 -13.81 -24.35
C ALA A 63 -47.20 -13.67 -23.96
N ALA A 64 -46.65 -12.50 -24.24
CA ALA A 64 -45.30 -12.17 -23.80
C ALA A 64 -45.28 -11.61 -22.39
N SER A 65 -46.44 -11.48 -21.75
CA SER A 65 -46.43 -11.02 -20.38
C SER A 65 -47.42 -11.79 -19.50
N THR A 66 -47.74 -13.02 -19.86
CA THR A 66 -48.57 -13.84 -18.98
C THR A 66 -47.78 -14.24 -17.73
N GLY A 67 -48.50 -14.77 -16.75
CA GLY A 67 -47.88 -15.08 -15.48
C GLY A 67 -47.06 -16.36 -15.58
N ILE A 68 -45.82 -16.30 -15.07
CA ILE A 68 -44.94 -17.47 -15.08
C ILE A 68 -45.65 -18.66 -14.48
N ASP A 69 -46.23 -18.49 -13.29
CA ASP A 69 -46.97 -19.58 -12.65
C ASP A 69 -48.07 -20.09 -13.58
N LEU A 70 -48.84 -19.17 -14.17
CA LEU A 70 -49.89 -19.58 -15.09
C LEU A 70 -49.33 -20.34 -16.28
N LEU A 71 -48.11 -20.00 -16.69
CA LEU A 71 -47.44 -20.76 -17.74
C LEU A 71 -47.21 -22.19 -17.30
N LEU A 72 -46.41 -22.37 -16.24
CA LEU A 72 -46.05 -23.70 -15.76
C LEU A 72 -47.23 -24.44 -15.15
N LEU A 73 -48.36 -23.77 -14.93
CA LEU A 73 -49.54 -24.43 -14.40
C LEU A 73 -50.07 -25.52 -15.33
N ASP A 74 -49.59 -25.59 -16.57
CA ASP A 74 -50.11 -26.54 -17.54
C ASP A 74 -49.00 -26.90 -18.52
N ASP A 75 -49.27 -27.93 -19.31
CA ASP A 75 -48.38 -28.30 -20.40
C ASP A 75 -48.27 -27.17 -21.41
N PHE A 76 -47.19 -27.19 -22.18
CA PHE A 76 -46.98 -26.26 -23.28
C PHE A 76 -45.79 -26.78 -24.09
N LYS A 77 -45.38 -26.02 -25.10
CA LYS A 77 -44.25 -26.39 -25.95
C LYS A 77 -43.35 -25.17 -26.09
N LEU A 78 -42.37 -25.05 -25.20
CA LEU A 78 -41.32 -24.07 -25.40
C LEU A 78 -40.58 -24.37 -26.69
N VAL A 79 -40.13 -23.32 -27.38
CA VAL A 79 -39.42 -23.47 -28.63
C VAL A 79 -38.20 -22.57 -28.63
N ILE A 80 -37.13 -23.05 -29.27
CA ILE A 80 -36.01 -22.23 -29.69
C ILE A 80 -36.00 -22.35 -31.21
N ASN A 81 -35.02 -21.72 -31.87
CA ASN A 81 -35.01 -21.47 -33.31
C ASN A 81 -35.67 -22.59 -34.13
N ASP A 82 -35.47 -23.83 -33.73
CA ASP A 82 -36.09 -24.95 -34.42
C ASP A 82 -36.84 -25.90 -33.50
N LEU A 83 -36.32 -26.11 -32.29
CA LEU A 83 -36.77 -27.21 -31.44
C LEU A 83 -38.13 -26.92 -30.83
N THR A 84 -38.73 -27.96 -30.25
CA THR A 84 -39.97 -27.88 -29.47
C THR A 84 -39.75 -28.70 -28.21
N TYR A 85 -39.21 -28.07 -27.18
CA TYR A 85 -38.98 -28.73 -25.89
C TYR A 85 -40.33 -28.87 -25.18
N HIS A 86 -41.13 -29.82 -25.64
CA HIS A 86 -42.40 -30.09 -24.99
C HIS A 86 -42.17 -30.45 -23.53
N VAL A 87 -42.72 -29.63 -22.63
CA VAL A 87 -42.42 -29.72 -21.21
C VAL A 87 -43.72 -29.92 -20.46
N ARG A 88 -43.76 -30.94 -19.59
CA ARG A 88 -44.89 -31.20 -18.70
C ARG A 88 -44.45 -30.94 -17.27
N PRO A 89 -44.56 -29.71 -16.77
CA PRO A 89 -44.22 -29.44 -15.38
C PRO A 89 -45.25 -30.06 -14.44
N PRO A 90 -44.90 -30.26 -13.17
CA PRO A 90 -45.85 -30.88 -12.24
C PRO A 90 -46.83 -29.86 -11.67
N LYS A 91 -47.67 -30.29 -10.73
CA LYS A 91 -48.69 -29.43 -10.17
C LYS A 91 -48.36 -29.02 -8.74
N ASN A 99 -59.67 -19.41 -9.55
CA ASN A 99 -60.14 -18.48 -8.48
C ASN A 99 -61.11 -17.47 -9.09
N ALA A 100 -61.82 -17.84 -10.15
CA ALA A 100 -62.83 -16.94 -10.73
C ALA A 100 -64.01 -16.92 -9.77
N ALA A 101 -64.68 -15.79 -9.56
CA ALA A 101 -65.84 -15.75 -8.63
C ALA A 101 -66.95 -16.66 -9.16
N THR A 102 -67.65 -17.38 -8.28
CA THR A 102 -68.69 -18.34 -8.74
C THR A 102 -69.94 -18.30 -7.89
N LEU A 103 -71.07 -18.76 -8.44
CA LEU A 103 -72.37 -18.80 -7.74
C LEU A 103 -72.27 -19.69 -6.51
N ASN A 104 -71.51 -20.79 -6.59
CA ASN A 104 -71.39 -21.69 -5.42
C ASN A 104 -70.83 -20.88 -4.25
N ASP A 105 -69.74 -20.16 -4.51
CA ASP A 105 -69.01 -19.37 -3.48
C ASP A 105 -69.91 -18.28 -2.92
N VAL A 106 -70.75 -17.67 -3.77
CA VAL A 106 -71.54 -16.51 -3.27
C VAL A 106 -72.54 -16.93 -2.21
N LYS A 107 -73.06 -18.15 -2.33
CA LYS A 107 -74.01 -18.71 -1.34
C LYS A 107 -73.26 -18.71 -0.02
N THR A 108 -71.95 -18.98 -0.05
CA THR A 108 -71.23 -18.96 1.24
C THR A 108 -71.17 -17.56 1.82
N LEU A 109 -70.98 -16.52 1.03
CA LEU A 109 -70.90 -15.22 1.74
C LEU A 109 -72.25 -14.93 2.38
N VAL A 110 -73.31 -15.01 1.60
CA VAL A 110 -74.61 -14.73 2.18
C VAL A 110 -74.73 -15.37 3.55
N GLN A 111 -74.10 -16.53 3.75
CA GLN A 111 -74.10 -17.15 5.07
C GLN A 111 -73.40 -16.26 6.08
N GLN A 112 -72.13 -15.94 5.82
CA GLN A 112 -71.38 -15.07 6.71
C GLN A 112 -72.16 -13.81 7.07
N LEU A 113 -73.00 -13.32 6.15
CA LEU A 113 -73.95 -12.28 6.53
C LEU A 113 -74.95 -12.79 7.55
N TYR A 114 -75.69 -13.84 7.18
CA TYR A 114 -76.76 -14.30 8.05
C TYR A 114 -76.26 -14.61 9.44
N THR A 115 -75.13 -15.31 9.55
CA THR A 115 -74.56 -15.57 10.86
C THR A 115 -74.18 -14.26 11.56
N THR A 116 -73.80 -13.24 10.79
CA THR A 116 -73.45 -11.97 11.40
C THR A 116 -74.70 -11.23 11.89
N LEU A 117 -75.86 -11.53 11.31
CA LEU A 117 -77.08 -10.99 11.87
C LEU A 117 -77.55 -11.76 13.09
N CYS A 118 -77.05 -12.97 13.30
CA CYS A 118 -77.56 -13.86 14.34
C CYS A 118 -76.70 -13.84 15.60
N ILE A 119 -75.38 -14.05 15.47
CA ILE A 119 -74.54 -14.21 16.65
C ILE A 119 -74.49 -12.95 17.50
N GLU A 120 -74.99 -11.83 16.98
CA GLU A 120 -75.13 -10.65 17.84
C GLU A 120 -75.99 -10.96 19.05
N GLN A 121 -76.96 -11.86 18.91
CA GLN A 121 -77.84 -12.29 19.99
C GLN A 121 -77.61 -13.73 20.40
N HIS A 122 -77.26 -14.59 19.44
CA HIS A 122 -77.08 -16.01 19.74
C HIS A 122 -76.09 -16.23 20.87
N GLN A 123 -74.97 -15.53 20.84
CA GLN A 123 -73.99 -15.66 21.92
C GLN A 123 -74.57 -15.14 23.23
N LEU A 124 -75.14 -13.94 23.21
CA LEU A 124 -75.78 -13.41 24.42
C LEU A 124 -76.87 -14.33 24.93
N ASN A 125 -77.45 -15.14 24.04
CA ASN A 125 -78.34 -16.20 24.50
C ASN A 125 -77.55 -17.42 24.96
N LYS A 126 -76.49 -17.77 24.24
CA LYS A 126 -75.70 -18.93 24.62
C LYS A 126 -74.99 -18.71 25.94
N GLU A 127 -74.46 -17.52 26.17
CA GLU A 127 -73.77 -17.22 27.42
C GLU A 127 -74.68 -17.45 28.61
N ARG A 128 -75.81 -16.76 28.66
CA ARG A 128 -76.78 -16.96 29.72
C ARG A 128 -77.40 -18.35 29.69
N GLU A 129 -77.02 -19.18 28.73
CA GLU A 129 -77.31 -20.61 28.78
C GLU A 129 -76.09 -21.39 29.28
N LEU A 130 -74.90 -21.01 28.83
CA LEU A 130 -73.69 -21.74 29.21
C LEU A 130 -73.47 -21.69 30.72
N ILE A 131 -73.71 -20.52 31.33
CA ILE A 131 -73.52 -20.39 32.77
C ILE A 131 -74.28 -21.48 33.51
N GLU A 132 -75.56 -21.66 33.17
CA GLU A 132 -76.36 -22.71 33.79
C GLU A 132 -75.83 -24.09 33.43
N ARG A 133 -75.60 -24.32 32.14
CA ARG A 133 -74.91 -25.53 31.71
C ARG A 133 -73.64 -25.75 32.53
N LEU A 134 -72.87 -24.68 32.72
CA LEU A 134 -71.76 -24.74 33.66
C LEU A 134 -72.26 -24.97 35.08
N GLU A 135 -73.23 -24.17 35.52
CA GLU A 135 -73.70 -24.24 36.89
C GLU A 135 -74.25 -25.62 37.21
N ASP A 136 -75.00 -26.20 36.28
CA ASP A 136 -75.54 -27.53 36.50
C ASP A 136 -74.44 -28.55 36.69
N LEU A 137 -73.32 -28.39 35.98
CA LEU A 137 -72.17 -29.27 36.20
C LEU A 137 -71.62 -29.10 37.61
N LYS A 138 -71.45 -27.85 38.05
CA LYS A 138 -70.83 -27.61 39.34
C LYS A 138 -71.58 -28.25 40.48
N GLU A 139 -72.87 -28.52 40.29
CA GLU A 139 -73.65 -29.19 41.34
C GLU A 139 -73.50 -30.69 41.26
N GLN A 140 -73.53 -31.26 40.05
CA GLN A 140 -73.29 -32.69 39.89
C GLN A 140 -71.89 -33.10 40.28
N LEU A 141 -71.00 -32.14 40.55
CA LEU A 141 -69.60 -32.42 40.82
C LEU A 141 -69.18 -32.18 42.25
N ALA A 142 -69.82 -31.23 42.94
CA ALA A 142 -69.47 -30.93 44.33
C ALA A 142 -69.42 -32.16 45.23
N PRO A 143 -70.40 -33.08 45.21
CA PRO A 143 -70.24 -34.30 46.02
C PRO A 143 -69.05 -35.13 45.59
N LEU A 144 -68.92 -35.39 44.29
CA LEU A 144 -67.74 -36.09 43.78
C LEU A 144 -66.46 -35.38 44.20
N GLU A 145 -66.41 -34.07 44.00
CA GLU A 145 -65.23 -33.31 44.42
C GLU A 145 -65.00 -33.43 45.92
N LYS A 146 -66.07 -33.45 46.71
CA LYS A 146 -65.94 -33.56 48.16
C LYS A 146 -65.18 -34.84 48.53
N VAL A 147 -65.71 -35.99 48.11
CA VAL A 147 -65.04 -37.25 48.42
C VAL A 147 -63.69 -37.34 47.71
N ARG A 148 -63.56 -36.74 46.53
CA ARG A 148 -62.28 -36.77 45.83
C ARG A 148 -61.18 -36.16 46.68
N ILE A 149 -61.45 -35.02 47.31
CA ILE A 149 -60.43 -34.35 48.13
C ILE A 149 -59.88 -35.31 49.17
N GLU A 150 -60.76 -36.07 49.82
CA GLU A 150 -60.33 -36.95 50.89
C GLU A 150 -59.47 -38.09 50.36
N ILE A 151 -59.95 -38.79 49.33
CA ILE A 151 -59.20 -39.94 48.80
C ILE A 151 -57.82 -39.50 48.35
N SER A 152 -57.71 -38.32 47.74
CA SER A 152 -56.40 -37.79 47.42
C SER A 152 -55.54 -37.67 48.68
N ARG A 153 -56.11 -37.12 49.75
CA ARG A 153 -55.38 -37.03 51.00
C ARG A 153 -55.03 -38.40 51.53
N LYS A 154 -55.97 -39.35 51.46
CA LYS A 154 -55.66 -40.72 51.84
C LYS A 154 -54.59 -41.32 50.96
N ALA A 155 -54.38 -40.74 49.77
CA ALA A 155 -53.23 -41.11 48.97
C ALA A 155 -52.06 -40.19 49.25
N GLU A 156 -52.33 -38.89 49.37
CA GLU A 156 -51.27 -37.93 49.69
C GLU A 156 -50.50 -38.36 50.94
N LYS A 157 -51.21 -38.60 52.04
CA LYS A 157 -50.55 -39.06 53.24
C LYS A 157 -49.83 -40.39 53.00
N ARG A 158 -50.48 -41.32 52.32
CA ARG A 158 -49.89 -42.63 52.11
C ARG A 158 -48.58 -42.53 51.33
N THR A 159 -48.47 -41.59 50.41
CA THR A 159 -47.24 -41.48 49.64
C THR A 159 -46.23 -40.57 50.34
N THR A 160 -46.68 -39.47 50.94
CA THR A 160 -45.73 -38.59 51.62
C THR A 160 -45.16 -39.23 52.89
N LEU A 161 -45.59 -40.43 53.25
CA LEU A 161 -44.92 -41.22 54.27
C LEU A 161 -44.13 -42.37 53.68
N VAL A 162 -44.35 -42.68 52.41
CA VAL A 162 -43.38 -43.50 51.67
C VAL A 162 -42.16 -42.66 51.34
N LEU A 163 -42.36 -41.37 51.08
CA LEU A 163 -41.25 -40.50 50.72
C LEU A 163 -40.23 -40.42 51.85
N TRP A 164 -40.69 -40.13 53.07
CA TRP A 164 -39.78 -40.21 54.21
C TRP A 164 -39.21 -41.61 54.35
N GLY A 165 -40.06 -42.63 54.21
CA GLY A 165 -39.59 -44.00 54.20
C GLY A 165 -38.55 -44.28 53.14
N GLY A 166 -38.38 -43.37 52.18
CA GLY A 166 -37.22 -43.42 51.32
C GLY A 166 -36.01 -42.79 51.96
N LEU A 167 -36.20 -41.65 52.63
CA LEU A 167 -35.08 -40.98 53.27
C LEU A 167 -34.58 -41.77 54.47
N ALA A 168 -35.47 -42.05 55.42
CA ALA A 168 -35.08 -42.78 56.62
C ALA A 168 -34.33 -44.07 56.28
N TYR A 169 -34.68 -44.70 55.17
CA TYR A 169 -33.85 -45.78 54.64
C TYR A 169 -32.45 -45.30 54.35
N MET A 170 -32.33 -44.26 53.53
CA MET A 170 -31.03 -43.72 53.17
C MET A 170 -30.19 -43.41 54.41
N ALA A 171 -30.85 -43.00 55.49
CA ALA A 171 -30.14 -42.84 56.76
C ALA A 171 -29.72 -44.19 57.32
N THR A 172 -30.68 -45.09 57.55
CA THR A 172 -30.37 -46.34 58.23
C THR A 172 -29.42 -47.23 57.43
N GLN A 173 -29.05 -46.85 56.22
CA GLN A 173 -27.89 -47.47 55.60
C GLN A 173 -26.62 -46.75 56.00
N PHE A 174 -26.61 -45.43 55.87
CA PHE A 174 -25.49 -44.64 56.36
C PHE A 174 -25.29 -44.80 57.86
N GLY A 175 -26.20 -45.48 58.54
CA GLY A 175 -26.01 -45.85 59.93
C GLY A 175 -25.55 -47.28 60.09
N ILE A 176 -25.90 -48.13 59.12
CA ILE A 176 -25.46 -49.52 59.16
C ILE A 176 -24.09 -49.70 58.53
N LEU A 177 -23.49 -48.63 58.03
CA LEU A 177 -22.11 -48.69 57.57
C LEU A 177 -21.16 -47.83 58.39
N ALA A 178 -21.68 -47.05 59.34
CA ALA A 178 -20.81 -46.41 60.31
C ALA A 178 -20.28 -47.42 61.32
N ARG A 179 -21.18 -48.10 62.02
CA ARG A 179 -20.78 -49.15 62.96
C ARG A 179 -20.36 -50.41 62.26
N LEU A 180 -20.16 -50.35 60.96
CA LEU A 180 -19.65 -51.49 60.21
C LEU A 180 -18.34 -51.18 59.51
N THR A 181 -17.88 -49.93 59.53
CA THR A 181 -16.57 -49.59 59.00
C THR A 181 -15.64 -49.03 60.07
N TRP A 182 -16.00 -47.93 60.73
CA TRP A 182 -15.09 -47.34 61.70
C TRP A 182 -15.05 -48.15 62.98
N TRP A 183 -16.22 -48.36 63.57
CA TRP A 183 -16.34 -49.17 64.81
C TRP A 183 -16.71 -50.61 64.46
N GLU A 184 -15.96 -51.57 65.01
CA GLU A 184 -16.17 -53.05 64.91
C GLU A 184 -15.77 -53.65 63.55
N TYR A 185 -15.00 -52.95 62.70
CA TYR A 185 -14.59 -53.61 61.46
C TYR A 185 -13.52 -52.77 60.79
N SER A 186 -13.15 -53.16 59.57
CA SER A 186 -12.13 -52.47 58.81
C SER A 186 -12.78 -51.46 57.87
N TRP A 187 -11.98 -50.92 56.97
CA TRP A 187 -12.49 -50.30 55.75
C TRP A 187 -12.10 -51.07 54.51
N ASP A 188 -11.23 -52.06 54.65
CA ASP A 188 -10.86 -52.92 53.54
C ASP A 188 -11.77 -54.13 53.42
N ILE A 189 -12.49 -54.46 54.49
CA ILE A 189 -13.52 -55.49 54.42
C ILE A 189 -14.88 -54.92 54.12
N MET A 190 -14.99 -53.62 53.92
CA MET A 190 -16.26 -52.96 53.61
C MET A 190 -16.31 -52.38 52.22
N GLU A 191 -15.32 -51.59 51.83
CA GLU A 191 -15.25 -50.93 50.53
C GLU A 191 -15.73 -51.84 49.40
N PRO A 192 -15.37 -53.13 49.37
CA PRO A 192 -15.99 -54.01 48.38
C PRO A 192 -17.50 -54.10 48.52
N VAL A 193 -18.02 -54.12 49.73
CA VAL A 193 -19.47 -54.21 49.91
C VAL A 193 -20.12 -52.91 49.49
N THR A 194 -19.71 -51.80 50.10
CA THR A 194 -20.41 -50.55 49.84
C THR A 194 -20.16 -50.02 48.43
N TYR A 195 -19.39 -50.72 47.61
CA TYR A 195 -19.39 -50.39 46.20
C TYR A 195 -20.48 -51.12 45.45
N PHE A 196 -20.67 -52.42 45.73
CA PHE A 196 -21.76 -53.15 45.12
C PHE A 196 -23.10 -52.51 45.44
N ILE A 197 -23.26 -51.97 46.64
CA ILE A 197 -24.47 -51.21 46.96
C ILE A 197 -24.67 -50.11 45.94
N THR A 198 -23.66 -49.25 45.77
CA THR A 198 -23.76 -48.20 44.76
C THR A 198 -24.05 -48.78 43.39
N TYR A 199 -23.44 -49.92 43.05
CA TYR A 199 -23.77 -50.56 41.80
C TYR A 199 -25.04 -51.40 41.91
N GLY A 200 -25.52 -51.66 43.12
CA GLY A 200 -26.85 -52.23 43.25
C GLY A 200 -27.92 -51.23 42.88
N SER A 201 -27.83 -50.02 43.44
CA SER A 201 -28.76 -48.96 43.07
C SER A 201 -28.66 -48.65 41.58
N ALA A 202 -27.47 -48.26 41.12
CA ALA A 202 -27.30 -47.76 39.76
C ALA A 202 -27.61 -48.84 38.72
N MET A 203 -28.01 -50.01 39.18
CA MET A 203 -28.60 -51.04 38.33
C MET A 203 -30.06 -51.30 38.66
N ALA A 204 -30.42 -51.29 39.94
CA ALA A 204 -31.85 -51.36 40.28
C ALA A 204 -32.56 -50.08 39.92
N MET A 205 -31.92 -48.93 40.10
CA MET A 205 -32.44 -47.68 39.57
C MET A 205 -32.79 -47.81 38.10
N TYR A 206 -31.89 -48.42 37.32
CA TYR A 206 -32.19 -48.68 35.92
C TYR A 206 -33.33 -49.68 35.78
N ALA A 207 -33.25 -50.80 36.51
CA ALA A 207 -34.28 -51.83 36.39
C ALA A 207 -35.67 -51.29 36.68
N TYR A 208 -35.75 -50.16 37.39
CA TYR A 208 -37.02 -49.49 37.55
C TYR A 208 -37.49 -48.85 36.25
N PHE A 209 -36.54 -48.39 35.42
CA PHE A 209 -36.91 -47.77 34.16
C PHE A 209 -37.54 -48.79 33.21
N VAL A 210 -36.87 -49.92 33.03
CA VAL A 210 -37.43 -50.98 32.18
C VAL A 210 -38.74 -51.51 32.72
N MET A 211 -39.06 -51.22 33.97
CA MET A 211 -40.30 -51.70 34.56
C MET A 211 -41.46 -50.72 34.37
N THR A 212 -41.17 -49.45 34.09
CA THR A 212 -42.24 -48.48 33.90
C THR A 212 -42.08 -47.63 32.66
N ARG A 213 -40.95 -47.73 31.95
CA ARG A 213 -40.64 -46.87 30.82
C ARG A 213 -40.66 -45.40 31.20
N GLN A 214 -40.56 -45.11 32.49
CA GLN A 214 -40.56 -43.75 33.02
C GLN A 214 -39.29 -43.58 33.84
N GLU A 215 -38.31 -42.87 33.26
CA GLU A 215 -36.99 -42.73 33.87
C GLU A 215 -37.09 -42.33 35.34
N TYR A 216 -36.28 -42.97 36.18
CA TYR A 216 -36.32 -42.74 37.61
C TYR A 216 -35.78 -41.35 37.92
N VAL A 217 -36.67 -40.39 38.12
CA VAL A 217 -36.32 -39.08 38.62
C VAL A 217 -37.29 -38.74 39.74
N TYR A 218 -36.75 -38.19 40.82
CA TYR A 218 -37.52 -38.03 42.06
C TYR A 218 -38.88 -37.37 41.86
N PRO A 219 -39.02 -36.26 41.14
CA PRO A 219 -40.37 -35.72 40.94
C PRO A 219 -41.32 -36.70 40.28
N GLU A 220 -40.95 -37.22 39.11
CA GLU A 220 -41.80 -38.17 38.40
C GLU A 220 -42.08 -39.39 39.25
N ALA A 221 -41.01 -40.10 39.65
CA ALA A 221 -41.19 -41.36 40.36
C ALA A 221 -41.93 -41.19 41.67
N ARG A 222 -42.09 -39.94 42.14
CA ARG A 222 -43.02 -39.70 43.23
C ARG A 222 -44.45 -39.76 42.75
N ASP A 223 -44.76 -39.01 41.69
CA ASP A 223 -46.13 -38.90 41.23
C ASP A 223 -46.63 -40.22 40.66
N ARG A 224 -45.81 -40.90 39.88
CA ARG A 224 -46.23 -42.19 39.35
C ARG A 224 -46.56 -43.17 40.48
N GLN A 225 -46.10 -42.88 41.69
CA GLN A 225 -46.55 -43.64 42.84
C GLN A 225 -47.68 -42.95 43.57
N TYR A 226 -47.88 -41.65 43.35
CA TYR A 226 -49.03 -40.97 43.92
C TYR A 226 -50.32 -41.44 43.25
N LEU A 227 -50.34 -41.44 41.92
CA LEU A 227 -51.52 -41.90 41.19
C LEU A 227 -51.86 -43.33 41.57
N LEU A 228 -50.86 -44.22 41.53
CA LEU A 228 -51.08 -45.58 41.99
C LEU A 228 -51.68 -45.60 43.39
N PHE A 229 -51.18 -44.74 44.27
CA PHE A 229 -51.74 -44.67 45.62
C PHE A 229 -53.11 -44.04 45.64
N PHE A 230 -53.53 -43.39 44.55
CA PHE A 230 -54.83 -42.74 44.52
C PHE A 230 -55.90 -43.66 43.98
N HIS A 231 -55.65 -44.28 42.83
CA HIS A 231 -56.64 -45.18 42.24
C HIS A 231 -56.83 -46.42 43.12
N LYS A 232 -55.75 -46.95 43.67
CA LYS A 232 -55.87 -47.99 44.68
C LYS A 232 -56.80 -47.53 45.80
N GLY A 233 -56.61 -46.29 46.26
CA GLY A 233 -57.50 -45.76 47.29
C GLY A 233 -58.90 -45.51 46.75
N ALA A 234 -59.00 -45.09 45.49
CA ALA A 234 -60.32 -44.86 44.90
C ALA A 234 -61.07 -46.18 44.70
N LYS A 235 -60.41 -47.15 44.08
CA LYS A 235 -61.06 -48.44 43.84
C LYS A 235 -61.44 -49.15 45.13
N LYS A 236 -60.89 -48.73 46.26
CA LYS A 236 -61.30 -49.25 47.56
C LYS A 236 -62.31 -48.35 48.25
N SER A 237 -62.87 -47.37 47.53
CA SER A 237 -63.90 -46.51 48.09
C SER A 237 -65.04 -46.25 47.12
N ARG A 238 -65.10 -46.98 46.01
CA ARG A 238 -66.17 -46.90 45.01
C ARG A 238 -66.31 -45.52 44.39
N PHE A 239 -65.34 -44.64 44.62
CA PHE A 239 -65.32 -43.36 43.91
C PHE A 239 -65.21 -43.60 42.42
N ASP A 240 -65.87 -42.76 41.63
CA ASP A 240 -65.84 -42.86 40.18
C ASP A 240 -64.94 -41.75 39.65
N LEU A 241 -63.67 -42.09 39.43
CA LEU A 241 -62.75 -41.12 38.85
C LEU A 241 -63.20 -40.72 37.45
N GLU A 242 -63.76 -41.66 36.69
CA GLU A 242 -64.15 -41.39 35.32
C GLU A 242 -65.19 -40.29 35.26
N LYS A 243 -66.36 -40.53 35.86
CA LYS A 243 -67.40 -39.50 35.89
C LYS A 243 -66.89 -38.22 36.53
N TYR A 244 -66.01 -38.33 37.54
CA TYR A 244 -65.43 -37.14 38.15
C TYR A 244 -64.63 -36.35 37.14
N ASN A 245 -63.56 -36.96 36.59
CA ASN A 245 -62.73 -36.25 35.64
C ASN A 245 -63.53 -35.83 34.41
N GLN A 246 -64.46 -36.69 33.97
CA GLN A 246 -65.34 -36.31 32.86
C GLN A 246 -66.06 -35.00 33.17
N LEU A 247 -66.72 -34.94 34.32
CA LEU A 247 -67.32 -33.68 34.75
C LEU A 247 -66.26 -32.59 34.87
N LYS A 248 -65.14 -32.90 35.53
CA LYS A 248 -64.05 -31.94 35.62
C LYS A 248 -63.58 -31.52 34.24
N ASP A 249 -63.55 -32.45 33.29
CA ASP A 249 -63.20 -32.11 31.92
C ASP A 249 -64.23 -31.16 31.33
N ALA A 250 -65.50 -31.56 31.35
CA ALA A 250 -66.55 -30.76 30.70
C ALA A 250 -66.60 -29.35 31.27
N ILE A 251 -66.38 -29.21 32.58
CA ILE A 251 -66.41 -27.88 33.19
C ILE A 251 -65.36 -26.98 32.55
N ALA A 252 -64.09 -27.40 32.61
CA ALA A 252 -63.04 -26.65 31.94
C ALA A 252 -63.35 -26.49 30.46
N GLN A 253 -63.88 -27.54 29.83
CA GLN A 253 -64.34 -27.42 28.46
C GLN A 253 -65.42 -26.36 28.35
N ALA A 254 -66.46 -26.46 29.17
CA ALA A 254 -67.50 -25.42 29.18
C ALA A 254 -66.95 -24.10 29.70
N GLU A 255 -65.80 -24.09 30.35
CA GLU A 255 -65.26 -22.84 30.87
C GLU A 255 -64.59 -22.03 29.78
N MET A 256 -63.60 -22.63 29.11
CA MET A 256 -62.85 -21.92 28.08
C MET A 256 -63.77 -21.26 27.07
N ASP A 257 -64.90 -21.90 26.75
CA ASP A 257 -65.86 -21.29 25.84
C ASP A 257 -66.36 -19.96 26.38
N LEU A 258 -66.92 -19.97 27.59
CA LEU A 258 -67.41 -18.73 28.17
C LEU A 258 -66.30 -17.71 28.32
N LYS A 259 -65.08 -18.16 28.56
CA LYS A 259 -63.94 -17.25 28.51
C LYS A 259 -63.71 -16.76 27.10
N ARG A 260 -63.83 -17.64 26.12
CA ARG A 260 -63.68 -17.27 24.72
C ARG A 260 -64.82 -16.40 24.22
N LEU A 261 -65.83 -16.16 25.05
CA LEU A 261 -66.95 -15.30 24.67
C LEU A 261 -66.75 -13.86 25.12
N ARG A 262 -65.50 -13.42 25.25
CA ARG A 262 -65.25 -12.01 25.55
C ARG A 262 -65.58 -11.12 24.35
N ASP A 263 -65.64 -11.70 23.15
CA ASP A 263 -66.01 -10.94 21.96
C ASP A 263 -67.49 -10.62 21.96
N VAL B 1 -39.53 -20.45 33.98
CA VAL B 1 -38.36 -20.57 34.86
C VAL B 1 -38.46 -19.61 36.04
N ILE B 2 -38.21 -18.33 35.81
CA ILE B 2 -38.21 -17.33 36.86
C ILE B 2 -39.34 -16.33 36.69
N VAL B 3 -39.63 -15.92 35.46
CA VAL B 3 -40.71 -14.99 35.17
C VAL B 3 -41.67 -15.67 34.21
N THR B 4 -42.95 -15.33 34.33
CA THR B 4 -43.93 -15.86 33.41
C THR B 4 -43.63 -15.38 31.99
N ARG B 5 -44.28 -16.01 31.02
CA ARG B 5 -44.08 -15.61 29.63
C ARG B 5 -44.59 -14.19 29.41
N SER B 6 -45.66 -13.82 30.09
CA SER B 6 -46.20 -12.47 29.95
C SER B 6 -45.24 -11.43 30.49
N GLY B 7 -44.41 -11.81 31.45
CA GLY B 7 -43.50 -10.86 32.08
C GLY B 7 -43.73 -10.76 33.57
N ALA B 8 -44.80 -11.38 34.04
CA ALA B 8 -45.10 -11.39 35.47
C ALA B 8 -44.05 -12.19 36.22
N ILE B 9 -44.12 -12.12 37.54
CA ILE B 9 -43.16 -12.78 38.41
C ILE B 9 -43.83 -13.99 39.04
N LEU B 10 -43.08 -15.09 39.13
CA LEU B 10 -43.64 -16.33 39.66
C LEU B 10 -44.07 -16.14 41.11
N PRO B 11 -45.00 -16.95 41.58
CA PRO B 11 -45.43 -16.84 42.98
C PRO B 11 -44.34 -17.31 43.93
N LYS B 12 -44.56 -17.05 45.20
CA LYS B 12 -43.60 -17.43 46.23
C LYS B 12 -43.53 -18.95 46.34
N PRO B 13 -42.43 -19.59 45.95
CA PRO B 13 -42.35 -21.05 46.06
C PRO B 13 -42.41 -21.47 47.52
N VAL B 14 -42.92 -22.66 47.75
CA VAL B 14 -43.34 -23.09 49.07
C VAL B 14 -42.17 -23.72 49.81
N LYS B 15 -42.07 -23.40 51.10
CA LYS B 15 -41.19 -24.10 52.03
C LYS B 15 -42.06 -24.73 53.11
N MET B 16 -41.95 -26.04 53.29
CA MET B 16 -42.80 -26.68 54.29
C MET B 16 -42.40 -26.24 55.70
N SER B 17 -43.33 -26.41 56.63
CA SER B 17 -43.21 -25.86 57.97
C SER B 17 -42.05 -26.52 58.71
N PHE B 18 -40.96 -25.76 58.90
CA PHE B 18 -39.83 -26.20 59.71
C PHE B 18 -39.24 -27.51 59.17
N GLY B 19 -39.33 -27.70 57.85
CA GLY B 19 -38.90 -28.95 57.26
C GLY B 19 -37.48 -29.34 57.60
N LEU B 20 -36.59 -28.34 57.77
CA LEU B 20 -35.22 -28.64 58.16
C LEU B 20 -35.17 -29.43 59.47
N LEU B 21 -36.13 -29.19 60.36
CA LEU B 21 -36.28 -30.09 61.51
C LEU B 21 -36.90 -31.41 61.08
N ARG B 22 -37.93 -31.34 60.24
CA ARG B 22 -38.63 -32.57 59.82
C ARG B 22 -37.69 -33.57 59.18
N VAL B 23 -36.53 -33.12 58.71
CA VAL B 23 -35.58 -34.04 58.09
C VAL B 23 -34.54 -34.51 59.09
N PHE B 24 -34.07 -33.63 59.97
CA PHE B 24 -33.13 -34.07 61.01
C PHE B 24 -33.78 -35.10 61.93
N SER B 25 -34.99 -34.82 62.40
CA SER B 25 -35.64 -35.69 63.37
C SER B 25 -36.03 -37.03 62.76
N ILE B 26 -35.67 -37.28 61.50
CA ILE B 26 -35.96 -38.55 60.88
C ILE B 26 -34.68 -39.15 60.32
N VAL B 27 -33.66 -38.32 60.08
CA VAL B 27 -32.40 -38.89 59.65
C VAL B 27 -31.56 -39.29 60.85
N ILE B 28 -31.55 -38.49 61.91
CA ILE B 28 -30.75 -38.76 63.10
C ILE B 28 -31.23 -40.04 63.78
N PRO B 29 -32.50 -40.15 64.20
CA PRO B 29 -32.89 -41.37 64.91
C PRO B 29 -32.84 -42.61 64.05
N PHE B 30 -32.85 -42.47 62.73
CA PHE B 30 -32.65 -43.63 61.88
C PHE B 30 -31.19 -43.83 61.51
N LEU B 31 -30.39 -42.76 61.52
CA LEU B 31 -28.95 -42.94 61.58
C LEU B 31 -28.55 -43.69 62.84
N TYR B 32 -29.35 -43.56 63.90
CA TYR B 32 -29.02 -44.18 65.18
C TYR B 32 -29.37 -45.66 65.16
N VAL B 33 -30.56 -46.01 64.67
CA VAL B 33 -30.95 -47.42 64.65
C VAL B 33 -30.09 -48.18 63.65
N GLY B 34 -29.71 -47.54 62.54
CA GLY B 34 -28.80 -48.19 61.61
C GLY B 34 -27.52 -48.64 62.27
N THR B 35 -27.07 -47.91 63.29
CA THR B 35 -25.98 -48.39 64.12
C THR B 35 -26.43 -49.58 64.96
N LEU B 36 -27.51 -49.39 65.73
CA LEU B 36 -27.93 -50.41 66.70
C LEU B 36 -28.20 -51.74 66.03
N ILE B 37 -28.78 -51.73 64.82
CA ILE B 37 -29.05 -52.98 64.15
C ILE B 37 -27.75 -53.72 63.85
N SER B 38 -26.66 -52.98 63.61
CA SER B 38 -25.41 -53.62 63.26
C SER B 38 -24.78 -54.31 64.47
N LYS B 39 -24.67 -53.60 65.59
CA LYS B 39 -24.00 -54.16 66.76
C LYS B 39 -24.69 -55.44 67.22
N ASN B 40 -26.01 -55.42 67.33
CA ASN B 40 -26.73 -56.65 67.63
C ASN B 40 -26.52 -57.69 66.54
N PHE B 41 -26.52 -57.26 65.27
CA PHE B 41 -26.19 -58.18 64.19
C PHE B 41 -24.74 -58.65 64.31
N ALA B 42 -23.84 -57.76 64.72
CA ALA B 42 -22.45 -58.15 64.88
C ALA B 42 -22.30 -59.27 65.90
N ALA B 43 -23.09 -59.21 66.97
CA ALA B 43 -23.05 -60.26 67.99
C ALA B 43 -23.41 -61.62 67.37
N LEU B 44 -24.60 -61.73 66.80
CA LEU B 44 -24.99 -62.98 66.14
C LEU B 44 -24.00 -63.36 65.05
N LEU B 45 -23.43 -62.37 64.35
CA LEU B 45 -22.46 -62.67 63.33
C LEU B 45 -21.19 -63.29 63.91
N GLU B 46 -20.81 -62.89 65.12
CA GLU B 46 -19.61 -63.44 65.75
C GLU B 46 -19.85 -64.84 66.30
N GLU B 47 -21.07 -65.16 66.67
CA GLU B 47 -21.38 -66.52 67.15
C GLU B 47 -21.45 -67.52 66.03
N HIS B 48 -21.01 -67.16 64.84
CA HIS B 48 -21.10 -68.04 63.67
C HIS B 48 -19.90 -67.76 62.78
N ASP B 49 -20.00 -68.15 61.51
CA ASP B 49 -18.83 -68.32 60.65
C ASP B 49 -17.95 -67.07 60.61
N ILE B 50 -18.47 -65.96 60.05
CA ILE B 50 -17.63 -64.79 59.84
C ILE B 50 -17.39 -64.10 61.17
N PHE B 51 -16.14 -64.11 61.63
CA PHE B 51 -15.73 -63.48 62.88
C PHE B 51 -16.59 -63.93 64.06
N ASP C 1 -75.83 13.47 -20.81
CA ASP C 1 -75.17 14.02 -19.63
C ASP C 1 -74.59 12.92 -18.75
N VAL C 2 -74.16 13.30 -17.56
CA VAL C 2 -73.58 12.37 -16.60
C VAL C 2 -74.69 11.75 -15.77
N THR C 3 -74.58 10.46 -15.50
CA THR C 3 -75.46 9.79 -14.57
C THR C 3 -74.68 8.69 -13.86
N VAL C 4 -75.06 8.43 -12.62
CA VAL C 4 -74.44 7.36 -11.83
C VAL C 4 -75.55 6.45 -11.32
N VAL C 5 -75.32 5.15 -11.42
CA VAL C 5 -76.29 4.15 -10.99
C VAL C 5 -75.50 2.94 -10.51
N TYR C 6 -76.08 2.21 -9.56
CA TYR C 6 -75.35 1.13 -8.93
C TYR C 6 -75.53 -0.17 -9.70
N GLN C 7 -74.44 -0.92 -9.79
CA GLN C 7 -74.47 -2.22 -10.47
C GLN C 7 -73.48 -3.13 -9.74
N ASN C 8 -73.99 -4.28 -9.29
CA ASN C 8 -73.16 -5.28 -8.61
C ASN C 8 -72.48 -4.70 -7.38
N GLY C 9 -73.24 -3.93 -6.59
CA GLY C 9 -72.75 -3.35 -5.37
C GLY C 9 -71.91 -2.12 -5.54
N LEU C 10 -71.46 -1.81 -6.74
CA LEU C 10 -70.66 -0.62 -6.91
C LEU C 10 -71.38 0.38 -7.80
N PRO C 11 -71.09 1.66 -7.66
CA PRO C 11 -71.70 2.65 -8.54
C PRO C 11 -70.89 2.83 -9.81
N VAL C 12 -71.54 2.75 -10.96
CA VAL C 12 -70.90 3.07 -12.23
C VAL C 12 -71.37 4.45 -12.66
N ILE C 13 -70.45 5.23 -13.17
CA ILE C 13 -70.72 6.62 -13.54
C ILE C 13 -70.35 6.81 -15.01
N SER C 14 -71.35 7.12 -15.83
CA SER C 14 -71.17 7.18 -17.29
C SER C 14 -70.97 8.62 -17.70
N VAL C 15 -69.75 9.11 -17.50
CA VAL C 15 -69.38 10.47 -17.85
C VAL C 15 -69.34 10.58 -19.37
N ARG C 16 -69.30 11.80 -19.89
CA ARG C 16 -69.23 12.05 -21.33
C ARG C 16 -67.87 12.64 -21.63
N LEU C 17 -66.91 11.80 -22.01
CA LEU C 17 -65.57 12.26 -22.27
C LEU C 17 -65.58 13.31 -23.39
N PRO C 18 -64.71 14.30 -23.33
CA PRO C 18 -64.72 15.36 -24.35
C PRO C 18 -64.26 14.87 -25.70
N SER C 19 -63.09 14.26 -25.78
CA SER C 19 -62.61 13.80 -27.07
C SER C 19 -63.44 12.60 -27.51
N ARG C 20 -63.41 12.34 -28.82
CA ARG C 20 -64.19 11.26 -29.43
C ARG C 20 -65.68 11.47 -29.21
N ARG C 21 -66.05 12.56 -28.53
CA ARG C 21 -67.40 12.74 -28.00
C ARG C 21 -67.92 11.44 -27.41
N GLU C 22 -67.06 10.78 -26.64
CA GLU C 22 -67.32 9.44 -26.16
C GLU C 22 -67.91 9.46 -24.76
N ARG C 23 -68.64 8.40 -24.43
CA ARG C 23 -69.35 8.26 -23.17
C ARG C 23 -68.72 7.09 -22.41
N CYS C 24 -67.72 7.41 -21.61
CA CYS C 24 -67.03 6.41 -20.80
C CYS C 24 -67.76 6.20 -19.48
N GLN C 25 -67.53 5.05 -18.87
CA GLN C 25 -68.14 4.70 -17.59
C GLN C 25 -67.10 4.13 -16.66
N PHE C 26 -67.23 4.45 -15.37
CA PHE C 26 -66.23 4.09 -14.37
C PHE C 26 -66.88 3.30 -13.25
N THR C 27 -66.28 2.18 -12.90
CA THR C 27 -66.66 1.43 -11.72
C THR C 27 -65.66 1.77 -10.63
N LEU C 28 -66.06 2.62 -9.70
CA LEU C 28 -65.19 3.13 -8.66
C LEU C 28 -65.65 2.60 -7.31
N LYS C 29 -64.73 2.02 -6.56
CA LYS C 29 -65.03 1.39 -5.28
C LYS C 29 -65.15 2.46 -4.20
N PRO C 30 -66.37 2.79 -3.78
CA PRO C 30 -66.56 3.99 -2.95
C PRO C 30 -66.16 3.82 -1.49
N ILE C 31 -65.45 2.76 -1.11
CA ILE C 31 -64.94 2.67 0.25
C ILE C 31 -63.52 3.21 0.35
N SER C 32 -62.69 2.89 -0.63
CA SER C 32 -61.28 3.27 -0.62
C SER C 32 -60.90 4.03 -1.88
N ASP C 33 -61.73 5.00 -2.24
CA ASP C 33 -61.48 5.84 -3.42
C ASP C 33 -61.80 7.28 -3.07
N SER C 34 -60.77 8.11 -2.97
CA SER C 34 -61.01 9.53 -2.91
C SER C 34 -61.22 10.07 -4.32
N VAL C 35 -61.90 11.22 -4.41
CA VAL C 35 -61.96 11.91 -5.69
C VAL C 35 -60.56 12.11 -6.22
N GLY C 36 -59.57 12.21 -5.33
CA GLY C 36 -58.19 12.30 -5.75
C GLY C 36 -57.75 11.16 -6.66
N VAL C 37 -58.47 10.04 -6.62
CA VAL C 37 -58.11 8.93 -7.49
C VAL C 37 -59.17 8.65 -8.55
N PHE C 38 -60.40 9.14 -8.36
CA PHE C 38 -61.38 9.01 -9.42
C PHE C 38 -61.08 9.96 -10.56
N LEU C 39 -60.45 11.09 -10.26
CA LEU C 39 -60.11 12.05 -11.30
C LEU C 39 -58.99 11.54 -12.19
N ARG C 40 -57.90 11.04 -11.59
CA ARG C 40 -56.86 10.40 -12.38
C ARG C 40 -57.45 9.42 -13.37
N GLN C 41 -58.42 8.62 -12.93
CA GLN C 41 -59.05 7.68 -13.84
C GLN C 41 -59.74 8.41 -14.98
N LEU C 42 -60.16 9.66 -14.75
CA LEU C 42 -60.74 10.43 -15.85
C LEU C 42 -59.65 10.91 -16.80
N GLN C 43 -58.66 11.63 -16.29
CA GLN C 43 -57.59 12.13 -17.13
C GLN C 43 -56.88 11.00 -17.86
N GLU C 44 -56.31 10.06 -17.10
CA GLU C 44 -55.59 8.97 -17.73
C GLU C 44 -56.48 8.12 -18.63
N GLU C 45 -57.79 8.27 -18.55
CA GLU C 45 -58.66 7.64 -19.54
C GLU C 45 -58.51 8.34 -20.89
N ASP C 46 -58.53 9.66 -20.90
CA ASP C 46 -58.38 10.43 -22.14
C ASP C 46 -57.75 11.77 -21.79
N ARG C 47 -56.44 11.88 -21.96
CA ARG C 47 -55.68 13.02 -21.44
C ARG C 47 -56.20 14.36 -21.89
N GLY C 48 -57.06 14.40 -22.90
CA GLY C 48 -57.59 15.68 -23.37
C GLY C 48 -58.34 16.46 -22.32
N ILE C 49 -58.66 15.83 -21.19
CA ILE C 49 -59.32 16.54 -20.12
C ILE C 49 -58.29 17.44 -19.45
N ASP C 50 -58.28 18.71 -19.83
CA ASP C 50 -57.27 19.64 -19.35
C ASP C 50 -57.36 19.81 -17.84
N ARG C 51 -58.48 20.37 -17.37
CA ARG C 51 -58.74 20.47 -15.96
C ARG C 51 -60.05 19.77 -15.64
N VAL C 52 -60.12 19.18 -14.45
CA VAL C 52 -61.30 18.46 -14.02
C VAL C 52 -61.41 18.59 -12.51
N ALA C 53 -62.56 19.06 -12.06
CA ALA C 53 -62.79 19.23 -10.64
C ALA C 53 -64.25 18.91 -10.36
N ILE C 54 -64.59 18.88 -9.07
CA ILE C 54 -65.91 18.49 -8.62
C ILE C 54 -66.44 19.56 -7.69
N TYR C 55 -67.65 20.04 -7.95
CA TYR C 55 -68.22 21.16 -7.22
C TYR C 55 -69.45 20.70 -6.46
N SER C 56 -69.46 20.95 -5.16
CA SER C 56 -70.67 20.76 -4.38
C SER C 56 -71.73 21.73 -4.90
N PRO C 57 -73.02 21.36 -4.85
CA PRO C 57 -74.05 22.10 -5.59
C PRO C 57 -74.01 23.61 -5.44
N ASP C 58 -73.62 24.13 -4.27
CA ASP C 58 -73.62 25.58 -4.10
C ASP C 58 -72.56 26.24 -4.98
N GLY C 59 -71.38 25.64 -5.07
CA GLY C 59 -70.29 26.24 -5.79
C GLY C 59 -68.94 25.99 -5.14
N VAL C 60 -68.96 25.62 -3.86
CA VAL C 60 -67.72 25.26 -3.20
C VAL C 60 -67.13 24.03 -3.86
N ARG C 61 -65.81 24.02 -4.01
CA ARG C 61 -65.16 22.90 -4.68
C ARG C 61 -64.92 21.78 -3.69
N VAL C 62 -65.24 20.55 -4.11
CA VAL C 62 -64.90 19.39 -3.29
C VAL C 62 -63.39 19.21 -3.32
N ALA C 63 -62.88 18.56 -2.29
CA ALA C 63 -61.43 18.50 -2.08
C ALA C 63 -60.82 17.49 -3.03
N ALA C 64 -59.57 17.13 -2.77
CA ALA C 64 -58.90 16.05 -3.48
C ALA C 64 -58.74 14.82 -2.61
N SER C 65 -59.48 14.73 -1.51
CA SER C 65 -59.34 13.60 -0.61
C SER C 65 -60.66 13.02 -0.12
N THR C 66 -61.79 13.67 -0.34
CA THR C 66 -63.05 13.14 0.14
C THR C 66 -63.36 11.82 -0.55
N GLY C 67 -63.70 10.81 0.25
CA GLY C 67 -64.09 9.53 -0.34
C GLY C 67 -65.40 9.65 -1.10
N ILE C 68 -65.51 8.87 -2.17
CA ILE C 68 -66.67 8.99 -3.05
C ILE C 68 -67.96 8.77 -2.28
N ASP C 69 -67.96 7.80 -1.37
CA ASP C 69 -69.13 7.57 -0.53
C ASP C 69 -69.57 8.86 0.15
N LEU C 70 -68.62 9.59 0.72
CA LEU C 70 -68.94 10.86 1.34
C LEU C 70 -69.54 11.83 0.33
N LEU C 71 -69.12 11.74 -0.93
CA LEU C 71 -69.62 12.64 -1.95
C LEU C 71 -70.95 12.15 -2.53
N LEU C 72 -71.06 10.84 -2.78
CA LEU C 72 -72.24 10.31 -3.44
C LEU C 72 -73.52 10.47 -2.63
N LEU C 73 -73.43 10.93 -1.38
CA LEU C 73 -74.64 11.16 -0.60
C LEU C 73 -75.53 12.20 -1.25
N ASP C 74 -75.02 13.43 -1.34
CA ASP C 74 -75.70 14.50 -2.04
C ASP C 74 -75.34 14.45 -3.53
N ASP C 75 -75.88 15.39 -4.29
CA ASP C 75 -75.47 15.52 -5.68
C ASP C 75 -74.26 16.43 -5.76
N PHE C 76 -73.70 16.57 -6.97
CA PHE C 76 -72.49 17.35 -7.11
C PHE C 76 -72.29 17.71 -8.57
N LYS C 77 -71.70 18.88 -8.80
CA LYS C 77 -71.36 19.34 -10.13
C LYS C 77 -70.01 18.75 -10.51
N LEU C 78 -69.98 18.01 -11.60
CA LEU C 78 -68.74 17.48 -12.15
C LEU C 78 -68.38 18.33 -13.35
N VAL C 79 -67.27 19.06 -13.27
CA VAL C 79 -66.87 19.99 -14.31
C VAL C 79 -65.58 19.50 -14.93
N ILE C 80 -65.64 19.41 -16.26
CA ILE C 80 -64.47 19.03 -17.18
C ILE C 80 -63.87 20.38 -17.58
N ASN C 81 -62.88 20.34 -18.47
CA ASN C 81 -62.21 21.60 -18.93
C ASN C 81 -63.20 22.80 -19.06
N ASP C 82 -64.34 22.60 -19.72
CA ASP C 82 -65.29 23.73 -19.91
C ASP C 82 -66.70 23.41 -19.40
N LEU C 83 -67.28 22.28 -19.82
CA LEU C 83 -68.68 21.89 -19.47
C LEU C 83 -68.83 21.52 -17.98
N THR C 84 -70.02 21.78 -17.43
CA THR C 84 -70.36 21.45 -16.05
C THR C 84 -71.57 20.52 -16.08
N TYR C 85 -71.32 19.22 -16.21
CA TYR C 85 -72.36 18.23 -15.97
C TYR C 85 -72.57 18.14 -14.48
N HIS C 86 -73.75 18.56 -14.00
CA HIS C 86 -74.08 18.44 -12.60
C HIS C 86 -74.93 17.19 -12.45
N VAL C 87 -74.39 16.18 -11.78
CA VAL C 87 -75.00 14.87 -11.70
C VAL C 87 -75.95 14.88 -10.51
N ARG C 88 -77.17 15.36 -10.75
CA ARG C 88 -78.18 15.39 -9.71
C ARG C 88 -78.69 14.00 -9.28
N PRO C 89 -78.59 12.94 -10.08
CA PRO C 89 -78.98 11.61 -9.58
C PRO C 89 -77.80 10.80 -9.05
N PRO C 90 -77.29 11.08 -7.86
CA PRO C 90 -76.56 10.00 -7.17
C PRO C 90 -77.51 8.95 -6.64
N LYS C 91 -78.80 9.11 -6.97
CA LYS C 91 -79.87 8.20 -6.60
C LYS C 91 -79.77 7.80 -5.13
N ARG C 92 -79.88 8.81 -4.27
CA ARG C 92 -79.70 8.60 -2.85
C ARG C 92 -80.77 7.66 -2.31
N ASP C 93 -80.32 6.60 -1.62
CA ASP C 93 -81.22 5.75 -0.86
C ASP C 93 -81.50 6.30 0.52
N LEU C 94 -81.17 7.57 0.75
CA LEU C 94 -81.37 8.22 2.04
C LEU C 94 -82.87 8.50 2.19
N LEU C 95 -83.60 7.44 2.52
CA LEU C 95 -85.04 7.53 2.70
C LEU C 95 -85.45 7.51 4.17
N SER C 96 -85.01 6.49 4.91
CA SER C 96 -85.33 6.40 6.33
C SER C 96 -84.34 7.18 7.19
N HIS C 97 -83.05 7.01 6.93
CA HIS C 97 -81.94 7.59 7.68
C HIS C 97 -81.89 7.08 9.11
N GLU C 98 -82.79 6.19 9.50
CA GLU C 98 -82.81 5.61 10.84
C GLU C 98 -82.05 4.30 10.79
N ASN C 99 -80.89 4.26 11.43
CA ASN C 99 -80.03 3.09 11.35
C ASN C 99 -80.71 1.85 11.91
N ALA C 100 -81.62 2.03 12.86
CA ALA C 100 -82.43 0.90 13.31
C ALA C 100 -83.31 0.36 12.20
N ALA C 101 -83.79 1.25 11.33
CA ALA C 101 -84.68 0.83 10.26
C ALA C 101 -83.92 0.11 9.14
N THR C 102 -82.97 0.81 8.51
CA THR C 102 -82.24 0.22 7.40
C THR C 102 -81.65 -1.14 7.78
N LEU C 103 -81.08 -1.24 8.98
CA LEU C 103 -80.63 -2.53 9.46
C LEU C 103 -81.75 -3.55 9.42
N ASN C 104 -82.93 -3.16 9.91
CA ASN C 104 -84.09 -4.04 9.77
C ASN C 104 -84.41 -4.31 8.30
N ASP C 105 -84.31 -3.29 7.46
CA ASP C 105 -84.46 -3.52 6.03
C ASP C 105 -83.34 -4.39 5.49
N VAL C 106 -82.15 -4.31 6.09
CA VAL C 106 -81.06 -5.19 5.67
C VAL C 106 -81.37 -6.64 6.04
N LYS C 107 -81.62 -6.89 7.33
CA LYS C 107 -81.83 -8.27 7.77
C LYS C 107 -82.99 -8.91 7.05
N THR C 108 -84.04 -8.15 6.74
CA THR C 108 -85.15 -8.70 5.96
C THR C 108 -84.68 -9.21 4.61
N LEU C 109 -83.92 -8.38 3.90
CA LEU C 109 -83.45 -8.78 2.58
C LEU C 109 -82.59 -10.04 2.67
N VAL C 110 -81.49 -9.97 3.42
CA VAL C 110 -80.60 -11.12 3.52
C VAL C 110 -81.36 -12.35 3.98
N GLN C 111 -82.31 -12.18 4.90
CA GLN C 111 -83.13 -13.31 5.32
C GLN C 111 -83.99 -13.81 4.16
N GLN C 112 -84.64 -12.91 3.44
CA GLN C 112 -85.30 -13.31 2.21
C GLN C 112 -84.29 -13.91 1.24
N LEU C 113 -83.13 -13.27 1.11
CA LEU C 113 -82.06 -13.85 0.32
C LEU C 113 -81.66 -15.22 0.86
N TYR C 114 -81.66 -15.36 2.18
CA TYR C 114 -81.29 -16.62 2.84
C TYR C 114 -82.18 -17.75 2.36
N THR C 115 -83.47 -17.67 2.69
CA THR C 115 -84.39 -18.76 2.37
C THR C 115 -84.47 -19.01 0.87
N THR C 116 -84.45 -17.93 0.08
CA THR C 116 -84.66 -18.07 -1.35
C THR C 116 -83.51 -18.74 -2.08
N LEU C 117 -82.39 -19.00 -1.40
CA LEU C 117 -81.24 -19.65 -2.03
C LEU C 117 -80.89 -20.99 -1.41
N CYS C 118 -81.80 -21.59 -0.62
CA CYS C 118 -81.59 -22.88 0.02
C CYS C 118 -80.21 -22.94 0.69
N ILE C 119 -79.77 -21.81 1.22
CA ILE C 119 -78.45 -21.72 1.81
C ILE C 119 -78.30 -22.69 2.96
N GLU C 120 -79.29 -22.74 3.85
CA GLU C 120 -79.27 -23.69 4.96
C GLU C 120 -78.98 -25.10 4.45
N GLN C 121 -79.59 -25.47 3.33
CA GLN C 121 -79.29 -26.75 2.70
C GLN C 121 -77.84 -26.78 2.22
N HIS C 122 -77.39 -25.70 1.56
CA HIS C 122 -76.01 -25.66 1.10
C HIS C 122 -75.05 -25.75 2.26
N GLN C 123 -75.37 -25.07 3.37
CA GLN C 123 -74.51 -25.14 4.55
C GLN C 123 -74.29 -26.58 4.98
N LEU C 124 -75.37 -27.34 5.16
CA LEU C 124 -75.26 -28.76 5.42
C LEU C 124 -74.42 -29.44 4.34
N ASN C 125 -74.77 -29.21 3.08
CA ASN C 125 -74.04 -29.81 1.97
C ASN C 125 -72.55 -29.52 2.05
N LYS C 126 -72.19 -28.31 2.50
CA LYS C 126 -70.79 -27.98 2.67
C LYS C 126 -70.11 -28.93 3.65
N GLU C 127 -70.63 -28.98 4.86
CA GLU C 127 -70.07 -29.88 5.88
C GLU C 127 -70.14 -31.33 5.41
N ARG C 128 -71.31 -31.76 4.93
CA ARG C 128 -71.49 -33.14 4.50
C ARG C 128 -70.41 -33.57 3.51
N GLU C 129 -69.98 -32.64 2.66
CA GLU C 129 -68.86 -32.94 1.78
C GLU C 129 -67.59 -33.21 2.59
N LEU C 130 -67.28 -32.33 3.54
CA LEU C 130 -66.04 -32.43 4.29
C LEU C 130 -65.96 -33.75 5.04
N ILE C 131 -66.96 -34.03 5.88
CA ILE C 131 -66.96 -35.27 6.66
C ILE C 131 -66.80 -36.48 5.75
N GLU C 132 -67.38 -36.42 4.54
CA GLU C 132 -67.20 -37.50 3.60
C GLU C 132 -65.74 -37.59 3.16
N ARG C 133 -65.16 -36.46 2.74
CA ARG C 133 -63.78 -36.46 2.30
C ARG C 133 -62.85 -37.00 3.37
N LEU C 134 -63.14 -36.70 4.64
CA LEU C 134 -62.36 -37.26 5.73
C LEU C 134 -62.46 -38.78 5.75
N GLU C 135 -63.67 -39.32 5.57
CA GLU C 135 -63.82 -40.77 5.51
C GLU C 135 -62.92 -41.38 4.46
N ASP C 136 -62.82 -40.73 3.30
CA ASP C 136 -61.89 -41.18 2.28
C ASP C 136 -60.47 -41.26 2.83
N LEU C 137 -60.04 -40.21 3.53
CA LEU C 137 -58.71 -40.22 4.12
C LEU C 137 -58.54 -41.39 5.07
N LYS C 138 -59.58 -41.70 5.85
CA LYS C 138 -59.52 -42.88 6.70
C LYS C 138 -59.51 -44.15 5.88
N GLU C 139 -60.20 -44.17 4.74
CA GLU C 139 -60.28 -45.39 3.94
C GLU C 139 -58.93 -45.75 3.35
N GLN C 140 -58.18 -44.77 2.84
CA GLN C 140 -56.85 -45.05 2.33
C GLN C 140 -55.93 -45.54 3.44
N LEU C 141 -56.26 -45.23 4.69
CA LEU C 141 -55.34 -45.50 5.79
C LEU C 141 -55.47 -46.92 6.32
N ALA C 142 -56.70 -47.42 6.44
CA ALA C 142 -56.94 -48.76 6.99
C ALA C 142 -56.07 -49.85 6.40
N PRO C 143 -55.85 -49.94 5.08
CA PRO C 143 -54.95 -51.00 4.59
C PRO C 143 -53.53 -50.87 5.11
N LEU C 144 -52.93 -49.69 4.97
CA LEU C 144 -51.56 -49.48 5.40
C LEU C 144 -51.43 -49.25 6.90
N GLU C 145 -52.54 -49.28 7.63
CA GLU C 145 -52.46 -49.18 9.08
C GLU C 145 -51.97 -50.48 9.70
N LYS C 146 -52.53 -51.60 9.28
CA LYS C 146 -52.16 -52.88 9.87
C LYS C 146 -50.70 -53.23 9.61
N VAL C 147 -50.15 -52.81 8.46
CA VAL C 147 -48.80 -53.23 8.12
C VAL C 147 -47.79 -52.55 9.03
N ARG C 148 -48.00 -51.27 9.37
CA ARG C 148 -47.06 -50.61 10.27
C ARG C 148 -47.23 -51.10 11.70
N ILE C 149 -48.48 -51.32 12.13
CA ILE C 149 -48.72 -51.74 13.50
C ILE C 149 -48.02 -53.06 13.79
N GLU C 150 -47.74 -53.85 12.76
CA GLU C 150 -46.80 -54.95 12.93
C GLU C 150 -45.38 -54.42 13.05
N ILE C 151 -44.94 -53.66 12.04
CA ILE C 151 -43.58 -53.11 12.06
C ILE C 151 -43.37 -52.25 13.31
N SER C 152 -44.45 -51.74 13.89
CA SER C 152 -44.34 -51.19 15.23
C SER C 152 -44.18 -52.30 16.26
N ARG C 153 -45.09 -53.27 16.27
CA ARG C 153 -45.00 -54.38 17.20
C ARG C 153 -43.68 -55.13 17.04
N LYS C 154 -43.25 -55.36 15.79
CA LYS C 154 -41.97 -56.01 15.56
C LYS C 154 -40.82 -55.17 16.10
N ALA C 155 -40.73 -53.91 15.68
CA ALA C 155 -39.66 -53.05 16.17
C ALA C 155 -39.81 -52.74 17.65
N GLU C 156 -40.94 -53.10 18.26
CA GLU C 156 -41.07 -52.95 19.70
C GLU C 156 -40.51 -54.17 20.42
N LYS C 157 -40.85 -55.37 19.95
CA LYS C 157 -40.27 -56.58 20.53
C LYS C 157 -38.76 -56.54 20.50
N ARG C 158 -38.17 -56.17 19.36
CA ARG C 158 -36.73 -56.07 19.27
C ARG C 158 -36.17 -54.97 20.17
N THR C 159 -37.00 -54.04 20.63
CA THR C 159 -36.53 -53.01 21.53
C THR C 159 -36.70 -53.41 22.99
N THR C 160 -37.89 -53.85 23.38
CA THR C 160 -38.07 -54.38 24.72
C THR C 160 -37.16 -55.57 24.99
N LEU C 161 -36.57 -56.16 23.95
CA LEU C 161 -35.51 -57.14 24.15
C LEU C 161 -34.22 -56.46 24.60
N VAL C 162 -33.76 -55.47 23.84
CA VAL C 162 -32.52 -54.78 24.17
C VAL C 162 -32.55 -54.25 25.59
N LEU C 163 -33.69 -53.70 26.01
CA LEU C 163 -33.82 -53.25 27.39
C LEU C 163 -33.51 -54.37 28.37
N TRP C 164 -34.18 -55.52 28.20
CA TRP C 164 -33.84 -56.68 29.00
C TRP C 164 -32.39 -57.08 28.79
N GLY C 165 -31.98 -57.18 27.52
CA GLY C 165 -30.59 -57.52 27.23
C GLY C 165 -29.62 -56.52 27.83
N GLY C 166 -29.98 -55.25 27.87
CA GLY C 166 -29.15 -54.28 28.56
C GLY C 166 -29.03 -54.57 30.03
N LEU C 167 -30.15 -54.83 30.70
CA LEU C 167 -30.12 -55.13 32.12
C LEU C 167 -29.33 -56.40 32.40
N ALA C 168 -29.59 -57.46 31.62
CA ALA C 168 -28.90 -58.73 31.85
C ALA C 168 -27.39 -58.55 31.82
N TYR C 169 -26.90 -57.62 31.00
CA TYR C 169 -25.48 -57.28 31.05
C TYR C 169 -25.11 -56.67 32.40
N MET C 170 -25.83 -55.63 32.81
CA MET C 170 -25.54 -54.96 34.08
C MET C 170 -25.91 -55.81 35.29
N ALA C 171 -26.34 -57.05 35.08
CA ALA C 171 -26.56 -58.00 36.16
C ALA C 171 -25.55 -59.13 36.15
N THR C 172 -24.81 -59.28 35.04
CA THR C 172 -23.71 -60.23 35.01
C THR C 172 -22.37 -59.54 35.26
N GLN C 173 -22.20 -58.32 34.76
CA GLN C 173 -21.02 -57.54 35.10
C GLN C 173 -20.91 -57.38 36.62
N PHE C 174 -22.05 -57.24 37.30
CA PHE C 174 -22.02 -57.25 38.75
C PHE C 174 -21.87 -58.66 39.29
N GLY C 175 -22.21 -59.67 38.48
CA GLY C 175 -21.96 -61.04 38.89
C GLY C 175 -20.53 -61.48 38.70
N ILE C 176 -19.86 -60.96 37.67
CA ILE C 176 -18.44 -61.23 37.50
C ILE C 176 -17.65 -60.65 38.67
N LEU C 177 -17.82 -59.35 38.91
CA LEU C 177 -17.04 -58.68 39.94
C LEU C 177 -17.39 -59.13 41.35
N ALA C 178 -18.40 -59.98 41.50
CA ALA C 178 -18.68 -60.55 42.81
C ALA C 178 -17.76 -61.72 43.11
N ARG C 179 -17.82 -62.76 42.26
CA ARG C 179 -16.97 -63.93 42.45
C ARG C 179 -15.50 -63.53 42.47
N LEU C 180 -15.07 -62.75 41.48
CA LEU C 180 -13.69 -62.30 41.44
C LEU C 180 -13.27 -61.64 42.75
N THR C 181 -14.06 -60.67 43.21
CA THR C 181 -13.66 -59.87 44.36
C THR C 181 -13.65 -60.70 45.64
N TRP C 182 -14.80 -61.29 45.98
CA TRP C 182 -14.97 -61.79 47.34
C TRP C 182 -14.19 -63.07 47.59
N TRP C 183 -14.52 -64.14 46.87
CA TRP C 183 -13.93 -65.43 47.17
C TRP C 183 -13.21 -66.03 45.97
N GLU C 184 -12.56 -65.19 45.16
CA GLU C 184 -11.51 -65.66 44.27
C GLU C 184 -10.28 -64.77 44.25
N TYR C 185 -10.41 -63.48 44.55
CA TYR C 185 -9.27 -62.56 44.61
C TYR C 185 -9.36 -61.72 45.86
N SER C 186 -8.55 -60.67 45.93
CA SER C 186 -8.66 -59.65 46.96
C SER C 186 -9.40 -58.45 46.40
N TRP C 187 -10.18 -57.80 47.26
CA TRP C 187 -10.82 -56.56 46.83
C TRP C 187 -9.80 -55.52 46.42
N ASP C 188 -8.63 -55.54 47.05
CA ASP C 188 -7.57 -54.61 46.66
C ASP C 188 -6.94 -54.99 45.32
N ILE C 189 -7.33 -56.12 44.75
CA ILE C 189 -6.94 -56.50 43.40
C ILE C 189 -7.99 -56.08 42.39
N MET C 190 -9.27 -56.28 42.72
CA MET C 190 -10.35 -55.98 41.79
C MET C 190 -10.62 -54.48 41.71
N GLU C 191 -10.59 -53.78 42.84
CA GLU C 191 -10.93 -52.37 42.87
C GLU C 191 -10.32 -51.55 41.74
N PRO C 192 -9.00 -51.61 41.49
CA PRO C 192 -8.45 -50.76 40.42
C PRO C 192 -9.04 -51.07 39.06
N VAL C 193 -9.73 -52.18 38.90
CA VAL C 193 -10.52 -52.40 37.69
C VAL C 193 -11.89 -51.74 37.84
N THR C 194 -12.58 -52.02 38.94
CA THR C 194 -13.95 -51.58 39.08
C THR C 194 -14.08 -50.07 39.23
N TYR C 195 -12.97 -49.33 39.32
CA TYR C 195 -13.08 -47.90 39.08
C TYR C 195 -12.99 -47.62 37.58
N PHE C 196 -12.15 -48.38 36.88
CA PHE C 196 -12.02 -48.17 35.44
C PHE C 196 -13.31 -48.48 34.73
N ILE C 197 -13.95 -49.61 35.07
CA ILE C 197 -15.23 -49.96 34.47
C ILE C 197 -16.22 -48.81 34.63
N THR C 198 -16.33 -48.29 35.85
CA THR C 198 -17.09 -47.06 36.06
C THR C 198 -16.66 -45.99 35.07
N TYR C 199 -15.38 -45.64 35.06
CA TYR C 199 -14.91 -44.66 34.11
C TYR C 199 -15.07 -45.16 32.67
N GLY C 200 -14.96 -46.47 32.47
CA GLY C 200 -15.27 -47.02 31.16
C GLY C 200 -16.68 -46.68 30.72
N SER C 201 -17.65 -46.83 31.62
CA SER C 201 -19.02 -46.44 31.31
C SER C 201 -19.09 -44.94 31.03
N ALA C 202 -18.61 -44.12 31.96
CA ALA C 202 -18.68 -42.68 31.76
C ALA C 202 -17.84 -42.19 30.59
N MET C 203 -17.14 -43.08 29.91
CA MET C 203 -16.55 -42.76 28.61
C MET C 203 -17.50 -43.11 27.49
N ALA C 204 -18.01 -44.35 27.47
CA ALA C 204 -19.01 -44.72 26.47
C ALA C 204 -20.25 -43.85 26.59
N MET C 205 -20.76 -43.67 27.82
CA MET C 205 -21.91 -42.80 28.04
C MET C 205 -21.65 -41.37 27.57
N TYR C 206 -20.41 -41.03 27.22
CA TYR C 206 -20.12 -39.83 26.46
C TYR C 206 -19.91 -40.12 24.98
N ALA C 207 -19.28 -41.25 24.66
CA ALA C 207 -19.15 -41.63 23.26
C ALA C 207 -20.51 -41.67 22.58
N TYR C 208 -21.51 -42.22 23.27
CA TYR C 208 -22.87 -42.23 22.74
C TYR C 208 -23.33 -40.83 22.37
N PHE C 209 -22.94 -39.83 23.15
CA PHE C 209 -23.33 -38.47 22.81
C PHE C 209 -22.61 -37.98 21.56
N VAL C 210 -21.43 -38.52 21.27
CA VAL C 210 -20.73 -38.08 20.07
C VAL C 210 -21.38 -38.67 18.83
N MET C 211 -21.66 -39.97 18.86
CA MET C 211 -22.36 -40.60 17.75
C MET C 211 -23.76 -40.04 17.60
N THR C 212 -24.59 -40.21 18.62
CA THR C 212 -26.02 -39.91 18.49
C THR C 212 -26.30 -38.43 18.45
N ARG C 213 -25.56 -37.63 19.22
CA ARG C 213 -25.72 -36.18 19.38
C ARG C 213 -26.88 -35.82 20.28
N GLN C 214 -27.53 -36.79 20.94
CA GLN C 214 -28.47 -36.49 22.01
C GLN C 214 -28.03 -37.25 23.25
N GLU C 215 -28.15 -36.60 24.41
CA GLU C 215 -27.60 -37.15 25.64
C GLU C 215 -28.19 -38.52 25.93
N TYR C 216 -27.32 -39.45 26.32
CA TYR C 216 -27.76 -40.80 26.69
C TYR C 216 -28.61 -40.72 27.94
N VAL C 217 -29.92 -40.88 27.79
CA VAL C 217 -30.85 -40.99 28.90
C VAL C 217 -31.80 -42.14 28.58
N TYR C 218 -31.98 -43.05 29.54
CA TYR C 218 -32.68 -44.31 29.29
C TYR C 218 -33.94 -44.18 28.45
N PRO C 219 -34.86 -43.24 28.70
CA PRO C 219 -36.03 -43.14 27.82
C PRO C 219 -35.67 -42.76 26.40
N GLU C 220 -34.95 -41.65 26.22
CA GLU C 220 -34.65 -41.19 24.87
C GLU C 220 -33.79 -42.20 24.12
N ALA C 221 -32.77 -42.74 24.78
CA ALA C 221 -31.94 -43.75 24.13
C ALA C 221 -32.79 -44.94 23.71
N ARG C 222 -33.71 -45.38 24.57
CA ARG C 222 -34.67 -46.40 24.16
C ARG C 222 -35.52 -45.90 23.01
N ASP C 223 -36.03 -44.67 23.13
CA ASP C 223 -36.88 -44.12 22.09
C ASP C 223 -36.19 -44.16 20.73
N ARG C 224 -35.05 -43.48 20.62
CA ARG C 224 -34.32 -43.47 19.35
C ARG C 224 -33.99 -44.88 18.90
N GLN C 225 -33.78 -45.81 19.83
CA GLN C 225 -33.54 -47.19 19.43
C GLN C 225 -34.77 -47.79 18.78
N TYR C 226 -35.91 -47.77 19.49
CA TYR C 226 -37.14 -48.29 18.90
C TYR C 226 -37.45 -47.58 17.59
N LEU C 227 -37.15 -46.29 17.52
CA LEU C 227 -37.28 -45.57 16.26
C LEU C 227 -36.39 -46.18 15.19
N LEU C 228 -35.13 -46.45 15.53
CA LEU C 228 -34.21 -46.98 14.52
C LEU C 228 -34.57 -48.41 14.13
N PHE C 229 -35.07 -49.20 15.08
CA PHE C 229 -35.55 -50.53 14.74
C PHE C 229 -36.79 -50.47 13.88
N PHE C 230 -37.44 -49.32 13.80
CA PHE C 230 -38.63 -49.19 12.98
C PHE C 230 -38.27 -48.87 11.53
N HIS C 231 -37.52 -47.79 11.31
CA HIS C 231 -37.09 -47.44 9.97
C HIS C 231 -36.36 -48.60 9.30
N LYS C 232 -35.43 -49.21 10.01
CA LYS C 232 -34.81 -50.44 9.51
C LYS C 232 -35.87 -51.52 9.31
N GLY C 233 -36.74 -51.71 10.31
CA GLY C 233 -37.85 -52.63 10.15
C GLY C 233 -38.87 -52.19 9.12
N ALA C 234 -38.73 -50.99 8.58
CA ALA C 234 -39.64 -50.52 7.54
C ALA C 234 -39.14 -50.88 6.15
N LYS C 235 -37.92 -50.43 5.84
CA LYS C 235 -37.31 -50.70 4.55
C LYS C 235 -37.31 -52.20 4.22
N LYS C 236 -37.33 -53.06 5.22
CA LYS C 236 -37.42 -54.49 4.94
C LYS C 236 -38.77 -54.83 4.33
N SER C 237 -39.85 -54.61 5.08
CA SER C 237 -41.17 -54.96 4.59
C SER C 237 -41.75 -53.92 3.62
N ARG C 238 -41.20 -52.70 3.62
CA ARG C 238 -41.56 -51.65 2.65
C ARG C 238 -43.05 -51.30 2.73
N PHE C 239 -43.43 -50.69 3.85
CA PHE C 239 -44.81 -50.23 3.98
C PHE C 239 -44.99 -48.78 3.59
N ASP C 240 -43.96 -48.13 3.03
CA ASP C 240 -44.05 -46.75 2.55
C ASP C 240 -44.45 -45.81 3.69
N LEU C 241 -43.52 -45.67 4.63
CA LEU C 241 -43.68 -44.69 5.69
C LEU C 241 -44.01 -43.31 5.14
N GLU C 242 -43.45 -42.95 3.99
CA GLU C 242 -43.71 -41.63 3.42
C GLU C 242 -45.19 -41.40 3.17
N LYS C 243 -45.93 -42.45 2.82
CA LYS C 243 -47.37 -42.31 2.68
C LYS C 243 -48.03 -42.06 4.03
N TYR C 244 -47.65 -42.85 5.04
CA TYR C 244 -48.36 -42.83 6.32
C TYR C 244 -48.32 -41.46 6.95
N ASN C 245 -47.12 -40.98 7.29
CA ASN C 245 -47.00 -39.72 8.00
C ASN C 245 -47.67 -38.58 7.23
N GLN C 246 -47.42 -38.51 5.93
CA GLN C 246 -48.07 -37.49 5.11
C GLN C 246 -49.59 -37.59 5.24
N LEU C 247 -50.13 -38.80 5.13
CA LEU C 247 -51.58 -38.97 5.24
C LEU C 247 -52.06 -38.61 6.64
N LYS C 248 -51.34 -39.06 7.66
CA LYS C 248 -51.75 -38.79 9.03
C LYS C 248 -51.80 -37.31 9.34
N ASP C 249 -51.04 -36.49 8.61
CA ASP C 249 -51.13 -35.05 8.79
C ASP C 249 -52.44 -34.52 8.24
N ALA C 250 -52.79 -34.91 7.01
CA ALA C 250 -54.02 -34.44 6.39
C ALA C 250 -55.24 -34.81 7.23
N ILE C 251 -55.37 -36.08 7.57
CA ILE C 251 -56.51 -36.52 8.37
C ILE C 251 -56.59 -35.73 9.67
N ALA C 252 -55.45 -35.52 10.32
CA ALA C 252 -55.45 -34.70 11.53
C ALA C 252 -55.96 -33.30 11.24
N GLN C 253 -55.44 -32.68 10.17
CA GLN C 253 -55.90 -31.35 9.81
C GLN C 253 -57.38 -31.35 9.44
N ALA C 254 -57.77 -32.26 8.53
CA ALA C 254 -59.17 -32.34 8.15
C ALA C 254 -60.06 -32.59 9.36
N GLU C 255 -59.62 -33.45 10.27
CA GLU C 255 -60.35 -33.65 11.52
C GLU C 255 -60.53 -32.32 12.25
N MET C 256 -59.44 -31.61 12.49
CA MET C 256 -59.52 -30.35 13.21
C MET C 256 -60.42 -29.35 12.50
N ASP C 257 -60.54 -29.46 11.17
CA ASP C 257 -61.42 -28.55 10.44
C ASP C 257 -62.87 -28.80 10.82
N LEU C 258 -63.33 -30.04 10.72
CA LEU C 258 -64.71 -30.35 11.07
C LEU C 258 -65.06 -29.85 12.46
N LYS C 259 -64.17 -30.09 13.43
CA LYS C 259 -64.39 -29.54 14.77
C LYS C 259 -64.40 -28.03 14.75
N ARG C 260 -63.45 -27.43 14.00
CA ARG C 260 -63.45 -25.98 13.85
C ARG C 260 -64.76 -25.49 13.24
N LEU C 261 -65.44 -26.34 12.48
CA LEU C 261 -66.70 -25.98 11.84
C LEU C 261 -67.89 -26.20 12.76
N ARG C 262 -67.97 -27.36 13.39
CA ARG C 262 -69.12 -27.64 14.25
C ARG C 262 -69.05 -26.95 15.57
N ASP C 263 -68.18 -25.96 15.73
CA ASP C 263 -68.08 -25.24 16.99
C ASP C 263 -69.47 -24.81 17.47
N PRO C 264 -69.80 -25.03 18.73
CA PRO C 264 -71.17 -24.74 19.20
C PRO C 264 -71.46 -23.26 19.33
N LEU C 265 -70.44 -22.40 19.29
CA LEU C 265 -70.67 -20.96 19.41
C LEU C 265 -71.01 -20.33 18.06
N GLN C 266 -70.21 -20.59 17.04
CA GLN C 266 -70.49 -20.09 15.70
C GLN C 266 -71.64 -20.89 15.11
N VAL C 267 -72.69 -20.18 14.67
CA VAL C 267 -73.87 -20.85 14.12
C VAL C 267 -73.49 -21.46 12.78
N HIS C 268 -73.56 -22.79 12.69
CA HIS C 268 -73.29 -23.49 11.45
C HIS C 268 -74.20 -24.71 11.31
N VAL D 1 -47.85 -32.81 38.58
CA VAL D 1 -48.21 -33.20 37.21
C VAL D 1 -49.32 -34.23 37.29
N ILE D 2 -49.76 -34.50 38.52
CA ILE D 2 -50.79 -35.52 38.76
C ILE D 2 -52.13 -35.18 38.13
N VAL D 3 -52.34 -33.93 37.74
CA VAL D 3 -53.64 -33.48 37.25
C VAL D 3 -53.46 -32.84 35.88
N THR D 4 -54.41 -33.08 34.99
CA THR D 4 -54.47 -32.34 33.74
C THR D 4 -54.67 -30.86 34.02
N ARG D 5 -54.30 -30.03 33.05
CA ARG D 5 -54.57 -28.60 33.17
C ARG D 5 -56.07 -28.35 33.30
N SER D 6 -56.89 -29.18 32.68
CA SER D 6 -58.34 -29.06 32.84
C SER D 6 -58.78 -29.32 34.27
N GLY D 7 -58.12 -30.26 34.95
CA GLY D 7 -58.53 -30.71 36.25
C GLY D 7 -58.76 -32.20 36.35
N ALA D 8 -58.77 -32.91 35.22
CA ALA D 8 -58.93 -34.35 35.25
C ALA D 8 -57.74 -35.00 35.94
N ILE D 9 -58.01 -36.08 36.66
CA ILE D 9 -56.96 -36.86 37.29
C ILE D 9 -56.47 -37.89 36.28
N LEU D 10 -55.15 -37.97 36.12
CA LEU D 10 -54.55 -38.78 35.08
C LEU D 10 -54.97 -40.24 35.22
N PRO D 11 -54.94 -41.00 34.13
CA PRO D 11 -55.29 -42.42 34.20
C PRO D 11 -54.27 -43.19 35.03
N LYS D 12 -54.61 -44.44 35.29
CA LYS D 12 -53.71 -45.29 36.05
C LYS D 12 -52.48 -45.63 35.23
N PRO D 13 -51.30 -45.13 35.57
CA PRO D 13 -50.11 -45.47 34.79
C PRO D 13 -49.84 -46.96 34.86
N VAL D 14 -49.40 -47.53 33.74
CA VAL D 14 -49.36 -48.97 33.61
C VAL D 14 -48.21 -49.54 34.42
N LYS D 15 -48.51 -50.50 35.28
CA LYS D 15 -47.51 -51.32 35.95
C LYS D 15 -47.35 -52.61 35.16
N MET D 16 -46.17 -52.81 34.59
CA MET D 16 -45.92 -53.99 33.78
C MET D 16 -46.29 -55.26 34.53
N SER D 17 -47.27 -55.99 33.98
CA SER D 17 -47.83 -57.16 34.64
C SER D 17 -46.75 -58.17 35.01
N PHE D 18 -46.54 -58.38 36.31
CA PHE D 18 -45.52 -59.28 36.83
C PHE D 18 -44.12 -58.91 36.35
N GLY D 19 -43.95 -57.68 35.85
CA GLY D 19 -42.62 -57.22 35.50
C GLY D 19 -41.66 -57.28 36.66
N LEU D 20 -42.17 -57.04 37.88
CA LEU D 20 -41.35 -57.21 39.06
C LEU D 20 -40.78 -58.63 39.13
N LEU D 21 -41.56 -59.62 38.69
CA LEU D 21 -41.04 -60.97 38.60
C LEU D 21 -40.27 -61.21 37.31
N ARG D 22 -40.51 -60.40 36.28
CA ARG D 22 -39.68 -60.47 35.08
C ARG D 22 -38.24 -60.15 35.41
N VAL D 23 -37.98 -58.94 35.90
CA VAL D 23 -36.63 -58.55 36.30
C VAL D 23 -36.08 -59.50 37.36
N PHE D 24 -36.92 -59.88 38.33
CA PHE D 24 -36.49 -60.79 39.38
C PHE D 24 -35.98 -62.11 38.81
N SER D 25 -36.39 -62.45 37.60
CA SER D 25 -35.99 -63.69 36.95
C SER D 25 -34.97 -63.47 35.85
N ILE D 26 -34.39 -62.28 35.74
CA ILE D 26 -33.29 -62.00 34.83
C ILE D 26 -32.04 -61.61 35.58
N VAL D 27 -32.15 -60.78 36.61
CA VAL D 27 -30.99 -60.42 37.41
C VAL D 27 -30.45 -61.63 38.15
N ILE D 28 -31.31 -62.57 38.53
CA ILE D 28 -30.88 -63.73 39.32
C ILE D 28 -30.10 -64.72 38.45
N PRO D 29 -30.64 -65.22 37.33
CA PRO D 29 -29.88 -66.21 36.58
C PRO D 29 -28.62 -65.64 35.95
N PHE D 30 -28.69 -64.43 35.40
CA PHE D 30 -27.50 -63.83 34.82
C PHE D 30 -26.47 -63.49 35.88
N LEU D 31 -26.86 -63.50 37.16
CA LEU D 31 -25.87 -63.52 38.23
C LEU D 31 -25.20 -64.87 38.31
N TYR D 32 -25.99 -65.94 38.30
CA TYR D 32 -25.42 -67.28 38.31
C TYR D 32 -24.49 -67.49 37.13
N VAL D 33 -24.73 -66.81 36.01
CA VAL D 33 -23.74 -66.81 34.95
C VAL D 33 -22.52 -66.00 35.37
N GLY D 34 -22.75 -64.80 35.92
CA GLY D 34 -21.63 -63.96 36.32
C GLY D 34 -20.72 -64.60 37.33
N THR D 35 -21.27 -65.50 38.15
CA THR D 35 -20.44 -66.15 39.17
C THR D 35 -19.69 -67.36 38.63
N LEU D 36 -20.22 -68.02 37.58
CA LEU D 36 -19.49 -69.13 37.00
C LEU D 36 -18.41 -68.64 36.05
N ILE D 37 -18.73 -67.65 35.22
CA ILE D 37 -17.77 -67.19 34.22
C ILE D 37 -16.54 -66.61 34.88
N SER D 38 -16.70 -66.00 36.05
CA SER D 38 -15.54 -65.55 36.80
C SER D 38 -14.72 -66.74 37.31
N LYS D 39 -15.41 -67.71 37.93
CA LYS D 39 -14.75 -68.91 38.43
C LYS D 39 -13.93 -69.58 37.34
N ASN D 40 -14.57 -69.95 36.23
CA ASN D 40 -13.88 -70.65 35.17
C ASN D 40 -12.74 -69.83 34.58
N PHE D 41 -12.87 -68.51 34.57
CA PHE D 41 -11.86 -67.68 33.93
C PHE D 41 -10.53 -67.77 34.67
N ALA D 42 -10.52 -67.38 35.94
CA ALA D 42 -9.29 -67.45 36.71
C ALA D 42 -8.82 -68.89 36.87
N ALA D 43 -9.74 -69.84 37.01
CA ALA D 43 -9.37 -71.25 37.01
C ALA D 43 -8.67 -71.67 35.73
N LEU D 44 -8.89 -70.93 34.64
CA LEU D 44 -8.08 -71.07 33.44
C LEU D 44 -6.91 -70.11 33.41
N LEU D 45 -6.98 -69.02 34.17
CA LEU D 45 -5.96 -67.97 34.10
C LEU D 45 -4.89 -68.12 35.17
N GLU D 46 -5.25 -68.59 36.37
CA GLU D 46 -4.27 -68.66 37.45
C GLU D 46 -3.17 -69.66 37.15
N GLU D 47 -3.54 -70.84 36.66
CA GLU D 47 -2.53 -71.86 36.39
C GLU D 47 -1.67 -71.51 35.19
N HIS D 48 -2.09 -70.58 34.34
CA HIS D 48 -1.28 -70.21 33.17
C HIS D 48 -0.40 -69.01 33.47
N ASP D 49 -0.99 -67.84 33.70
CA ASP D 49 -0.22 -66.70 34.18
C ASP D 49 -1.15 -65.71 34.89
N ILE D 50 -1.32 -65.88 36.19
CA ILE D 50 -1.78 -64.82 37.08
C ILE D 50 -1.67 -65.30 38.51
N PHE D 51 -1.58 -64.38 39.46
CA PHE D 51 -1.71 -64.73 40.86
C PHE D 51 -3.19 -64.83 41.23
N ASP E 1 -62.72 33.99 4.07
CA ASP E 1 -63.56 33.40 5.12
C ASP E 1 -63.33 31.90 5.23
N VAL E 2 -62.80 31.49 6.37
CA VAL E 2 -62.62 30.07 6.69
C VAL E 2 -63.68 29.67 7.70
N THR E 3 -64.33 28.55 7.44
CA THR E 3 -65.36 28.03 8.33
C THR E 3 -65.19 26.54 8.49
N VAL E 4 -65.46 26.04 9.69
CA VAL E 4 -65.44 24.61 9.97
C VAL E 4 -66.84 24.22 10.40
N VAL E 5 -67.44 23.26 9.69
CA VAL E 5 -68.74 22.72 10.03
C VAL E 5 -68.64 21.20 10.00
N TYR E 6 -69.77 20.55 10.24
CA TYR E 6 -69.78 19.11 10.45
C TYR E 6 -70.79 18.46 9.51
N GLN E 7 -70.30 17.54 8.67
CA GLN E 7 -71.14 16.70 7.84
C GLN E 7 -70.82 15.26 8.15
N ASN E 8 -71.84 14.50 8.55
CA ASN E 8 -71.70 13.09 8.85
C ASN E 8 -70.62 12.86 9.90
N GLY E 9 -70.74 13.58 11.01
CA GLY E 9 -69.77 13.47 12.09
C GLY E 9 -68.35 13.72 11.65
N LEU E 10 -68.14 14.51 10.60
CA LEU E 10 -66.81 14.81 10.12
C LEU E 10 -66.65 16.31 9.92
N PRO E 11 -65.50 16.87 10.27
CA PRO E 11 -65.29 18.30 10.09
C PRO E 11 -64.91 18.61 8.65
N VAL E 12 -65.56 19.61 8.07
CA VAL E 12 -65.36 19.97 6.67
C VAL E 12 -64.92 21.42 6.64
N ILE E 13 -63.61 21.64 6.70
CA ILE E 13 -63.08 22.99 6.50
C ILE E 13 -63.52 23.49 5.15
N SER E 14 -63.84 24.78 5.07
CA SER E 14 -64.23 25.42 3.82
C SER E 14 -63.36 26.64 3.62
N VAL E 15 -62.17 26.44 3.09
CA VAL E 15 -61.19 27.49 2.92
C VAL E 15 -61.33 28.07 1.52
N ARG E 16 -60.88 29.31 1.35
CA ARG E 16 -60.88 29.97 0.05
C ARG E 16 -59.48 29.90 -0.56
N LEU E 17 -59.35 29.16 -1.65
CA LEU E 17 -58.07 28.99 -2.30
C LEU E 17 -57.68 30.26 -3.05
N PRO E 18 -56.38 30.55 -3.17
CA PRO E 18 -55.97 31.80 -3.80
C PRO E 18 -56.08 31.84 -5.30
N SER E 19 -55.59 30.79 -5.99
CA SER E 19 -55.37 30.88 -7.42
C SER E 19 -56.68 31.08 -8.18
N ARG E 20 -57.56 30.08 -8.11
CA ARG E 20 -58.85 30.20 -8.77
C ARG E 20 -59.79 31.16 -8.08
N ARG E 21 -59.42 31.67 -6.90
CA ARG E 21 -60.33 32.43 -6.05
C ARG E 21 -61.60 31.62 -5.79
N GLU E 22 -61.42 30.32 -5.56
CA GLU E 22 -62.53 29.42 -5.30
C GLU E 22 -62.40 28.83 -3.90
N ARG E 23 -63.50 28.31 -3.40
CA ARG E 23 -63.56 27.70 -2.09
C ARG E 23 -63.54 26.19 -2.24
N CYS E 24 -62.51 25.55 -1.69
CA CYS E 24 -62.44 24.11 -1.61
C CYS E 24 -62.74 23.67 -0.19
N GLN E 25 -63.43 22.55 -0.04
CA GLN E 25 -63.86 22.08 1.26
C GLN E 25 -63.31 20.67 1.50
N PHE E 26 -62.19 20.59 2.20
CA PHE E 26 -61.68 19.30 2.63
C PHE E 26 -62.62 18.68 3.65
N THR E 27 -62.53 17.37 3.79
CA THR E 27 -63.05 16.67 4.95
C THR E 27 -61.87 16.19 5.75
N LEU E 28 -62.05 16.11 7.07
CA LEU E 28 -60.96 15.74 7.96
C LEU E 28 -61.36 14.54 8.81
N LYS E 29 -60.37 13.69 9.07
CA LYS E 29 -60.54 12.60 10.02
C LYS E 29 -59.97 13.07 11.34
N PRO E 30 -60.77 13.45 12.32
CA PRO E 30 -60.25 14.03 13.55
C PRO E 30 -59.32 13.11 14.32
N ILE E 31 -59.22 11.85 13.89
CA ILE E 31 -58.39 10.86 14.55
C ILE E 31 -57.18 10.50 13.69
N SER E 32 -57.42 10.03 12.47
CA SER E 32 -56.31 9.58 11.62
C SER E 32 -55.50 10.77 11.11
N ASP E 33 -56.16 11.83 10.70
CA ASP E 33 -55.49 12.94 10.04
C ASP E 33 -54.57 13.68 11.00
N SER E 34 -53.85 14.66 10.46
CA SER E 34 -52.92 15.47 11.22
C SER E 34 -52.55 16.67 10.37
N VAL E 35 -52.38 17.82 11.02
CA VAL E 35 -52.08 19.06 10.31
C VAL E 35 -50.86 18.87 9.43
N GLY E 36 -50.01 17.89 9.78
CA GLY E 36 -48.92 17.52 8.89
C GLY E 36 -49.43 17.01 7.56
N VAL E 37 -50.44 16.15 7.58
CA VAL E 37 -50.99 15.62 6.33
C VAL E 37 -52.15 16.47 5.81
N PHE E 38 -52.73 17.30 6.66
CA PHE E 38 -53.82 18.16 6.20
C PHE E 38 -53.29 19.23 5.24
N LEU E 39 -52.29 19.99 5.69
CA LEU E 39 -51.67 20.99 4.81
C LEU E 39 -51.18 20.35 3.53
N ARG E 40 -50.53 19.19 3.63
CA ARG E 40 -50.07 18.48 2.45
C ARG E 40 -51.17 18.34 1.40
N GLN E 41 -52.41 18.18 1.85
CA GLN E 41 -53.53 18.27 0.91
C GLN E 41 -53.73 19.71 0.47
N LEU E 42 -53.88 20.62 1.41
CA LEU E 42 -54.14 22.02 1.09
C LEU E 42 -53.10 22.56 0.11
N GLN E 43 -51.83 22.21 0.33
CA GLN E 43 -50.80 22.51 -0.66
C GLN E 43 -51.14 21.85 -1.99
N GLU E 44 -51.19 20.52 -2.01
CA GLU E 44 -51.42 19.78 -3.24
C GLU E 44 -52.77 20.11 -3.86
N GLU E 45 -53.71 20.63 -3.09
CA GLU E 45 -54.99 21.02 -3.66
C GLU E 45 -54.83 22.13 -4.68
N ASP E 46 -54.02 23.15 -4.36
CA ASP E 46 -53.75 24.24 -5.29
C ASP E 46 -52.30 24.64 -5.10
N ARG E 47 -51.40 24.03 -5.88
CA ARG E 47 -49.98 24.19 -5.63
C ARG E 47 -49.50 25.62 -5.82
N GLY E 48 -50.38 26.55 -6.19
CA GLY E 48 -50.03 27.96 -6.15
C GLY E 48 -49.71 28.45 -4.76
N ILE E 49 -49.91 27.63 -3.74
CA ILE E 49 -49.63 27.99 -2.36
C ILE E 49 -48.24 27.49 -2.00
N ASP E 50 -47.41 28.36 -1.44
CA ASP E 50 -46.06 27.97 -1.06
C ASP E 50 -45.82 28.09 0.43
N ARG E 51 -46.10 29.25 1.03
CA ARG E 51 -45.87 29.47 2.46
C ARG E 51 -47.20 29.30 3.17
N VAL E 52 -47.41 28.11 3.74
CA VAL E 52 -48.66 27.81 4.43
C VAL E 52 -48.34 27.06 5.72
N ALA E 53 -48.88 27.55 6.82
CA ALA E 53 -48.74 26.91 8.12
C ALA E 53 -49.81 27.47 9.04
N ILE E 54 -50.15 26.71 10.06
CA ILE E 54 -51.24 27.06 10.95
C ILE E 54 -50.74 27.03 12.38
N TYR E 55 -51.49 27.69 13.26
CA TYR E 55 -51.11 27.70 14.67
C TYR E 55 -52.21 28.32 15.51
N SER E 56 -52.20 27.96 16.79
CA SER E 56 -53.06 28.54 17.80
C SER E 56 -52.74 30.02 17.97
N PRO E 57 -53.67 30.79 18.56
CA PRO E 57 -53.37 32.22 18.80
C PRO E 57 -52.04 32.47 19.47
N ASP E 58 -51.80 31.90 20.65
CA ASP E 58 -50.52 32.09 21.32
C ASP E 58 -49.45 31.19 20.71
N GLY E 59 -49.66 29.88 20.73
CA GLY E 59 -48.72 28.94 20.15
C GLY E 59 -48.51 29.25 18.68
N VAL E 60 -47.34 29.81 18.35
CA VAL E 60 -47.14 30.38 17.02
C VAL E 60 -46.82 29.36 15.95
N ARG E 61 -46.71 28.07 16.31
CA ARG E 61 -46.56 27.02 15.31
C ARG E 61 -46.98 25.71 15.94
N VAL E 62 -48.20 25.26 15.62
CA VAL E 62 -48.60 23.91 15.99
C VAL E 62 -47.88 22.94 15.07
N ALA E 63 -47.09 22.06 15.66
CA ALA E 63 -46.21 21.21 14.88
C ALA E 63 -47.01 20.22 14.05
N ALA E 64 -46.37 19.71 12.99
CA ALA E 64 -46.96 18.67 12.18
C ALA E 64 -47.23 17.43 13.03
N SER E 65 -48.00 16.51 12.46
CA SER E 65 -48.39 15.27 13.14
C SER E 65 -49.09 15.57 14.47
N THR E 66 -49.83 16.66 14.51
CA THR E 66 -50.69 16.98 15.64
C THR E 66 -52.08 16.45 15.35
N GLY E 67 -52.65 15.72 16.32
CA GLY E 67 -53.99 15.21 16.18
C GLY E 67 -54.96 16.31 15.82
N ILE E 68 -55.74 16.11 14.75
CA ILE E 68 -56.62 17.17 14.29
C ILE E 68 -57.60 17.57 15.38
N ASP E 69 -58.09 16.59 16.15
CA ASP E 69 -59.01 16.92 17.24
C ASP E 69 -58.38 17.85 18.25
N LEU E 70 -57.07 17.71 18.49
CA LEU E 70 -56.37 18.65 19.36
C LEU E 70 -56.50 20.07 18.81
N LEU E 71 -56.03 20.28 17.59
CA LEU E 71 -56.21 21.57 16.93
C LEU E 71 -57.68 21.98 16.90
N LEU E 72 -58.55 21.05 16.51
CA LEU E 72 -59.91 21.41 16.15
C LEU E 72 -60.68 22.04 17.31
N LEU E 73 -60.35 21.67 18.54
CA LEU E 73 -61.17 22.06 19.68
C LEU E 73 -60.99 23.51 20.09
N ASP E 74 -60.30 24.32 19.29
CA ASP E 74 -60.02 25.70 19.66
C ASP E 74 -59.68 26.48 18.41
N ASP E 75 -60.00 27.78 18.44
CA ASP E 75 -59.69 28.62 17.29
C ASP E 75 -58.18 28.64 17.04
N PHE E 76 -57.82 28.96 15.80
CA PHE E 76 -56.41 28.92 15.42
C PHE E 76 -56.22 29.68 14.11
N LYS E 77 -55.02 30.22 13.95
CA LYS E 77 -54.67 30.94 12.74
C LYS E 77 -54.40 29.99 11.59
N LEU E 78 -54.84 30.36 10.40
CA LEU E 78 -54.60 29.62 9.16
C LEU E 78 -53.92 30.56 8.19
N VAL E 79 -52.65 30.28 7.88
CA VAL E 79 -51.81 31.18 7.10
C VAL E 79 -51.69 30.60 5.70
N ILE E 80 -52.52 31.07 4.79
CA ILE E 80 -52.32 30.88 3.36
C ILE E 80 -51.26 31.89 2.96
N ASN E 81 -50.73 31.79 1.74
CA ASN E 81 -49.45 32.37 1.36
C ASN E 81 -49.10 33.65 2.11
N ASP E 82 -49.99 34.64 2.09
CA ASP E 82 -49.72 35.86 2.83
C ASP E 82 -50.93 36.27 3.65
N LEU E 83 -52.12 35.90 3.21
CA LEU E 83 -53.33 36.21 3.95
C LEU E 83 -53.57 35.12 4.99
N THR E 84 -53.79 35.52 6.23
CA THR E 84 -53.93 34.60 7.35
C THR E 84 -55.35 34.71 7.87
N TYR E 85 -56.11 33.63 7.77
CA TYR E 85 -57.40 33.55 8.44
C TYR E 85 -57.24 32.87 9.78
N HIS E 86 -58.12 33.22 10.71
CA HIS E 86 -58.28 32.45 11.93
C HIS E 86 -59.75 32.09 12.06
N VAL E 87 -60.01 30.85 12.44
CA VAL E 87 -61.31 30.23 12.25
C VAL E 87 -61.92 29.93 13.61
N ARG E 88 -63.25 30.09 13.70
CA ARG E 88 -63.99 29.70 14.89
C ARG E 88 -64.52 28.29 14.69
N PRO E 89 -63.86 27.26 15.19
CA PRO E 89 -64.39 25.92 15.04
C PRO E 89 -65.60 25.73 15.93
N PRO E 90 -66.58 24.95 15.49
CA PRO E 90 -67.80 24.80 16.28
C PRO E 90 -67.55 23.87 17.45
N LYS E 91 -68.11 24.24 18.59
CA LYS E 91 -68.01 23.38 19.78
C LYS E 91 -68.84 22.13 19.54
N ARG E 92 -68.17 20.98 19.57
CA ARG E 92 -68.81 19.71 19.25
C ARG E 92 -70.09 19.52 20.06
N ASP E 93 -71.14 19.05 19.39
CA ASP E 93 -72.38 18.74 20.07
C ASP E 93 -72.23 17.46 20.88
N LEU E 94 -72.81 17.45 22.07
CA LEU E 94 -72.66 16.34 23.01
C LEU E 94 -73.95 15.54 23.05
N LEU E 95 -73.91 14.32 22.50
CA LEU E 95 -75.03 13.40 22.59
C LEU E 95 -74.59 12.01 23.00
N SER E 96 -73.33 11.84 23.38
CA SER E 96 -72.75 10.52 23.63
C SER E 96 -73.09 9.95 24.99
N HIS E 97 -74.08 10.51 25.69
CA HIS E 97 -74.40 10.09 27.04
C HIS E 97 -74.83 8.62 27.08
N GLU E 98 -75.94 8.27 26.43
CA GLU E 98 -76.32 6.87 26.30
C GLU E 98 -76.88 6.50 24.94
N ASN E 99 -77.37 7.44 24.14
CA ASN E 99 -77.73 7.12 22.77
C ASN E 99 -76.56 6.49 22.04
N ALA E 100 -75.36 7.01 22.28
CA ALA E 100 -74.16 6.39 21.75
C ALA E 100 -74.05 4.94 22.20
N ALA E 101 -74.32 4.67 23.48
CA ALA E 101 -74.20 3.32 24.02
C ALA E 101 -75.03 2.33 23.20
N THR E 102 -76.34 2.57 23.11
CA THR E 102 -77.17 1.71 22.28
C THR E 102 -76.80 1.83 20.81
N LEU E 103 -76.17 2.93 20.41
CA LEU E 103 -75.72 3.09 19.03
C LEU E 103 -74.33 2.50 18.82
N ASN E 104 -73.49 2.49 19.85
CA ASN E 104 -72.16 1.91 19.73
C ASN E 104 -72.23 0.40 19.51
N ASP E 105 -73.40 -0.20 19.67
CA ASP E 105 -73.58 -1.58 19.24
C ASP E 105 -73.92 -1.66 17.77
N VAL E 106 -74.79 -0.75 17.30
CA VAL E 106 -75.12 -0.66 15.88
C VAL E 106 -73.86 -0.58 15.05
N LYS E 107 -72.94 0.30 15.44
CA LYS E 107 -71.65 0.41 14.77
C LYS E 107 -70.97 -0.95 14.67
N THR E 108 -70.81 -1.62 15.81
CA THR E 108 -70.09 -2.89 15.82
C THR E 108 -70.78 -3.98 15.03
N LEU E 109 -72.01 -3.73 14.57
CA LEU E 109 -72.68 -4.70 13.71
C LEU E 109 -72.49 -4.35 12.23
N VAL E 110 -72.81 -3.11 11.85
CA VAL E 110 -72.60 -2.70 10.46
C VAL E 110 -71.14 -2.85 10.08
N GLN E 111 -70.24 -2.41 10.96
CA GLN E 111 -68.82 -2.71 10.75
C GLN E 111 -68.61 -4.20 10.54
N GLN E 112 -69.21 -5.02 11.40
CA GLN E 112 -69.06 -6.45 11.26
C GLN E 112 -69.69 -6.95 9.97
N LEU E 113 -70.86 -6.41 9.61
CA LEU E 113 -71.42 -6.71 8.30
C LEU E 113 -70.46 -6.29 7.20
N TYR E 114 -70.19 -5.00 7.09
CA TYR E 114 -69.33 -4.51 6.03
C TYR E 114 -67.99 -5.23 6.03
N THR E 115 -67.51 -5.66 7.20
CA THR E 115 -66.28 -6.43 7.23
C THR E 115 -66.42 -7.72 6.44
N THR E 116 -67.64 -8.27 6.37
CA THR E 116 -67.84 -9.51 5.62
C THR E 116 -67.79 -9.26 4.12
N LEU E 117 -68.30 -8.11 3.68
CA LEU E 117 -68.40 -7.86 2.24
C LEU E 117 -67.03 -7.67 1.61
N CYS E 118 -66.13 -6.99 2.30
CA CYS E 118 -64.84 -6.62 1.71
C CYS E 118 -63.70 -7.47 2.22
N ILE E 119 -63.96 -8.65 2.79
CA ILE E 119 -62.87 -9.45 3.34
C ILE E 119 -62.44 -10.52 2.35
N GLU E 120 -63.37 -11.37 1.90
CA GLU E 120 -63.01 -12.44 0.97
C GLU E 120 -62.27 -11.89 -0.23
N GLN E 121 -62.59 -10.67 -0.65
CA GLN E 121 -61.77 -9.98 -1.62
C GLN E 121 -60.44 -9.57 -1.01
N HIS E 122 -60.46 -9.06 0.22
CA HIS E 122 -59.24 -8.52 0.80
C HIS E 122 -58.21 -9.62 1.06
N GLN E 123 -58.66 -10.81 1.43
CA GLN E 123 -57.73 -11.91 1.64
C GLN E 123 -56.95 -12.20 0.37
N LEU E 124 -57.66 -12.57 -0.71
CA LEU E 124 -57.01 -12.90 -1.97
C LEU E 124 -56.03 -11.82 -2.39
N ASN E 125 -56.45 -10.56 -2.34
CA ASN E 125 -55.53 -9.46 -2.59
C ASN E 125 -54.32 -9.54 -1.66
N LYS E 126 -54.57 -9.68 -0.36
CA LYS E 126 -53.47 -9.83 0.58
C LYS E 126 -52.71 -11.14 0.33
N GLU E 127 -53.45 -12.21 0.02
CA GLU E 127 -52.83 -13.50 -0.20
C GLU E 127 -51.81 -13.45 -1.33
N ARG E 128 -52.27 -13.11 -2.53
CA ARG E 128 -51.36 -13.02 -3.66
C ARG E 128 -50.34 -11.89 -3.50
N GLU E 129 -50.38 -11.16 -2.39
CA GLU E 129 -49.33 -10.20 -2.09
C GLU E 129 -48.24 -10.85 -1.24
N LEU E 130 -48.63 -11.54 -0.17
CA LEU E 130 -47.66 -12.22 0.67
C LEU E 130 -46.84 -13.21 -0.14
N ILE E 131 -47.51 -14.06 -0.91
CA ILE E 131 -46.82 -15.05 -1.74
C ILE E 131 -45.80 -14.41 -2.66
N GLU E 132 -45.88 -13.09 -2.85
CA GLU E 132 -44.87 -12.40 -3.64
C GLU E 132 -43.70 -11.95 -2.75
N ARG E 133 -44.00 -11.14 -1.72
CA ARG E 133 -42.92 -10.63 -0.89
C ARG E 133 -42.19 -11.76 -0.16
N LEU E 134 -42.92 -12.80 0.25
CA LEU E 134 -42.25 -14.01 0.72
C LEU E 134 -41.25 -14.50 -0.30
N GLU E 135 -41.71 -14.68 -1.55
CA GLU E 135 -40.79 -15.04 -2.62
C GLU E 135 -39.69 -14.00 -2.77
N ASP E 136 -40.05 -12.72 -2.70
CA ASP E 136 -39.05 -11.66 -2.78
C ASP E 136 -37.98 -11.83 -1.70
N LEU E 137 -38.41 -11.97 -0.44
CA LEU E 137 -37.45 -12.23 0.63
C LEU E 137 -36.66 -13.49 0.36
N LYS E 138 -37.37 -14.60 0.13
CA LYS E 138 -36.73 -15.88 -0.19
C LYS E 138 -35.58 -15.71 -1.17
N GLU E 139 -35.80 -14.96 -2.24
CA GLU E 139 -34.73 -14.75 -3.21
C GLU E 139 -33.63 -13.88 -2.65
N GLN E 140 -34.00 -12.76 -2.03
CA GLN E 140 -33.01 -11.90 -1.39
C GLN E 140 -32.16 -12.67 -0.38
N LEU E 141 -32.66 -13.80 0.12
CA LEU E 141 -31.91 -14.61 1.07
C LEU E 141 -30.74 -15.34 0.40
N ALA E 142 -31.01 -15.98 -0.74
CA ALA E 142 -30.09 -16.89 -1.43
C ALA E 142 -28.63 -16.44 -1.43
N PRO E 143 -28.31 -15.16 -1.67
CA PRO E 143 -26.91 -14.75 -1.51
C PRO E 143 -26.41 -14.88 -0.09
N LEU E 144 -27.17 -14.38 0.88
CA LEU E 144 -26.77 -14.45 2.28
C LEU E 144 -26.67 -15.90 2.76
N GLU E 145 -27.28 -16.84 2.05
CA GLU E 145 -27.41 -18.19 2.58
C GLU E 145 -26.10 -18.96 2.49
N LYS E 146 -25.52 -19.06 1.30
CA LYS E 146 -24.28 -19.82 1.18
C LYS E 146 -23.18 -19.23 2.06
N VAL E 147 -23.08 -17.91 2.10
CA VAL E 147 -22.04 -17.26 2.90
C VAL E 147 -22.23 -17.48 4.40
N ARG E 148 -23.43 -17.86 4.84
CA ARG E 148 -23.56 -18.23 6.25
C ARG E 148 -23.23 -19.70 6.46
N ILE E 149 -23.77 -20.59 5.62
CA ILE E 149 -23.59 -22.02 5.87
C ILE E 149 -22.15 -22.45 5.71
N GLU E 150 -21.30 -21.60 5.13
CA GLU E 150 -19.86 -21.84 5.24
C GLU E 150 -19.37 -21.51 6.64
N ILE E 151 -19.87 -20.42 7.22
CA ILE E 151 -19.57 -20.13 8.63
C ILE E 151 -19.99 -21.30 9.49
N SER E 152 -21.21 -21.79 9.27
CA SER E 152 -21.66 -22.99 9.97
C SER E 152 -20.74 -24.16 9.69
N ARG E 153 -20.50 -24.45 8.41
CA ARG E 153 -19.57 -25.53 8.06
C ARG E 153 -18.22 -25.31 8.71
N LYS E 154 -17.80 -24.05 8.86
CA LYS E 154 -16.56 -23.77 9.58
C LYS E 154 -16.77 -23.90 11.08
N ALA E 155 -17.79 -23.23 11.62
CA ALA E 155 -18.04 -23.31 13.06
C ALA E 155 -18.29 -24.74 13.50
N GLU E 156 -18.95 -25.55 12.67
CA GLU E 156 -19.16 -26.94 13.02
C GLU E 156 -17.83 -27.68 13.11
N LYS E 157 -17.03 -27.62 12.05
CA LYS E 157 -15.72 -28.27 12.08
C LYS E 157 -14.91 -27.82 13.28
N ARG E 158 -14.99 -26.53 13.62
CA ARG E 158 -14.33 -26.05 14.83
C ARG E 158 -14.99 -26.62 16.08
N THR E 159 -16.28 -26.92 16.03
CA THR E 159 -16.96 -27.50 17.19
C THR E 159 -16.93 -29.02 17.17
N THR E 160 -17.24 -29.65 16.03
CA THR E 160 -17.11 -31.09 15.97
C THR E 160 -15.67 -31.54 16.10
N LEU E 161 -14.73 -30.61 16.17
CA LEU E 161 -13.38 -30.95 16.60
C LEU E 161 -13.33 -31.16 18.10
N VAL E 162 -13.70 -30.13 18.87
CA VAL E 162 -13.59 -30.19 20.32
C VAL E 162 -14.44 -31.32 20.88
N LEU E 163 -15.60 -31.59 20.27
CA LEU E 163 -16.42 -32.71 20.73
C LEU E 163 -15.70 -34.03 20.59
N TRP E 164 -14.72 -34.11 19.70
CA TRP E 164 -13.80 -35.23 19.70
C TRP E 164 -12.63 -34.98 20.64
N GLY E 165 -12.22 -33.72 20.75
CA GLY E 165 -11.12 -33.39 21.65
C GLY E 165 -11.40 -33.80 23.08
N GLY E 166 -12.60 -33.46 23.58
CA GLY E 166 -12.98 -33.93 24.90
C GLY E 166 -12.88 -35.43 25.04
N LEU E 167 -13.13 -36.17 23.97
CA LEU E 167 -12.96 -37.61 24.01
C LEU E 167 -11.48 -37.98 24.14
N ALA E 168 -10.62 -37.27 23.42
CA ALA E 168 -9.19 -37.47 23.61
C ALA E 168 -8.80 -37.19 25.05
N TYR E 169 -9.17 -36.02 25.57
CA TYR E 169 -8.96 -35.73 26.97
C TYR E 169 -9.50 -36.85 27.85
N MET E 170 -10.65 -37.40 27.50
CA MET E 170 -11.21 -38.51 28.26
C MET E 170 -10.51 -39.83 27.94
N ALA E 171 -9.74 -39.88 26.86
CA ALA E 171 -9.04 -41.11 26.50
C ALA E 171 -7.72 -41.22 27.27
N THR E 172 -6.85 -40.22 27.10
CA THR E 172 -5.59 -40.23 27.85
C THR E 172 -5.86 -40.28 29.35
N GLN E 173 -6.90 -39.59 29.82
CA GLN E 173 -7.27 -39.66 31.22
C GLN E 173 -7.51 -41.07 31.69
N PHE E 174 -7.71 -42.02 30.77
CA PHE E 174 -7.87 -43.42 31.11
C PHE E 174 -6.60 -44.22 30.88
N GLY E 175 -5.67 -43.68 30.10
CA GLY E 175 -4.38 -44.33 29.92
C GLY E 175 -3.38 -43.89 30.96
N ILE E 176 -3.21 -42.57 31.12
CA ILE E 176 -2.20 -42.05 32.03
C ILE E 176 -2.58 -42.39 33.46
N LEU E 177 -3.76 -42.97 33.63
CA LEU E 177 -4.14 -43.57 34.90
C LEU E 177 -4.20 -45.09 34.84
N ALA E 178 -3.92 -45.69 33.69
CA ALA E 178 -3.86 -47.14 33.62
C ALA E 178 -2.41 -47.63 33.77
N ARG E 179 -1.52 -47.18 32.88
CA ARG E 179 -0.12 -47.54 33.01
C ARG E 179 0.44 -47.07 34.34
N LEU E 180 0.04 -45.91 34.78
CA LEU E 180 0.50 -45.37 36.04
C LEU E 180 -0.07 -46.09 37.24
N THR E 181 -0.78 -47.22 37.08
CA THR E 181 -1.27 -47.94 38.24
C THR E 181 -1.12 -49.46 38.18
N TRP E 182 -0.67 -50.02 37.07
CA TRP E 182 -0.41 -51.45 37.02
C TRP E 182 1.06 -51.77 36.79
N TRP E 183 1.64 -51.30 35.69
CA TRP E 183 3.07 -51.46 35.50
C TRP E 183 3.84 -50.51 36.42
N GLU E 184 3.43 -49.25 36.44
CA GLU E 184 4.02 -48.22 37.28
C GLU E 184 3.49 -48.33 38.70
N TYR E 185 3.54 -47.24 39.44
CA TYR E 185 3.63 -47.23 40.90
C TYR E 185 2.79 -48.27 41.60
N SER E 186 1.47 -48.08 41.60
CA SER E 186 0.60 -48.90 42.43
C SER E 186 -0.86 -48.53 42.21
N TRP E 187 -1.76 -49.22 42.91
CA TRP E 187 -3.09 -48.68 43.08
C TRP E 187 -3.17 -47.75 44.27
N ASP E 188 -2.64 -48.19 45.40
CA ASP E 188 -2.92 -47.53 46.68
C ASP E 188 -2.30 -46.15 46.78
N ILE E 189 -1.57 -45.68 45.77
CA ILE E 189 -1.14 -44.29 45.72
C ILE E 189 -1.70 -43.56 44.53
N MET E 190 -2.50 -44.22 43.70
CA MET E 190 -3.29 -43.54 42.68
C MET E 190 -4.72 -43.26 43.13
N GLU E 191 -5.33 -44.17 43.89
CA GLU E 191 -6.68 -43.93 44.38
C GLU E 191 -6.86 -42.55 44.99
N PRO E 192 -6.02 -42.09 45.92
CA PRO E 192 -6.20 -40.73 46.45
C PRO E 192 -5.98 -39.65 45.41
N VAL E 193 -5.69 -40.01 44.16
CA VAL E 193 -5.82 -39.09 43.04
C VAL E 193 -6.99 -39.49 42.15
N THR E 194 -7.19 -40.79 41.99
CA THR E 194 -8.40 -41.30 41.35
C THR E 194 -9.64 -40.60 41.88
N TYR E 195 -9.79 -40.54 43.20
CA TYR E 195 -10.94 -39.87 43.77
C TYR E 195 -10.87 -38.37 43.54
N PHE E 196 -9.73 -37.74 43.85
CA PHE E 196 -9.61 -36.30 43.70
C PHE E 196 -9.78 -35.82 42.26
N ILE E 197 -9.80 -36.72 41.28
CA ILE E 197 -9.98 -36.25 39.92
C ILE E 197 -11.45 -36.23 39.53
N THR E 198 -12.25 -37.18 40.03
CA THR E 198 -13.68 -37.09 39.83
C THR E 198 -14.24 -35.87 40.55
N TYR E 199 -14.01 -35.79 41.85
CA TYR E 199 -14.37 -34.58 42.59
C TYR E 199 -13.72 -33.35 41.99
N GLY E 200 -12.60 -33.50 41.31
CA GLY E 200 -12.06 -32.39 40.54
C GLY E 200 -13.00 -31.96 39.44
N SER E 201 -13.58 -32.92 38.72
CA SER E 201 -14.56 -32.59 37.69
C SER E 201 -15.76 -31.89 38.31
N ALA E 202 -16.37 -32.50 39.33
CA ALA E 202 -17.62 -32.02 39.88
C ALA E 202 -17.59 -30.54 40.17
N MET E 203 -16.44 -29.99 40.52
CA MET E 203 -16.34 -28.53 40.62
C MET E 203 -16.44 -27.89 39.26
N ALA E 204 -15.68 -28.39 38.28
CA ALA E 204 -15.68 -27.80 36.94
C ALA E 204 -17.10 -27.70 36.40
N MET E 205 -17.85 -28.80 36.45
CA MET E 205 -19.26 -28.76 36.07
C MET E 205 -19.97 -27.64 36.80
N TYR E 206 -19.93 -27.66 38.13
CA TYR E 206 -20.53 -26.58 38.90
C TYR E 206 -19.92 -25.24 38.51
N ALA E 207 -18.61 -25.20 38.33
CA ALA E 207 -17.98 -23.95 37.89
C ALA E 207 -18.52 -23.54 36.52
N TYR E 208 -18.71 -24.51 35.63
CA TYR E 208 -19.34 -24.22 34.34
C TYR E 208 -20.71 -23.62 34.54
N PHE E 209 -21.50 -24.20 35.44
CA PHE E 209 -22.84 -23.68 35.68
C PHE E 209 -22.80 -22.28 36.27
N VAL E 210 -21.74 -21.96 37.02
CA VAL E 210 -21.61 -20.60 37.52
C VAL E 210 -21.02 -19.70 36.44
N MET E 211 -20.04 -20.21 35.68
CA MET E 211 -19.53 -19.48 34.54
C MET E 211 -20.67 -19.06 33.61
N THR E 212 -21.44 -20.03 33.15
CA THR E 212 -22.62 -19.76 32.33
C THR E 212 -23.76 -20.62 32.84
N ARG E 213 -24.98 -20.07 32.79
CA ARG E 213 -26.11 -20.68 33.48
C ARG E 213 -26.64 -21.86 32.67
N GLN E 214 -25.96 -22.99 32.80
CA GLN E 214 -26.42 -24.27 32.27
C GLN E 214 -25.87 -25.37 33.16
N GLU E 215 -26.64 -26.43 33.34
CA GLU E 215 -26.18 -27.50 34.20
C GLU E 215 -25.13 -28.38 33.53
N TYR E 216 -24.60 -27.96 32.39
CA TYR E 216 -23.56 -28.69 31.67
C TYR E 216 -24.02 -30.10 31.29
N VAL E 217 -24.99 -30.13 30.38
CA VAL E 217 -25.34 -31.35 29.67
C VAL E 217 -24.83 -31.21 28.25
N TYR E 218 -24.18 -32.26 27.76
CA TYR E 218 -23.47 -32.22 26.48
C TYR E 218 -24.32 -31.68 25.33
N PRO E 219 -25.47 -32.29 25.00
CA PRO E 219 -26.20 -31.83 23.83
C PRO E 219 -26.59 -30.37 23.89
N GLU E 220 -26.64 -29.79 25.09
CA GLU E 220 -26.77 -28.36 25.21
C GLU E 220 -25.40 -27.68 25.16
N ALA E 221 -24.49 -28.12 26.02
CA ALA E 221 -23.19 -27.46 26.14
C ALA E 221 -22.47 -27.40 24.79
N ARG E 222 -22.67 -28.39 23.93
CA ARG E 222 -22.13 -28.32 22.58
C ARG E 222 -22.69 -27.11 21.85
N ASP E 223 -24.03 -26.98 21.84
CA ASP E 223 -24.66 -25.96 21.03
C ASP E 223 -24.25 -24.56 21.47
N ARG E 224 -24.10 -24.34 22.78
CA ARG E 224 -23.59 -23.06 23.23
C ARG E 224 -22.18 -22.82 22.72
N GLN E 225 -21.32 -23.83 22.83
CA GLN E 225 -19.96 -23.69 22.31
C GLN E 225 -19.99 -23.48 20.79
N TYR E 226 -20.75 -24.32 20.09
CA TYR E 226 -20.99 -24.12 18.67
C TYR E 226 -21.38 -22.68 18.38
N LEU E 227 -22.28 -22.13 19.17
CA LEU E 227 -22.79 -20.79 18.89
C LEU E 227 -21.71 -19.73 19.03
N LEU E 228 -20.76 -19.93 19.95
CA LEU E 228 -19.62 -19.02 20.03
C LEU E 228 -18.78 -19.09 18.77
N PHE E 229 -18.36 -20.29 18.38
CA PHE E 229 -17.57 -20.45 17.18
C PHE E 229 -18.25 -19.88 15.96
N PHE E 230 -19.58 -19.84 15.97
CA PHE E 230 -20.31 -19.23 14.86
C PHE E 230 -20.12 -17.72 14.85
N HIS E 231 -20.55 -17.06 15.93
CA HIS E 231 -20.44 -15.60 15.99
C HIS E 231 -18.99 -15.15 15.82
N LYS E 232 -18.07 -15.75 16.57
CA LYS E 232 -16.66 -15.43 16.39
C LYS E 232 -16.20 -15.79 14.99
N GLY E 233 -16.77 -16.84 14.40
CA GLY E 233 -16.43 -17.19 13.04
C GLY E 233 -17.03 -16.24 12.03
N ALA E 234 -18.25 -15.78 12.28
CA ALA E 234 -18.92 -14.87 11.35
C ALA E 234 -18.41 -13.44 11.51
N LYS E 235 -18.40 -12.94 12.75
CA LYS E 235 -17.91 -11.58 13.00
C LYS E 235 -16.50 -11.40 12.47
N LYS E 236 -15.66 -12.44 12.53
CA LYS E 236 -14.36 -12.36 11.90
C LYS E 236 -14.48 -12.28 10.39
N SER E 237 -15.29 -13.15 9.80
CA SER E 237 -15.47 -13.16 8.34
C SER E 237 -16.27 -11.97 7.84
N ARG E 238 -16.67 -11.05 8.72
CA ARG E 238 -17.33 -9.79 8.40
C ARG E 238 -18.73 -10.01 7.86
N PHE E 239 -19.13 -11.25 7.61
CA PHE E 239 -20.47 -11.54 7.12
C PHE E 239 -21.52 -11.10 8.14
N ASP E 240 -22.54 -10.39 7.67
CA ASP E 240 -23.58 -9.92 8.56
C ASP E 240 -24.39 -11.07 9.11
N LEU E 241 -24.87 -10.90 10.31
CA LEU E 241 -25.75 -11.91 10.92
C LEU E 241 -27.06 -11.31 11.39
N GLU E 242 -27.04 -10.09 11.92
CA GLU E 242 -28.28 -9.46 12.37
C GLU E 242 -29.28 -9.36 11.24
N LYS E 243 -28.89 -8.73 10.14
CA LYS E 243 -29.81 -8.58 9.01
C LYS E 243 -30.22 -9.93 8.43
N TYR E 244 -29.36 -10.95 8.54
CA TYR E 244 -29.74 -12.27 8.06
C TYR E 244 -30.93 -12.80 8.84
N ASN E 245 -30.83 -12.84 10.16
CA ASN E 245 -31.92 -13.42 10.95
C ASN E 245 -33.19 -12.58 10.80
N GLN E 246 -33.05 -11.26 10.80
CA GLN E 246 -34.20 -10.40 10.57
C GLN E 246 -34.89 -10.75 9.26
N LEU E 247 -34.12 -11.00 8.22
CA LEU E 247 -34.67 -11.61 7.01
C LEU E 247 -35.37 -12.91 7.33
N LYS E 248 -34.64 -13.85 7.94
CA LYS E 248 -35.21 -15.16 8.24
C LYS E 248 -36.43 -15.04 9.14
N ASP E 249 -36.51 -14.01 9.97
CA ASP E 249 -37.74 -13.74 10.71
C ASP E 249 -38.85 -13.34 9.75
N ALA E 250 -38.59 -12.33 8.91
CA ALA E 250 -39.61 -11.83 8.00
C ALA E 250 -40.16 -12.92 7.11
N ILE E 251 -39.37 -13.94 6.79
CA ILE E 251 -39.89 -15.04 6.00
C ILE E 251 -40.93 -15.82 6.79
N ALA E 252 -40.50 -16.39 7.92
CA ALA E 252 -41.41 -17.24 8.69
C ALA E 252 -42.64 -16.47 9.15
N GLN E 253 -42.42 -15.25 9.66
CA GLN E 253 -43.55 -14.43 10.07
C GLN E 253 -44.53 -14.24 8.92
N ALA E 254 -44.01 -13.84 7.75
CA ALA E 254 -44.88 -13.75 6.58
C ALA E 254 -45.40 -15.12 6.18
N GLU E 255 -44.55 -16.14 6.25
CA GLU E 255 -44.97 -17.49 5.89
C GLU E 255 -46.13 -17.95 6.77
N MET E 256 -45.94 -17.87 8.09
CA MET E 256 -46.98 -18.35 9.00
C MET E 256 -48.31 -17.63 8.77
N ASP E 257 -48.27 -16.35 8.41
CA ASP E 257 -49.49 -15.66 8.04
C ASP E 257 -50.16 -16.33 6.84
N LEU E 258 -49.39 -16.55 5.78
CA LEU E 258 -49.92 -17.30 4.65
C LEU E 258 -50.52 -18.63 5.09
N LYS E 259 -49.97 -19.24 6.12
CA LYS E 259 -50.55 -20.48 6.62
C LYS E 259 -51.92 -20.24 7.24
N ARG E 260 -52.10 -19.10 7.90
CA ARG E 260 -53.40 -18.80 8.47
C ARG E 260 -54.46 -18.62 7.40
N LEU E 261 -54.06 -18.18 6.20
CA LEU E 261 -55.01 -17.97 5.12
C LEU E 261 -55.55 -19.26 4.55
N ARG E 262 -54.96 -20.41 4.90
CA ARG E 262 -55.47 -21.68 4.39
C ARG E 262 -56.90 -21.93 4.84
N ASP E 263 -57.29 -21.38 5.99
CA ASP E 263 -58.64 -21.63 6.50
C ASP E 263 -59.70 -20.86 5.71
N PRO E 264 -59.63 -19.54 5.55
CA PRO E 264 -60.72 -18.84 4.87
C PRO E 264 -60.78 -19.07 3.38
N LEU E 265 -59.68 -19.47 2.74
CA LEU E 265 -59.67 -19.62 1.30
C LEU E 265 -59.98 -21.06 0.88
N GLN E 266 -59.12 -22.01 1.27
CA GLN E 266 -59.31 -23.38 0.84
C GLN E 266 -60.48 -24.04 1.54
N VAL E 267 -60.92 -23.50 2.69
CA VAL E 267 -61.93 -24.14 3.51
C VAL E 267 -63.11 -23.24 3.81
N HIS E 268 -62.97 -21.92 3.61
CA HIS E 268 -64.02 -20.95 3.93
C HIS E 268 -64.39 -20.99 5.40
N LEU E 269 -63.45 -21.31 6.24
CA LEU E 269 -63.66 -21.30 7.67
C LEU E 269 -63.08 -20.02 8.28
N PRO E 270 -63.72 -19.50 9.32
CA PRO E 270 -63.25 -18.25 9.93
C PRO E 270 -61.78 -18.31 10.30
N LEU E 271 -61.13 -17.15 10.15
CA LEU E 271 -59.69 -17.07 10.34
C LEU E 271 -59.34 -17.10 11.82
N ARG E 272 -58.35 -17.91 12.18
CA ARG E 272 -57.85 -17.94 13.55
C ARG E 272 -56.70 -16.97 13.70
N GLN E 273 -56.46 -16.54 14.94
CA GLN E 273 -55.49 -15.49 15.17
C GLN E 273 -54.88 -15.55 16.58
N VAL F 1 -40.02 -38.14 21.94
CA VAL F 1 -41.20 -38.97 21.74
C VAL F 1 -41.06 -39.68 20.40
N ILE F 2 -41.65 -40.88 20.30
CA ILE F 2 -41.51 -41.67 19.08
C ILE F 2 -42.37 -41.11 17.97
N VAL F 3 -43.62 -40.80 18.26
CA VAL F 3 -44.56 -40.30 17.27
C VAL F 3 -44.89 -38.85 17.59
N THR F 4 -45.18 -38.09 16.54
CA THR F 4 -45.63 -36.73 16.76
C THR F 4 -47.08 -36.73 17.26
N ARG F 5 -47.54 -35.56 17.67
CA ARG F 5 -48.89 -35.45 18.21
C ARG F 5 -49.94 -35.70 17.12
N SER F 6 -49.62 -35.39 15.87
CA SER F 6 -50.56 -35.62 14.78
C SER F 6 -50.85 -37.10 14.57
N GLY F 7 -49.96 -37.97 15.04
CA GLY F 7 -50.07 -39.40 14.79
C GLY F 7 -49.05 -39.91 13.79
N ALA F 8 -48.30 -39.02 13.14
CA ALA F 8 -47.25 -39.45 12.24
C ALA F 8 -46.10 -40.06 13.04
N ILE F 9 -45.06 -40.48 12.33
CA ILE F 9 -43.91 -41.13 12.94
C ILE F 9 -42.67 -40.30 12.66
N LEU F 10 -41.94 -39.98 13.70
CA LEU F 10 -40.75 -39.15 13.57
C LEU F 10 -39.79 -39.75 12.55
N PRO F 11 -38.97 -38.92 11.90
CA PRO F 11 -38.11 -39.44 10.84
C PRO F 11 -37.03 -40.37 11.35
N LYS F 12 -36.24 -40.91 10.43
CA LYS F 12 -35.16 -41.79 10.84
C LYS F 12 -34.06 -40.97 11.49
N PRO F 13 -33.62 -41.32 12.70
CA PRO F 13 -32.49 -40.62 13.29
C PRO F 13 -31.22 -40.92 12.51
N VAL F 14 -30.27 -40.00 12.60
CA VAL F 14 -29.09 -40.01 11.74
C VAL F 14 -27.88 -40.41 12.57
N LYS F 15 -27.27 -41.53 12.22
CA LYS F 15 -26.00 -41.94 12.77
C LYS F 15 -24.91 -41.16 12.04
N MET F 16 -23.64 -41.55 12.19
CA MET F 16 -22.58 -40.86 11.46
C MET F 16 -21.61 -41.87 10.86
N SER F 17 -21.92 -42.34 9.65
CA SER F 17 -20.99 -42.99 8.74
C SER F 17 -20.07 -43.98 9.45
N PHE F 18 -20.69 -45.00 10.05
CA PHE F 18 -19.94 -46.03 10.79
C PHE F 18 -19.05 -45.40 11.85
N GLY F 19 -19.55 -44.35 12.49
CA GLY F 19 -18.74 -43.65 13.49
C GLY F 19 -18.21 -44.55 14.57
N LEU F 20 -18.91 -45.66 14.86
CA LEU F 20 -18.43 -46.60 15.85
C LEU F 20 -16.99 -46.99 15.60
N LEU F 21 -16.63 -47.23 14.33
CA LEU F 21 -15.24 -47.48 14.01
C LEU F 21 -14.43 -46.19 13.99
N ARG F 22 -15.09 -45.06 13.71
CA ARG F 22 -14.40 -43.77 13.77
C ARG F 22 -13.97 -43.47 15.20
N VAL F 23 -14.89 -43.55 16.15
CA VAL F 23 -14.55 -43.31 17.55
C VAL F 23 -13.57 -44.37 18.04
N PHE F 24 -13.79 -45.64 17.66
CA PHE F 24 -12.97 -46.73 18.18
C PHE F 24 -11.50 -46.53 17.82
N SER F 25 -11.21 -45.76 16.78
CA SER F 25 -9.85 -45.46 16.39
C SER F 25 -9.48 -44.01 16.67
N ILE F 26 -10.15 -43.37 17.63
CA ILE F 26 -9.76 -42.07 18.14
C ILE F 26 -9.60 -42.22 19.64
N VAL F 27 -10.28 -43.22 20.20
CA VAL F 27 -10.05 -43.56 21.61
C VAL F 27 -8.72 -44.28 21.77
N ILE F 28 -8.51 -45.39 21.03
CA ILE F 28 -7.31 -46.20 21.23
C ILE F 28 -6.02 -45.44 20.91
N PRO F 29 -5.88 -44.79 19.75
CA PRO F 29 -4.64 -44.03 19.51
C PRO F 29 -4.39 -42.94 20.53
N PHE F 30 -5.43 -42.38 21.13
CA PHE F 30 -5.23 -41.50 22.28
C PHE F 30 -5.24 -42.26 23.59
N LEU F 31 -5.59 -43.54 23.58
CA LEU F 31 -5.43 -44.36 24.77
C LEU F 31 -4.00 -44.88 24.87
N TYR F 32 -3.41 -45.26 23.74
CA TYR F 32 -2.03 -45.72 23.75
C TYR F 32 -1.09 -44.60 24.22
N VAL F 33 -1.32 -43.38 23.75
CA VAL F 33 -0.57 -42.24 24.27
C VAL F 33 -0.73 -42.13 25.78
N GLY F 34 -1.87 -42.58 26.30
CA GLY F 34 -2.06 -42.58 27.74
C GLY F 34 -1.00 -43.40 28.46
N THR F 35 -0.67 -44.57 27.94
CA THR F 35 0.38 -45.36 28.55
C THR F 35 1.73 -44.63 28.46
N LEU F 36 2.04 -44.07 27.30
CA LEU F 36 3.36 -43.47 27.09
C LEU F 36 3.57 -42.29 28.03
N ILE F 37 2.78 -41.22 27.87
CA ILE F 37 3.03 -40.01 28.62
C ILE F 37 2.86 -40.22 30.12
N SER F 38 2.35 -41.38 30.54
CA SER F 38 2.41 -41.74 31.95
C SER F 38 3.77 -42.35 32.29
N LYS F 39 4.10 -43.48 31.67
CA LYS F 39 5.36 -44.16 31.95
C LYS F 39 6.54 -43.24 31.73
N ASN F 40 6.56 -42.54 30.60
CA ASN F 40 7.63 -41.58 30.34
C ASN F 40 7.72 -40.53 31.44
N PHE F 41 6.57 -40.07 31.94
CA PHE F 41 6.59 -39.02 32.95
C PHE F 41 7.05 -39.54 34.30
N ALA F 42 6.56 -40.72 34.69
CA ALA F 42 6.97 -41.28 35.98
C ALA F 42 8.46 -41.58 35.99
N ALA F 43 8.95 -42.21 34.92
CA ALA F 43 10.39 -42.41 34.78
C ALA F 43 11.12 -41.07 34.80
N LEU F 44 10.49 -40.02 34.27
CA LEU F 44 11.09 -38.69 34.36
C LEU F 44 11.16 -38.21 35.80
N LEU F 45 10.36 -38.77 36.70
CA LEU F 45 10.47 -38.41 38.10
C LEU F 45 11.56 -39.20 38.82
N GLU F 46 12.08 -40.25 38.20
CA GLU F 46 13.28 -40.90 38.71
C GLU F 46 14.51 -40.02 38.50
N GLU F 47 14.52 -39.22 37.42
CA GLU F 47 15.64 -38.33 37.18
C GLU F 47 15.85 -37.35 38.33
N HIS F 48 14.80 -37.08 39.10
CA HIS F 48 14.90 -36.09 40.15
C HIS F 48 14.39 -36.65 41.47
N ASP F 49 14.31 -35.78 42.47
CA ASP F 49 13.89 -36.17 43.82
C ASP F 49 12.46 -35.78 44.12
N ILE F 50 11.62 -35.59 43.10
CA ILE F 50 10.25 -35.16 43.36
C ILE F 50 9.40 -36.33 43.86
N PHE F 51 9.61 -37.52 43.32
CA PHE F 51 8.83 -38.67 43.76
C PHE F 51 9.56 -39.95 43.34
N VAL F 52 9.17 -41.05 43.98
CA VAL F 52 9.69 -42.38 43.69
C VAL F 52 8.72 -43.39 44.30
N PRO F 53 8.44 -44.51 43.63
CA PRO F 53 7.58 -45.57 44.16
C PRO F 53 7.96 -46.01 45.57
N ASP G 1 -61.06 -14.08 -35.84
CA ASP G 1 -61.95 -13.75 -34.72
C ASP G 1 -61.25 -14.02 -33.40
N VAL G 2 -61.76 -13.42 -32.33
CA VAL G 2 -61.22 -13.62 -31.00
C VAL G 2 -62.32 -14.18 -30.12
N THR G 3 -61.91 -14.90 -29.08
CA THR G 3 -62.85 -15.42 -28.11
C THR G 3 -62.10 -15.75 -26.83
N VAL G 4 -62.84 -15.79 -25.74
CA VAL G 4 -62.29 -16.15 -24.43
C VAL G 4 -62.94 -17.45 -23.98
N VAL G 5 -62.11 -18.40 -23.58
CA VAL G 5 -62.57 -19.65 -23.00
C VAL G 5 -61.88 -19.83 -21.66
N TYR G 6 -62.58 -20.46 -20.73
CA TYR G 6 -62.04 -20.62 -19.39
C TYR G 6 -61.13 -21.82 -19.32
N GLN G 7 -60.06 -21.70 -18.54
CA GLN G 7 -59.13 -22.79 -18.32
C GLN G 7 -58.64 -22.69 -16.88
N ASN G 8 -58.65 -23.81 -16.18
CA ASN G 8 -58.33 -23.90 -14.75
C ASN G 8 -59.25 -23.04 -13.90
N GLY G 9 -60.33 -22.53 -14.47
CA GLY G 9 -61.12 -21.52 -13.81
C GLY G 9 -60.67 -20.10 -14.06
N LEU G 10 -59.74 -19.89 -14.99
CA LEU G 10 -59.26 -18.58 -15.38
C LEU G 10 -59.69 -18.29 -16.81
N PRO G 11 -59.84 -17.01 -17.17
CA PRO G 11 -60.22 -16.68 -18.54
C PRO G 11 -59.00 -16.54 -19.43
N VAL G 12 -59.00 -17.23 -20.57
CA VAL G 12 -57.93 -17.14 -21.54
C VAL G 12 -58.50 -16.46 -22.77
N ILE G 13 -58.06 -15.24 -23.04
CA ILE G 13 -58.52 -14.47 -24.18
C ILE G 13 -57.64 -14.81 -25.37
N SER G 14 -58.26 -15.38 -26.41
CA SER G 14 -57.54 -15.83 -27.59
C SER G 14 -57.65 -14.75 -28.66
N VAL G 15 -56.85 -13.71 -28.49
CA VAL G 15 -56.91 -12.56 -29.38
C VAL G 15 -56.11 -12.85 -30.64
N ARG G 16 -56.39 -12.12 -31.71
CA ARG G 16 -55.60 -12.15 -32.94
C ARG G 16 -54.87 -10.82 -33.06
N LEU G 17 -53.61 -10.88 -33.27
CA LEU G 17 -52.98 -9.58 -33.27
C LEU G 17 -52.80 -9.05 -34.68
N PRO G 18 -52.86 -7.73 -34.86
CA PRO G 18 -52.81 -7.17 -36.22
C PRO G 18 -51.45 -7.32 -36.90
N SER G 19 -50.37 -6.91 -36.23
CA SER G 19 -49.06 -6.94 -36.86
C SER G 19 -48.65 -8.36 -37.19
N ARG G 20 -48.47 -9.18 -36.16
CA ARG G 20 -48.17 -10.59 -36.36
C ARG G 20 -49.49 -11.34 -36.33
N ARG G 21 -50.08 -11.53 -37.50
CA ARG G 21 -51.41 -12.14 -37.53
C ARG G 21 -51.30 -13.60 -37.14
N GLU G 22 -51.45 -13.86 -35.85
CA GLU G 22 -51.22 -15.16 -35.26
C GLU G 22 -51.84 -15.14 -33.88
N ARG G 23 -52.70 -16.13 -33.59
CA ARG G 23 -53.57 -16.04 -32.42
C ARG G 23 -52.73 -16.11 -31.16
N CYS G 24 -52.48 -14.96 -30.56
CA CYS G 24 -51.86 -14.90 -29.25
C CYS G 24 -52.94 -14.92 -28.19
N GLN G 25 -52.66 -15.60 -27.07
CA GLN G 25 -53.64 -15.74 -26.02
C GLN G 25 -53.13 -15.10 -24.74
N PHE G 26 -54.07 -14.55 -23.96
CA PHE G 26 -53.77 -13.85 -22.73
C PHE G 26 -54.49 -14.50 -21.57
N THR G 27 -53.78 -14.64 -20.46
CA THR G 27 -54.38 -15.04 -19.20
C THR G 27 -54.41 -13.84 -18.27
N LEU G 28 -55.39 -13.83 -17.37
CA LEU G 28 -55.58 -12.67 -16.52
C LEU G 28 -56.47 -13.02 -15.33
N LYS G 29 -55.98 -12.74 -14.14
CA LYS G 29 -56.69 -13.13 -12.93
C LYS G 29 -57.92 -12.26 -12.75
N PRO G 30 -59.12 -12.83 -12.76
CA PRO G 30 -60.33 -12.00 -12.80
C PRO G 30 -60.55 -11.15 -11.57
N ILE G 31 -59.61 -11.17 -10.63
CA ILE G 31 -59.69 -10.36 -9.42
C ILE G 31 -58.60 -9.30 -9.38
N SER G 32 -57.34 -9.72 -9.38
CA SER G 32 -56.25 -8.76 -9.24
C SER G 32 -56.11 -7.90 -10.49
N ASP G 33 -56.29 -8.49 -11.66
CA ASP G 33 -56.07 -7.77 -12.91
C ASP G 33 -57.31 -6.98 -13.30
N SER G 34 -57.08 -5.87 -13.98
CA SER G 34 -58.14 -5.02 -14.49
C SER G 34 -57.84 -4.68 -15.95
N VAL G 35 -58.88 -4.28 -16.67
CA VAL G 35 -58.71 -3.95 -18.10
C VAL G 35 -57.54 -3.00 -18.27
N GLY G 36 -57.40 -2.03 -17.37
CA GLY G 36 -56.25 -1.15 -17.39
C GLY G 36 -54.91 -1.86 -17.41
N VAL G 37 -54.88 -3.15 -17.10
CA VAL G 37 -53.67 -3.96 -17.19
C VAL G 37 -53.70 -4.86 -18.40
N PHE G 38 -54.76 -5.66 -18.54
CA PHE G 38 -54.87 -6.55 -19.69
C PHE G 38 -54.74 -5.76 -20.98
N LEU G 39 -55.53 -4.70 -21.13
CA LEU G 39 -55.42 -3.85 -22.31
C LEU G 39 -53.98 -3.40 -22.50
N ARG G 40 -53.43 -2.74 -21.49
CA ARG G 40 -52.04 -2.32 -21.54
C ARG G 40 -51.09 -3.49 -21.73
N GLN G 41 -51.47 -4.69 -21.30
CA GLN G 41 -50.65 -5.87 -21.59
C GLN G 41 -50.70 -6.18 -23.07
N LEU G 42 -51.90 -6.33 -23.61
CA LEU G 42 -52.07 -6.43 -25.06
C LEU G 42 -51.43 -5.26 -25.78
N GLN G 43 -51.40 -4.09 -25.14
CA GLN G 43 -50.77 -2.92 -25.74
C GLN G 43 -49.29 -3.14 -25.95
N GLU G 44 -48.66 -3.93 -25.09
CA GLU G 44 -47.22 -4.14 -25.17
C GLU G 44 -46.86 -5.44 -25.86
N GLU G 45 -47.77 -6.41 -25.88
CA GLU G 45 -47.54 -7.63 -26.63
C GLU G 45 -47.15 -7.33 -28.07
N ASP G 46 -48.00 -6.56 -28.76
CA ASP G 46 -47.72 -6.10 -30.10
C ASP G 46 -47.26 -4.64 -30.03
N ARG G 47 -46.90 -4.09 -31.19
CA ARG G 47 -46.50 -2.69 -31.28
C ARG G 47 -47.44 -1.89 -32.16
N GLY G 48 -47.75 -2.40 -33.35
CA GLY G 48 -48.63 -1.72 -34.28
C GLY G 48 -49.96 -1.37 -33.65
N ILE G 49 -50.32 -2.11 -32.61
CA ILE G 49 -51.44 -1.72 -31.78
C ILE G 49 -51.15 -0.35 -31.21
N ASP G 50 -51.96 0.63 -31.57
CA ASP G 50 -51.74 2.01 -31.15
C ASP G 50 -52.82 2.56 -30.25
N ARG G 51 -54.07 2.14 -30.45
CA ARG G 51 -55.20 2.68 -29.70
C ARG G 51 -56.24 1.58 -29.56
N VAL G 52 -56.30 0.99 -28.37
CA VAL G 52 -57.27 -0.05 -28.06
C VAL G 52 -58.16 0.44 -26.94
N ALA G 53 -59.44 0.08 -27.02
CA ALA G 53 -60.41 0.57 -26.05
C ALA G 53 -61.57 -0.41 -26.00
N ILE G 54 -61.78 -1.01 -24.85
CA ILE G 54 -62.77 -2.07 -24.71
C ILE G 54 -64.15 -1.44 -24.54
N TYR G 55 -65.11 -1.91 -25.31
CA TYR G 55 -66.42 -1.27 -25.40
C TYR G 55 -67.51 -2.16 -24.85
N SER G 56 -68.46 -1.53 -24.13
CA SER G 56 -69.68 -2.20 -23.74
C SER G 56 -70.48 -2.61 -24.98
N PRO G 57 -71.47 -3.51 -24.83
CA PRO G 57 -72.27 -3.90 -26.00
C PRO G 57 -72.79 -2.76 -26.83
N ASP G 58 -72.88 -1.55 -26.28
CA ASP G 58 -73.25 -0.36 -27.03
C ASP G 58 -72.12 0.66 -26.95
N GLY G 59 -72.38 1.86 -27.47
CA GLY G 59 -71.37 2.89 -27.60
C GLY G 59 -70.54 3.17 -26.35
N VAL G 60 -71.09 2.89 -25.17
CA VAL G 60 -70.37 3.12 -23.93
C VAL G 60 -69.08 2.31 -23.93
N ARG G 61 -67.99 2.94 -23.53
CA ARG G 61 -66.73 2.24 -23.37
C ARG G 61 -66.44 2.05 -21.89
N VAL G 62 -65.75 0.96 -21.58
CA VAL G 62 -65.39 0.67 -20.20
C VAL G 62 -64.19 1.51 -19.83
N ALA G 63 -63.96 1.63 -18.52
CA ALA G 63 -62.90 2.48 -18.00
C ALA G 63 -61.56 1.77 -18.13
N ALA G 64 -60.55 2.34 -17.49
CA ALA G 64 -59.27 1.67 -17.34
C ALA G 64 -59.12 1.07 -15.95
N SER G 65 -60.22 0.89 -15.23
CA SER G 65 -60.17 0.35 -13.88
C SER G 65 -61.17 -0.76 -13.61
N THR G 66 -62.18 -0.93 -14.46
CA THR G 66 -63.17 -1.97 -14.24
C THR G 66 -62.49 -3.33 -14.12
N GLY G 67 -62.84 -4.08 -13.08
CA GLY G 67 -62.30 -5.42 -12.92
C GLY G 67 -62.79 -6.36 -14.00
N ILE G 68 -61.94 -7.32 -14.34
CA ILE G 68 -62.22 -8.18 -15.49
C ILE G 68 -63.54 -8.91 -15.32
N ASP G 69 -63.75 -9.52 -14.15
CA ASP G 69 -64.99 -10.25 -13.92
C ASP G 69 -66.19 -9.32 -14.04
N LEU G 70 -66.07 -8.09 -13.55
CA LEU G 70 -67.14 -7.11 -13.75
C LEU G 70 -67.38 -6.86 -15.23
N LEU G 71 -66.35 -7.04 -16.05
CA LEU G 71 -66.52 -6.86 -17.49
C LEU G 71 -67.04 -8.12 -18.15
N LEU G 72 -66.45 -9.27 -17.82
CA LEU G 72 -66.76 -10.53 -18.47
C LEU G 72 -68.19 -10.98 -18.21
N LEU G 73 -68.93 -10.25 -17.38
CA LEU G 73 -70.29 -10.65 -17.06
C LEU G 73 -71.16 -10.77 -18.30
N ASP G 74 -70.86 -10.02 -19.35
CA ASP G 74 -71.67 -10.03 -20.55
C ASP G 74 -70.78 -9.76 -21.75
N ASP G 75 -71.41 -9.71 -22.93
CA ASP G 75 -70.67 -9.45 -24.15
C ASP G 75 -70.02 -8.08 -24.12
N PHE G 76 -69.01 -7.90 -24.96
CA PHE G 76 -68.33 -6.62 -25.07
C PHE G 76 -67.46 -6.57 -26.31
N LYS G 77 -67.57 -5.49 -27.08
CA LYS G 77 -66.76 -5.31 -28.27
C LYS G 77 -65.39 -4.79 -27.89
N LEU G 78 -64.36 -5.46 -28.39
CA LEU G 78 -62.98 -5.02 -28.19
C LEU G 78 -62.46 -4.45 -29.50
N VAL G 79 -61.94 -3.23 -29.43
CA VAL G 79 -61.50 -2.50 -30.61
C VAL G 79 -59.98 -2.42 -30.58
N ILE G 80 -59.41 -2.86 -31.70
CA ILE G 80 -57.94 -2.81 -32.00
C ILE G 80 -57.70 -1.52 -32.81
N ASN G 81 -56.46 -1.28 -33.24
CA ASN G 81 -56.17 -0.04 -33.99
C ASN G 81 -57.21 0.30 -35.08
N ASP G 82 -57.61 -0.69 -35.91
CA ASP G 82 -58.57 -0.39 -37.00
C ASP G 82 -59.75 -1.37 -37.07
N LEU G 83 -59.98 -2.20 -36.05
CA LEU G 83 -61.10 -3.18 -36.17
C LEU G 83 -61.87 -3.35 -34.85
N THR G 84 -63.14 -3.77 -34.94
CA THR G 84 -63.97 -4.01 -33.77
C THR G 84 -64.20 -5.52 -33.65
N TYR G 85 -63.26 -6.20 -33.00
CA TYR G 85 -63.48 -7.59 -32.63
C TYR G 85 -64.62 -7.67 -31.62
N HIS G 86 -65.56 -8.57 -31.87
CA HIS G 86 -66.81 -8.62 -31.12
C HIS G 86 -66.79 -9.85 -30.22
N VAL G 87 -66.26 -9.67 -29.01
CA VAL G 87 -66.13 -10.79 -28.08
C VAL G 87 -67.50 -11.20 -27.56
N ARG G 88 -67.69 -12.50 -27.35
CA ARG G 88 -68.86 -13.05 -26.67
C ARG G 88 -68.35 -14.03 -25.61
N PRO G 89 -68.07 -13.55 -24.40
CA PRO G 89 -67.53 -14.42 -23.37
C PRO G 89 -68.55 -15.44 -22.93
N PRO G 90 -68.11 -16.57 -22.35
CA PRO G 90 -69.07 -17.61 -21.96
C PRO G 90 -69.92 -17.16 -20.78
N LYS G 91 -71.21 -17.39 -20.89
CA LYS G 91 -72.15 -16.96 -19.86
C LYS G 91 -71.92 -17.76 -18.59
N ARG G 92 -71.47 -17.08 -17.54
CA ARG G 92 -71.11 -17.75 -16.29
C ARG G 92 -71.58 -16.98 -15.06
N ASP G 93 -72.65 -16.20 -15.19
CA ASP G 93 -73.13 -15.41 -14.06
C ASP G 93 -73.55 -16.31 -12.91
N LEU G 94 -74.43 -17.28 -13.19
CA LEU G 94 -74.79 -18.33 -12.23
C LEU G 94 -75.35 -17.72 -10.94
N LEU G 95 -76.37 -16.90 -11.10
CA LEU G 95 -77.12 -16.35 -9.97
C LEU G 95 -78.41 -15.72 -10.49
N SER G 96 -79.53 -16.03 -9.83
CA SER G 96 -80.80 -15.44 -10.23
C SER G 96 -80.69 -13.91 -10.24
N HIS G 97 -81.07 -13.33 -11.37
CA HIS G 97 -80.90 -11.89 -11.56
C HIS G 97 -81.60 -11.11 -10.45
N GLU G 98 -82.84 -11.46 -10.14
CA GLU G 98 -83.55 -10.82 -9.04
C GLU G 98 -82.79 -11.01 -7.74
N ASN G 99 -82.39 -12.25 -7.44
CA ASN G 99 -81.56 -12.50 -6.27
C ASN G 99 -80.24 -11.75 -6.37
N ALA G 100 -79.60 -11.79 -7.54
CA ALA G 100 -78.44 -10.94 -7.76
C ALA G 100 -78.78 -9.48 -7.44
N ALA G 101 -79.96 -9.03 -7.86
CA ALA G 101 -80.37 -7.66 -7.56
C ALA G 101 -80.54 -7.46 -6.06
N THR G 102 -81.32 -8.33 -5.41
CA THR G 102 -81.59 -8.13 -4.00
C THR G 102 -80.33 -8.24 -3.16
N LEU G 103 -79.30 -8.92 -3.67
CA LEU G 103 -78.00 -8.85 -3.03
C LEU G 103 -77.30 -7.54 -3.36
N ASN G 104 -77.31 -7.18 -4.65
CA ASN G 104 -76.80 -5.87 -5.05
C ASN G 104 -77.45 -4.76 -4.24
N ASP G 105 -78.74 -4.91 -3.94
CA ASP G 105 -79.39 -3.97 -3.02
C ASP G 105 -78.71 -3.97 -1.67
N VAL G 106 -78.39 -5.16 -1.15
CA VAL G 106 -77.78 -5.23 0.18
C VAL G 106 -76.42 -4.55 0.18
N LYS G 107 -75.54 -4.94 -0.75
CA LYS G 107 -74.16 -4.47 -0.74
C LYS G 107 -74.07 -2.95 -0.57
N THR G 108 -74.76 -2.21 -1.42
CA THR G 108 -74.78 -0.75 -1.27
C THR G 108 -75.44 -0.35 0.04
N LEU G 109 -76.59 -0.95 0.35
CA LEU G 109 -77.31 -0.59 1.56
C LEU G 109 -76.46 -0.74 2.81
N VAL G 110 -75.55 -1.71 2.81
CA VAL G 110 -74.59 -1.83 3.91
C VAL G 110 -73.65 -0.63 3.92
N GLN G 111 -72.91 -0.44 2.83
CA GLN G 111 -71.90 0.61 2.80
C GLN G 111 -72.51 1.97 3.08
N GLN G 112 -73.68 2.24 2.52
CA GLN G 112 -74.38 3.48 2.81
C GLN G 112 -74.40 3.73 4.32
N LEU G 113 -74.77 2.71 5.09
CA LEU G 113 -74.63 2.81 6.54
C LEU G 113 -73.17 3.00 6.92
N TYR G 114 -72.28 2.18 6.37
CA TYR G 114 -70.88 2.18 6.77
C TYR G 114 -70.24 3.55 6.66
N THR G 115 -70.82 4.46 5.89
CA THR G 115 -70.32 5.82 5.79
C THR G 115 -71.34 6.87 6.22
N THR G 116 -72.61 6.50 6.36
CA THR G 116 -73.58 7.47 6.86
C THR G 116 -73.22 7.92 8.27
N LEU G 117 -72.74 7.00 9.09
CA LEU G 117 -72.40 7.29 10.47
C LEU G 117 -70.94 6.96 10.77
N CYS G 118 -70.07 7.31 9.81
CA CYS G 118 -68.62 7.34 9.99
C CYS G 118 -68.10 6.13 10.78
N ILE G 119 -68.63 4.95 10.43
CA ILE G 119 -68.21 3.73 11.09
C ILE G 119 -66.70 3.58 11.03
N GLU G 120 -66.14 3.74 9.83
CA GLU G 120 -64.70 3.74 9.67
C GLU G 120 -64.03 4.67 10.67
N GLN G 121 -64.61 5.84 10.88
CA GLN G 121 -64.04 6.77 11.85
C GLN G 121 -64.14 6.21 13.26
N HIS G 122 -65.12 5.36 13.53
CA HIS G 122 -65.28 4.84 14.88
C HIS G 122 -64.27 3.75 15.20
N GLN G 123 -63.92 2.93 14.21
CA GLN G 123 -62.91 1.90 14.43
C GLN G 123 -61.60 2.51 14.91
N LEU G 124 -61.11 3.53 14.21
CA LEU G 124 -59.90 4.21 14.64
C LEU G 124 -60.03 4.68 16.08
N ASN G 125 -61.17 5.28 16.43
CA ASN G 125 -61.34 5.74 17.80
C ASN G 125 -61.28 4.58 18.78
N LYS G 126 -61.88 3.45 18.42
CA LYS G 126 -61.81 2.27 19.29
C LYS G 126 -60.36 1.88 19.54
N GLU G 127 -59.58 1.75 18.47
CA GLU G 127 -58.15 1.48 18.64
C GLU G 127 -57.47 2.59 19.42
N ARG G 128 -57.75 3.85 19.07
CA ARG G 128 -57.16 4.95 19.80
C ARG G 128 -57.62 5.00 21.24
N GLU G 129 -58.67 4.26 21.58
CA GLU G 129 -58.99 4.06 22.99
C GLU G 129 -58.16 2.94 23.58
N LEU G 130 -57.80 1.95 22.76
CA LEU G 130 -56.99 0.85 23.25
C LEU G 130 -55.57 1.31 23.54
N ILE G 131 -54.98 2.11 22.63
CA ILE G 131 -53.62 2.62 22.83
C ILE G 131 -53.51 3.29 24.18
N GLU G 132 -54.38 4.27 24.45
CA GLU G 132 -54.27 5.01 25.70
C GLU G 132 -54.44 4.10 26.90
N ARG G 133 -55.33 3.11 26.81
CA ARG G 133 -55.50 2.18 27.93
C ARG G 133 -54.21 1.42 28.18
N LEU G 134 -53.56 0.95 27.13
CA LEU G 134 -52.22 0.42 27.26
C LEU G 134 -51.28 1.47 27.82
N GLU G 135 -51.30 2.67 27.23
CA GLU G 135 -50.46 3.75 27.73
C GLU G 135 -50.92 4.27 29.08
N ASP G 136 -52.10 3.87 29.54
CA ASP G 136 -52.50 4.16 30.90
C ASP G 136 -51.87 3.18 31.88
N LEU G 137 -51.88 1.89 31.54
CA LEU G 137 -51.24 0.89 32.38
C LEU G 137 -49.73 1.00 32.32
N LYS G 138 -49.17 1.02 31.11
CA LYS G 138 -47.73 0.97 30.96
C LYS G 138 -47.04 2.08 31.75
N GLU G 139 -47.64 3.27 31.79
CA GLU G 139 -47.07 4.31 32.65
C GLU G 139 -47.31 3.99 34.11
N GLN G 140 -48.49 3.46 34.43
CA GLN G 140 -48.79 3.07 35.81
C GLN G 140 -47.85 1.96 36.28
N LEU G 141 -47.22 1.25 35.34
CA LEU G 141 -46.23 0.24 35.68
C LEU G 141 -44.88 0.87 36.01
N ALA G 142 -44.56 2.00 35.39
CA ALA G 142 -43.26 2.63 35.57
C ALA G 142 -42.87 2.86 37.03
N PRO G 143 -43.77 3.27 37.94
CA PRO G 143 -43.35 3.31 39.35
C PRO G 143 -43.00 1.95 39.90
N LEU G 144 -43.90 0.97 39.76
CA LEU G 144 -43.65 -0.35 40.31
C LEU G 144 -42.45 -1.02 39.64
N GLU G 145 -42.16 -0.67 38.39
CA GLU G 145 -41.04 -1.29 37.70
C GLU G 145 -39.72 -0.91 38.36
N LYS G 146 -39.59 0.34 38.78
CA LYS G 146 -38.33 0.78 39.38
C LYS G 146 -38.01 -0.02 40.63
N VAL G 147 -38.94 -0.06 41.58
CA VAL G 147 -38.70 -0.79 42.82
C VAL G 147 -38.49 -2.27 42.56
N ARG G 148 -39.18 -2.83 41.58
CA ARG G 148 -38.98 -4.23 41.25
C ARG G 148 -37.70 -4.45 40.46
N ILE G 149 -37.25 -3.43 39.73
CA ILE G 149 -35.91 -3.53 39.12
C ILE G 149 -34.85 -3.53 40.22
N GLU G 150 -35.06 -2.74 41.26
CA GLU G 150 -34.11 -2.71 42.37
C GLU G 150 -34.16 -4.02 43.15
N ILE G 151 -35.34 -4.38 43.66
CA ILE G 151 -35.50 -5.64 44.40
C ILE G 151 -34.90 -6.80 43.62
N SER G 152 -35.29 -6.94 42.36
CA SER G 152 -34.73 -8.02 41.56
C SER G 152 -33.21 -7.92 41.51
N ARG G 153 -32.68 -6.72 41.32
CA ARG G 153 -31.23 -6.56 41.31
C ARG G 153 -30.62 -7.00 42.64
N LYS G 154 -31.19 -6.51 43.74
CA LYS G 154 -30.67 -6.89 45.06
C LYS G 154 -30.78 -8.38 45.28
N ALA G 155 -32.00 -8.92 45.23
CA ALA G 155 -32.18 -10.35 45.48
C ALA G 155 -31.37 -11.19 44.51
N GLU G 156 -31.07 -10.68 43.33
CA GLU G 156 -30.17 -11.39 42.43
C GLU G 156 -28.72 -11.24 42.86
N LYS G 157 -28.33 -10.03 43.24
CA LYS G 157 -26.98 -9.82 43.77
C LYS G 157 -26.72 -10.68 44.99
N ARG G 158 -27.77 -11.06 45.72
CA ARG G 158 -27.58 -11.95 46.86
C ARG G 158 -27.51 -13.41 46.43
N THR G 159 -28.31 -13.80 45.43
CA THR G 159 -28.28 -15.19 45.02
C THR G 159 -27.04 -15.54 44.22
N THR G 160 -26.37 -14.57 43.63
CA THR G 160 -25.09 -14.86 43.01
C THR G 160 -24.00 -15.03 44.05
N LEU G 161 -24.16 -14.40 45.22
CA LEU G 161 -23.25 -14.67 46.34
C LEU G 161 -23.34 -16.12 46.77
N VAL G 162 -24.53 -16.56 47.22
CA VAL G 162 -24.72 -17.93 47.63
C VAL G 162 -24.31 -18.89 46.53
N LEU G 163 -24.59 -18.53 45.28
CA LEU G 163 -24.12 -19.32 44.15
C LEU G 163 -22.61 -19.48 44.20
N TRP G 164 -21.89 -18.38 44.42
CA TRP G 164 -20.45 -18.48 44.62
C TRP G 164 -20.14 -19.24 45.91
N GLY G 165 -20.80 -18.86 47.00
CA GLY G 165 -20.59 -19.52 48.28
C GLY G 165 -20.74 -21.02 48.24
N GLY G 166 -21.43 -21.54 47.23
CA GLY G 166 -21.42 -22.97 47.00
C GLY G 166 -20.04 -23.43 46.61
N LEU G 167 -19.50 -22.85 45.55
CA LEU G 167 -18.19 -23.27 45.07
C LEU G 167 -17.11 -23.08 46.14
N ALA G 168 -17.30 -22.10 47.03
CA ALA G 168 -16.39 -21.97 48.16
C ALA G 168 -16.36 -23.26 48.97
N TYR G 169 -17.52 -23.65 49.50
CA TYR G 169 -17.60 -24.90 50.25
C TYR G 169 -17.21 -26.09 49.38
N MET G 170 -17.52 -26.03 48.09
CA MET G 170 -17.13 -27.13 47.21
C MET G 170 -15.64 -27.13 46.91
N ALA G 171 -14.90 -26.14 47.40
CA ALA G 171 -13.45 -26.12 47.25
C ALA G 171 -12.73 -26.51 48.53
N THR G 172 -13.22 -26.04 49.69
CA THR G 172 -12.61 -26.47 50.94
C THR G 172 -12.76 -27.97 51.13
N GLN G 173 -13.88 -28.56 50.70
CA GLN G 173 -14.02 -30.01 50.74
C GLN G 173 -13.00 -30.70 49.86
N PHE G 174 -12.30 -29.95 49.02
CA PHE G 174 -11.12 -30.46 48.34
C PHE G 174 -9.86 -30.09 49.08
N GLY G 175 -9.84 -28.92 49.72
CA GLY G 175 -8.77 -28.54 50.60
C GLY G 175 -8.68 -29.44 51.81
N ILE G 176 -9.76 -29.48 52.61
CA ILE G 176 -9.80 -30.31 53.80
C ILE G 176 -9.30 -31.71 53.51
N LEU G 177 -9.66 -32.24 52.34
CA LEU G 177 -9.25 -33.59 52.01
C LEU G 177 -7.91 -33.65 51.33
N ALA G 178 -7.42 -32.53 50.80
CA ALA G 178 -6.07 -32.52 50.24
C ALA G 178 -5.04 -32.85 51.31
N ARG G 179 -5.03 -32.08 52.40
CA ARG G 179 -4.09 -32.34 53.49
C ARG G 179 -4.35 -33.69 54.12
N LEU G 180 -5.61 -33.95 54.48
CA LEU G 180 -5.94 -35.13 55.27
C LEU G 180 -5.66 -36.43 54.55
N THR G 181 -5.17 -36.39 53.32
CA THR G 181 -4.91 -37.62 52.59
C THR G 181 -3.43 -37.95 52.43
N TRP G 182 -2.58 -36.94 52.24
CA TRP G 182 -1.15 -37.16 52.04
C TRP G 182 -0.30 -36.56 53.14
N TRP G 183 -0.50 -35.28 53.43
CA TRP G 183 0.34 -34.58 54.39
C TRP G 183 0.24 -35.19 55.78
N GLU G 184 -0.94 -35.10 56.40
CA GLU G 184 -1.07 -35.31 57.83
C GLU G 184 -1.74 -36.61 58.20
N TYR G 185 -2.30 -37.34 57.23
CA TYR G 185 -2.90 -38.63 57.51
C TYR G 185 -2.54 -39.57 56.37
N SER G 186 -3.09 -40.77 56.41
CA SER G 186 -2.94 -41.70 55.31
C SER G 186 -4.06 -41.45 54.30
N TRP G 187 -4.21 -42.36 53.34
CA TRP G 187 -5.37 -42.37 52.47
C TRP G 187 -6.37 -43.44 52.87
N ASP G 188 -5.89 -44.62 53.25
CA ASP G 188 -6.76 -45.69 53.71
C ASP G 188 -7.40 -45.34 55.04
N ILE G 189 -6.96 -44.24 55.65
CA ILE G 189 -7.62 -43.69 56.83
C ILE G 189 -8.54 -42.54 56.47
N MET G 190 -8.45 -42.01 55.25
CA MET G 190 -9.24 -40.87 54.84
C MET G 190 -10.15 -41.17 53.65
N GLU G 191 -9.93 -42.26 52.95
CA GLU G 191 -10.90 -42.72 51.95
C GLU G 191 -12.29 -42.93 52.56
N PRO G 192 -12.46 -43.69 53.64
CA PRO G 192 -13.82 -43.95 54.11
C PRO G 192 -14.55 -42.71 54.62
N VAL G 193 -13.87 -41.56 54.67
CA VAL G 193 -14.59 -40.33 54.97
C VAL G 193 -15.17 -39.73 53.72
N THR G 194 -14.39 -39.69 52.64
CA THR G 194 -14.90 -39.15 51.39
C THR G 194 -16.12 -39.92 50.90
N TYR G 195 -16.11 -41.24 51.07
CA TYR G 195 -17.28 -42.02 50.70
C TYR G 195 -18.49 -41.60 51.53
N PHE G 196 -18.35 -41.61 52.85
CA PHE G 196 -19.44 -41.20 53.73
C PHE G 196 -19.72 -39.70 53.61
N ILE G 197 -19.02 -39.03 52.71
CA ILE G 197 -19.38 -37.67 52.32
C ILE G 197 -20.14 -37.67 51.01
N THR G 198 -19.66 -38.42 50.03
CA THR G 198 -20.45 -38.64 48.82
C THR G 198 -21.84 -39.15 49.16
N TYR G 199 -21.92 -40.31 49.81
CA TYR G 199 -23.21 -40.84 50.22
C TYR G 199 -23.85 -40.04 51.34
N GLY G 200 -23.20 -38.97 51.79
CA GLY G 200 -23.88 -37.99 52.61
C GLY G 200 -24.41 -36.84 51.78
N SER G 201 -23.66 -36.43 50.76
CA SER G 201 -24.16 -35.44 49.82
C SER G 201 -25.37 -35.97 49.08
N ALA G 202 -25.23 -37.11 48.41
CA ALA G 202 -26.33 -37.67 47.63
C ALA G 202 -27.55 -37.97 48.49
N MET G 203 -27.44 -37.86 49.81
CA MET G 203 -28.64 -37.84 50.63
C MET G 203 -29.24 -36.44 50.69
N ALA G 204 -28.41 -35.42 50.84
CA ALA G 204 -28.91 -34.05 50.81
C ALA G 204 -29.60 -33.76 49.48
N MET G 205 -28.95 -34.10 48.37
CA MET G 205 -29.57 -33.94 47.06
C MET G 205 -30.87 -34.71 46.94
N TYR G 206 -31.18 -35.57 47.91
CA TYR G 206 -32.51 -36.17 47.97
C TYR G 206 -33.38 -35.52 49.03
N ALA G 207 -32.84 -35.28 50.22
CA ALA G 207 -33.60 -34.60 51.25
C ALA G 207 -34.06 -33.23 50.77
N TYR G 208 -33.24 -32.56 49.96
CA TYR G 208 -33.66 -31.31 49.36
C TYR G 208 -34.88 -31.49 48.49
N PHE G 209 -35.01 -32.65 47.86
CA PHE G 209 -36.18 -32.91 47.02
C PHE G 209 -37.42 -33.14 47.87
N VAL G 210 -37.27 -33.78 49.02
CA VAL G 210 -38.44 -34.01 49.86
C VAL G 210 -38.92 -32.71 50.48
N MET G 211 -38.00 -31.79 50.77
CA MET G 211 -38.42 -30.51 51.35
C MET G 211 -39.15 -29.66 50.33
N THR G 212 -38.62 -29.59 49.11
CA THR G 212 -39.24 -28.84 48.02
C THR G 212 -39.37 -29.75 46.83
N ARG G 213 -40.57 -29.87 46.29
CA ARG G 213 -40.83 -30.94 45.34
C ARG G 213 -40.15 -30.69 44.01
N GLN G 214 -38.82 -30.79 43.99
CA GLN G 214 -38.07 -30.81 42.75
C GLN G 214 -36.69 -31.36 43.07
N GLU G 215 -35.92 -31.61 42.03
CA GLU G 215 -34.60 -32.20 42.20
C GLU G 215 -33.55 -31.11 42.34
N TYR G 216 -32.41 -31.49 42.91
CA TYR G 216 -31.27 -30.56 43.01
C TYR G 216 -30.66 -30.44 41.62
N VAL G 217 -31.30 -29.62 40.80
CA VAL G 217 -30.85 -29.35 39.45
C VAL G 217 -30.42 -27.89 39.41
N TYR G 218 -29.15 -27.66 39.09
CA TYR G 218 -28.55 -26.33 39.29
C TYR G 218 -29.41 -25.18 38.77
N PRO G 219 -29.84 -25.14 37.51
CA PRO G 219 -30.62 -23.97 37.07
C PRO G 219 -31.90 -23.79 37.87
N GLU G 220 -32.73 -24.82 37.97
CA GLU G 220 -33.95 -24.71 38.76
C GLU G 220 -33.65 -24.42 40.22
N ALA G 221 -32.86 -25.28 40.86
CA ALA G 221 -32.57 -25.11 42.28
C ALA G 221 -32.01 -23.73 42.59
N ARG G 222 -31.32 -23.12 41.62
CA ARG G 222 -30.92 -21.74 41.80
C ARG G 222 -32.13 -20.83 41.86
N ASP G 223 -32.99 -20.92 40.86
CA ASP G 223 -34.13 -20.02 40.77
C ASP G 223 -35.05 -20.18 41.98
N ARG G 224 -35.41 -21.41 42.31
CA ARG G 224 -36.28 -21.63 43.47
C ARG G 224 -35.68 -21.04 44.73
N GLN G 225 -34.36 -20.92 44.77
CA GLN G 225 -33.74 -20.11 45.81
C GLN G 225 -33.92 -18.63 45.51
N TYR G 226 -33.63 -18.23 44.27
CA TYR G 226 -33.69 -16.82 43.89
C TYR G 226 -35.01 -16.18 44.26
N LEU G 227 -36.11 -16.89 44.00
CA LEU G 227 -37.42 -16.34 44.32
C LEU G 227 -37.56 -16.07 45.81
N LEU G 228 -37.14 -17.03 46.64
CA LEU G 228 -37.25 -16.83 48.08
C LEU G 228 -36.40 -15.67 48.54
N PHE G 229 -35.35 -15.32 47.79
CA PHE G 229 -34.70 -14.04 48.01
C PHE G 229 -35.60 -12.90 47.58
N PHE G 230 -36.29 -13.07 46.47
CA PHE G 230 -37.13 -11.99 45.94
C PHE G 230 -38.31 -11.72 46.85
N HIS G 231 -39.18 -12.72 47.02
CA HIS G 231 -40.41 -12.51 47.79
C HIS G 231 -40.09 -12.04 49.21
N LYS G 232 -38.96 -12.44 49.76
CA LYS G 232 -38.53 -11.90 51.04
C LYS G 232 -38.16 -10.43 50.90
N GLY G 233 -37.21 -10.13 50.01
CA GLY G 233 -36.78 -8.76 49.83
C GLY G 233 -37.90 -7.83 49.41
N ALA G 234 -38.69 -8.25 48.42
CA ALA G 234 -39.83 -7.44 48.00
C ALA G 234 -40.81 -7.21 49.13
N LYS G 235 -40.95 -8.20 50.03
CA LYS G 235 -41.77 -7.99 51.22
C LYS G 235 -41.19 -6.91 52.12
N LYS G 236 -39.86 -6.84 52.19
CA LYS G 236 -39.23 -5.81 53.02
C LYS G 236 -39.40 -4.43 52.42
N SER G 237 -39.09 -4.27 51.14
CA SER G 237 -39.27 -2.98 50.50
C SER G 237 -40.72 -2.63 50.23
N ARG G 238 -41.65 -3.50 50.64
CA ARG G 238 -43.06 -3.22 50.86
C ARG G 238 -43.89 -3.09 49.57
N PHE G 239 -43.28 -3.09 48.40
CA PHE G 239 -44.08 -2.80 47.21
C PHE G 239 -44.98 -3.98 46.87
N ASP G 240 -46.21 -3.68 46.47
CA ASP G 240 -47.23 -4.69 46.28
C ASP G 240 -46.97 -5.49 45.01
N LEU G 241 -46.09 -6.49 45.12
CA LEU G 241 -45.87 -7.42 44.01
C LEU G 241 -47.17 -7.98 43.47
N GLU G 242 -48.13 -8.26 44.35
CA GLU G 242 -49.42 -8.77 43.91
C GLU G 242 -50.05 -7.83 42.89
N LYS G 243 -49.97 -6.52 43.12
CA LYS G 243 -50.45 -5.57 42.14
C LYS G 243 -49.62 -5.64 40.87
N TYR G 244 -48.30 -5.51 40.99
CA TYR G 244 -47.42 -5.59 39.83
C TYR G 244 -47.69 -6.84 39.00
N ASN G 245 -47.78 -7.98 39.68
CA ASN G 245 -48.13 -9.22 38.98
C ASN G 245 -49.46 -9.07 38.26
N GLN G 246 -50.49 -8.64 38.98
CA GLN G 246 -51.78 -8.41 38.35
C GLN G 246 -51.68 -7.42 37.20
N LEU G 247 -51.12 -6.24 37.47
CA LEU G 247 -51.00 -5.21 36.46
C LEU G 247 -50.14 -5.63 35.28
N LYS G 248 -49.30 -6.65 35.45
CA LYS G 248 -48.38 -7.01 34.38
C LYS G 248 -49.06 -7.78 33.26
N ASP G 249 -49.95 -8.71 33.61
CA ASP G 249 -50.58 -9.51 32.57
C ASP G 249 -51.45 -8.65 31.66
N ALA G 250 -52.23 -7.73 32.24
CA ALA G 250 -53.10 -6.88 31.44
C ALA G 250 -52.33 -6.19 30.33
N ILE G 251 -51.13 -5.70 30.64
CA ILE G 251 -50.27 -5.14 29.60
C ILE G 251 -50.03 -6.18 28.52
N ALA G 252 -49.47 -7.33 28.90
CA ALA G 252 -49.25 -8.40 27.93
C ALA G 252 -50.56 -9.01 27.44
N GLN G 253 -51.70 -8.52 27.91
CA GLN G 253 -52.98 -8.95 27.38
C GLN G 253 -53.61 -7.88 26.50
N ALA G 254 -53.69 -6.65 27.01
CA ALA G 254 -54.20 -5.54 26.19
C ALA G 254 -53.37 -5.38 24.93
N GLU G 255 -52.04 -5.44 25.06
CA GLU G 255 -51.18 -5.36 23.89
C GLU G 255 -51.51 -6.47 22.90
N MET G 256 -51.52 -7.72 23.37
CA MET G 256 -51.91 -8.83 22.51
C MET G 256 -53.27 -8.60 21.88
N ASP G 257 -54.19 -8.01 22.64
CA ASP G 257 -55.48 -7.67 22.07
C ASP G 257 -55.34 -6.66 20.94
N LEU G 258 -54.39 -5.74 21.07
CA LEU G 258 -54.20 -4.74 20.03
C LEU G 258 -53.58 -5.37 18.79
N LYS G 259 -52.50 -6.12 18.97
CA LYS G 259 -51.92 -6.84 17.84
C LYS G 259 -52.96 -7.73 17.17
N ARG G 260 -53.92 -8.23 17.94
CA ARG G 260 -55.01 -8.97 17.32
C ARG G 260 -55.97 -8.05 16.59
N LEU G 261 -55.98 -6.76 16.94
CA LEU G 261 -56.89 -5.82 16.31
C LEU G 261 -56.31 -5.25 15.03
N ARG G 262 -55.00 -4.98 15.02
CA ARG G 262 -54.32 -4.56 13.81
C ARG G 262 -53.95 -5.70 12.91
N ASP G 263 -54.62 -6.84 13.08
CA ASP G 263 -54.34 -8.03 12.31
C ASP G 263 -54.31 -7.70 10.82
N PRO G 264 -53.17 -7.87 10.15
CA PRO G 264 -53.06 -7.45 8.75
C PRO G 264 -53.79 -8.34 7.75
N LEU G 265 -54.70 -9.19 8.22
CA LEU G 265 -55.49 -10.03 7.33
C LEU G 265 -56.97 -9.99 7.70
N GLN G 266 -57.33 -9.16 8.67
CA GLN G 266 -58.62 -9.18 9.35
C GLN G 266 -59.18 -7.78 9.48
N VAL G 267 -59.31 -7.08 8.35
CA VAL G 267 -59.35 -5.63 8.30
C VAL G 267 -60.23 -5.01 9.38
N HIS G 268 -59.62 -4.18 10.22
CA HIS G 268 -60.32 -3.42 11.25
C HIS G 268 -59.90 -1.97 11.11
N LEU G 269 -58.62 -1.76 10.77
CA LEU G 269 -58.07 -0.44 10.53
C LEU G 269 -57.44 -0.44 9.15
N PRO G 270 -57.87 0.43 8.24
CA PRO G 270 -57.28 0.49 6.90
C PRO G 270 -56.03 1.38 6.85
N VAL H 1 -30.13 -26.35 21.04
CA VAL H 1 -30.76 -25.50 20.03
C VAL H 1 -29.73 -24.59 19.37
N ILE H 2 -29.62 -24.71 18.06
CA ILE H 2 -28.75 -23.83 17.29
C ILE H 2 -29.51 -22.61 16.80
N VAL H 3 -30.74 -22.81 16.33
CA VAL H 3 -31.54 -21.77 15.71
C VAL H 3 -32.95 -21.82 16.27
N THR H 4 -33.55 -20.65 16.42
CA THR H 4 -34.93 -20.57 16.87
C THR H 4 -35.86 -21.18 15.83
N ARG H 5 -37.16 -21.21 16.16
CA ARG H 5 -38.14 -21.82 15.27
C ARG H 5 -38.13 -21.15 13.90
N SER H 6 -37.94 -19.83 13.86
CA SER H 6 -37.91 -19.11 12.60
C SER H 6 -36.71 -19.49 11.74
N GLY H 7 -35.77 -20.27 12.27
CA GLY H 7 -34.53 -20.51 11.59
C GLY H 7 -33.45 -19.49 11.87
N ALA H 8 -33.83 -18.34 12.45
CA ALA H 8 -32.85 -17.34 12.85
C ALA H 8 -31.84 -17.92 13.81
N ILE H 9 -30.63 -17.40 13.77
CA ILE H 9 -29.54 -17.89 14.60
C ILE H 9 -29.61 -17.19 15.95
N LEU H 10 -29.59 -17.97 17.03
CA LEU H 10 -29.74 -17.43 18.36
C LEU H 10 -28.63 -16.42 18.65
N PRO H 11 -28.88 -15.47 19.55
CA PRO H 11 -27.87 -14.45 19.84
C PRO H 11 -26.62 -15.07 20.45
N LYS H 12 -25.50 -14.39 20.26
CA LYS H 12 -24.24 -14.80 20.85
C LYS H 12 -24.41 -14.91 22.36
N PRO H 13 -24.35 -16.09 22.93
CA PRO H 13 -24.67 -16.24 24.35
C PRO H 13 -23.61 -15.59 25.22
N VAL H 14 -24.06 -15.05 26.34
CA VAL H 14 -23.20 -14.23 27.18
C VAL H 14 -22.22 -15.11 27.94
N LYS H 15 -20.95 -14.73 27.89
CA LYS H 15 -19.92 -15.32 28.74
C LYS H 15 -19.59 -14.31 29.83
N MET H 16 -19.54 -14.78 31.08
CA MET H 16 -19.29 -13.86 32.17
C MET H 16 -17.89 -13.26 32.04
N SER H 17 -17.80 -11.95 32.27
CA SER H 17 -16.55 -11.23 32.07
C SER H 17 -15.51 -11.71 33.08
N PHE H 18 -14.32 -12.02 32.59
CA PHE H 18 -13.21 -12.51 33.41
C PHE H 18 -13.57 -13.78 34.16
N GLY H 19 -14.63 -14.48 33.73
CA GLY H 19 -15.14 -15.60 34.49
C GLY H 19 -14.09 -16.62 34.84
N LEU H 20 -13.38 -17.12 33.83
CA LEU H 20 -12.35 -18.12 34.08
C LEU H 20 -11.33 -17.63 35.08
N LEU H 21 -11.07 -16.32 35.11
CA LEU H 21 -10.23 -15.72 36.14
C LEU H 21 -11.04 -15.20 37.32
N ARG H 22 -12.34 -14.99 37.14
CA ARG H 22 -13.19 -14.60 38.26
C ARG H 22 -13.39 -15.77 39.22
N VAL H 23 -13.36 -17.00 38.69
CA VAL H 23 -13.60 -18.16 39.54
C VAL H 23 -12.38 -18.49 40.37
N PHE H 24 -11.17 -18.35 39.79
CA PHE H 24 -9.96 -18.63 40.53
C PHE H 24 -9.83 -17.71 41.74
N SER H 25 -10.40 -16.51 41.67
CA SER H 25 -10.35 -15.58 42.79
C SER H 25 -11.07 -16.09 44.02
N ILE H 26 -11.85 -17.17 43.90
CA ILE H 26 -12.56 -17.74 45.03
C ILE H 26 -12.10 -19.16 45.35
N VAL H 27 -11.91 -19.99 44.33
CA VAL H 27 -11.52 -21.37 44.59
C VAL H 27 -10.08 -21.45 45.11
N ILE H 28 -9.16 -20.72 44.47
CA ILE H 28 -7.76 -20.77 44.84
C ILE H 28 -7.54 -20.23 46.25
N PRO H 29 -7.99 -19.01 46.59
CA PRO H 29 -7.84 -18.56 47.98
C PRO H 29 -8.67 -19.33 48.97
N PHE H 30 -9.43 -20.33 48.52
CA PHE H 30 -10.14 -21.19 49.44
C PHE H 30 -9.61 -22.61 49.50
N LEU H 31 -8.96 -23.09 48.45
CA LEU H 31 -8.20 -24.33 48.55
C LEU H 31 -7.20 -24.22 49.69
N TYR H 32 -6.52 -23.08 49.80
CA TYR H 32 -5.52 -22.90 50.84
C TYR H 32 -6.16 -22.91 52.22
N VAL H 33 -7.17 -22.06 52.44
CA VAL H 33 -7.86 -22.11 53.72
C VAL H 33 -8.56 -23.44 53.88
N GLY H 34 -8.80 -24.15 52.77
CA GLY H 34 -9.22 -25.53 52.90
C GLY H 34 -8.16 -26.42 53.49
N THR H 35 -6.89 -26.01 53.35
CA THR H 35 -5.81 -26.81 53.91
C THR H 35 -5.45 -26.36 55.32
N LEU H 36 -5.32 -25.05 55.55
CA LEU H 36 -4.77 -24.59 56.81
C LEU H 36 -5.70 -24.90 57.98
N ILE H 37 -6.98 -25.10 57.71
CA ILE H 37 -7.90 -25.46 58.80
C ILE H 37 -7.91 -26.98 58.92
N SER H 38 -6.97 -27.63 58.24
CA SER H 38 -6.68 -29.03 58.57
C SER H 38 -5.51 -29.13 59.52
N LYS H 39 -4.41 -28.41 59.22
CA LYS H 39 -3.28 -28.35 60.13
C LYS H 39 -3.72 -27.96 61.53
N ASN H 40 -4.39 -26.81 61.63
CA ASN H 40 -4.89 -26.36 62.92
C ASN H 40 -5.97 -27.28 63.48
N PHE H 41 -6.36 -28.33 62.75
CA PHE H 41 -7.31 -29.29 63.28
C PHE H 41 -6.62 -30.59 63.70
N ALA H 42 -5.80 -31.16 62.82
CA ALA H 42 -5.07 -32.38 63.16
C ALA H 42 -4.29 -32.20 64.45
N ALA H 43 -3.53 -31.10 64.54
CA ALA H 43 -2.82 -30.79 65.78
C ALA H 43 -3.80 -30.55 66.92
N LEU H 44 -5.00 -30.04 66.60
CA LEU H 44 -6.02 -29.89 67.63
C LEU H 44 -6.65 -31.22 68.00
N LEU H 45 -6.43 -32.26 67.19
CA LEU H 45 -7.04 -33.56 67.40
C LEU H 45 -6.05 -34.65 67.77
N GLU H 46 -4.76 -34.44 67.50
CA GLU H 46 -3.74 -35.45 67.76
C GLU H 46 -3.71 -35.92 69.20
N GLU H 47 -4.08 -35.06 70.15
CA GLU H 47 -3.89 -35.36 71.56
C GLU H 47 -4.78 -36.48 72.05
N HIS H 48 -5.62 -37.04 71.19
CA HIS H 48 -6.47 -38.16 71.58
C HIS H 48 -6.52 -39.28 70.55
N ASP H 49 -5.96 -39.11 69.35
CA ASP H 49 -5.81 -40.21 68.39
C ASP H 49 -4.81 -39.87 67.30
N ILE H 50 -3.77 -40.69 67.16
CA ILE H 50 -2.71 -40.51 66.16
C ILE H 50 -2.16 -39.08 66.18
N ASP I 1 -47.45 -4.74 -54.99
CA ASP I 1 -48.05 -3.90 -53.95
C ASP I 1 -47.14 -2.73 -53.61
N VAL I 2 -45.84 -2.93 -53.75
CA VAL I 2 -44.87 -1.86 -53.56
C VAL I 2 -44.64 -1.19 -54.90
N THR I 3 -44.66 0.14 -54.92
CA THR I 3 -44.43 0.89 -56.13
C THR I 3 -43.52 2.06 -55.81
N VAL I 4 -42.68 2.42 -56.79
CA VAL I 4 -41.86 3.62 -56.71
C VAL I 4 -42.22 4.49 -57.90
N VAL I 5 -42.68 5.70 -57.62
CA VAL I 5 -43.01 6.67 -58.65
C VAL I 5 -42.28 7.96 -58.34
N TYR I 6 -42.53 8.99 -59.15
CA TYR I 6 -41.77 10.23 -59.08
C TYR I 6 -42.73 11.40 -59.00
N GLN I 7 -42.63 12.17 -57.93
CA GLN I 7 -43.36 13.42 -57.77
C GLN I 7 -42.34 14.52 -57.51
N ASN I 8 -42.32 15.53 -58.38
CA ASN I 8 -41.42 16.67 -58.23
C ASN I 8 -39.97 16.21 -58.14
N GLY I 9 -39.57 15.40 -59.13
CA GLY I 9 -38.21 14.88 -59.16
C GLY I 9 -37.80 14.16 -57.89
N LEU I 10 -38.75 13.54 -57.20
CA LEU I 10 -38.44 12.82 -55.99
C LEU I 10 -39.12 11.45 -56.01
N PRO I 11 -38.43 10.41 -55.57
CA PRO I 11 -39.04 9.09 -55.53
C PRO I 11 -39.99 8.94 -54.35
N VAL I 12 -41.13 8.33 -54.61
CA VAL I 12 -42.22 8.22 -53.63
C VAL I 12 -42.58 6.74 -53.55
N ILE I 13 -41.97 6.04 -52.59
CA ILE I 13 -42.31 4.64 -52.36
C ILE I 13 -43.74 4.56 -51.86
N SER I 14 -44.42 3.45 -52.14
CA SER I 14 -45.78 3.21 -51.62
C SER I 14 -45.80 1.83 -50.98
N VAL I 15 -45.41 1.74 -49.71
CA VAL I 15 -45.37 0.48 -48.99
C VAL I 15 -46.80 0.08 -48.65
N ARG I 16 -46.99 -1.16 -48.20
CA ARG I 16 -48.27 -1.64 -47.67
C ARG I 16 -48.04 -2.01 -46.22
N LEU I 17 -48.21 -1.04 -45.33
CA LEU I 17 -47.91 -1.24 -43.93
C LEU I 17 -48.79 -2.35 -43.34
N PRO I 18 -48.25 -3.19 -42.48
CA PRO I 18 -49.04 -4.28 -41.91
C PRO I 18 -50.13 -3.84 -40.93
N SER I 19 -49.76 -3.05 -39.92
CA SER I 19 -50.59 -2.90 -38.74
C SER I 19 -51.98 -2.35 -39.05
N ARG I 20 -52.15 -1.64 -40.15
CA ARG I 20 -53.44 -1.10 -40.51
C ARG I 20 -53.93 -1.58 -41.86
N ARG I 21 -53.14 -2.38 -42.58
CA ARG I 21 -53.41 -2.65 -43.99
C ARG I 21 -53.62 -1.34 -44.74
N GLU I 22 -52.73 -0.39 -44.49
CA GLU I 22 -52.86 0.97 -44.99
C GLU I 22 -51.57 1.36 -45.69
N ARG I 23 -51.69 1.95 -46.87
CA ARG I 23 -50.53 2.27 -47.69
C ARG I 23 -49.96 3.61 -47.28
N CYS I 24 -48.74 3.60 -46.76
CA CYS I 24 -48.01 4.83 -46.48
C CYS I 24 -47.02 5.08 -47.61
N GLN I 25 -46.82 6.35 -47.95
CA GLN I 25 -45.95 6.73 -49.05
C GLN I 25 -44.90 7.71 -48.54
N PHE I 26 -43.66 7.23 -48.43
CA PHE I 26 -42.58 8.14 -48.15
C PHE I 26 -42.15 8.86 -49.41
N THR I 27 -41.43 9.96 -49.24
CA THR I 27 -40.62 10.53 -50.30
C THR I 27 -39.17 10.43 -49.88
N LEU I 28 -38.29 10.23 -50.85
CA LEU I 28 -36.90 9.97 -50.58
C LEU I 28 -36.01 11.02 -51.26
N LYS I 29 -34.94 11.40 -50.58
CA LYS I 29 -33.94 12.26 -51.17
C LYS I 29 -32.87 11.35 -51.77
N PRO I 30 -32.81 11.19 -53.08
CA PRO I 30 -31.91 10.20 -53.67
C PRO I 30 -30.44 10.49 -53.42
N ILE I 31 -30.14 11.64 -52.81
CA ILE I 31 -28.78 12.03 -52.50
C ILE I 31 -28.52 12.01 -51.00
N SER I 32 -29.31 12.78 -50.25
CA SER I 32 -29.07 12.87 -48.81
C SER I 32 -29.43 11.58 -48.10
N ASP I 33 -30.54 10.96 -48.49
CA ASP I 33 -31.07 9.82 -47.74
C ASP I 33 -30.17 8.60 -47.92
N SER I 34 -30.54 7.54 -47.24
CA SER I 34 -29.82 6.27 -47.26
C SER I 34 -30.71 5.22 -46.61
N VAL I 35 -30.63 4.00 -47.12
CA VAL I 35 -31.45 2.90 -46.62
C VAL I 35 -31.24 2.77 -45.12
N GLY I 36 -30.09 3.22 -44.63
CA GLY I 36 -29.89 3.26 -43.19
C GLY I 36 -30.88 4.17 -42.50
N VAL I 37 -31.20 5.30 -43.11
CA VAL I 37 -32.18 6.22 -42.52
C VAL I 37 -33.56 6.03 -43.13
N PHE I 38 -33.67 5.44 -44.32
CA PHE I 38 -34.98 5.19 -44.89
C PHE I 38 -35.71 4.10 -44.11
N LEU I 39 -35.00 3.02 -43.80
CA LEU I 39 -35.58 1.97 -42.96
C LEU I 39 -36.06 2.54 -41.64
N ARG I 40 -35.21 3.33 -40.97
CA ARG I 40 -35.59 3.95 -39.72
C ARG I 40 -36.91 4.69 -39.83
N GLN I 41 -37.15 5.33 -40.98
CA GLN I 41 -38.45 5.96 -41.21
C GLN I 41 -39.54 4.91 -41.36
N LEU I 42 -39.26 3.87 -42.15
CA LEU I 42 -40.26 2.82 -42.37
C LEU I 42 -40.70 2.19 -41.06
N GLN I 43 -39.84 2.23 -40.04
CA GLN I 43 -40.27 1.84 -38.70
C GLN I 43 -41.29 2.82 -38.14
N GLU I 44 -40.98 4.11 -38.18
CA GLU I 44 -41.74 5.10 -37.43
C GLU I 44 -43.14 5.34 -37.98
N GLU I 45 -43.55 4.60 -39.00
CA GLU I 45 -44.95 4.65 -39.41
C GLU I 45 -45.75 3.50 -38.82
N ASP I 46 -45.08 2.42 -38.41
CA ASP I 46 -45.76 1.32 -37.73
C ASP I 46 -44.70 0.60 -36.91
N ARG I 47 -44.69 0.84 -35.60
CA ARG I 47 -43.74 0.15 -34.75
C ARG I 47 -43.94 -1.35 -34.74
N GLY I 48 -45.09 -1.84 -35.23
CA GLY I 48 -45.30 -3.27 -35.35
C GLY I 48 -44.32 -3.97 -36.27
N ILE I 49 -43.52 -3.21 -37.01
CA ILE I 49 -42.53 -3.76 -37.93
C ILE I 49 -41.23 -3.94 -37.15
N ASP I 50 -40.77 -5.19 -37.04
CA ASP I 50 -39.57 -5.49 -36.26
C ASP I 50 -38.44 -6.01 -37.14
N ARG I 51 -38.68 -7.08 -37.90
CA ARG I 51 -37.67 -7.67 -38.77
C ARG I 51 -37.90 -7.12 -40.17
N VAL I 52 -37.25 -6.01 -40.48
CA VAL I 52 -37.39 -5.37 -41.78
C VAL I 52 -36.00 -5.15 -42.36
N ALA I 53 -35.83 -5.49 -43.62
CA ALA I 53 -34.58 -5.29 -44.33
C ALA I 53 -34.87 -5.20 -45.81
N ILE I 54 -33.82 -5.00 -46.59
CA ILE I 54 -33.98 -4.67 -47.99
C ILE I 54 -32.67 -5.00 -48.70
N TYR I 55 -32.77 -5.52 -49.91
CA TYR I 55 -31.57 -5.90 -50.63
C TYR I 55 -31.89 -6.19 -52.09
N SER I 56 -30.84 -6.13 -52.90
CA SER I 56 -30.90 -6.41 -54.32
C SER I 56 -31.25 -7.89 -54.54
N PRO I 57 -31.58 -8.28 -55.78
CA PRO I 57 -31.93 -9.68 -56.02
C PRO I 57 -30.91 -10.68 -55.52
N ASP I 58 -29.66 -10.59 -55.99
CA ASP I 58 -28.62 -11.49 -55.53
C ASP I 58 -28.00 -11.00 -54.21
N GLY I 59 -27.53 -9.76 -54.19
CA GLY I 59 -26.97 -9.18 -52.98
C GLY I 59 -27.95 -9.30 -51.84
N VAL I 60 -27.61 -10.14 -50.86
CA VAL I 60 -28.57 -10.52 -49.84
C VAL I 60 -28.76 -9.46 -48.77
N ARG I 61 -27.93 -8.43 -48.74
CA ARG I 61 -28.14 -7.32 -47.82
C ARG I 61 -27.39 -6.11 -48.33
N VAL I 62 -28.11 -5.12 -48.85
CA VAL I 62 -27.51 -3.84 -49.14
C VAL I 62 -27.31 -3.10 -47.82
N ALA I 63 -26.06 -2.78 -47.50
CA ALA I 63 -25.74 -2.27 -46.18
C ALA I 63 -26.37 -0.90 -45.97
N ALA I 64 -26.49 -0.53 -44.70
CA ALA I 64 -26.96 0.80 -44.35
C ALA I 64 -26.03 1.86 -44.93
N SER I 65 -26.49 3.10 -44.90
CA SER I 65 -25.74 4.24 -45.43
C SER I 65 -25.38 4.04 -46.90
N THR I 66 -26.21 3.30 -47.63
CA THR I 66 -26.07 3.18 -49.07
C THR I 66 -26.86 4.30 -49.73
N GLY I 67 -26.23 5.00 -50.68
CA GLY I 67 -26.91 6.04 -51.42
C GLY I 67 -28.20 5.53 -52.03
N ILE I 68 -29.30 6.24 -51.80
CA ILE I 68 -30.59 5.75 -52.26
C ILE I 68 -30.60 5.59 -53.77
N ASP I 69 -29.91 6.48 -54.48
CA ASP I 69 -29.85 6.37 -55.94
C ASP I 69 -29.20 5.06 -56.35
N LEU I 70 -28.21 4.57 -55.60
CA LEU I 70 -27.65 3.26 -55.86
C LEU I 70 -28.73 2.19 -55.79
N LEU I 71 -29.38 2.07 -54.63
CA LEU I 71 -30.48 1.13 -54.48
C LEU I 71 -31.55 1.38 -55.54
N LEU I 72 -31.87 2.64 -55.79
CA LEU I 72 -33.04 2.97 -56.60
C LEU I 72 -32.90 2.49 -58.04
N LEU I 73 -31.70 2.50 -58.61
CA LEU I 73 -31.53 2.30 -60.04
C LEU I 73 -31.75 0.85 -60.47
N ASP I 74 -32.23 -0.01 -59.58
CA ASP I 74 -32.39 -1.42 -59.91
C ASP I 74 -33.38 -2.02 -58.92
N ASP I 75 -34.11 -3.02 -59.37
CA ASP I 75 -35.11 -3.65 -58.50
C ASP I 75 -34.43 -4.26 -57.28
N PHE I 76 -35.22 -4.47 -56.23
CA PHE I 76 -34.69 -5.02 -55.00
C PHE I 76 -35.81 -5.65 -54.20
N LYS I 77 -35.42 -6.54 -53.31
CA LYS I 77 -36.36 -7.15 -52.39
C LYS I 77 -36.56 -6.24 -51.18
N LEU I 78 -37.80 -5.98 -50.84
CA LEU I 78 -38.15 -5.23 -49.64
C LEU I 78 -38.78 -6.20 -48.67
N VAL I 79 -38.08 -6.46 -47.57
CA VAL I 79 -38.47 -7.50 -46.63
C VAL I 79 -39.11 -6.83 -45.42
N ILE I 80 -40.43 -6.95 -45.32
CA ILE I 80 -41.14 -6.64 -44.11
C ILE I 80 -41.36 -7.96 -43.38
N ASN I 81 -41.83 -7.88 -42.13
CA ASN I 81 -41.70 -8.95 -41.14
C ASN I 81 -41.73 -10.36 -41.74
N ASP I 82 -42.66 -10.62 -42.62
CA ASP I 82 -42.56 -11.84 -43.40
C ASP I 82 -42.70 -11.61 -44.90
N LEU I 83 -43.56 -10.67 -45.30
CA LEU I 83 -43.73 -10.39 -46.72
C LEU I 83 -42.50 -9.70 -47.27
N THR I 84 -41.95 -10.25 -48.34
CA THR I 84 -40.80 -9.65 -49.02
C THR I 84 -41.27 -9.25 -50.42
N TYR I 85 -41.59 -7.97 -50.58
CA TYR I 85 -41.95 -7.46 -51.89
C TYR I 85 -40.70 -7.16 -52.70
N HIS I 86 -40.76 -7.43 -53.99
CA HIS I 86 -39.73 -7.00 -54.92
C HIS I 86 -40.27 -5.84 -55.74
N VAL I 87 -39.57 -4.73 -55.67
CA VAL I 87 -40.02 -3.47 -56.25
C VAL I 87 -39.73 -3.48 -57.74
N ARG I 88 -40.40 -2.60 -58.47
CA ARG I 88 -40.11 -2.34 -59.88
C ARG I 88 -39.80 -0.86 -60.04
N PRO I 89 -38.60 -0.42 -59.66
CA PRO I 89 -38.27 1.01 -59.72
C PRO I 89 -38.27 1.50 -61.16
N PRO I 90 -38.82 2.68 -61.42
CA PRO I 90 -38.92 3.15 -62.80
C PRO I 90 -37.57 3.69 -63.26
N LYS I 91 -37.26 3.42 -64.53
CA LYS I 91 -36.05 3.97 -65.11
C LYS I 91 -36.21 5.47 -65.29
N ARG I 92 -35.32 6.22 -64.64
CA ARG I 92 -35.42 7.68 -64.63
C ARG I 92 -35.54 8.22 -66.04
N ASP I 93 -36.40 9.21 -66.21
CA ASP I 93 -36.54 9.89 -67.49
C ASP I 93 -35.39 10.85 -67.70
N LEU I 94 -34.84 10.84 -68.91
CA LEU I 94 -33.65 11.62 -69.24
C LEU I 94 -34.07 12.89 -69.99
N LEU I 95 -34.02 14.02 -69.29
CA LEU I 95 -34.22 15.33 -69.91
C LEU I 95 -33.04 16.25 -69.68
N SER I 96 -31.92 15.72 -69.20
CA SER I 96 -30.75 16.52 -68.83
C SER I 96 -29.90 16.93 -70.03
N HIS I 97 -30.44 16.84 -71.24
CA HIS I 97 -29.67 17.14 -72.45
C HIS I 97 -29.13 18.56 -72.44
N GLU I 98 -30.03 19.54 -72.55
CA GLU I 98 -29.65 20.95 -72.46
C GLU I 98 -30.56 21.78 -71.57
N ASN I 99 -31.80 21.34 -71.30
CA ASN I 99 -32.65 22.08 -70.38
C ASN I 99 -31.97 22.27 -69.04
N ALA I 100 -31.31 21.23 -68.54
CA ALA I 100 -30.57 21.34 -67.29
C ALA I 100 -29.66 22.55 -67.29
N ALA I 101 -28.98 22.80 -68.41
CA ALA I 101 -28.12 23.97 -68.52
C ALA I 101 -28.90 25.25 -68.25
N THR I 102 -29.94 25.51 -69.05
CA THR I 102 -30.75 26.70 -68.79
C THR I 102 -31.55 26.56 -67.50
N LEU I 103 -31.79 25.32 -67.04
CA LEU I 103 -32.42 25.15 -65.74
C LEU I 103 -31.45 25.40 -64.61
N ASN I 104 -30.21 24.91 -64.73
CA ASN I 104 -29.22 25.14 -63.69
C ASN I 104 -28.94 26.61 -63.48
N ASP I 105 -29.33 27.46 -64.44
CA ASP I 105 -29.34 28.89 -64.17
C ASP I 105 -30.56 29.29 -63.37
N VAL I 106 -31.74 28.80 -63.77
CA VAL I 106 -32.96 29.07 -63.03
C VAL I 106 -32.80 28.67 -61.57
N LYS I 107 -32.44 27.41 -61.33
CA LYS I 107 -32.30 26.91 -59.97
C LYS I 107 -31.38 27.80 -59.15
N THR I 108 -30.16 28.04 -59.63
CA THR I 108 -29.22 28.82 -58.84
C THR I 108 -29.63 30.26 -58.67
N LEU I 109 -30.71 30.69 -59.33
CA LEU I 109 -31.26 32.01 -59.07
C LEU I 109 -32.30 31.95 -57.97
N VAL I 110 -33.33 31.11 -58.17
CA VAL I 110 -34.35 30.95 -57.14
C VAL I 110 -33.75 30.47 -55.83
N GLN I 111 -32.81 29.53 -55.91
CA GLN I 111 -32.00 29.22 -54.74
C GLN I 111 -31.43 30.50 -54.14
N GLN I 112 -30.75 31.28 -54.96
CA GLN I 112 -30.15 32.52 -54.46
C GLN I 112 -31.21 33.47 -53.94
N LEU I 113 -32.37 33.52 -54.61
CA LEU I 113 -33.49 34.29 -54.07
C LEU I 113 -33.87 33.79 -52.69
N TYR I 114 -34.33 32.54 -52.59
CA TYR I 114 -34.72 32.00 -51.30
C TYR I 114 -33.60 32.12 -50.29
N THR I 115 -32.36 32.03 -50.75
CA THR I 115 -31.22 32.21 -49.86
C THR I 115 -31.28 33.53 -49.14
N THR I 116 -31.94 34.53 -49.73
CA THR I 116 -32.07 35.81 -49.05
C THR I 116 -33.15 35.77 -47.97
N LEU I 117 -34.28 35.15 -48.26
CA LEU I 117 -35.39 35.14 -47.31
C LEU I 117 -35.03 34.36 -46.06
N CYS I 118 -34.25 33.30 -46.20
CA CYS I 118 -33.93 32.45 -45.07
C CYS I 118 -32.73 32.93 -44.27
N ILE I 119 -31.84 33.73 -44.87
CA ILE I 119 -30.54 33.96 -44.24
C ILE I 119 -30.66 34.88 -43.04
N GLU I 120 -31.25 36.06 -43.22
CA GLU I 120 -31.26 37.06 -42.16
C GLU I 120 -31.84 36.50 -40.87
N GLN I 121 -32.83 35.61 -40.98
CA GLN I 121 -33.28 34.87 -39.81
C GLN I 121 -32.24 33.84 -39.39
N HIS I 122 -31.66 33.14 -40.36
CA HIS I 122 -30.71 32.07 -40.04
C HIS I 122 -29.48 32.62 -39.34
N GLN I 123 -29.08 33.85 -39.68
CA GLN I 123 -27.95 34.47 -39.00
C GLN I 123 -28.22 34.60 -37.51
N LEU I 124 -29.25 35.39 -37.15
CA LEU I 124 -29.54 35.64 -35.76
C LEU I 124 -29.70 34.34 -34.98
N ASN I 125 -30.43 33.39 -35.53
CA ASN I 125 -30.52 32.07 -34.90
C ASN I 125 -29.13 31.49 -34.68
N LYS I 126 -28.29 31.51 -35.72
CA LYS I 126 -26.93 31.03 -35.55
C LYS I 126 -26.14 31.92 -34.61
N GLU I 127 -26.32 33.24 -34.74
CA GLU I 127 -25.56 34.17 -33.91
C GLU I 127 -25.81 33.92 -32.44
N ARG I 128 -27.06 34.02 -32.00
CA ARG I 128 -27.37 33.75 -30.60
C ARG I 128 -27.17 32.30 -30.22
N GLU I 129 -26.71 31.45 -31.14
CA GLU I 129 -26.32 30.10 -30.80
C GLU I 129 -24.83 30.00 -30.51
N LEU I 130 -24.00 30.60 -31.38
CA LEU I 130 -22.56 30.60 -31.13
C LEU I 130 -22.25 31.31 -29.83
N ILE I 131 -22.88 32.45 -29.59
CA ILE I 131 -22.58 33.29 -28.43
C ILE I 131 -22.73 32.56 -27.11
N GLU I 132 -23.34 31.38 -27.10
CA GLU I 132 -23.40 30.58 -25.89
C GLU I 132 -22.47 29.37 -25.91
N ARG I 133 -22.34 28.68 -27.04
CA ARG I 133 -21.39 27.57 -27.08
C ARG I 133 -19.96 28.08 -26.96
N LEU I 134 -19.68 29.24 -27.53
CA LEU I 134 -18.45 29.94 -27.17
C LEU I 134 -18.39 30.14 -25.67
N GLU I 135 -19.42 30.77 -25.09
CA GLU I 135 -19.50 30.92 -23.66
C GLU I 135 -19.39 29.57 -22.96
N ASP I 136 -20.09 28.56 -23.47
CA ASP I 136 -20.01 27.22 -22.90
C ASP I 136 -18.56 26.73 -22.89
N LEU I 137 -17.90 26.78 -24.04
CA LEU I 137 -16.49 26.38 -24.10
C LEU I 137 -15.65 27.20 -23.14
N LYS I 138 -15.65 28.52 -23.32
CA LYS I 138 -14.84 29.40 -22.48
C LYS I 138 -15.07 29.12 -21.00
N GLU I 139 -16.29 28.77 -20.61
CA GLU I 139 -16.53 28.39 -19.22
C GLU I 139 -15.88 27.05 -18.91
N GLN I 140 -16.15 26.04 -19.75
CA GLN I 140 -15.51 24.75 -19.58
C GLN I 140 -13.99 24.87 -19.51
N LEU I 141 -13.43 25.91 -20.12
CA LEU I 141 -11.97 26.10 -20.09
C LEU I 141 -11.48 26.45 -18.69
N ALA I 142 -12.17 27.39 -18.03
CA ALA I 142 -11.70 28.00 -16.78
C ALA I 142 -11.02 27.05 -15.80
N PRO I 143 -11.53 25.84 -15.54
CA PRO I 143 -10.73 24.92 -14.71
C PRO I 143 -9.50 24.41 -15.42
N LEU I 144 -9.62 24.08 -16.71
CA LEU I 144 -8.54 23.40 -17.41
C LEU I 144 -7.33 24.32 -17.61
N GLU I 145 -7.54 25.63 -17.66
CA GLU I 145 -6.43 26.53 -17.93
C GLU I 145 -5.56 26.76 -16.69
N LYS I 146 -6.16 26.68 -15.50
CA LYS I 146 -5.39 26.97 -14.29
C LYS I 146 -4.29 25.95 -14.09
N VAL I 147 -4.66 24.66 -14.12
CA VAL I 147 -3.66 23.60 -14.08
C VAL I 147 -2.69 23.71 -15.26
N ARG I 148 -3.08 24.41 -16.32
CA ARG I 148 -2.12 24.72 -17.37
C ARG I 148 -1.29 25.95 -17.02
N ILE I 149 -1.95 27.03 -16.61
CA ILE I 149 -1.22 28.28 -16.36
C ILE I 149 -0.21 28.13 -15.24
N GLU I 150 -0.27 27.05 -14.46
CA GLU I 150 0.80 26.78 -13.52
C GLU I 150 1.95 26.06 -14.21
N ILE I 151 1.64 25.15 -15.14
CA ILE I 151 2.68 24.48 -15.90
C ILE I 151 3.56 25.51 -16.59
N SER I 152 2.94 26.55 -17.16
CA SER I 152 3.70 27.64 -17.74
C SER I 152 4.57 28.30 -16.70
N ARG I 153 3.95 28.90 -15.68
CA ARG I 153 4.73 29.60 -14.65
C ARG I 153 5.68 28.67 -13.91
N LYS I 154 5.56 27.36 -14.11
CA LYS I 154 6.59 26.43 -13.67
C LYS I 154 7.66 26.26 -14.75
N ALA I 155 7.24 25.87 -15.96
CA ALA I 155 8.21 25.71 -17.04
C ALA I 155 8.87 27.02 -17.38
N GLU I 156 8.13 28.13 -17.29
CA GLU I 156 8.73 29.44 -17.54
C GLU I 156 9.84 29.72 -16.54
N LYS I 157 9.52 29.61 -15.24
CA LYS I 157 10.55 29.78 -14.23
C LYS I 157 11.71 28.82 -14.47
N ARG I 158 11.40 27.58 -14.83
CA ARG I 158 12.46 26.61 -15.13
C ARG I 158 13.24 27.01 -16.37
N THR I 159 12.63 27.77 -17.29
CA THR I 159 13.34 28.18 -18.49
C THR I 159 13.82 29.62 -18.44
N THR I 160 13.27 30.45 -17.55
CA THR I 160 13.93 31.72 -17.29
C THR I 160 15.12 31.55 -16.36
N LEU I 161 15.36 30.33 -15.90
CA LEU I 161 16.60 30.03 -15.19
C LEU I 161 17.77 29.90 -16.17
N VAL I 162 17.65 29.00 -17.14
CA VAL I 162 18.72 28.77 -18.09
C VAL I 162 19.06 30.06 -18.83
N LEU I 163 18.05 30.85 -19.19
CA LEU I 163 18.31 32.12 -19.86
C LEU I 163 19.20 33.02 -19.01
N TRP I 164 19.18 32.83 -17.70
CA TRP I 164 20.19 33.44 -16.86
C TRP I 164 21.42 32.58 -16.74
N GLY I 165 21.24 31.26 -16.76
CA GLY I 165 22.38 30.36 -16.67
C GLY I 165 23.37 30.57 -17.79
N GLY I 166 22.87 30.70 -19.02
CA GLY I 166 23.74 31.02 -20.13
C GLY I 166 24.56 32.28 -19.88
N LEU I 167 23.99 33.24 -19.16
CA LEU I 167 24.75 34.43 -18.83
C LEU I 167 25.87 34.10 -17.86
N ALA I 168 25.61 33.21 -16.90
CA ALA I 168 26.69 32.74 -16.03
C ALA I 168 27.81 32.11 -16.86
N TYR I 169 27.45 31.12 -17.67
CA TYR I 169 28.42 30.54 -18.60
C TYR I 169 29.14 31.61 -19.39
N MET I 170 28.44 32.68 -19.76
CA MET I 170 29.08 33.78 -20.46
C MET I 170 29.80 34.72 -19.49
N ALA I 171 29.54 34.61 -18.19
CA ALA I 171 30.21 35.47 -17.23
C ALA I 171 31.56 34.89 -16.82
N THR I 172 31.56 33.63 -16.36
CA THR I 172 32.81 32.98 -16.00
C THR I 172 33.79 32.97 -17.18
N GLN I 173 33.29 32.64 -18.38
CA GLN I 173 34.14 32.63 -19.56
C GLN I 173 34.78 33.98 -19.84
N PHE I 174 34.38 35.02 -19.14
CA PHE I 174 35.08 36.29 -19.21
C PHE I 174 35.98 36.52 -18.00
N GLY I 175 35.76 35.81 -16.91
CA GLY I 175 36.66 35.86 -15.78
C GLY I 175 37.80 34.88 -15.91
N ILE I 176 37.47 33.59 -16.07
CA ILE I 176 38.50 32.56 -16.14
C ILE I 176 39.42 32.74 -17.33
N LEU I 177 39.09 33.64 -18.25
CA LEU I 177 40.01 34.01 -19.30
C LEU I 177 40.53 35.43 -19.14
N ALA I 178 40.16 36.12 -18.06
CA ALA I 178 40.78 37.39 -17.72
C ALA I 178 41.91 37.18 -16.71
N ARG I 179 41.58 36.61 -15.55
CA ARG I 179 42.59 36.28 -14.56
C ARG I 179 43.70 35.44 -15.18
N LEU I 180 43.32 34.39 -15.90
CA LEU I 180 44.27 33.46 -16.47
C LEU I 180 45.09 34.09 -17.59
N THR I 181 44.85 35.37 -17.91
CA THR I 181 45.55 35.94 -19.04
C THR I 181 46.03 37.37 -18.78
N TRP I 182 46.12 37.78 -17.53
CA TRP I 182 46.83 39.02 -17.23
C TRP I 182 47.77 38.84 -16.06
N TRP I 183 47.44 37.93 -15.15
CA TRP I 183 48.16 37.78 -13.91
C TRP I 183 48.93 36.48 -13.82
N GLU I 184 48.28 35.35 -14.05
CA GLU I 184 48.99 34.06 -13.97
C GLU I 184 49.79 33.80 -15.23
N TYR I 185 49.11 33.66 -16.36
CA TYR I 185 49.76 33.31 -17.61
C TYR I 185 50.11 34.58 -18.38
N SER I 186 50.45 34.42 -19.66
CA SER I 186 50.68 35.55 -20.54
C SER I 186 49.83 35.40 -21.79
N TRP I 187 49.40 36.55 -22.33
CA TRP I 187 48.46 36.56 -23.44
C TRP I 187 48.89 35.62 -24.56
N ASP I 188 50.19 35.61 -24.88
CA ASP I 188 50.68 34.82 -26.00
C ASP I 188 50.52 33.33 -25.82
N ILE I 189 50.03 32.86 -24.67
CA ILE I 189 49.75 31.45 -24.47
C ILE I 189 48.28 31.17 -24.23
N MET I 190 47.44 32.21 -24.19
CA MET I 190 46.00 32.04 -24.13
C MET I 190 45.29 32.40 -25.42
N GLU I 191 45.80 33.38 -26.17
CA GLU I 191 45.20 33.71 -27.46
C GLU I 191 44.90 32.48 -28.32
N PRO I 192 45.83 31.54 -28.51
CA PRO I 192 45.47 30.32 -29.27
C PRO I 192 44.42 29.46 -28.59
N VAL I 193 43.92 29.86 -27.42
CA VAL I 193 42.68 29.33 -26.88
C VAL I 193 41.55 30.34 -27.01
N THR I 194 41.88 31.61 -26.80
CA THR I 194 40.95 32.70 -27.10
C THR I 194 40.29 32.51 -28.45
N TYR I 195 41.09 32.32 -29.48
CA TYR I 195 40.54 32.08 -30.81
C TYR I 195 39.77 30.76 -30.85
N PHE I 196 40.39 29.68 -30.40
CA PHE I 196 39.76 28.37 -30.50
C PHE I 196 38.46 28.27 -29.70
N ILE I 197 38.19 29.21 -28.80
CA ILE I 197 36.93 29.11 -28.07
C ILE I 197 35.80 29.75 -28.86
N THR I 198 36.06 30.84 -29.57
CA THR I 198 35.04 31.40 -30.45
C THR I 198 34.70 30.41 -31.56
N TYR I 199 35.72 29.98 -32.31
CA TYR I 199 35.48 28.94 -33.31
C TYR I 199 34.90 27.68 -32.69
N GLY I 200 35.08 27.49 -31.39
CA GLY I 200 34.35 26.43 -30.71
C GLY I 200 32.86 26.71 -30.68
N SER I 201 32.49 27.95 -30.35
CA SER I 201 31.07 28.32 -30.37
C SER I 201 30.48 28.11 -31.74
N ALA I 202 31.05 28.78 -32.76
CA ALA I 202 30.49 28.72 -34.11
C ALA I 202 30.22 27.30 -34.56
N MET I 203 30.98 26.34 -34.05
CA MET I 203 30.65 24.95 -34.33
C MET I 203 29.38 24.53 -33.60
N ALA I 204 29.27 24.90 -32.31
CA ALA I 204 28.08 24.54 -31.55
C ALA I 204 26.82 25.10 -32.18
N MET I 205 26.83 26.40 -32.50
CA MET I 205 25.70 27.00 -33.20
C MET I 205 25.31 26.18 -34.42
N TYR I 206 26.25 25.95 -35.33
CA TYR I 206 25.97 25.11 -36.48
C TYR I 206 25.51 23.73 -36.04
N ALA I 207 26.12 23.18 -35.00
CA ALA I 207 25.66 21.89 -34.50
C ALA I 207 24.23 21.99 -33.99
N TYR I 208 23.90 23.09 -33.31
CA TYR I 208 22.52 23.32 -32.90
C TYR I 208 21.60 23.33 -34.10
N PHE I 209 21.99 24.02 -35.17
CA PHE I 209 21.16 24.06 -36.36
C PHE I 209 21.01 22.69 -36.98
N VAL I 210 22.02 21.84 -36.84
CA VAL I 210 21.87 20.48 -37.34
C VAL I 210 21.12 19.62 -36.33
N MET I 211 21.39 19.82 -35.05
CA MET I 211 20.59 19.15 -34.01
C MET I 211 19.12 19.42 -34.21
N THR I 212 18.75 20.69 -34.38
CA THR I 212 17.38 21.07 -34.67
C THR I 212 17.38 22.21 -35.66
N ARG I 213 16.43 22.19 -36.60
CA ARG I 213 16.43 23.15 -37.68
C ARG I 213 16.03 24.55 -37.21
N GLN I 214 16.92 25.20 -36.47
CA GLN I 214 16.78 26.61 -36.15
C GLN I 214 18.09 27.31 -36.44
N GLU I 215 18.01 28.61 -36.76
CA GLU I 215 19.22 29.38 -36.96
C GLU I 215 20.00 29.59 -35.67
N TYR I 216 19.43 29.21 -34.53
CA TYR I 216 19.96 29.53 -33.20
C TYR I 216 20.04 31.04 -33.00
N VAL I 217 18.87 31.66 -32.95
CA VAL I 217 18.72 33.02 -32.47
C VAL I 217 17.99 32.95 -31.14
N TYR I 218 18.48 33.70 -30.16
CA TYR I 218 18.01 33.62 -28.79
C TYR I 218 16.49 33.70 -28.68
N PRO I 219 15.84 34.77 -29.16
CA PRO I 219 14.39 34.88 -28.96
C PRO I 219 13.62 33.72 -29.53
N GLU I 220 14.18 33.01 -30.51
CA GLU I 220 13.59 31.76 -30.95
C GLU I 220 14.06 30.60 -30.08
N ALA I 221 15.38 30.44 -29.95
CA ALA I 221 15.92 29.29 -29.25
C ALA I 221 15.40 29.19 -27.82
N ARG I 222 15.07 30.33 -27.20
CA ARG I 222 14.42 30.29 -25.90
C ARG I 222 13.10 29.55 -25.98
N ASP I 223 12.27 29.91 -26.96
CA ASP I 223 10.92 29.37 -27.01
C ASP I 223 10.92 27.88 -27.26
N ARG I 224 11.77 27.41 -28.17
CA ARG I 224 11.87 25.97 -28.37
C ARG I 224 12.27 25.27 -27.08
N GLN I 225 13.16 25.88 -26.31
CA GLN I 225 13.50 25.31 -25.01
C GLN I 225 12.32 25.37 -24.07
N TYR I 226 11.64 26.52 -24.01
CA TYR I 226 10.43 26.66 -23.21
C TYR I 226 9.45 25.53 -23.51
N LEU I 227 9.15 25.32 -24.79
CA LEU I 227 8.23 24.26 -25.20
C LEU I 227 8.61 22.93 -24.57
N LEU I 228 9.89 22.57 -24.64
CA LEU I 228 10.31 21.30 -24.07
C LEU I 228 10.07 21.25 -22.57
N PHE I 229 10.48 22.30 -21.85
CA PHE I 229 10.18 22.37 -20.44
C PHE I 229 8.69 22.31 -20.17
N PHE I 230 7.88 22.85 -21.08
CA PHE I 230 6.44 22.81 -20.90
C PHE I 230 5.91 21.40 -21.01
N HIS I 231 6.12 20.76 -22.16
CA HIS I 231 5.59 19.41 -22.37
C HIS I 231 6.14 18.43 -21.35
N LYS I 232 7.45 18.48 -21.12
CA LYS I 232 8.02 17.63 -20.08
C LYS I 232 7.48 18.00 -18.71
N GLY I 233 7.09 19.26 -18.53
CA GLY I 233 6.44 19.64 -17.29
C GLY I 233 4.99 19.19 -17.23
N ALA I 234 4.28 19.30 -18.36
CA ALA I 234 2.88 18.89 -18.39
C ALA I 234 2.75 17.38 -18.37
N LYS I 235 3.44 16.69 -19.29
CA LYS I 235 3.39 15.24 -19.33
C LYS I 235 3.76 14.62 -17.99
N LYS I 236 4.68 15.25 -17.25
CA LYS I 236 4.96 14.81 -15.90
C LYS I 236 3.76 15.04 -14.99
N SER I 237 3.22 16.26 -15.00
CA SER I 237 2.08 16.58 -14.16
C SER I 237 0.79 15.89 -14.61
N ARG I 238 0.85 15.10 -15.68
CA ARG I 238 -0.27 14.26 -16.13
C ARG I 238 -1.42 15.10 -16.66
N PHE I 239 -1.29 16.42 -16.57
CA PHE I 239 -2.31 17.32 -17.09
C PHE I 239 -2.41 17.18 -18.60
N ASP I 240 -3.64 17.05 -19.10
CA ASP I 240 -3.86 16.90 -20.52
C ASP I 240 -3.51 18.19 -21.26
N LEU I 241 -3.09 18.04 -22.51
CA LEU I 241 -2.83 19.19 -23.35
C LEU I 241 -3.57 19.03 -24.67
N GLU I 242 -3.68 17.79 -25.14
CA GLU I 242 -4.30 17.55 -26.43
C GLU I 242 -5.75 18.01 -26.46
N LYS I 243 -6.42 18.07 -25.31
CA LYS I 243 -7.74 18.66 -25.28
C LYS I 243 -7.69 20.17 -25.09
N TYR I 244 -6.75 20.65 -24.26
CA TYR I 244 -6.68 22.08 -23.96
C TYR I 244 -6.58 22.91 -25.23
N ASN I 245 -5.63 22.58 -26.10
CA ASN I 245 -5.51 23.32 -27.35
C ASN I 245 -6.73 23.12 -28.23
N GLN I 246 -7.20 21.87 -28.33
CA GLN I 246 -8.41 21.60 -29.11
C GLN I 246 -9.57 22.45 -28.63
N LEU I 247 -9.77 22.52 -27.31
CA LEU I 247 -10.68 23.51 -26.75
C LEU I 247 -10.31 24.90 -27.22
N LYS I 248 -9.07 25.33 -26.94
CA LYS I 248 -8.63 26.66 -27.31
C LYS I 248 -8.78 26.91 -28.80
N ASP I 249 -8.71 25.85 -29.61
CA ASP I 249 -9.03 25.99 -31.03
C ASP I 249 -10.51 26.28 -31.22
N ALA I 250 -11.36 25.42 -30.64
CA ALA I 250 -12.80 25.56 -30.82
C ALA I 250 -13.29 26.94 -30.40
N ILE I 251 -12.63 27.56 -29.43
CA ILE I 251 -13.01 28.92 -29.05
C ILE I 251 -12.73 29.89 -30.20
N ALA I 252 -11.46 30.00 -30.59
CA ALA I 252 -11.08 31.00 -31.58
C ALA I 252 -11.82 30.77 -32.90
N GLN I 253 -11.88 29.51 -33.35
CA GLN I 253 -12.64 29.20 -34.54
C GLN I 253 -14.07 29.68 -34.42
N ALA I 254 -14.73 29.35 -33.32
CA ALA I 254 -16.07 29.88 -33.07
C ALA I 254 -16.02 31.39 -32.88
N GLU I 255 -15.02 31.88 -32.16
CA GLU I 255 -14.92 33.32 -31.90
C GLU I 255 -14.81 34.09 -33.21
N MET I 256 -13.92 33.63 -34.11
CA MET I 256 -13.73 34.34 -35.37
C MET I 256 -15.03 34.42 -36.16
N ASP I 257 -15.89 33.41 -36.05
CA ASP I 257 -17.15 33.45 -36.78
C ASP I 257 -18.05 34.58 -36.28
N LEU I 258 -18.08 34.80 -34.96
CA LEU I 258 -18.76 35.99 -34.44
C LEU I 258 -18.27 37.24 -35.15
N LYS I 259 -16.97 37.33 -35.39
CA LYS I 259 -16.44 38.49 -36.09
C LYS I 259 -16.93 38.52 -37.53
N ARG I 260 -17.23 37.36 -38.12
CA ARG I 260 -17.78 37.36 -39.47
C ARG I 260 -19.21 37.88 -39.46
N LEU I 261 -20.02 37.45 -38.50
CA LEU I 261 -21.42 37.87 -38.45
C LEU I 261 -21.58 39.35 -38.14
N ARG I 262 -20.51 40.06 -37.78
CA ARG I 262 -20.62 41.47 -37.49
C ARG I 262 -21.02 42.25 -38.74
N ASP I 263 -20.66 41.77 -39.92
CA ASP I 263 -20.98 42.51 -41.14
C ASP I 263 -22.47 42.43 -41.49
N PRO I 264 -23.09 41.25 -41.59
CA PRO I 264 -24.50 41.22 -42.01
C PRO I 264 -25.45 41.73 -40.94
N LEU I 265 -25.07 41.71 -39.67
CA LEU I 265 -25.99 42.11 -38.61
C LEU I 265 -25.88 43.60 -38.30
N GLN I 266 -24.70 44.05 -37.85
CA GLN I 266 -24.57 45.44 -37.44
C GLN I 266 -24.46 46.38 -38.62
N VAL I 267 -24.15 45.87 -39.80
CA VAL I 267 -23.82 46.74 -40.92
C VAL I 267 -24.70 46.40 -42.12
N HIS I 268 -25.30 45.20 -42.08
CA HIS I 268 -26.11 44.69 -43.18
C HIS I 268 -25.31 44.56 -44.47
N LEU I 269 -24.04 44.32 -44.35
CA LEU I 269 -23.20 44.12 -45.51
C LEU I 269 -22.97 42.64 -45.75
N PRO I 270 -22.86 42.24 -47.01
CA PRO I 270 -22.70 40.81 -47.33
C PRO I 270 -21.55 40.17 -46.57
N LEU I 271 -21.74 38.90 -46.23
CA LEU I 271 -20.79 38.19 -45.41
C LEU I 271 -19.55 37.82 -46.21
N ARG I 272 -18.39 38.05 -45.62
CA ARG I 272 -17.13 37.63 -46.23
C ARG I 272 -16.76 36.24 -45.74
N GLN I 273 -15.96 35.55 -46.54
CA GLN I 273 -15.65 34.15 -46.24
C GLN I 273 -14.27 33.74 -46.71
N VAL J 1 7.89 48.93 -37.73
CA VAL J 1 6.75 48.24 -37.16
C VAL J 1 6.40 48.89 -35.81
N ILE J 2 6.63 50.20 -35.73
CA ILE J 2 6.24 50.95 -34.55
C ILE J 2 4.72 51.00 -34.41
N VAL J 3 4.02 51.21 -35.52
CA VAL J 3 2.57 51.33 -35.52
C VAL J 3 1.99 50.11 -36.21
N THR J 4 0.77 49.76 -35.84
CA THR J 4 0.08 48.68 -36.52
C THR J 4 -0.38 49.16 -37.90
N ARG J 5 -0.96 48.24 -38.67
CA ARG J 5 -1.42 48.59 -40.00
C ARG J 5 -2.63 49.51 -39.95
N SER J 6 -3.47 49.37 -38.92
CA SER J 6 -4.64 50.23 -38.80
C SER J 6 -4.26 51.68 -38.58
N GLY J 7 -3.09 51.93 -38.04
CA GLY J 7 -2.66 53.26 -37.67
C GLY J 7 -2.53 53.47 -36.18
N ALA J 8 -2.98 52.52 -35.37
CA ALA J 8 -2.80 52.59 -33.94
C ALA J 8 -1.32 52.47 -33.59
N ILE J 9 -1.01 52.72 -32.32
CA ILE J 9 0.36 52.65 -31.83
C ILE J 9 0.49 51.40 -30.97
N LEU J 10 1.51 50.60 -31.25
CA LEU J 10 1.78 49.38 -30.48
C LEU J 10 1.89 49.70 -29.00
N PRO J 11 1.60 48.75 -28.12
CA PRO J 11 1.60 49.05 -26.68
C PRO J 11 2.99 49.35 -26.15
N LYS J 12 3.07 49.66 -24.87
CA LYS J 12 4.36 49.90 -24.26
C LYS J 12 5.08 48.57 -24.06
N PRO J 13 6.34 48.45 -24.49
CA PRO J 13 7.08 47.23 -24.21
C PRO J 13 7.36 47.13 -22.72
N VAL J 14 7.73 45.93 -22.30
CA VAL J 14 7.82 45.61 -20.88
C VAL J 14 9.27 45.28 -20.53
N LYS J 15 9.93 46.20 -19.83
CA LYS J 15 11.17 45.89 -19.17
C LYS J 15 10.89 45.03 -17.94
N MET J 16 11.95 44.51 -17.32
CA MET J 16 11.76 43.55 -16.22
C MET J 16 12.34 44.13 -14.93
N SER J 17 11.54 44.94 -14.25
CA SER J 17 11.71 45.29 -12.84
C SER J 17 13.14 45.73 -12.52
N PHE J 18 13.53 46.85 -13.12
CA PHE J 18 14.87 47.40 -12.94
C PHE J 18 15.95 46.38 -13.28
N GLY J 19 15.68 45.56 -14.30
CA GLY J 19 16.56 44.44 -14.59
C GLY J 19 18.03 44.82 -14.72
N LEU J 20 18.31 46.01 -15.24
CA LEU J 20 19.70 46.45 -15.40
C LEU J 20 20.48 46.28 -14.10
N LEU J 21 19.94 46.79 -13.00
CA LEU J 21 20.59 46.61 -11.70
C LEU J 21 20.29 45.25 -11.09
N ARG J 22 19.77 44.31 -11.87
CA ARG J 22 19.64 42.93 -11.48
C ARG J 22 20.60 42.03 -12.23
N VAL J 23 20.64 42.15 -13.56
CA VAL J 23 21.64 41.45 -14.35
C VAL J 23 23.04 41.87 -13.93
N PHE J 24 23.26 43.18 -13.77
CA PHE J 24 24.57 43.69 -13.40
C PHE J 24 25.07 43.14 -12.08
N SER J 25 24.19 42.55 -11.26
CA SER J 25 24.60 41.91 -10.02
C SER J 25 24.42 40.39 -10.09
N ILE J 26 24.25 39.85 -11.29
CA ILE J 26 24.37 38.41 -11.50
C ILE J 26 25.57 38.06 -12.37
N VAL J 27 26.01 38.95 -13.24
CA VAL J 27 27.27 38.75 -13.95
C VAL J 27 28.44 38.84 -12.99
N ILE J 28 28.51 39.91 -12.19
CA ILE J 28 29.68 40.16 -11.35
C ILE J 28 29.96 39.01 -10.39
N PRO J 29 28.99 38.50 -9.62
CA PRO J 29 29.30 37.30 -8.81
C PRO J 29 29.79 36.14 -9.63
N PHE J 30 29.11 35.83 -10.74
CA PHE J 30 29.61 34.81 -11.65
C PHE J 30 30.81 35.29 -12.46
N LEU J 31 31.18 36.57 -12.35
CA LEU J 31 32.45 37.02 -12.88
C LEU J 31 33.55 36.87 -11.84
N TYR J 32 33.22 37.09 -10.57
CA TYR J 32 34.22 36.92 -9.53
C TYR J 32 34.60 35.46 -9.34
N VAL J 33 33.69 34.53 -9.65
CA VAL J 33 34.08 33.13 -9.68
C VAL J 33 35.12 32.90 -10.76
N GLY J 34 35.04 33.67 -11.84
CA GLY J 34 36.03 33.61 -12.90
C GLY J 34 37.42 33.92 -12.40
N THR J 35 37.61 35.14 -11.90
CA THR J 35 38.90 35.50 -11.32
C THR J 35 39.24 34.65 -10.09
N LEU J 36 38.32 33.78 -9.65
CA LEU J 36 38.64 32.85 -8.58
C LEU J 36 39.02 31.48 -9.12
N ILE J 37 38.14 30.87 -9.91
CA ILE J 37 38.42 29.53 -10.41
C ILE J 37 39.53 29.54 -11.46
N SER J 38 39.96 30.72 -11.89
CA SER J 38 41.13 30.78 -12.76
C SER J 38 42.42 30.70 -11.95
N LYS J 39 42.60 31.66 -11.03
CA LYS J 39 43.75 31.62 -10.13
C LYS J 39 43.89 30.26 -9.46
N ASN J 40 42.79 29.75 -8.91
CA ASN J 40 42.82 28.45 -8.25
C ASN J 40 43.30 27.35 -9.19
N PHE J 41 42.78 27.34 -10.43
CA PHE J 41 43.13 26.26 -11.34
C PHE J 41 44.55 26.41 -11.86
N ALA J 42 44.99 27.64 -12.11
CA ALA J 42 46.37 27.86 -12.55
C ALA J 42 47.37 27.30 -11.56
N ALA J 43 47.24 27.67 -10.28
CA ALA J 43 48.06 27.09 -9.23
C ALA J 43 47.89 25.59 -9.10
N LEU J 44 46.73 25.06 -9.50
CA LEU J 44 46.50 23.62 -9.44
C LEU J 44 47.33 22.86 -10.45
N LEU J 45 47.91 23.54 -11.44
CA LEU J 45 48.85 22.89 -12.33
C LEU J 45 50.30 23.12 -11.92
N GLU J 46 50.54 23.94 -10.89
CA GLU J 46 51.88 24.04 -10.33
C GLU J 46 52.24 22.77 -9.57
N GLU J 47 51.37 22.35 -8.66
CA GLU J 47 51.67 21.17 -7.85
C GLU J 47 51.71 19.91 -8.69
N HIS J 48 51.08 19.94 -9.86
CA HIS J 48 51.27 18.86 -10.82
C HIS J 48 52.22 19.29 -11.92
N ASP J 49 52.37 18.43 -12.93
CA ASP J 49 53.40 18.59 -13.94
C ASP J 49 52.85 18.84 -15.34
N ILE J 50 51.59 19.21 -15.48
CA ILE J 50 51.01 19.33 -16.82
C ILE J 50 51.41 20.65 -17.47
N PHE J 51 51.42 21.74 -16.71
CA PHE J 51 51.72 23.06 -17.26
C PHE J 51 52.53 23.86 -16.25
N VAL J 52 53.74 24.23 -16.64
CA VAL J 52 54.67 24.90 -15.72
C VAL J 52 54.42 26.40 -15.58
N PRO J 53 54.15 27.17 -16.65
CA PRO J 53 54.09 28.60 -16.34
C PRO J 53 52.80 28.98 -15.62
N ASP K 1 -64.86 23.50 -40.67
CA ASP K 1 -63.84 22.50 -40.93
C ASP K 1 -62.45 23.08 -40.82
N VAL K 2 -61.49 22.45 -41.48
CA VAL K 2 -60.10 22.89 -41.46
C VAL K 2 -59.79 23.63 -42.74
N THR K 3 -58.99 24.68 -42.64
CA THR K 3 -58.57 25.45 -43.80
C THR K 3 -57.16 25.95 -43.59
N VAL K 4 -56.43 26.07 -44.69
CA VAL K 4 -55.07 26.59 -44.70
C VAL K 4 -55.02 27.81 -45.60
N VAL K 5 -54.38 28.87 -45.12
CA VAL K 5 -54.24 30.10 -45.88
C VAL K 5 -52.93 30.73 -45.48
N TYR K 6 -52.32 31.47 -46.40
CA TYR K 6 -51.00 32.02 -46.19
C TYR K 6 -51.06 33.39 -45.54
N GLN K 7 -50.18 33.62 -44.58
CA GLN K 7 -50.11 34.90 -43.90
C GLN K 7 -48.66 35.18 -43.55
N ASN K 8 -48.16 36.34 -43.97
CA ASN K 8 -46.81 36.79 -43.67
C ASN K 8 -45.77 35.78 -44.16
N GLY K 9 -46.00 35.24 -45.36
CA GLY K 9 -45.07 34.32 -45.96
C GLY K 9 -45.21 32.89 -45.51
N LEU K 10 -45.98 32.63 -44.47
CA LEU K 10 -46.14 31.28 -43.94
C LEU K 10 -47.61 30.87 -44.03
N PRO K 11 -47.87 29.58 -44.12
CA PRO K 11 -49.27 29.13 -44.10
C PRO K 11 -49.76 28.89 -42.68
N VAL K 12 -50.90 29.48 -42.34
CA VAL K 12 -51.56 29.17 -41.08
C VAL K 12 -52.60 28.08 -41.37
N ILE K 13 -52.67 27.10 -40.48
CA ILE K 13 -53.56 25.97 -40.64
C ILE K 13 -54.49 25.94 -39.44
N SER K 14 -55.75 26.29 -39.65
CA SER K 14 -56.70 26.48 -38.55
C SER K 14 -57.55 25.22 -38.39
N VAL K 15 -56.95 24.20 -37.78
CA VAL K 15 -57.62 22.94 -37.51
C VAL K 15 -58.63 23.16 -36.41
N ARG K 16 -59.53 22.21 -36.19
CA ARG K 16 -60.46 22.24 -35.08
C ARG K 16 -60.07 21.14 -34.10
N LEU K 17 -59.50 21.52 -32.97
CA LEU K 17 -59.12 20.55 -31.97
C LEU K 17 -60.35 19.89 -31.36
N PRO K 18 -60.27 18.61 -30.99
CA PRO K 18 -61.45 17.93 -30.45
C PRO K 18 -61.86 18.44 -29.08
N SER K 19 -60.93 18.46 -28.12
CA SER K 19 -61.30 18.86 -26.77
C SER K 19 -61.55 20.36 -26.72
N ARG K 20 -62.62 20.74 -26.03
CA ARG K 20 -63.16 22.09 -25.98
C ARG K 20 -63.71 22.53 -27.33
N ARG K 21 -63.63 21.68 -28.35
CA ARG K 21 -64.05 22.04 -29.71
C ARG K 21 -63.41 23.35 -30.14
N GLU K 22 -62.18 23.58 -29.70
CA GLU K 22 -61.47 24.79 -30.08
C GLU K 22 -61.08 24.74 -31.55
N ARG K 23 -60.58 25.87 -32.04
CA ARG K 23 -60.13 25.99 -33.42
C ARG K 23 -58.71 26.55 -33.35
N CYS K 24 -57.75 25.68 -33.15
CA CYS K 24 -56.36 26.10 -33.06
C CYS K 24 -55.79 26.33 -34.45
N GLN K 25 -54.76 27.17 -34.53
CA GLN K 25 -54.14 27.51 -35.80
C GLN K 25 -52.63 27.49 -35.65
N PHE K 26 -51.96 26.77 -36.54
CA PHE K 26 -50.51 26.63 -36.53
C PHE K 26 -49.90 27.38 -37.69
N THR K 27 -48.81 28.09 -37.41
CA THR K 27 -47.93 28.60 -38.46
C THR K 27 -46.75 27.65 -38.52
N LEU K 28 -46.53 27.06 -39.70
CA LEU K 28 -45.53 26.02 -39.85
C LEU K 28 -44.62 26.34 -41.01
N LYS K 29 -43.33 26.36 -40.76
CA LYS K 29 -42.34 26.74 -41.75
C LYS K 29 -42.22 25.67 -42.82
N PRO K 30 -42.69 25.91 -44.05
CA PRO K 30 -42.75 24.83 -45.03
C PRO K 30 -41.40 24.30 -45.48
N ILE K 31 -40.28 24.82 -44.99
CA ILE K 31 -38.97 24.32 -45.39
C ILE K 31 -38.42 23.33 -44.36
N SER K 32 -38.43 23.69 -43.08
CA SER K 32 -37.83 22.88 -42.04
C SER K 32 -38.86 22.18 -41.19
N ASP K 33 -39.98 21.79 -41.79
CA ASP K 33 -41.04 21.11 -41.06
C ASP K 33 -41.52 19.92 -41.87
N SER K 34 -41.34 18.74 -41.32
CA SER K 34 -41.98 17.54 -41.84
C SER K 34 -43.27 17.29 -41.07
N VAL K 35 -44.21 16.61 -41.72
CA VAL K 35 -45.44 16.23 -41.02
C VAL K 35 -45.09 15.50 -39.73
N GLY K 36 -43.92 14.88 -39.67
CA GLY K 36 -43.46 14.30 -38.43
C GLY K 36 -43.37 15.30 -37.29
N VAL K 37 -43.24 16.59 -37.60
CA VAL K 37 -43.16 17.60 -36.56
C VAL K 37 -44.38 18.51 -36.54
N PHE K 38 -45.16 18.55 -37.61
CA PHE K 38 -46.42 19.28 -37.53
C PHE K 38 -47.46 18.49 -36.76
N LEU K 39 -47.41 17.16 -36.87
CA LEU K 39 -48.33 16.32 -36.11
C LEU K 39 -47.98 16.34 -34.64
N ARG K 40 -46.73 15.99 -34.30
CA ARG K 40 -46.30 16.06 -32.91
C ARG K 40 -46.58 17.43 -32.32
N GLN K 41 -46.51 18.48 -33.13
CA GLN K 41 -46.93 19.80 -32.68
C GLN K 41 -48.43 19.87 -32.52
N LEU K 42 -49.17 19.07 -33.28
CA LEU K 42 -50.63 19.09 -33.18
C LEU K 42 -51.10 18.38 -31.93
N GLN K 43 -50.47 17.25 -31.59
CA GLN K 43 -50.83 16.56 -30.36
C GLN K 43 -50.52 17.41 -29.15
N GLU K 44 -49.24 17.74 -28.94
CA GLU K 44 -48.83 18.48 -27.76
C GLU K 44 -49.60 19.79 -27.58
N GLU K 45 -50.28 20.27 -28.61
CA GLU K 45 -51.21 21.36 -28.41
C GLU K 45 -52.37 20.93 -27.52
N ASP K 46 -52.87 19.70 -27.72
CA ASP K 46 -53.93 19.18 -26.86
C ASP K 46 -53.88 17.65 -26.92
N ARG K 47 -53.33 17.04 -25.86
CA ARG K 47 -52.99 15.62 -25.89
C ARG K 47 -54.18 14.71 -26.14
N GLY K 48 -55.39 15.24 -26.18
CA GLY K 48 -56.56 14.39 -26.28
C GLY K 48 -56.75 13.77 -27.65
N ILE K 49 -55.67 13.65 -28.40
CA ILE K 49 -55.72 13.13 -29.76
C ILE K 49 -55.00 11.80 -29.77
N ASP K 50 -55.78 10.71 -29.86
CA ASP K 50 -55.22 9.37 -29.84
C ASP K 50 -54.26 9.17 -31.01
N ARG K 51 -54.80 9.21 -32.22
CA ARG K 51 -54.01 9.07 -33.43
C ARG K 51 -54.31 10.25 -34.33
N VAL K 52 -53.30 10.68 -35.07
CA VAL K 52 -53.45 11.75 -36.03
C VAL K 52 -52.53 11.46 -37.21
N ALA K 53 -53.11 11.33 -38.39
CA ALA K 53 -52.35 11.02 -39.59
C ALA K 53 -52.87 11.88 -40.72
N ILE K 54 -52.16 11.82 -41.85
CA ILE K 54 -52.46 12.64 -43.01
C ILE K 54 -52.57 11.75 -44.22
N TYR K 55 -53.67 11.86 -44.95
CA TYR K 55 -53.94 10.97 -46.07
C TYR K 55 -53.94 11.77 -47.36
N SER K 56 -53.13 11.35 -48.32
CA SER K 56 -53.27 11.85 -49.67
C SER K 56 -54.65 11.43 -50.19
N PRO K 57 -55.26 12.24 -51.07
CA PRO K 57 -56.67 12.04 -51.42
C PRO K 57 -57.09 10.62 -51.78
N ASP K 58 -56.13 9.76 -52.10
CA ASP K 58 -56.43 8.40 -52.52
C ASP K 58 -56.18 7.38 -51.42
N GLY K 59 -56.48 7.74 -50.17
CA GLY K 59 -56.40 6.79 -49.08
C GLY K 59 -54.99 6.46 -48.65
N VAL K 60 -54.03 6.62 -49.56
CA VAL K 60 -52.64 6.36 -49.22
C VAL K 60 -52.20 7.34 -48.14
N ARG K 61 -51.54 6.82 -47.11
CA ARG K 61 -51.15 7.67 -45.99
C ARG K 61 -49.87 8.41 -46.30
N VAL K 62 -49.88 9.72 -46.07
CA VAL K 62 -48.65 10.47 -46.19
C VAL K 62 -47.66 10.02 -45.12
N ALA K 63 -46.39 10.24 -45.38
CA ALA K 63 -45.34 9.68 -44.55
C ALA K 63 -45.26 10.45 -43.24
N ALA K 64 -44.21 10.20 -42.47
CA ALA K 64 -43.86 11.00 -41.32
C ALA K 64 -42.61 11.84 -41.55
N SER K 65 -42.23 12.02 -42.82
CA SER K 65 -41.03 12.76 -43.15
C SER K 65 -41.20 13.78 -44.27
N THR K 66 -42.26 13.69 -45.07
CA THR K 66 -42.43 14.61 -46.17
C THR K 66 -42.54 16.04 -45.64
N GLY K 67 -41.80 16.95 -46.26
CA GLY K 67 -41.90 18.35 -45.88
C GLY K 67 -43.25 18.94 -46.27
N ILE K 68 -43.73 19.86 -45.44
CA ILE K 68 -45.08 20.39 -45.63
C ILE K 68 -45.24 21.00 -47.00
N ASP K 69 -44.20 21.70 -47.47
CA ASP K 69 -44.24 22.25 -48.82
C ASP K 69 -44.56 21.16 -49.84
N LEU K 70 -43.90 20.00 -49.71
CA LEU K 70 -44.20 18.89 -50.61
C LEU K 70 -45.65 18.46 -50.48
N LEU K 71 -46.20 18.55 -49.28
CA LEU K 71 -47.59 18.15 -49.05
C LEU K 71 -48.55 19.22 -49.51
N LEU K 72 -48.27 20.47 -49.16
CA LEU K 72 -49.18 21.57 -49.47
C LEU K 72 -49.36 21.81 -50.95
N LEU K 73 -48.62 21.12 -51.82
CA LEU K 73 -48.77 21.33 -53.25
C LEU K 73 -50.17 21.00 -53.73
N ASP K 74 -50.88 20.13 -53.02
CA ASP K 74 -52.20 19.70 -53.41
C ASP K 74 -53.06 19.63 -52.16
N ASP K 75 -54.22 19.00 -52.28
CA ASP K 75 -55.06 18.81 -51.12
C ASP K 75 -54.66 17.53 -50.40
N PHE K 76 -55.19 17.35 -49.19
CA PHE K 76 -54.89 16.16 -48.42
C PHE K 76 -55.91 15.99 -47.32
N LYS K 77 -56.15 14.73 -46.95
CA LYS K 77 -57.05 14.41 -45.85
C LYS K 77 -56.27 14.45 -44.55
N LEU K 78 -56.70 15.29 -43.63
CA LEU K 78 -56.12 15.35 -42.29
C LEU K 78 -57.11 14.68 -41.36
N VAL K 79 -56.71 13.54 -40.79
CA VAL K 79 -57.60 12.75 -39.96
C VAL K 79 -57.08 12.76 -38.53
N ILE K 80 -57.94 13.23 -37.63
CA ILE K 80 -57.69 13.22 -36.16
C ILE K 80 -58.77 12.30 -35.58
N ASN K 81 -58.35 11.20 -34.95
CA ASN K 81 -59.30 10.20 -34.38
C ASN K 81 -60.23 9.70 -35.50
N ASP K 82 -61.53 9.59 -35.22
CA ASP K 82 -62.56 9.13 -36.19
C ASP K 82 -62.76 10.14 -37.33
N LEU K 83 -62.77 11.43 -37.01
CA LEU K 83 -63.04 12.53 -37.99
C LEU K 83 -61.96 12.63 -39.07
N THR K 84 -62.38 12.97 -40.29
CA THR K 84 -61.49 13.16 -41.42
C THR K 84 -61.82 14.48 -42.09
N TYR K 85 -61.21 15.56 -41.63
CA TYR K 85 -61.26 16.81 -42.37
C TYR K 85 -60.30 16.72 -43.53
N HIS K 86 -60.81 16.83 -44.75
CA HIS K 86 -59.96 16.87 -45.93
C HIS K 86 -59.81 18.33 -46.34
N VAL K 87 -58.61 18.86 -46.19
CA VAL K 87 -58.35 20.24 -46.57
C VAL K 87 -58.12 20.28 -48.08
N ARG K 88 -58.91 21.08 -48.76
CA ARG K 88 -58.52 21.47 -50.11
C ARG K 88 -58.53 22.98 -50.30
N PRO K 89 -58.05 23.77 -49.35
CA PRO K 89 -57.95 25.20 -49.59
C PRO K 89 -56.53 25.67 -49.88
N PRO K 90 -55.52 24.77 -50.08
CA PRO K 90 -54.13 25.27 -50.03
C PRO K 90 -53.87 26.35 -51.06
N LYS K 91 -54.88 26.61 -51.88
CA LYS K 91 -54.92 27.69 -52.86
C LYS K 91 -53.63 27.74 -53.67
N ARG K 92 -53.24 26.56 -54.15
CA ARG K 92 -52.11 26.45 -55.06
C ARG K 92 -52.33 27.36 -56.26
N ASP K 93 -51.39 28.28 -56.47
CA ASP K 93 -51.38 29.08 -57.69
C ASP K 93 -50.62 28.40 -58.81
N LEU K 94 -50.56 27.06 -58.78
CA LEU K 94 -49.87 26.28 -59.82
C LEU K 94 -50.76 26.19 -61.06
N LEU K 95 -51.05 27.36 -61.63
CA LEU K 95 -51.79 27.39 -62.88
C LEU K 95 -50.86 27.19 -64.07
N SER K 96 -49.75 27.94 -64.10
CA SER K 96 -48.82 27.85 -65.21
C SER K 96 -47.77 26.78 -65.00
N HIS K 97 -47.30 26.60 -63.77
CA HIS K 97 -46.15 25.76 -63.44
C HIS K 97 -44.88 26.20 -64.14
N GLU K 98 -44.91 27.34 -64.82
CA GLU K 98 -43.81 27.76 -65.69
C GLU K 98 -42.79 28.53 -64.87
N ASN K 99 -41.64 27.91 -64.64
CA ASN K 99 -40.58 28.56 -63.86
C ASN K 99 -40.17 29.88 -64.49
N ALA K 100 -40.11 29.93 -65.82
CA ALA K 100 -39.82 31.18 -66.50
C ALA K 100 -40.89 32.22 -66.21
N ALA K 101 -42.15 31.79 -66.09
CA ALA K 101 -43.24 32.73 -65.86
C ALA K 101 -43.19 33.28 -64.44
N THR K 102 -43.33 32.39 -63.44
CA THR K 102 -43.36 32.83 -62.06
C THR K 102 -42.18 33.71 -61.72
N LEU K 103 -40.98 33.32 -62.13
CA LEU K 103 -39.82 34.17 -61.96
C LEU K 103 -40.08 35.56 -62.53
N ASN K 104 -40.62 35.62 -63.74
CA ASN K 104 -40.99 36.91 -64.31
C ASN K 104 -42.02 37.62 -63.43
N ASP K 105 -42.98 36.87 -62.88
CA ASP K 105 -43.91 37.47 -61.94
C ASP K 105 -43.20 37.86 -60.65
N VAL K 106 -42.24 37.05 -60.21
CA VAL K 106 -41.46 37.40 -59.03
C VAL K 106 -40.75 38.72 -59.25
N LYS K 107 -39.92 38.80 -60.29
CA LYS K 107 -39.19 40.03 -60.55
C LYS K 107 -40.13 41.19 -60.80
N THR K 108 -41.33 40.92 -61.33
CA THR K 108 -42.31 41.99 -61.50
C THR K 108 -42.72 42.58 -60.16
N LEU K 109 -43.15 41.72 -59.24
CA LEU K 109 -43.62 42.20 -57.94
C LEU K 109 -42.51 42.95 -57.20
N VAL K 110 -41.39 42.27 -56.97
CA VAL K 110 -40.29 42.90 -56.22
C VAL K 110 -39.90 44.22 -56.87
N GLN K 111 -39.94 44.31 -58.20
CA GLN K 111 -39.65 45.57 -58.86
C GLN K 111 -40.71 46.60 -58.53
N GLN K 112 -41.99 46.22 -58.63
CA GLN K 112 -43.05 47.09 -58.14
C GLN K 112 -42.82 47.40 -56.66
N LEU K 113 -42.53 46.36 -55.87
CA LEU K 113 -42.16 46.57 -54.48
C LEU K 113 -40.96 47.51 -54.38
N TYR K 114 -40.01 47.36 -55.29
CA TYR K 114 -38.81 48.20 -55.28
C TYR K 114 -39.18 49.67 -55.37
N THR K 115 -39.74 50.08 -56.50
CA THR K 115 -40.04 51.50 -56.71
C THR K 115 -41.02 52.02 -55.68
N THR K 116 -42.03 51.24 -55.32
CA THR K 116 -43.07 51.72 -54.43
C THR K 116 -42.58 51.94 -53.00
N LEU K 117 -41.35 51.54 -52.67
CA LEU K 117 -40.85 51.68 -51.31
C LEU K 117 -39.66 52.62 -51.22
N CYS K 118 -39.47 53.50 -52.21
CA CYS K 118 -38.39 54.49 -52.22
C CYS K 118 -37.07 53.86 -51.78
N ILE K 119 -36.82 52.63 -52.24
CA ILE K 119 -35.71 51.84 -51.74
C ILE K 119 -34.37 52.51 -52.06
N GLU K 120 -34.19 52.92 -53.32
CA GLU K 120 -32.96 53.58 -53.70
C GLU K 120 -32.69 54.78 -52.81
N GLN K 121 -33.74 55.57 -52.54
CA GLN K 121 -33.61 56.66 -51.57
C GLN K 121 -33.11 56.13 -50.24
N HIS K 122 -33.69 55.04 -49.76
CA HIS K 122 -33.19 54.43 -48.53
C HIS K 122 -31.78 53.91 -48.73
N GLN K 123 -31.52 53.27 -49.86
CA GLN K 123 -30.18 52.74 -50.12
C GLN K 123 -29.13 53.82 -50.01
N LEU K 124 -29.32 54.92 -50.75
CA LEU K 124 -28.44 56.08 -50.58
C LEU K 124 -28.40 56.52 -49.13
N ASN K 125 -29.57 56.71 -48.53
CA ASN K 125 -29.64 57.15 -47.14
C ASN K 125 -28.86 56.22 -46.22
N LYS K 126 -28.87 54.92 -46.53
CA LYS K 126 -28.08 53.97 -45.74
C LYS K 126 -26.61 54.33 -45.76
N GLU K 127 -26.01 54.36 -46.95
CA GLU K 127 -24.61 54.73 -47.07
C GLU K 127 -24.36 56.14 -46.56
N ARG K 128 -25.21 57.09 -46.96
CA ARG K 128 -25.03 58.48 -46.55
C ARG K 128 -24.92 58.60 -45.04
N GLU K 129 -25.66 57.78 -44.30
CA GLU K 129 -25.48 57.74 -42.86
C GLU K 129 -24.07 57.30 -42.51
N LEU K 130 -23.60 56.21 -43.11
CA LEU K 130 -22.29 55.66 -42.77
C LEU K 130 -21.18 56.66 -43.01
N ILE K 131 -21.09 57.18 -44.24
CA ILE K 131 -20.03 58.14 -44.59
C ILE K 131 -20.07 59.32 -43.64
N GLU K 132 -21.25 59.72 -43.17
CA GLU K 132 -21.33 60.77 -42.17
C GLU K 132 -20.71 60.31 -40.86
N ARG K 133 -21.10 59.13 -40.39
CA ARG K 133 -20.54 58.61 -39.15
C ARG K 133 -19.02 58.52 -39.21
N LEU K 134 -18.49 58.22 -40.39
CA LEU K 134 -17.03 58.25 -40.56
C LEU K 134 -16.48 59.63 -40.26
N GLU K 135 -17.09 60.68 -40.83
CA GLU K 135 -16.64 62.04 -40.57
C GLU K 135 -16.60 62.34 -39.08
N ASP K 136 -17.60 61.86 -38.34
CA ASP K 136 -17.59 62.02 -36.89
C ASP K 136 -16.32 61.43 -36.29
N LEU K 137 -16.01 60.18 -36.66
CA LEU K 137 -14.78 59.56 -36.17
C LEU K 137 -13.56 60.37 -36.57
N LYS K 138 -13.57 60.94 -37.78
CA LYS K 138 -12.49 61.85 -38.16
C LYS K 138 -12.46 63.07 -37.27
N GLU K 139 -13.64 63.62 -36.93
CA GLU K 139 -13.68 64.86 -36.18
C GLU K 139 -13.13 64.68 -34.78
N GLN K 140 -13.49 63.59 -34.10
CA GLN K 140 -12.95 63.34 -32.78
C GLN K 140 -11.44 63.18 -32.80
N LEU K 141 -10.88 62.81 -33.95
CA LEU K 141 -9.47 62.48 -34.03
C LEU K 141 -8.60 63.72 -34.18
N ALA K 142 -9.05 64.67 -35.01
CA ALA K 142 -8.25 65.86 -35.32
C ALA K 142 -7.67 66.56 -34.09
N PRO K 143 -8.40 66.79 -33.00
CA PRO K 143 -7.76 67.44 -31.84
C PRO K 143 -6.65 66.60 -31.24
N LEU K 144 -6.92 65.34 -30.91
CA LEU K 144 -5.92 64.48 -30.31
C LEU K 144 -4.89 63.97 -31.32
N GLU K 145 -5.08 64.24 -32.60
CA GLU K 145 -4.09 63.86 -33.59
C GLU K 145 -2.82 64.69 -33.45
N LYS K 146 -2.97 66.02 -33.42
CA LYS K 146 -1.79 66.88 -33.43
C LYS K 146 -0.92 66.67 -32.20
N VAL K 147 -1.53 66.43 -31.04
CA VAL K 147 -0.73 66.25 -29.83
C VAL K 147 0.10 64.97 -29.94
N ARG K 148 -0.45 63.92 -30.55
CA ARG K 148 0.34 62.71 -30.75
C ARG K 148 1.41 62.94 -31.80
N ILE K 149 1.02 63.44 -32.98
CA ILE K 149 1.97 63.64 -34.06
C ILE K 149 3.09 64.60 -33.65
N GLU K 150 2.86 65.40 -32.63
CA GLU K 150 3.97 66.12 -32.01
C GLU K 150 4.77 65.20 -31.11
N ILE K 151 4.10 64.50 -30.20
CA ILE K 151 4.79 63.59 -29.28
C ILE K 151 5.63 62.59 -30.07
N SER K 152 5.13 62.16 -31.23
CA SER K 152 5.95 61.35 -32.11
C SER K 152 7.24 62.08 -32.47
N ARG K 153 7.12 63.32 -32.94
CA ARG K 153 8.29 64.11 -33.29
C ARG K 153 9.25 64.21 -32.11
N LYS K 154 8.74 64.59 -30.94
CA LYS K 154 9.60 64.67 -29.76
C LYS K 154 10.21 63.32 -29.43
N ALA K 155 9.38 62.27 -29.38
CA ALA K 155 9.91 60.94 -29.13
C ALA K 155 10.74 60.43 -30.31
N GLU K 156 10.74 61.14 -31.43
CA GLU K 156 11.62 60.77 -32.54
C GLU K 156 12.97 61.47 -32.42
N LYS K 157 12.95 62.75 -32.05
CA LYS K 157 14.20 63.45 -31.80
C LYS K 157 15.02 62.74 -30.73
N ARG K 158 14.37 62.31 -29.65
CA ARG K 158 15.10 61.63 -28.59
C ARG K 158 15.61 60.27 -29.02
N THR K 159 15.03 59.67 -30.05
CA THR K 159 15.51 58.36 -30.48
C THR K 159 16.40 58.44 -31.70
N THR K 160 16.30 59.52 -32.49
CA THR K 160 17.33 59.76 -33.50
C THR K 160 18.59 60.33 -32.88
N LEU K 161 18.54 60.71 -31.61
CA LEU K 161 19.74 61.12 -30.88
C LEU K 161 20.52 59.91 -30.41
N VAL K 162 19.85 58.97 -29.74
CA VAL K 162 20.50 57.76 -29.26
C VAL K 162 21.22 57.05 -30.40
N LEU K 163 20.61 57.02 -31.59
CA LEU K 163 21.30 56.45 -32.75
C LEU K 163 22.62 57.15 -32.98
N TRP K 164 22.60 58.48 -33.15
CA TRP K 164 23.84 59.22 -33.26
C TRP K 164 24.70 59.02 -32.01
N GLY K 165 24.11 59.20 -30.83
CA GLY K 165 24.86 58.99 -29.60
C GLY K 165 25.43 57.60 -29.50
N GLY K 166 24.73 56.60 -30.04
CA GLY K 166 25.29 55.27 -30.09
C GLY K 166 26.50 55.18 -30.99
N LEU K 167 26.44 55.87 -32.13
CA LEU K 167 27.58 55.85 -33.05
C LEU K 167 28.79 56.52 -32.45
N ALA K 168 28.61 57.68 -31.81
CA ALA K 168 29.73 58.40 -31.22
C ALA K 168 30.53 57.52 -30.29
N TYR K 169 29.84 56.68 -29.51
CA TYR K 169 30.54 55.70 -28.68
C TYR K 169 31.39 54.78 -29.54
N MET K 170 30.78 54.12 -30.53
CA MET K 170 31.51 53.22 -31.40
C MET K 170 32.46 53.96 -32.34
N ALA K 171 32.58 55.27 -32.21
CA ALA K 171 33.58 56.03 -32.96
C ALA K 171 34.63 56.65 -32.06
N THR K 172 34.43 56.63 -30.74
CA THR K 172 35.47 57.02 -29.81
C THR K 172 36.15 55.83 -29.17
N GLN K 173 35.40 54.73 -28.97
CA GLN K 173 36.03 53.49 -28.53
C GLN K 173 37.05 53.01 -29.54
N PHE K 174 36.81 53.27 -30.83
CA PHE K 174 37.85 53.04 -31.82
C PHE K 174 38.91 54.12 -31.75
N GLY K 175 38.51 55.36 -31.44
CA GLY K 175 39.48 56.43 -31.31
C GLY K 175 40.38 56.26 -30.10
N ILE K 176 39.86 55.66 -29.03
CA ILE K 176 40.69 55.38 -27.86
C ILE K 176 41.70 54.31 -28.18
N LEU K 177 41.23 53.14 -28.61
CA LEU K 177 42.14 52.03 -28.87
C LEU K 177 43.07 52.27 -30.05
N ALA K 178 42.91 53.38 -30.76
CA ALA K 178 43.84 53.69 -31.83
C ALA K 178 45.17 54.18 -31.27
N ARG K 179 45.16 55.28 -30.54
CA ARG K 179 46.40 55.85 -30.05
C ARG K 179 47.05 54.96 -29.01
N LEU K 180 46.25 54.41 -28.08
CA LEU K 180 46.78 53.46 -27.10
C LEU K 180 47.57 52.37 -27.80
N THR K 181 46.99 51.75 -28.83
CA THR K 181 47.66 50.66 -29.50
C THR K 181 48.91 51.12 -30.23
N TRP K 182 48.77 52.14 -31.09
CA TRP K 182 49.82 52.39 -32.06
C TRP K 182 51.00 53.15 -31.45
N TRP K 183 50.75 54.27 -30.79
CA TRP K 183 51.88 55.09 -30.32
C TRP K 183 51.65 55.60 -28.91
N GLU K 184 51.10 54.76 -28.04
CA GLU K 184 51.23 55.01 -26.61
C GLU K 184 51.60 53.72 -25.89
N TYR K 185 51.14 52.58 -26.43
CA TYR K 185 51.51 51.27 -25.92
C TYR K 185 51.91 50.39 -27.10
N SER K 186 52.05 49.09 -26.86
CA SER K 186 52.25 48.12 -27.92
C SER K 186 50.92 47.46 -28.27
N TRP K 187 50.83 46.99 -29.52
CA TRP K 187 49.65 46.23 -29.90
C TRP K 187 49.54 44.97 -29.06
N ASP K 188 50.67 44.41 -28.65
CA ASP K 188 50.64 43.23 -27.80
C ASP K 188 50.28 43.56 -26.36
N ILE K 189 50.13 44.85 -26.05
CA ILE K 189 49.60 45.27 -24.75
C ILE K 189 48.10 45.50 -24.83
N MET K 190 47.64 46.15 -25.90
CA MET K 190 46.23 46.48 -26.05
C MET K 190 45.40 45.27 -26.46
N GLU K 191 45.93 44.43 -27.35
CA GLU K 191 45.17 43.31 -27.90
C GLU K 191 44.38 42.53 -26.85
N PRO K 192 44.97 42.02 -25.76
CA PRO K 192 44.19 41.23 -24.82
C PRO K 192 43.09 42.03 -24.14
N VAL K 193 43.03 43.34 -24.35
CA VAL K 193 41.83 44.10 -24.03
C VAL K 193 40.84 44.06 -25.18
N THR K 194 41.30 44.41 -26.38
CA THR K 194 40.39 44.55 -27.50
C THR K 194 39.80 43.23 -27.97
N TYR K 195 40.20 42.11 -27.38
CA TYR K 195 39.36 40.92 -27.52
C TYR K 195 38.27 40.92 -26.47
N PHE K 196 38.61 41.35 -25.26
CA PHE K 196 37.61 41.40 -24.20
C PHE K 196 36.47 42.34 -24.57
N ILE K 197 36.81 43.54 -25.04
CA ILE K 197 35.79 44.50 -25.46
C ILE K 197 34.84 43.86 -26.46
N THR K 198 35.40 43.19 -27.48
CA THR K 198 34.59 42.37 -28.36
C THR K 198 33.70 41.43 -27.57
N TYR K 199 34.30 40.58 -26.74
CA TYR K 199 33.50 39.69 -25.93
C TYR K 199 32.64 40.45 -24.94
N GLY K 200 33.10 41.62 -24.49
CA GLY K 200 32.25 42.46 -23.66
C GLY K 200 30.98 42.86 -24.39
N SER K 201 31.10 43.19 -25.67
CA SER K 201 29.91 43.47 -26.47
C SER K 201 29.03 42.24 -26.59
N ALA K 202 29.59 41.12 -27.03
CA ALA K 202 28.81 39.92 -27.26
C ALA K 202 28.29 39.34 -25.95
N MET K 203 28.61 39.99 -24.83
CA MET K 203 27.94 39.71 -23.57
C MET K 203 26.73 40.62 -23.38
N ALA K 204 26.94 41.94 -23.51
CA ALA K 204 25.81 42.87 -23.44
C ALA K 204 24.81 42.59 -24.55
N MET K 205 25.29 42.38 -25.77
CA MET K 205 24.42 42.09 -26.90
C MET K 205 23.63 40.81 -26.66
N TYR K 206 23.98 40.08 -25.60
CA TYR K 206 23.12 39.03 -25.08
C TYR K 206 22.35 39.45 -23.85
N ALA K 207 22.96 40.26 -22.98
CA ALA K 207 22.23 40.81 -21.85
C ALA K 207 20.97 41.53 -22.32
N TYR K 208 21.09 42.31 -23.38
CA TYR K 208 19.93 42.98 -23.95
C TYR K 208 18.82 42.00 -24.29
N PHE K 209 19.18 40.79 -24.73
CA PHE K 209 18.15 39.81 -25.01
C PHE K 209 17.49 39.30 -23.74
N VAL K 210 18.21 39.28 -22.62
CA VAL K 210 17.62 38.83 -21.38
C VAL K 210 16.62 39.86 -20.87
N MET K 211 17.04 41.13 -20.84
CA MET K 211 16.13 42.20 -20.42
C MET K 211 14.95 42.31 -21.37
N THR K 212 15.23 42.62 -22.64
CA THR K 212 14.17 43.01 -23.56
C THR K 212 13.34 41.80 -24.01
N ARG K 213 13.98 40.66 -24.20
CA ARG K 213 13.40 39.41 -24.70
C ARG K 213 13.17 39.43 -26.21
N GLN K 214 13.67 40.42 -26.92
CA GLN K 214 13.75 40.35 -28.38
C GLN K 214 15.19 40.57 -28.78
N GLU K 215 15.63 39.85 -29.81
CA GLU K 215 17.03 39.88 -30.20
C GLU K 215 17.47 41.29 -30.56
N TYR K 216 18.64 41.68 -30.06
CA TYR K 216 19.21 42.98 -30.37
C TYR K 216 19.54 43.04 -31.86
N VAL K 217 18.73 43.77 -32.62
CA VAL K 217 19.00 44.04 -34.02
C VAL K 217 18.67 45.51 -34.26
N TYR K 218 19.62 46.24 -34.86
CA TYR K 218 19.55 47.70 -34.91
C TYR K 218 18.17 48.27 -35.21
N PRO K 219 17.41 47.80 -36.20
CA PRO K 219 16.06 48.35 -36.40
C PRO K 219 15.14 48.07 -35.23
N GLU K 220 15.02 46.80 -34.84
CA GLU K 220 14.10 46.45 -33.76
C GLU K 220 14.50 47.10 -32.45
N ALA K 221 15.79 47.30 -32.23
CA ALA K 221 16.21 48.08 -31.08
C ALA K 221 15.73 49.53 -31.21
N ARG K 222 16.01 50.15 -32.36
CA ARG K 222 15.52 51.50 -32.59
C ARG K 222 14.01 51.57 -32.48
N ASP K 223 13.33 50.54 -32.96
CA ASP K 223 11.88 50.48 -32.80
C ASP K 223 11.50 50.51 -31.33
N ARG K 224 11.95 49.50 -30.57
CA ARG K 224 11.59 49.42 -29.16
C ARG K 224 11.99 50.68 -28.40
N GLN K 225 13.06 51.34 -28.82
CA GLN K 225 13.46 52.58 -28.14
C GLN K 225 12.48 53.70 -28.44
N TYR K 226 12.31 54.03 -29.73
CA TYR K 226 11.35 55.06 -30.10
C TYR K 226 9.98 54.77 -29.51
N LEU K 227 9.62 53.49 -29.42
CA LEU K 227 8.39 53.12 -28.72
C LEU K 227 8.45 53.53 -27.26
N LEU K 228 9.55 53.19 -26.57
CA LEU K 228 9.64 53.50 -25.16
C LEU K 228 9.81 55.00 -24.91
N PHE K 229 10.53 55.70 -25.79
CA PHE K 229 10.57 57.15 -25.70
C PHE K 229 9.23 57.79 -26.00
N PHE K 230 8.28 57.01 -26.49
CA PHE K 230 6.96 57.56 -26.77
C PHE K 230 6.05 57.44 -25.56
N HIS K 231 5.80 56.21 -25.11
CA HIS K 231 4.89 55.99 -23.99
C HIS K 231 5.28 56.84 -22.80
N LYS K 232 6.49 56.64 -22.27
CA LYS K 232 7.00 57.52 -21.23
C LYS K 232 6.99 58.97 -21.69
N GLY K 233 7.45 59.22 -22.92
CA GLY K 233 7.50 60.56 -23.45
C GLY K 233 6.16 61.16 -23.81
N ALA K 234 5.07 60.40 -23.70
CA ALA K 234 3.72 60.92 -23.94
C ALA K 234 2.92 61.08 -22.67
N LYS K 235 3.02 60.12 -21.74
CA LYS K 235 2.32 60.25 -20.47
C LYS K 235 2.69 61.54 -19.76
N LYS K 236 3.95 61.96 -19.89
CA LYS K 236 4.34 63.26 -19.34
C LYS K 236 3.52 64.38 -19.96
N SER K 237 3.22 64.28 -21.25
CA SER K 237 2.29 65.21 -21.86
C SER K 237 0.83 64.83 -21.62
N ARG K 238 0.57 63.56 -21.30
CA ARG K 238 -0.73 63.08 -20.86
C ARG K 238 -1.81 63.37 -21.92
N PHE K 239 -1.67 62.69 -23.06
CA PHE K 239 -2.56 62.90 -24.19
C PHE K 239 -3.55 61.76 -24.39
N ASP K 240 -3.60 60.79 -23.47
CA ASP K 240 -4.58 59.69 -23.52
C ASP K 240 -4.43 58.89 -24.81
N LEU K 241 -3.29 58.21 -24.92
CA LEU K 241 -3.09 57.27 -26.02
C LEU K 241 -4.22 56.28 -26.15
N GLU K 242 -4.82 55.87 -25.02
CA GLU K 242 -5.90 54.90 -25.07
C GLU K 242 -7.06 55.34 -25.96
N LYS K 243 -7.31 56.64 -26.07
CA LYS K 243 -8.29 57.10 -27.03
C LYS K 243 -7.83 56.85 -28.45
N TYR K 244 -6.55 57.15 -28.74
CA TYR K 244 -6.07 57.14 -30.10
C TYR K 244 -6.19 55.76 -30.73
N ASN K 245 -5.47 54.78 -30.17
CA ASN K 245 -5.43 53.45 -30.77
C ASN K 245 -6.84 52.87 -30.93
N GLN K 246 -7.65 52.99 -29.88
CA GLN K 246 -9.03 52.51 -29.97
C GLN K 246 -9.76 53.19 -31.11
N LEU K 247 -9.67 54.51 -31.19
CA LEU K 247 -10.38 55.23 -32.24
C LEU K 247 -9.83 54.89 -33.61
N LYS K 248 -8.51 54.80 -33.74
CA LYS K 248 -7.92 54.49 -35.04
C LYS K 248 -8.34 53.12 -35.55
N ASP K 249 -8.71 52.21 -34.65
CA ASP K 249 -9.24 50.93 -35.09
C ASP K 249 -10.59 51.10 -35.75
N ALA K 250 -11.51 51.82 -35.09
CA ALA K 250 -12.84 52.02 -35.64
C ALA K 250 -12.78 52.72 -36.99
N ILE K 251 -12.15 53.89 -37.03
CA ILE K 251 -12.11 54.68 -38.26
C ILE K 251 -11.53 53.85 -39.40
N ALA K 252 -10.60 52.95 -39.09
CA ALA K 252 -10.13 52.02 -40.10
C ALA K 252 -11.26 51.07 -40.51
N GLN K 253 -11.81 50.34 -39.54
CA GLN K 253 -12.86 49.39 -39.83
C GLN K 253 -14.08 50.07 -40.44
N ALA K 254 -14.52 51.17 -39.81
CA ALA K 254 -15.69 51.89 -40.33
C ALA K 254 -15.50 52.29 -41.78
N GLU K 255 -14.35 52.89 -42.09
CA GLU K 255 -14.07 53.23 -43.48
C GLU K 255 -14.08 51.99 -44.36
N MET K 256 -13.44 50.92 -43.90
CA MET K 256 -13.33 49.71 -44.71
C MET K 256 -14.69 49.19 -45.12
N ASP K 257 -15.72 49.43 -44.31
CA ASP K 257 -17.07 49.06 -44.71
C ASP K 257 -17.51 49.83 -45.95
N LEU K 258 -17.22 51.14 -45.98
CA LEU K 258 -17.61 51.95 -47.13
C LEU K 258 -17.06 51.37 -48.42
N LYS K 259 -15.79 50.96 -48.42
CA LYS K 259 -15.26 50.24 -49.57
C LYS K 259 -16.04 48.97 -49.81
N ARG K 260 -16.23 48.17 -48.74
CA ARG K 260 -17.02 46.95 -48.87
C ARG K 260 -18.42 47.23 -49.39
N LEU K 261 -18.91 48.46 -49.19
CA LEU K 261 -20.23 48.81 -49.68
C LEU K 261 -20.18 49.27 -51.14
N ARG K 262 -19.30 50.22 -51.44
CA ARG K 262 -19.22 50.79 -52.78
C ARG K 262 -18.55 49.89 -53.78
N ASP K 263 -18.36 48.62 -53.45
CA ASP K 263 -17.75 47.67 -54.37
C ASP K 263 -18.40 47.77 -55.75
N PRO K 264 -17.62 47.98 -56.81
CA PRO K 264 -18.22 48.19 -58.14
C PRO K 264 -18.90 46.97 -58.69
N LEU K 265 -18.67 45.79 -58.12
CA LEU K 265 -19.30 44.57 -58.60
C LEU K 265 -20.65 44.33 -57.96
N GLN K 266 -20.77 44.60 -56.67
CA GLN K 266 -22.06 44.52 -55.99
C GLN K 266 -22.86 45.79 -56.26
N VAL K 267 -24.07 45.62 -56.80
CA VAL K 267 -24.90 46.77 -57.16
C VAL K 267 -25.39 47.44 -55.88
N HIS K 268 -24.90 48.64 -55.63
CA HIS K 268 -25.35 49.42 -54.47
C HIS K 268 -25.45 50.89 -54.81
N VAL L 1 12.33 42.20 -54.09
CA VAL L 1 11.31 42.92 -53.33
C VAL L 1 11.15 44.29 -53.96
N ILE L 2 11.84 44.49 -55.09
CA ILE L 2 11.80 45.78 -55.77
C ILE L 2 10.42 46.13 -56.29
N VAL L 3 9.54 45.15 -56.45
CA VAL L 3 8.23 45.36 -57.05
C VAL L 3 7.16 44.99 -56.04
N THR L 4 6.07 45.75 -56.06
CA THR L 4 4.87 45.36 -55.35
C THR L 4 4.33 44.04 -55.91
N ARG L 5 3.52 43.37 -55.09
CA ARG L 5 2.82 42.18 -55.59
C ARG L 5 1.95 42.53 -56.79
N SER L 6 1.43 43.76 -56.82
CA SER L 6 0.64 44.20 -57.97
C SER L 6 1.50 44.29 -59.21
N GLY L 7 2.66 44.93 -59.11
CA GLY L 7 3.50 45.18 -60.26
C GLY L 7 4.09 46.57 -60.22
N ALA L 8 3.58 47.39 -59.31
CA ALA L 8 4.11 48.73 -59.14
C ALA L 8 5.55 48.68 -58.66
N ILE L 9 6.34 49.64 -59.11
CA ILE L 9 7.73 49.77 -58.68
C ILE L 9 7.76 50.66 -57.44
N LEU L 10 8.42 50.18 -56.39
CA LEU L 10 8.41 50.86 -55.11
C LEU L 10 8.90 52.31 -55.26
N PRO L 11 8.46 53.20 -54.38
CA PRO L 11 8.91 54.59 -54.47
C PRO L 11 10.39 54.70 -54.12
N LYS L 12 11.04 55.69 -54.71
CA LYS L 12 12.46 55.94 -54.50
C LYS L 12 12.72 56.11 -53.01
N PRO L 13 13.39 55.15 -52.37
CA PRO L 13 13.53 55.21 -50.92
C PRO L 13 14.34 56.41 -50.47
N VAL L 14 14.17 56.74 -49.20
CA VAL L 14 14.71 57.99 -48.67
C VAL L 14 16.20 57.85 -48.43
N LYS L 15 16.96 58.82 -48.94
CA LYS L 15 18.38 58.97 -48.61
C LYS L 15 18.49 60.19 -47.72
N MET L 16 18.87 59.97 -46.47
CA MET L 16 18.96 61.06 -45.50
C MET L 16 19.79 62.21 -46.05
N SER L 17 19.16 63.38 -46.19
CA SER L 17 19.78 64.52 -46.86
C SER L 17 21.09 64.90 -46.20
N PHE L 18 22.20 64.71 -46.92
CA PHE L 18 23.54 64.99 -46.43
C PHE L 18 23.88 64.21 -45.17
N GLY L 19 23.10 63.17 -44.87
CA GLY L 19 23.44 62.30 -43.76
C GLY L 19 24.82 61.69 -43.91
N LEU L 20 25.23 61.43 -45.15
CA LEU L 20 26.61 61.00 -45.39
C LEU L 20 27.59 61.99 -44.80
N LEU L 21 27.29 63.28 -44.90
CA LEU L 21 28.12 64.30 -44.27
C LEU L 21 27.75 64.50 -42.80
N ARG L 22 26.63 63.95 -42.33
CA ARG L 22 26.36 63.95 -40.90
C ARG L 22 27.29 63.00 -40.18
N VAL L 23 27.23 61.71 -40.53
CA VAL L 23 28.14 60.73 -39.95
C VAL L 23 29.59 61.14 -40.17
N PHE L 24 29.92 61.57 -41.38
CA PHE L 24 31.28 62.01 -41.70
C PHE L 24 31.73 63.14 -40.78
N SER L 25 30.80 63.82 -40.11
CA SER L 25 31.12 64.91 -39.21
C SER L 25 30.92 64.55 -37.75
N ILE L 26 30.52 63.32 -37.44
CA ILE L 26 30.46 62.86 -36.07
C ILE L 26 31.46 61.74 -35.80
N VAL L 27 31.85 60.97 -36.82
CA VAL L 27 32.84 59.92 -36.61
C VAL L 27 34.23 60.53 -36.51
N ILE L 28 34.42 61.74 -37.02
CA ILE L 28 35.71 62.42 -36.96
C ILE L 28 35.95 63.01 -35.58
N PRO L 29 35.09 63.92 -35.07
CA PRO L 29 35.46 64.61 -33.83
C PRO L 29 35.47 63.70 -32.61
N PHE L 30 34.43 62.88 -32.45
CA PHE L 30 34.41 61.97 -31.31
C PHE L 30 35.57 61.00 -31.35
N LEU L 31 36.07 60.70 -32.56
CA LEU L 31 37.33 59.98 -32.69
C LEU L 31 38.48 60.82 -32.13
N TYR L 32 38.55 62.09 -32.54
CA TYR L 32 39.60 62.96 -32.04
C TYR L 32 39.54 63.10 -30.53
N VAL L 33 38.34 63.01 -29.95
CA VAL L 33 38.23 62.89 -28.50
C VAL L 33 38.89 61.61 -28.03
N GLY L 34 38.48 60.48 -28.61
CA GLY L 34 39.14 59.22 -28.30
C GLY L 34 40.63 59.26 -28.55
N THR L 35 41.06 60.01 -29.56
CA THR L 35 42.48 60.23 -29.78
C THR L 35 43.10 60.98 -28.61
N LEU L 36 42.63 62.20 -28.36
CA LEU L 36 43.26 63.02 -27.32
C LEU L 36 43.07 62.42 -25.94
N ILE L 37 42.00 61.67 -25.72
CA ILE L 37 41.81 61.06 -24.42
C ILE L 37 42.60 59.77 -24.27
N SER L 38 43.04 59.17 -25.38
CA SER L 38 43.89 57.99 -25.28
C SER L 38 45.22 58.32 -24.62
N LYS L 39 46.03 59.14 -25.29
CA LYS L 39 47.35 59.47 -24.77
C LYS L 39 47.26 60.20 -23.45
N ASN L 40 46.53 61.29 -23.42
CA ASN L 40 46.48 62.15 -22.25
C ASN L 40 45.77 61.51 -21.07
N PHE L 41 45.35 60.26 -21.15
CA PHE L 41 44.89 59.53 -19.97
C PHE L 41 45.99 58.61 -19.43
N ALA L 42 46.51 57.71 -20.27
CA ALA L 42 47.60 56.85 -19.83
C ALA L 42 48.80 57.68 -19.38
N ALA L 43 49.00 58.85 -19.99
CA ALA L 43 49.97 59.80 -19.47
C ALA L 43 49.65 60.15 -18.02
N LEU L 44 48.47 60.72 -17.78
CA LEU L 44 48.04 61.05 -16.42
C LEU L 44 47.83 59.80 -15.58
N LEU L 45 48.05 58.63 -16.17
CA LEU L 45 47.98 57.37 -15.44
C LEU L 45 49.37 56.92 -14.98
N GLU L 46 50.33 56.87 -15.91
CA GLU L 46 51.66 56.38 -15.56
C GLU L 46 52.45 57.37 -14.72
N GLU L 47 52.11 58.66 -14.78
CA GLU L 47 52.80 59.64 -13.95
C GLU L 47 52.47 59.44 -12.48
N HIS L 48 51.18 59.53 -12.13
CA HIS L 48 50.79 59.50 -10.74
C HIS L 48 50.84 58.09 -10.15
N ASP L 49 50.74 57.06 -10.98
CA ASP L 49 50.61 55.70 -10.48
C ASP L 49 51.24 54.74 -11.48
N ILE L 50 50.88 53.46 -11.37
CA ILE L 50 51.57 52.39 -12.10
C ILE L 50 51.47 52.61 -13.62
N PHE L 51 52.41 52.00 -14.33
CA PHE L 51 52.45 52.04 -15.78
C PHE L 51 51.25 51.35 -16.41
N VAL M 2 -24.03 46.64 -4.54
CA VAL M 2 -23.02 45.63 -4.86
C VAL M 2 -22.46 45.88 -6.25
N THR M 3 -21.62 44.96 -6.72
CA THR M 3 -20.85 45.17 -7.93
C THR M 3 -21.41 44.33 -9.09
N VAL M 4 -20.90 44.63 -10.28
CA VAL M 4 -21.25 43.91 -11.50
C VAL M 4 -20.07 44.01 -12.46
N VAL M 5 -19.59 42.87 -12.95
CA VAL M 5 -18.43 42.81 -13.83
C VAL M 5 -18.65 41.66 -14.82
N TYR M 6 -18.93 41.99 -16.08
CA TYR M 6 -18.96 41.00 -17.15
C TYR M 6 -17.84 41.23 -18.16
N GLN M 7 -16.76 41.85 -17.71
CA GLN M 7 -15.66 42.22 -18.60
C GLN M 7 -14.69 41.08 -18.84
N ASN M 8 -14.53 40.16 -17.89
CA ASN M 8 -13.70 38.99 -18.11
C ASN M 8 -14.38 37.94 -18.98
N GLY M 9 -15.48 38.31 -19.63
CA GLY M 9 -16.27 37.40 -20.44
C GLY M 9 -17.54 36.94 -19.77
N LEU M 10 -17.63 37.01 -18.45
CA LEU M 10 -18.77 36.52 -17.71
C LEU M 10 -19.15 37.52 -16.62
N PRO M 11 -20.44 37.80 -16.45
CA PRO M 11 -20.87 38.60 -15.30
C PRO M 11 -20.44 37.94 -13.99
N VAL M 12 -19.91 38.75 -13.10
CA VAL M 12 -19.64 38.33 -11.73
C VAL M 12 -20.23 39.38 -10.80
N ILE M 13 -20.99 38.93 -9.80
CA ILE M 13 -21.77 39.82 -8.94
C ILE M 13 -21.39 39.49 -7.50
N SER M 14 -20.38 40.17 -6.98
CA SER M 14 -20.01 40.01 -5.58
C SER M 14 -20.99 40.81 -4.74
N VAL M 15 -21.78 40.12 -3.92
CA VAL M 15 -22.88 40.74 -3.19
C VAL M 15 -22.68 40.51 -1.69
N ARG M 16 -23.14 41.48 -0.91
CA ARG M 16 -23.04 41.44 0.54
C ARG M 16 -24.34 40.85 1.10
N LEU M 17 -24.22 39.74 1.77
CA LEU M 17 -25.36 39.06 2.36
C LEU M 17 -25.71 39.68 3.70
N PRO M 18 -26.99 39.61 4.10
CA PRO M 18 -27.37 40.13 5.41
C PRO M 18 -26.68 39.37 6.53
N SER M 19 -26.37 40.09 7.60
CA SER M 19 -25.69 39.53 8.77
C SER M 19 -24.38 38.86 8.39
N ARG M 20 -23.70 39.41 7.38
CA ARG M 20 -22.49 38.80 6.84
C ARG M 20 -21.65 39.87 6.16
N ARG M 21 -20.34 39.85 6.41
CA ARG M 21 -19.39 40.57 5.60
C ARG M 21 -19.05 39.84 4.31
N GLU M 22 -19.74 38.73 4.05
CA GLU M 22 -19.44 37.88 2.91
C GLU M 22 -19.86 38.54 1.60
N ARG M 23 -19.00 39.41 1.06
CA ARG M 23 -19.22 39.97 -0.26
C ARG M 23 -18.93 38.89 -1.29
N CYS M 24 -19.78 37.87 -1.34
CA CYS M 24 -19.47 36.66 -2.10
C CYS M 24 -19.69 36.87 -3.58
N GLN M 25 -18.73 36.40 -4.38
CA GLN M 25 -18.81 36.54 -5.83
C GLN M 25 -19.94 35.69 -6.39
N PHE M 26 -20.46 36.12 -7.54
CA PHE M 26 -21.49 35.37 -8.27
C PHE M 26 -21.17 35.45 -9.75
N THR M 27 -20.40 34.47 -10.24
CA THR M 27 -20.21 34.35 -11.67
C THR M 27 -21.44 33.67 -12.28
N LEU M 28 -21.71 34.03 -13.54
CA LEU M 28 -22.93 33.53 -14.19
C LEU M 28 -22.85 33.84 -15.68
N LYS M 29 -23.26 32.86 -16.48
CA LYS M 29 -23.23 33.00 -17.93
C LYS M 29 -24.20 34.09 -18.38
N PRO M 30 -24.02 34.60 -19.60
CA PRO M 30 -24.93 35.66 -20.06
C PRO M 30 -26.31 35.18 -20.44
N ILE M 31 -26.42 34.07 -21.17
CA ILE M 31 -27.70 33.60 -21.68
C ILE M 31 -28.02 32.18 -21.22
N SER M 32 -27.04 31.28 -21.21
CA SER M 32 -27.32 29.91 -20.81
C SER M 32 -27.78 29.80 -19.36
N ASP M 33 -27.69 30.88 -18.60
CA ASP M 33 -28.21 30.95 -17.25
C ASP M 33 -29.35 31.96 -17.18
N SER M 34 -30.20 31.80 -16.17
CA SER M 34 -31.33 32.68 -15.97
C SER M 34 -31.51 32.94 -14.48
N VAL M 35 -32.17 34.05 -14.18
CA VAL M 35 -32.27 34.57 -12.82
C VAL M 35 -32.80 33.51 -11.87
N GLY M 36 -33.50 32.52 -12.41
CA GLY M 36 -33.98 31.44 -11.60
C GLY M 36 -32.88 30.67 -10.92
N VAL M 37 -32.08 29.95 -11.70
CA VAL M 37 -31.02 29.14 -11.10
C VAL M 37 -29.93 30.03 -10.52
N PHE M 38 -29.80 31.26 -11.03
CA PHE M 38 -28.91 32.22 -10.39
C PHE M 38 -29.33 32.46 -8.94
N LEU M 39 -30.61 32.72 -8.72
CA LEU M 39 -31.10 32.89 -7.35
C LEU M 39 -31.02 31.58 -6.59
N ARG M 40 -31.29 30.46 -7.25
CA ARG M 40 -31.03 29.17 -6.64
C ARG M 40 -29.59 29.05 -6.19
N GLN M 41 -28.65 29.43 -7.07
CA GLN M 41 -27.25 29.48 -6.71
C GLN M 41 -27.01 30.45 -5.54
N LEU M 42 -27.85 31.47 -5.42
CA LEU M 42 -27.69 32.43 -4.33
C LEU M 42 -28.20 31.87 -3.01
N GLN M 43 -29.49 31.52 -2.97
CA GLN M 43 -30.12 31.14 -1.71
C GLN M 43 -29.58 29.83 -1.14
N GLU M 44 -28.79 29.07 -1.90
CA GLU M 44 -28.28 27.81 -1.39
C GLU M 44 -27.11 28.00 -0.44
N GLU M 45 -26.30 29.03 -0.64
CA GLU M 45 -25.04 29.19 0.08
C GLU M 45 -25.17 30.05 1.32
N ASP M 46 -26.36 30.58 1.61
CA ASP M 46 -26.58 31.39 2.81
C ASP M 46 -28.07 31.39 3.11
N ARG M 47 -28.47 32.25 4.04
CA ARG M 47 -29.86 32.28 4.51
C ARG M 47 -30.52 33.63 4.24
N GLY M 48 -30.10 34.31 3.18
CA GLY M 48 -30.85 35.44 2.67
C GLY M 48 -32.00 34.94 1.82
N ILE M 49 -33.00 34.34 2.46
CA ILE M 49 -34.00 33.56 1.74
C ILE M 49 -35.31 34.32 1.62
N ASP M 50 -35.60 35.18 2.61
CA ASP M 50 -36.94 35.77 2.72
C ASP M 50 -37.33 36.49 1.44
N ARG M 51 -36.41 37.25 0.83
CA ARG M 51 -36.68 37.91 -0.44
C ARG M 51 -35.52 37.61 -1.39
N VAL M 52 -35.60 36.45 -2.05
CA VAL M 52 -34.73 36.16 -3.20
C VAL M 52 -35.50 36.67 -4.41
N ALA M 53 -35.41 37.98 -4.63
CA ALA M 53 -36.26 38.64 -5.62
C ALA M 53 -35.45 39.69 -6.35
N ILE M 54 -35.92 40.06 -7.53
CA ILE M 54 -35.25 40.98 -8.42
C ILE M 54 -36.30 41.92 -9.00
N TYR M 55 -36.30 43.16 -8.54
CA TYR M 55 -37.32 44.11 -8.96
C TYR M 55 -36.77 45.03 -10.05
N SER M 56 -37.47 45.06 -11.18
CA SER M 56 -37.19 46.07 -12.19
C SER M 56 -37.31 47.46 -11.58
N PRO M 57 -36.58 48.46 -12.12
CA PRO M 57 -36.57 49.80 -11.50
C PRO M 57 -37.93 50.31 -11.05
N ASP M 58 -38.98 49.91 -11.76
CA ASP M 58 -40.34 50.28 -11.38
C ASP M 58 -40.87 49.47 -10.20
N GLY M 59 -40.01 48.71 -9.53
CA GLY M 59 -40.46 47.79 -8.52
C GLY M 59 -41.13 46.54 -9.05
N VAL M 60 -41.42 46.50 -10.35
CA VAL M 60 -41.99 45.32 -10.97
C VAL M 60 -41.07 44.14 -10.77
N ARG M 61 -41.56 43.11 -10.10
CA ARG M 61 -40.79 41.89 -9.92
C ARG M 61 -40.53 41.24 -11.26
N VAL M 62 -39.26 41.12 -11.63
CA VAL M 62 -38.93 40.53 -12.91
C VAL M 62 -39.29 39.06 -12.92
N ALA M 63 -39.39 38.48 -14.12
CA ALA M 63 -39.74 37.09 -14.27
C ALA M 63 -38.75 36.20 -13.53
N ALA M 64 -39.21 35.01 -13.17
CA ALA M 64 -38.35 34.04 -12.53
C ALA M 64 -37.47 33.31 -13.54
N SER M 65 -37.68 33.54 -14.83
CA SER M 65 -36.85 32.87 -15.83
C SER M 65 -36.47 33.80 -16.97
N THR M 66 -36.42 35.10 -16.74
CA THR M 66 -35.95 36.01 -17.76
C THR M 66 -34.46 35.79 -18.02
N GLY M 67 -33.97 36.38 -19.10
CA GLY M 67 -32.58 36.19 -19.50
C GLY M 67 -31.64 37.00 -18.66
N ILE M 68 -30.57 36.36 -18.17
CA ILE M 68 -29.58 37.05 -17.36
C ILE M 68 -29.10 38.32 -18.07
N ASP M 69 -28.68 38.18 -19.32
CA ASP M 69 -28.24 39.34 -20.09
C ASP M 69 -29.32 40.40 -20.14
N LEU M 70 -30.56 40.00 -20.40
CA LEU M 70 -31.66 40.95 -20.45
C LEU M 70 -31.83 41.66 -19.11
N LEU M 71 -31.54 40.95 -18.01
CA LEU M 71 -31.54 41.61 -16.70
C LEU M 71 -30.47 42.69 -16.65
N LEU M 72 -29.20 42.29 -16.78
CA LEU M 72 -28.09 43.23 -16.68
C LEU M 72 -28.01 44.19 -17.86
N LEU M 73 -28.88 44.04 -18.84
CA LEU M 73 -28.96 45.03 -19.91
C LEU M 73 -29.42 46.39 -19.41
N ASP M 74 -29.94 46.47 -18.20
CA ASP M 74 -30.48 47.71 -17.67
C ASP M 74 -30.35 47.70 -16.16
N ASP M 75 -30.55 48.87 -15.55
CA ASP M 75 -30.59 48.98 -14.11
C ASP M 75 -31.78 48.20 -13.56
N PHE M 76 -31.68 47.84 -12.28
CA PHE M 76 -32.77 47.19 -11.56
C PHE M 76 -32.52 47.35 -10.07
N LYS M 77 -33.29 46.64 -9.26
CA LYS M 77 -33.15 46.67 -7.80
C LYS M 77 -33.16 45.23 -7.29
N LEU M 78 -32.00 44.60 -7.25
CA LEU M 78 -31.92 43.32 -6.54
C LEU M 78 -32.21 43.55 -5.07
N VAL M 79 -32.84 42.56 -4.45
CA VAL M 79 -33.29 42.71 -3.07
C VAL M 79 -33.04 41.41 -2.31
N ILE M 80 -32.81 41.55 -1.01
CA ILE M 80 -32.69 40.42 -0.09
C ILE M 80 -33.76 40.64 0.97
N ASN M 81 -33.80 39.76 1.97
CA ASN M 81 -34.82 39.73 3.01
C ASN M 81 -35.30 41.12 3.43
N ASP M 82 -34.37 42.07 3.53
CA ASP M 82 -34.74 43.45 3.83
C ASP M 82 -34.25 44.45 2.80
N LEU M 83 -32.98 44.38 2.41
CA LEU M 83 -32.30 45.49 1.78
C LEU M 83 -32.13 45.27 0.27
N THR M 84 -31.88 46.37 -0.44
CA THR M 84 -31.74 46.38 -1.87
C THR M 84 -30.33 46.80 -2.26
N TYR M 85 -29.91 46.39 -3.45
CA TYR M 85 -28.61 46.78 -4.01
C TYR M 85 -28.85 47.33 -5.41
N HIS M 86 -29.14 48.63 -5.50
CA HIS M 86 -29.31 49.26 -6.81
C HIS M 86 -28.05 49.04 -7.64
N VAL M 87 -28.19 48.25 -8.70
CA VAL M 87 -27.07 47.89 -9.54
C VAL M 87 -27.22 48.61 -10.87
N ARG M 88 -26.19 49.37 -11.26
CA ARG M 88 -26.11 50.00 -12.57
C ARG M 88 -25.09 49.21 -13.38
N PRO M 89 -25.51 48.17 -14.08
CA PRO M 89 -24.57 47.34 -14.81
C PRO M 89 -24.00 48.09 -16.01
N PRO M 90 -22.86 47.64 -16.54
CA PRO M 90 -22.27 48.33 -17.68
C PRO M 90 -22.85 47.84 -19.00
N LYS M 91 -22.82 48.73 -19.98
CA LYS M 91 -23.40 48.45 -21.29
C LYS M 91 -22.39 47.77 -22.20
N ASN M 99 -33.53 44.24 -31.83
CA ASN M 99 -33.76 42.82 -32.18
C ASN M 99 -35.17 42.65 -32.75
N ALA M 100 -36.12 43.46 -32.30
CA ALA M 100 -37.49 43.33 -32.84
C ALA M 100 -37.43 43.66 -34.33
N ALA M 101 -38.12 42.89 -35.19
CA ALA M 101 -38.10 43.16 -36.66
C ALA M 101 -38.76 44.52 -36.92
N THR M 102 -38.24 45.30 -37.88
CA THR M 102 -38.79 46.66 -38.11
C THR M 102 -38.94 46.96 -39.61
N LEU M 103 -39.77 47.94 -39.95
CA LEU M 103 -39.95 48.26 -41.38
C LEU M 103 -38.58 48.61 -41.93
N ASN M 104 -37.77 49.31 -41.14
CA ASN M 104 -36.45 49.72 -41.67
C ASN M 104 -35.66 48.47 -42.02
N ASP M 105 -35.65 47.46 -41.16
CA ASP M 105 -34.89 46.26 -41.57
C ASP M 105 -35.53 45.62 -42.80
N VAL M 106 -36.86 45.61 -42.92
CA VAL M 106 -37.44 44.89 -44.08
C VAL M 106 -36.96 45.49 -45.38
N LYS M 107 -36.80 46.81 -45.49
CA LYS M 107 -36.33 47.35 -46.76
C LYS M 107 -34.98 46.70 -47.07
N THR M 108 -34.08 46.58 -46.10
CA THR M 108 -32.86 45.97 -46.60
C THR M 108 -33.15 44.69 -47.35
N LEU M 109 -34.10 43.89 -46.85
CA LEU M 109 -34.38 42.60 -47.47
C LEU M 109 -34.87 42.77 -48.90
N VAL M 110 -35.77 43.73 -49.13
CA VAL M 110 -36.25 43.95 -50.49
C VAL M 110 -35.09 44.30 -51.41
N GLN M 111 -34.09 45.02 -50.90
CA GLN M 111 -32.91 45.31 -51.70
C GLN M 111 -32.17 44.04 -52.07
N GLN M 112 -31.76 43.28 -51.06
CA GLN M 112 -31.07 42.02 -51.30
C GLN M 112 -31.80 41.17 -52.33
N LEU M 113 -33.12 41.26 -52.37
CA LEU M 113 -33.85 40.63 -53.48
C LEU M 113 -33.53 41.31 -54.80
N TYR M 114 -33.74 42.61 -54.87
CA TYR M 114 -33.55 43.31 -56.15
C TYR M 114 -32.15 43.12 -56.68
N THR M 115 -31.14 43.26 -55.81
CA THR M 115 -29.78 43.03 -56.27
C THR M 115 -29.59 41.59 -56.68
N THR M 116 -30.37 40.67 -56.14
CA THR M 116 -30.28 39.27 -56.56
C THR M 116 -30.95 39.04 -57.91
N LEU M 117 -31.83 39.94 -58.33
CA LEU M 117 -32.33 39.85 -59.70
C LEU M 117 -31.35 40.48 -60.68
N CYS M 118 -30.75 41.60 -60.30
CA CYS M 118 -29.89 42.34 -61.21
C CYS M 118 -28.51 41.70 -61.34
N ILE M 119 -27.92 41.29 -60.22
CA ILE M 119 -26.56 40.75 -60.23
C ILE M 119 -26.43 39.55 -61.15
N GLU M 120 -27.55 38.91 -61.50
CA GLU M 120 -27.50 37.81 -62.47
C GLU M 120 -26.91 38.29 -63.79
N GLN M 121 -27.44 39.37 -64.33
CA GLN M 121 -26.98 39.90 -65.61
C GLN M 121 -25.92 40.97 -65.46
N HIS M 122 -25.98 41.75 -64.37
CA HIS M 122 -25.06 42.87 -64.19
C HIS M 122 -23.61 42.43 -64.26
N GLN M 123 -23.30 41.27 -63.69
CA GLN M 123 -21.93 40.77 -63.73
C GLN M 123 -21.49 40.50 -65.17
N LEU M 124 -22.34 39.84 -65.96
CA LEU M 124 -22.00 39.57 -67.34
C LEU M 124 -21.70 40.85 -68.11
N ASN M 125 -22.28 41.98 -67.70
CA ASN M 125 -21.91 43.25 -68.30
C ASN M 125 -20.59 43.76 -67.75
N LYS M 126 -20.41 43.70 -66.42
CA LYS M 126 -19.15 44.13 -65.84
C LYS M 126 -17.98 43.34 -66.40
N GLU M 127 -18.12 42.02 -66.48
CA GLU M 127 -17.08 41.18 -67.05
C GLU M 127 -16.74 41.62 -68.46
N ARG M 128 -17.73 41.61 -69.36
CA ARG M 128 -17.51 42.08 -70.72
C ARG M 128 -17.20 43.57 -70.79
N GLU M 129 -17.21 44.26 -69.64
CA GLU M 129 -16.68 45.61 -69.59
C GLU M 129 -15.28 45.61 -68.98
N LEU M 130 -15.09 44.82 -67.93
CA LEU M 130 -13.80 44.79 -67.24
C LEU M 130 -12.67 44.38 -68.19
N ILE M 131 -12.90 43.32 -68.97
CA ILE M 131 -11.92 42.87 -69.94
C ILE M 131 -11.43 44.03 -70.79
N GLU M 132 -12.37 44.84 -71.28
CA GLU M 132 -12.01 45.94 -72.17
C GLU M 132 -11.21 47.01 -71.43
N ARG M 133 -11.72 47.47 -70.29
CA ARG M 133 -10.94 48.38 -69.47
C ARG M 133 -9.57 47.79 -69.16
N LEU M 134 -9.54 46.50 -68.81
CA LEU M 134 -8.27 45.80 -68.73
C LEU M 134 -7.53 45.86 -70.06
N GLU M 135 -8.20 45.48 -71.15
CA GLU M 135 -7.54 45.47 -72.45
C GLU M 135 -7.09 46.86 -72.86
N ASP M 136 -7.93 47.87 -72.65
CA ASP M 136 -7.54 49.23 -72.98
C ASP M 136 -6.30 49.65 -72.21
N LEU M 137 -6.25 49.31 -70.92
CA LEU M 137 -5.09 49.65 -70.13
C LEU M 137 -3.86 48.86 -70.59
N LYS M 138 -4.05 47.59 -70.92
CA LYS M 138 -2.93 46.77 -71.38
C LYS M 138 -2.23 47.41 -72.57
N GLU M 139 -3.01 47.91 -73.53
CA GLU M 139 -2.41 48.63 -74.65
C GLU M 139 -1.94 50.02 -74.23
N GLN M 140 -2.66 50.64 -73.27
CA GLN M 140 -2.21 51.92 -72.74
C GLN M 140 -0.87 51.78 -72.02
N LEU M 141 -0.57 50.58 -71.52
CA LEU M 141 0.61 50.35 -70.70
C LEU M 141 1.80 49.81 -71.48
N ALA M 142 1.56 49.09 -72.58
CA ALA M 142 2.63 48.43 -73.33
C ALA M 142 3.81 49.34 -73.65
N PRO M 143 3.63 50.56 -74.20
CA PRO M 143 4.81 51.41 -74.44
C PRO M 143 5.55 51.76 -73.16
N LEU M 144 4.83 52.15 -72.12
CA LEU M 144 5.44 52.41 -70.82
C LEU M 144 6.26 51.20 -70.37
N GLU M 145 5.63 50.02 -70.37
CA GLU M 145 6.33 48.81 -69.94
C GLU M 145 7.59 48.57 -70.76
N LYS M 146 7.53 48.81 -72.07
CA LYS M 146 8.68 48.57 -72.93
C LYS M 146 9.90 49.36 -72.45
N VAL M 147 9.73 50.66 -72.23
CA VAL M 147 10.84 51.47 -71.74
C VAL M 147 11.21 51.03 -70.32
N ARG M 148 10.21 50.75 -69.49
CA ARG M 148 10.48 50.29 -68.13
C ARG M 148 11.41 49.08 -68.12
N ILE M 149 11.20 48.14 -69.05
CA ILE M 149 12.07 46.98 -69.15
C ILE M 149 13.52 47.40 -69.31
N GLU M 150 13.76 48.39 -70.17
CA GLU M 150 15.14 48.77 -70.48
C GLU M 150 15.78 49.51 -69.31
N ILE M 151 15.11 50.54 -68.80
CA ILE M 151 15.69 51.34 -67.72
C ILE M 151 16.00 50.47 -66.52
N SER M 152 15.11 49.52 -66.20
CA SER M 152 15.43 48.55 -65.16
C SER M 152 16.73 47.82 -65.48
N ARG M 153 16.89 47.38 -66.74
CA ARG M 153 18.14 46.75 -67.12
C ARG M 153 19.31 47.71 -67.03
N LYS M 154 19.11 48.97 -67.43
CA LYS M 154 20.16 49.96 -67.25
C LYS M 154 20.48 50.15 -65.78
N ALA M 155 19.49 49.91 -64.90
CA ALA M 155 19.78 49.89 -63.48
C ALA M 155 20.26 48.51 -63.04
N GLU M 156 19.77 47.45 -63.67
CA GLU M 156 20.21 46.11 -63.33
C GLU M 156 21.71 45.97 -63.51
N LYS M 157 22.21 46.29 -64.71
CA LYS M 157 23.65 46.23 -64.94
C LYS M 157 24.39 47.15 -63.98
N ARG M 158 23.95 48.40 -63.86
CA ARG M 158 24.64 49.36 -63.01
C ARG M 158 24.76 48.86 -61.58
N THR M 159 23.81 48.04 -61.12
CA THR M 159 23.95 47.52 -59.76
C THR M 159 24.60 46.15 -59.72
N THR M 160 24.32 45.28 -60.69
CA THR M 160 24.97 43.98 -60.69
C THR M 160 26.45 44.08 -61.03
N LEU M 161 26.93 45.26 -61.41
CA LEU M 161 28.36 45.53 -61.49
C LEU M 161 28.82 46.40 -60.34
N VAL M 162 28.03 46.48 -59.28
CA VAL M 162 28.51 46.97 -57.99
C VAL M 162 28.77 45.81 -57.04
N LEU M 163 27.97 44.75 -57.16
CA LEU M 163 28.16 43.59 -56.31
C LEU M 163 29.55 42.98 -56.51
N TRP M 164 29.93 42.73 -57.77
CA TRP M 164 31.29 42.33 -58.04
C TRP M 164 32.27 43.40 -57.58
N GLY M 165 32.03 44.66 -57.95
CA GLY M 165 32.81 45.76 -57.43
C GLY M 165 32.73 45.89 -55.92
N GLY M 166 31.82 45.16 -55.28
CA GLY M 166 31.82 45.01 -53.85
C GLY M 166 32.63 43.79 -53.46
N LEU M 167 32.57 42.74 -54.28
CA LEU M 167 33.33 41.54 -53.97
C LEU M 167 34.82 41.74 -54.22
N ALA M 168 35.18 42.10 -55.46
CA ALA M 168 36.59 42.26 -55.81
C ALA M 168 37.31 43.18 -54.85
N TYR M 169 36.58 44.11 -54.22
CA TYR M 169 37.12 44.82 -53.06
C TYR M 169 37.60 43.84 -52.00
N MET M 170 36.70 42.95 -51.55
CA MET M 170 37.06 41.99 -50.52
C MET M 170 38.20 41.08 -50.96
N ALA M 171 38.48 41.03 -52.26
CA ALA M 171 39.71 40.38 -52.70
C ALA M 171 40.89 41.32 -52.56
N THR M 172 40.81 42.50 -53.18
CA THR M 172 41.94 43.43 -53.14
C THR M 172 42.26 43.92 -51.75
N GLN M 173 41.44 43.62 -50.75
CA GLN M 173 41.89 43.77 -49.38
C GLN M 173 42.62 42.53 -48.90
N PHE M 174 41.97 41.37 -49.01
CA PHE M 174 42.63 40.11 -48.69
C PHE M 174 43.87 39.90 -49.56
N GLY M 175 43.99 40.66 -50.64
CA GLY M 175 45.22 40.62 -51.42
C GLY M 175 46.25 41.63 -50.96
N ILE M 176 45.80 42.72 -50.33
CA ILE M 176 46.72 43.73 -49.84
C ILE M 176 47.17 43.47 -48.42
N LEU M 177 46.54 42.53 -47.73
CA LEU M 177 46.97 42.16 -46.39
C LEU M 177 47.80 40.88 -46.37
N ALA M 178 47.87 40.16 -47.48
CA ALA M 178 48.82 39.06 -47.58
C ALA M 178 50.23 39.61 -47.68
N ARG M 179 50.49 40.44 -48.70
CA ARG M 179 51.82 41.02 -48.86
C ARG M 179 52.24 41.79 -47.63
N LEU M 180 51.32 42.48 -46.99
CA LEU M 180 51.75 43.18 -45.80
C LEU M 180 51.76 42.33 -44.60
N THR M 181 51.71 41.01 -44.69
CA THR M 181 51.84 40.19 -43.51
C THR M 181 52.91 39.12 -43.64
N TRP M 182 53.05 38.52 -44.82
CA TRP M 182 54.04 37.46 -45.01
C TRP M 182 55.26 37.93 -45.77
N TRP M 183 55.08 38.47 -46.98
CA TRP M 183 56.21 38.92 -47.76
C TRP M 183 57.02 40.01 -47.06
N GLU M 184 56.40 41.17 -46.83
CA GLU M 184 57.16 42.34 -46.41
C GLU M 184 57.18 42.50 -44.89
N TYR M 185 56.03 42.70 -44.28
CA TYR M 185 55.96 43.06 -42.88
C TYR M 185 55.72 41.85 -42.00
N SER M 186 55.56 42.09 -40.71
CA SER M 186 55.38 41.04 -39.73
C SER M 186 53.92 40.59 -39.73
N TRP M 187 53.57 39.79 -38.72
CA TRP M 187 52.19 39.66 -38.30
C TRP M 187 51.94 40.30 -36.95
N ASP M 188 52.98 40.77 -36.28
CA ASP M 188 52.83 41.48 -35.01
C ASP M 188 52.67 42.98 -35.21
N ILE M 189 53.04 43.50 -36.37
CA ILE M 189 52.83 44.90 -36.71
C ILE M 189 51.70 45.08 -37.71
N MET M 190 50.95 44.02 -37.99
CA MET M 190 49.86 44.08 -38.95
C MET M 190 48.54 43.76 -38.26
N GLU M 191 48.55 42.74 -37.40
CA GLU M 191 47.38 42.31 -36.63
C GLU M 191 46.59 43.49 -36.07
N PRO M 192 47.23 44.53 -35.52
CA PRO M 192 46.45 45.70 -35.10
C PRO M 192 45.67 46.34 -36.23
N VAL M 193 46.37 46.75 -37.29
CA VAL M 193 45.69 47.53 -38.32
C VAL M 193 44.67 46.67 -39.06
N THR M 194 44.79 45.35 -39.00
CA THR M 194 43.76 44.51 -39.56
C THR M 194 42.68 44.19 -38.56
N TYR M 195 42.78 44.71 -37.35
CA TYR M 195 41.66 44.62 -36.43
C TYR M 195 40.76 45.85 -36.51
N PHE M 196 41.37 47.02 -36.66
CA PHE M 196 40.57 48.23 -36.86
C PHE M 196 39.76 48.14 -38.14
N ILE M 197 40.30 47.48 -39.16
CA ILE M 197 39.50 47.20 -40.36
C ILE M 197 38.23 46.46 -39.98
N THR M 198 38.39 45.31 -39.34
CA THR M 198 37.21 44.56 -38.88
C THR M 198 36.35 45.41 -37.95
N TYR M 199 36.95 46.33 -37.21
CA TYR M 199 36.14 47.25 -36.43
C TYR M 199 35.77 48.50 -37.20
N GLY M 200 36.42 48.75 -38.33
CA GLY M 200 35.93 49.78 -39.22
C GLY M 200 34.63 49.38 -39.88
N SER M 201 34.60 48.18 -40.45
CA SER M 201 33.37 47.65 -41.00
C SER M 201 32.28 47.60 -39.95
N ALA M 202 32.51 46.84 -38.88
CA ALA M 202 31.46 46.58 -37.90
C ALA M 202 30.99 47.84 -37.20
N MET M 203 31.56 48.99 -37.59
CA MET M 203 31.03 50.28 -37.22
C MET M 203 30.48 51.06 -38.41
N ALA M 204 31.19 51.05 -39.55
CA ALA M 204 30.62 51.64 -40.75
C ALA M 204 29.40 50.86 -41.22
N MET M 205 29.44 49.53 -41.13
CA MET M 205 28.24 48.73 -41.35
C MET M 205 27.08 49.26 -40.52
N TYR M 206 27.33 49.57 -39.25
CA TYR M 206 26.28 50.15 -38.42
C TYR M 206 25.91 51.54 -38.90
N ALA M 207 26.90 52.40 -39.12
CA ALA M 207 26.62 53.78 -39.53
C ALA M 207 25.74 53.82 -40.78
N TYR M 208 25.81 52.78 -41.61
CA TYR M 208 24.89 52.68 -42.74
C TYR M 208 23.46 52.54 -42.26
N PHE M 209 23.25 51.84 -41.14
CA PHE M 209 21.89 51.69 -40.63
C PHE M 209 21.32 53.01 -40.16
N VAL M 210 22.15 53.85 -39.55
CA VAL M 210 21.69 55.19 -39.20
C VAL M 210 21.34 55.98 -40.44
N MET M 211 22.04 55.73 -41.54
CA MET M 211 21.84 56.53 -42.74
C MET M 211 20.55 56.20 -43.46
N THR M 212 19.99 55.00 -43.27
CA THR M 212 18.79 54.61 -43.99
C THR M 212 17.70 53.98 -43.15
N ARG M 213 17.97 53.68 -41.88
CA ARG M 213 17.05 52.93 -41.02
C ARG M 213 16.71 51.57 -41.62
N GLN M 214 17.51 51.11 -42.57
CA GLN M 214 17.32 49.81 -43.20
C GLN M 214 18.56 48.97 -42.90
N GLU M 215 18.43 48.07 -41.94
CA GLU M 215 19.56 47.29 -41.45
C GLU M 215 20.35 46.68 -42.61
N TYR M 216 21.68 46.78 -42.51
CA TYR M 216 22.54 46.31 -43.59
C TYR M 216 22.52 44.79 -43.69
N VAL M 217 21.72 44.28 -44.62
CA VAL M 217 21.72 42.87 -44.94
C VAL M 217 21.81 42.75 -46.46
N TYR M 218 22.68 41.87 -46.94
CA TYR M 218 23.01 41.81 -48.35
C TYR M 218 21.80 41.82 -49.28
N PRO M 219 20.76 41.01 -49.07
CA PRO M 219 19.59 41.12 -49.95
C PRO M 219 18.99 42.51 -49.97
N GLU M 220 18.61 43.03 -48.80
CA GLU M 220 18.01 44.35 -48.73
C GLU M 220 18.93 45.41 -49.31
N ALA M 221 20.12 45.57 -48.72
CA ALA M 221 21.03 46.64 -49.12
C ALA M 221 21.41 46.54 -50.58
N ARG M 222 21.14 45.41 -51.25
CA ARG M 222 21.26 45.39 -52.70
C ARG M 222 20.10 46.13 -53.34
N ASP M 223 18.87 45.79 -52.95
CA ASP M 223 17.70 46.35 -53.60
C ASP M 223 17.58 47.84 -53.29
N ARG M 224 17.78 48.23 -52.04
CA ARG M 224 17.72 49.65 -51.70
C ARG M 224 18.72 50.45 -52.50
N GLN M 225 19.70 49.79 -53.11
CA GLN M 225 20.54 50.45 -54.09
C GLN M 225 20.08 50.19 -55.52
N TYR M 226 19.35 49.10 -55.75
CA TYR M 226 18.78 48.87 -57.07
C TYR M 226 17.74 49.94 -57.39
N LEU M 227 16.83 50.21 -56.45
CA LEU M 227 15.82 51.24 -56.66
C LEU M 227 16.47 52.58 -56.93
N LEU M 228 17.37 53.02 -56.04
CA LEU M 228 18.10 54.25 -56.28
C LEU M 228 18.73 54.27 -57.67
N PHE M 229 19.26 53.13 -58.10
CA PHE M 229 19.85 53.06 -59.43
C PHE M 229 18.78 53.04 -60.51
N PHE M 230 17.53 52.81 -60.14
CA PHE M 230 16.46 52.78 -61.13
C PHE M 230 15.81 54.15 -61.28
N HIS M 231 15.30 54.70 -60.17
CA HIS M 231 14.68 56.02 -60.22
C HIS M 231 15.63 57.05 -60.81
N LYS M 232 16.80 57.22 -60.20
CA LYS M 232 17.81 58.11 -60.76
C LYS M 232 18.09 57.78 -62.22
N GLY M 233 18.10 56.49 -62.55
CA GLY M 233 18.26 56.11 -63.95
C GLY M 233 17.02 56.42 -64.78
N ALA M 234 15.84 56.29 -64.17
CA ALA M 234 14.61 56.57 -64.90
C ALA M 234 14.33 58.07 -64.93
N LYS M 235 14.47 58.74 -63.78
CA LYS M 235 14.20 60.17 -63.71
C LYS M 235 15.04 60.94 -64.72
N LYS M 236 16.26 60.49 -64.99
CA LYS M 236 17.08 61.13 -66.01
C LYS M 236 16.47 60.95 -67.40
N SER M 237 16.12 59.71 -67.74
CA SER M 237 15.63 59.39 -69.08
C SER M 237 14.24 59.92 -69.35
N ARG M 238 13.63 60.68 -68.45
CA ARG M 238 12.33 61.33 -68.59
C ARG M 238 11.18 60.33 -68.64
N PHE M 239 11.47 59.03 -68.62
CA PHE M 239 10.42 58.02 -68.59
C PHE M 239 9.63 58.13 -67.30
N ASP M 240 8.32 58.32 -67.42
CA ASP M 240 7.48 58.45 -66.24
C ASP M 240 7.53 57.18 -65.41
N LEU M 241 7.33 57.34 -64.11
CA LEU M 241 7.25 56.24 -63.16
C LEU M 241 5.92 56.18 -62.45
N GLU M 242 5.38 57.34 -62.04
CA GLU M 242 4.09 57.36 -61.36
C GLU M 242 3.00 56.79 -62.25
N LYS M 243 2.80 57.40 -63.41
CA LYS M 243 1.77 56.95 -64.32
C LYS M 243 1.95 55.48 -64.70
N TYR M 244 3.20 55.03 -64.82
CA TYR M 244 3.44 53.63 -65.12
C TYR M 244 2.91 52.73 -64.02
N ASN M 245 3.43 52.88 -62.80
CA ASN M 245 2.95 52.05 -61.71
C ASN M 245 1.46 52.28 -61.46
N GLN M 246 1.00 53.53 -61.63
CA GLN M 246 -0.42 53.82 -61.53
C GLN M 246 -1.23 52.85 -62.37
N LEU M 247 -0.85 52.71 -63.64
CA LEU M 247 -1.47 51.71 -64.50
C LEU M 247 -1.28 50.31 -63.91
N LYS M 248 -0.10 50.04 -63.36
CA LYS M 248 0.17 48.70 -62.84
C LYS M 248 -0.76 48.35 -61.69
N ASP M 249 -1.21 49.34 -60.91
CA ASP M 249 -2.22 49.06 -59.91
C ASP M 249 -3.53 48.66 -60.56
N ALA M 250 -4.08 49.53 -61.40
CA ALA M 250 -5.34 49.25 -62.06
C ALA M 250 -5.28 47.94 -62.84
N ILE M 251 -4.23 47.75 -63.64
CA ILE M 251 -4.12 46.52 -64.42
C ILE M 251 -4.00 45.31 -63.53
N ALA M 252 -3.74 45.51 -62.24
CA ALA M 252 -3.89 44.45 -61.26
C ALA M 252 -5.21 44.59 -60.51
N GLN M 253 -5.60 45.82 -60.19
CA GLN M 253 -6.89 46.05 -59.56
C GLN M 253 -8.03 45.55 -60.44
N ALA M 254 -8.00 45.91 -61.72
CA ALA M 254 -8.98 45.38 -62.64
C ALA M 254 -8.84 43.87 -62.79
N GLU M 255 -7.66 43.34 -62.55
CA GLU M 255 -7.46 41.90 -62.70
C GLU M 255 -8.12 41.13 -61.57
N MET M 256 -7.74 41.44 -60.32
CA MET M 256 -8.27 40.70 -59.18
C MET M 256 -9.79 40.64 -59.19
N ASP M 257 -10.44 41.70 -59.66
CA ASP M 257 -11.89 41.69 -59.74
C ASP M 257 -12.39 40.59 -60.67
N LEU M 258 -11.88 40.57 -61.90
CA LEU M 258 -12.30 39.53 -62.84
C LEU M 258 -12.00 38.15 -62.29
N LYS M 259 -10.86 37.98 -61.63
CA LYS M 259 -10.61 36.73 -60.93
C LYS M 259 -11.65 36.48 -59.86
N ARG M 260 -12.04 37.53 -59.14
CA ARG M 260 -13.07 37.40 -58.11
C ARG M 260 -14.44 37.15 -58.70
N LEU M 261 -14.62 37.30 -60.01
CA LEU M 261 -15.91 37.11 -60.64
C LEU M 261 -16.01 35.77 -61.36
N ARG M 262 -15.44 34.71 -60.79
CA ARG M 262 -15.61 33.37 -61.34
C ARG M 262 -16.82 32.65 -60.75
N ASP M 263 -17.80 33.41 -60.26
CA ASP M 263 -19.04 32.83 -59.77
C ASP M 263 -20.13 32.99 -60.83
N VAL N 1 8.54 26.88 -46.24
CA VAL N 1 9.65 27.59 -46.86
C VAL N 1 10.13 26.81 -48.08
N ILE N 2 9.97 25.48 -48.03
CA ILE N 2 10.29 24.64 -49.17
C ILE N 2 9.04 24.28 -49.98
N VAL N 3 7.86 24.31 -49.37
CA VAL N 3 6.61 23.98 -50.03
C VAL N 3 5.65 25.14 -49.85
N THR N 4 4.84 25.39 -50.88
CA THR N 4 3.82 26.41 -50.76
C THR N 4 2.81 26.03 -49.69
N ARG N 5 2.00 27.01 -49.29
CA ARG N 5 0.96 26.73 -48.31
C ARG N 5 -0.03 25.71 -48.82
N SER N 6 -0.32 25.73 -50.12
CA SER N 6 -1.23 24.77 -50.72
C SER N 6 -0.67 23.37 -50.77
N GLY N 7 0.58 23.16 -50.33
CA GLY N 7 1.22 21.86 -50.42
C GLY N 7 2.07 21.66 -51.65
N ALA N 8 2.00 22.56 -52.62
CA ALA N 8 2.80 22.42 -53.82
C ALA N 8 4.29 22.58 -53.50
N ILE N 9 5.12 22.19 -54.46
CA ILE N 9 6.57 22.23 -54.30
C ILE N 9 7.10 23.46 -55.02
N LEU N 10 8.06 24.13 -54.41
CA LEU N 10 8.53 25.40 -54.94
C LEU N 10 9.27 25.17 -56.25
N PRO N 11 9.41 26.23 -57.07
CA PRO N 11 10.10 26.07 -58.35
C PRO N 11 11.58 25.85 -58.16
N LYS N 12 12.24 25.50 -59.26
CA LYS N 12 13.68 25.25 -59.23
C LYS N 12 14.41 26.55 -58.95
N PRO N 13 15.04 26.72 -57.80
CA PRO N 13 15.78 27.95 -57.54
C PRO N 13 16.93 28.11 -58.52
N VAL N 14 17.23 29.36 -58.84
CA VAL N 14 18.08 29.67 -59.97
C VAL N 14 19.55 29.57 -59.55
N LYS N 15 20.36 29.01 -60.45
CA LYS N 15 21.82 29.07 -60.35
C LYS N 15 22.34 29.81 -61.57
N MET N 16 23.11 30.87 -61.33
CA MET N 16 23.60 31.65 -62.45
C MET N 16 24.58 30.83 -63.29
N SER N 17 24.74 31.25 -64.54
CA SER N 17 25.45 30.45 -65.55
C SER N 17 26.93 30.39 -65.21
N PHE N 18 27.37 29.24 -64.68
CA PHE N 18 28.77 29.00 -64.36
C PHE N 18 29.33 30.07 -63.43
N GLY N 19 28.44 30.68 -62.63
CA GLY N 19 28.84 31.81 -61.81
C GLY N 19 29.98 31.50 -60.86
N LEU N 20 30.15 30.22 -60.50
CA LEU N 20 31.30 29.84 -59.69
C LEU N 20 32.59 30.33 -60.32
N LEU N 21 32.72 30.18 -61.64
CA LEU N 21 33.85 30.78 -62.33
C LEU N 21 33.75 32.29 -62.32
N ARG N 22 32.55 32.83 -62.54
CA ARG N 22 32.38 34.28 -62.58
C ARG N 22 32.92 34.94 -61.31
N VAL N 23 32.78 34.28 -60.17
CA VAL N 23 33.36 34.81 -58.95
C VAL N 23 34.81 34.37 -58.81
N PHE N 24 35.10 33.12 -59.18
CA PHE N 24 36.46 32.61 -59.05
C PHE N 24 37.43 33.35 -59.95
N SER N 25 36.98 33.78 -61.13
CA SER N 25 37.80 34.58 -62.04
C SER N 25 37.70 36.06 -61.77
N ILE N 26 37.03 36.47 -60.70
CA ILE N 26 36.99 37.87 -60.30
C ILE N 26 37.60 38.08 -58.93
N VAL N 27 37.79 37.03 -58.14
CA VAL N 27 38.52 37.17 -56.89
C VAL N 27 40.03 37.13 -57.14
N ILE N 28 40.49 36.13 -57.90
CA ILE N 28 41.93 35.95 -58.08
C ILE N 28 42.60 37.14 -58.73
N PRO N 29 42.18 37.61 -59.91
CA PRO N 29 42.90 38.73 -60.51
C PRO N 29 42.84 40.00 -59.68
N PHE N 30 41.86 40.11 -58.78
CA PHE N 30 41.86 41.21 -57.84
C PHE N 30 42.48 40.85 -56.51
N LEU N 31 42.58 39.55 -56.20
CA LEU N 31 43.49 39.13 -55.14
C LEU N 31 44.93 39.36 -55.57
N TYR N 32 45.20 39.25 -56.87
CA TYR N 32 46.56 39.41 -57.37
C TYR N 32 46.98 40.88 -57.43
N VAL N 33 46.04 41.79 -57.69
CA VAL N 33 46.42 43.19 -57.72
C VAL N 33 46.62 43.71 -56.30
N GLY N 34 45.86 43.18 -55.34
CA GLY N 34 46.11 43.53 -53.95
C GLY N 34 47.55 43.26 -53.54
N THR N 35 48.14 42.19 -54.07
CA THR N 35 49.57 42.00 -53.97
C THR N 35 50.32 43.17 -54.61
N LEU N 36 50.03 43.44 -55.88
CA LEU N 36 50.81 44.41 -56.63
C LEU N 36 50.70 45.81 -56.05
N ILE N 37 49.49 46.23 -55.69
CA ILE N 37 49.33 47.58 -55.13
C ILE N 37 50.15 47.71 -53.86
N SER N 38 50.30 46.63 -53.10
CA SER N 38 51.08 46.67 -51.88
C SER N 38 52.57 46.73 -52.19
N LYS N 39 53.03 45.91 -53.13
CA LYS N 39 54.46 45.84 -53.44
C LYS N 39 55.00 47.22 -53.81
N ASN N 40 54.44 47.84 -54.84
CA ASN N 40 54.85 49.18 -55.21
C ASN N 40 54.68 50.15 -54.05
N PHE N 41 53.61 49.97 -53.27
CA PHE N 41 53.46 50.75 -52.04
C PHE N 41 54.57 50.39 -51.05
N ALA N 42 54.83 49.09 -50.87
CA ALA N 42 55.88 48.66 -49.97
C ALA N 42 57.25 49.17 -50.38
N ALA N 43 57.39 49.65 -51.62
CA ALA N 43 58.62 50.30 -52.06
C ALA N 43 58.56 51.80 -51.91
N LEU N 44 57.38 52.40 -52.15
CA LEU N 44 57.24 53.85 -52.02
C LEU N 44 57.58 54.31 -50.62
N LEU N 45 57.38 53.45 -49.61
CA LEU N 45 57.68 53.83 -48.24
C LEU N 45 59.15 53.93 -47.88
N GLU N 46 60.03 53.43 -48.75
CA GLU N 46 61.46 53.50 -48.47
C GLU N 46 61.94 54.73 -49.21
N GLU N 47 61.12 55.28 -50.11
CA GLU N 47 61.50 56.53 -50.76
C GLU N 47 61.48 57.69 -49.78
N HIS N 48 60.48 57.68 -48.90
CA HIS N 48 60.36 58.73 -47.87
C HIS N 48 59.83 58.17 -46.55
N ASP N 49 59.77 56.85 -46.35
CA ASP N 49 59.12 56.43 -45.08
C ASP N 49 59.64 55.18 -44.37
N ILE N 50 58.77 54.70 -43.47
CA ILE N 50 58.90 53.64 -42.43
C ILE N 50 59.45 52.32 -42.96
N PHE N 51 60.31 51.70 -42.15
CA PHE N 51 60.89 50.35 -42.40
C PHE N 51 61.35 50.22 -43.86
N ASP O 1 -54.46 44.47 -14.74
CA ASP O 1 -54.48 44.32 -16.19
C ASP O 1 -53.13 43.87 -16.70
N VAL O 2 -53.10 43.38 -17.94
CA VAL O 2 -51.87 42.92 -18.57
C VAL O 2 -51.62 43.77 -19.80
N THR O 3 -50.55 44.55 -19.76
CA THR O 3 -50.14 45.37 -20.89
C THR O 3 -48.72 45.04 -21.29
N VAL O 4 -48.40 45.32 -22.55
CA VAL O 4 -47.10 45.02 -23.11
C VAL O 4 -46.51 46.31 -23.65
N VAL O 5 -45.35 46.69 -23.14
CA VAL O 5 -44.63 47.85 -23.62
C VAL O 5 -43.26 47.41 -24.09
N TYR O 6 -42.76 48.07 -25.12
CA TYR O 6 -41.46 47.75 -25.66
C TYR O 6 -40.36 48.40 -24.81
N GLN O 7 -39.19 47.79 -24.84
CA GLN O 7 -38.07 48.28 -24.04
C GLN O 7 -36.79 47.76 -24.66
N ASN O 8 -35.85 48.67 -24.93
CA ASN O 8 -34.60 48.35 -25.62
C ASN O 8 -34.86 47.78 -27.01
N GLY O 9 -36.07 47.91 -27.52
CA GLY O 9 -36.44 47.21 -28.73
C GLY O 9 -36.96 45.81 -28.51
N LEU O 10 -37.17 45.41 -27.26
CA LEU O 10 -37.72 44.13 -26.89
C LEU O 10 -39.10 44.30 -26.27
N PRO O 11 -39.96 43.28 -26.36
CA PRO O 11 -41.27 43.39 -25.73
C PRO O 11 -41.25 42.90 -24.30
N VAL O 12 -41.75 43.72 -23.38
CA VAL O 12 -41.86 43.35 -21.98
C VAL O 12 -43.34 43.13 -21.69
N ILE O 13 -43.69 41.89 -21.37
CA ILE O 13 -45.06 41.55 -21.01
C ILE O 13 -45.21 41.72 -19.51
N SER O 14 -46.10 42.61 -19.11
CA SER O 14 -46.32 42.94 -17.70
C SER O 14 -47.65 42.33 -17.29
N VAL O 15 -47.61 41.09 -16.83
CA VAL O 15 -48.80 40.34 -16.50
C VAL O 15 -49.03 40.39 -15.00
N ARG O 16 -50.30 40.35 -14.59
CA ARG O 16 -50.66 40.20 -13.19
C ARG O 16 -50.89 38.73 -12.91
N LEU O 17 -50.09 38.17 -12.02
CA LEU O 17 -50.20 36.75 -11.75
C LEU O 17 -51.33 36.47 -10.76
N PRO O 18 -51.97 35.31 -10.85
CA PRO O 18 -53.13 35.03 -10.00
C PRO O 18 -52.78 34.75 -8.55
N SER O 19 -51.75 33.94 -8.32
CA SER O 19 -51.43 33.55 -6.95
C SER O 19 -50.98 34.75 -6.13
N ARG O 20 -49.92 35.41 -6.58
CA ARG O 20 -49.41 36.60 -5.90
C ARG O 20 -49.80 37.83 -6.72
N ARG O 21 -50.44 38.79 -6.05
CA ARG O 21 -50.92 40.00 -6.72
C ARG O 21 -49.74 40.95 -6.98
N GLU O 22 -48.77 40.45 -7.74
CA GLU O 22 -47.60 41.21 -8.14
C GLU O 22 -47.49 41.20 -9.65
N ARG O 23 -47.38 42.38 -10.23
CA ARG O 23 -47.36 42.51 -11.69
C ARG O 23 -46.01 42.04 -12.22
N CYS O 24 -45.78 40.74 -12.09
CA CYS O 24 -44.55 40.15 -12.62
C CYS O 24 -44.48 40.38 -14.13
N GLN O 25 -43.29 40.77 -14.60
CA GLN O 25 -43.10 41.10 -16.00
C GLN O 25 -42.17 40.10 -16.67
N PHE O 26 -42.39 39.91 -17.97
CA PHE O 26 -41.66 38.94 -18.76
C PHE O 26 -40.99 39.62 -19.93
N THR O 27 -39.78 39.19 -20.24
CA THR O 27 -39.09 39.58 -21.46
C THR O 27 -38.91 38.36 -22.34
N LEU O 28 -38.83 38.60 -23.64
CA LEU O 28 -38.82 37.49 -24.58
C LEU O 28 -38.41 37.98 -25.96
N LYS O 29 -37.46 37.28 -26.57
CA LYS O 29 -36.84 37.74 -27.81
C LYS O 29 -37.71 37.35 -29.00
N PRO O 30 -38.36 38.32 -29.64
CA PRO O 30 -39.27 37.98 -30.75
C PRO O 30 -38.60 37.27 -31.90
N ILE O 31 -37.27 37.32 -31.98
CA ILE O 31 -36.59 36.70 -33.11
C ILE O 31 -36.60 35.19 -32.98
N SER O 32 -36.37 34.68 -31.77
CA SER O 32 -36.21 33.24 -31.57
C SER O 32 -37.25 32.63 -30.65
N ASP O 33 -37.62 33.33 -29.58
CA ASP O 33 -38.57 32.77 -28.64
C ASP O 33 -39.95 32.64 -29.26
N SER O 34 -40.68 31.60 -28.85
CA SER O 34 -42.02 31.37 -29.34
C SER O 34 -42.96 31.19 -28.15
N VAL O 35 -44.25 31.44 -28.39
CA VAL O 35 -45.21 31.40 -27.29
C VAL O 35 -45.11 30.08 -26.54
N GLY O 36 -44.73 29.01 -27.24
CA GLY O 36 -44.54 27.75 -26.56
C GLY O 36 -43.50 27.80 -25.46
N VAL O 37 -42.64 28.83 -25.47
CA VAL O 37 -41.62 28.93 -24.43
C VAL O 37 -41.93 30.11 -23.53
N PHE O 38 -42.65 31.10 -24.04
CA PHE O 38 -43.13 32.18 -23.17
C PHE O 38 -44.23 31.67 -22.27
N LEU O 39 -45.26 31.08 -22.87
CA LEU O 39 -46.37 30.55 -22.10
C LEU O 39 -45.87 29.59 -21.04
N ARG O 40 -45.11 28.58 -21.47
CA ARG O 40 -44.51 27.65 -20.52
C ARG O 40 -43.61 28.35 -19.51
N GLN O 41 -43.04 29.50 -19.86
CA GLN O 41 -42.30 30.26 -18.87
C GLN O 41 -43.25 30.85 -17.84
N LEU O 42 -44.42 31.29 -18.28
CA LEU O 42 -45.44 31.74 -17.33
C LEU O 42 -45.88 30.60 -16.42
N GLN O 43 -45.86 29.37 -16.93
CA GLN O 43 -46.28 28.22 -16.14
C GLN O 43 -45.48 28.10 -14.86
N GLU O 44 -44.18 27.90 -14.97
CA GLU O 44 -43.35 27.67 -13.81
C GLU O 44 -42.95 28.95 -13.09
N GLU O 45 -43.30 30.11 -13.63
CA GLU O 45 -43.14 31.35 -12.88
C GLU O 45 -44.02 31.32 -11.64
N ASP O 46 -45.32 31.24 -11.84
CA ASP O 46 -46.26 30.97 -10.77
C ASP O 46 -46.42 29.46 -10.62
N ARG O 47 -47.41 29.04 -9.84
CA ARG O 47 -47.81 27.65 -9.80
C ARG O 47 -49.27 27.45 -10.14
N GLY O 48 -50.16 28.25 -9.56
CA GLY O 48 -51.59 28.16 -9.79
C GLY O 48 -51.98 28.21 -11.25
N ILE O 49 -51.05 28.60 -12.12
CA ILE O 49 -51.29 28.46 -13.55
C ILE O 49 -51.54 26.99 -13.85
N ASP O 50 -52.75 26.67 -14.28
CA ASP O 50 -53.09 25.32 -14.66
C ASP O 50 -53.32 25.19 -16.16
N ARG O 51 -54.03 26.14 -16.74
CA ARG O 51 -54.22 26.23 -18.18
C ARG O 51 -54.03 27.67 -18.62
N VAL O 52 -53.36 27.83 -19.75
CA VAL O 52 -53.18 29.14 -20.37
C VAL O 52 -53.13 28.95 -21.87
N ALA O 53 -53.87 29.78 -22.59
CA ALA O 53 -53.98 29.61 -24.04
C ALA O 53 -54.25 30.97 -24.65
N ILE O 54 -53.20 31.61 -25.16
CA ILE O 54 -53.36 32.88 -25.82
C ILE O 54 -54.29 32.75 -27.01
N TYR O 55 -55.20 33.70 -27.15
CA TYR O 55 -56.23 33.64 -28.18
C TYR O 55 -56.09 34.82 -29.13
N SER O 56 -56.50 34.64 -30.37
CA SER O 56 -56.58 35.73 -31.32
C SER O 56 -57.68 36.70 -30.87
N PRO O 57 -57.84 37.84 -31.55
CA PRO O 57 -58.99 38.70 -31.26
C PRO O 57 -60.31 37.96 -31.23
N ASP O 58 -60.44 36.89 -32.01
CA ASP O 58 -61.60 36.03 -31.96
C ASP O 58 -61.21 34.68 -31.36
N GLY O 59 -62.16 33.76 -31.37
CA GLY O 59 -62.06 32.50 -30.65
C GLY O 59 -60.88 31.60 -30.96
N VAL O 60 -60.29 31.69 -32.15
CA VAL O 60 -59.30 30.72 -32.56
C VAL O 60 -58.09 30.79 -31.63
N ARG O 61 -57.44 29.65 -31.41
CA ARG O 61 -56.35 29.57 -30.45
C ARG O 61 -55.00 29.63 -31.16
N VAL O 62 -54.13 30.51 -30.67
CA VAL O 62 -52.77 30.54 -31.16
C VAL O 62 -52.06 29.26 -30.75
N ALA O 63 -51.28 28.70 -31.66
CA ALA O 63 -50.66 27.40 -31.43
C ALA O 63 -49.55 27.54 -30.40
N ALA O 64 -48.82 26.46 -30.18
CA ALA O 64 -47.69 26.45 -29.27
C ALA O 64 -46.37 26.66 -29.99
N SER O 65 -46.41 27.12 -31.24
CA SER O 65 -45.19 27.34 -31.99
C SER O 65 -45.13 28.69 -32.68
N THR O 66 -46.21 29.45 -32.75
CA THR O 66 -46.18 30.75 -33.38
C THR O 66 -45.12 31.64 -32.73
N GLY O 67 -44.31 32.30 -33.56
CA GLY O 67 -43.32 33.21 -33.03
C GLY O 67 -43.96 34.46 -32.47
N ILE O 68 -43.31 35.03 -31.45
CA ILE O 68 -43.91 36.15 -30.72
C ILE O 68 -44.21 37.30 -31.66
N ASP O 69 -43.21 37.72 -32.43
CA ASP O 69 -43.41 38.82 -33.37
C ASP O 69 -44.53 38.51 -34.34
N LEU O 70 -44.63 37.26 -34.78
CA LEU O 70 -45.73 36.87 -35.64
C LEU O 70 -47.07 36.98 -34.93
N LEU O 71 -47.06 36.96 -33.60
CA LEU O 71 -48.28 37.12 -32.82
C LEU O 71 -48.55 38.57 -32.47
N LEU O 72 -47.52 39.28 -31.96
CA LEU O 72 -47.69 40.63 -31.46
C LEU O 72 -48.20 41.60 -32.51
N LEU O 73 -48.31 41.18 -33.77
CA LEU O 73 -48.77 42.09 -34.82
C LEU O 73 -50.11 42.72 -34.49
N ASP O 74 -50.96 42.03 -33.73
CA ASP O 74 -52.28 42.54 -33.38
C ASP O 74 -52.57 42.19 -31.93
N ASP O 75 -53.70 42.69 -31.44
CA ASP O 75 -54.12 42.36 -30.08
C ASP O 75 -54.47 40.89 -29.99
N PHE O 76 -54.50 40.39 -28.75
CA PHE O 76 -54.73 38.96 -28.55
C PHE O 76 -55.12 38.73 -27.09
N LYS O 77 -56.20 37.99 -26.89
CA LYS O 77 -56.66 37.67 -25.54
C LYS O 77 -55.76 36.61 -24.94
N LEU O 78 -55.25 36.88 -23.75
CA LEU O 78 -54.48 35.90 -22.98
C LEU O 78 -55.33 35.43 -21.83
N VAL O 79 -55.50 34.09 -21.73
CA VAL O 79 -56.39 33.49 -20.68
C VAL O 79 -55.56 32.76 -19.62
N ILE O 80 -55.92 33.01 -18.35
CA ILE O 80 -55.35 32.36 -17.14
C ILE O 80 -56.23 31.15 -16.80
N ASN O 81 -56.12 30.63 -15.59
CA ASN O 81 -56.95 29.46 -15.21
C ASN O 81 -58.44 29.84 -15.26
N ASP O 82 -58.81 31.00 -14.74
CA ASP O 82 -60.25 31.41 -14.73
C ASP O 82 -60.47 32.83 -15.27
N LEU O 83 -59.49 33.45 -15.95
CA LEU O 83 -59.71 34.85 -16.42
C LEU O 83 -59.18 35.06 -17.84
N THR O 84 -59.74 36.06 -18.55
CA THR O 84 -59.30 36.39 -19.90
C THR O 84 -58.76 37.81 -19.89
N TYR O 85 -57.47 37.93 -19.58
CA TYR O 85 -56.79 39.22 -19.71
C TYR O 85 -56.73 39.60 -21.18
N HIS O 86 -57.26 40.77 -21.50
CA HIS O 86 -57.39 41.21 -22.89
C HIS O 86 -56.22 42.13 -23.23
N VAL O 87 -55.23 41.59 -23.93
CA VAL O 87 -53.98 42.28 -24.20
C VAL O 87 -54.04 42.89 -25.60
N ARG O 88 -53.49 44.09 -25.73
CA ARG O 88 -53.34 44.76 -27.03
C ARG O 88 -51.96 45.40 -27.09
N PRO O 89 -50.99 44.72 -27.70
CA PRO O 89 -49.64 45.25 -27.74
C PRO O 89 -49.54 46.45 -28.66
N PRO O 90 -48.51 47.27 -28.54
CA PRO O 90 -48.41 48.46 -29.41
C PRO O 90 -48.01 48.05 -30.82
N LYS O 91 -48.72 48.61 -31.79
CA LYS O 91 -48.52 48.27 -33.20
C LYS O 91 -47.41 49.13 -33.76
N ARG O 92 -46.34 48.49 -34.22
CA ARG O 92 -45.13 49.21 -34.61
C ARG O 92 -44.48 48.71 -35.89
N ASP O 93 -45.07 47.74 -36.59
CA ASP O 93 -44.48 47.28 -37.85
C ASP O 93 -44.46 48.40 -38.88
N LEU O 94 -45.61 49.06 -39.07
CA LEU O 94 -45.74 50.26 -39.88
C LEU O 94 -45.44 50.03 -41.36
N LEU O 95 -45.16 48.80 -41.78
CA LEU O 95 -45.06 48.51 -43.20
C LEU O 95 -46.45 48.60 -43.82
N SER O 96 -46.53 49.24 -44.97
CA SER O 96 -47.80 49.39 -45.68
C SER O 96 -48.47 48.03 -45.82
N HIS O 97 -49.71 47.95 -45.35
CA HIS O 97 -50.41 46.67 -45.28
C HIS O 97 -50.47 45.99 -46.64
N GLU O 98 -51.01 46.70 -47.64
CA GLU O 98 -51.06 46.14 -48.99
C GLU O 98 -49.66 45.78 -49.48
N ASN O 99 -48.68 46.65 -49.21
CA ASN O 99 -47.31 46.34 -49.59
C ASN O 99 -46.82 45.09 -48.87
N ALA O 100 -47.13 44.97 -47.57
CA ALA O 100 -46.84 43.72 -46.88
C ALA O 100 -47.42 42.54 -47.63
N ALA O 101 -48.63 42.69 -48.15
CA ALA O 101 -49.24 41.61 -48.94
C ALA O 101 -48.42 41.31 -50.18
N THR O 102 -48.14 42.35 -50.99
CA THR O 102 -47.39 42.10 -52.21
C THR O 102 -45.98 41.61 -51.92
N LEU O 103 -45.49 41.78 -50.69
CA LEU O 103 -44.30 41.05 -50.28
C LEU O 103 -44.65 39.65 -49.80
N ASN O 104 -45.70 39.54 -48.98
CA ASN O 104 -46.19 38.24 -48.57
C ASN O 104 -46.43 37.34 -49.77
N ASP O 105 -46.92 37.92 -50.87
CA ASP O 105 -47.04 37.16 -52.10
C ASP O 105 -45.69 36.65 -52.55
N VAL O 106 -44.67 37.51 -52.54
CA VAL O 106 -43.36 37.12 -53.03
C VAL O 106 -42.80 35.96 -52.23
N LYS O 107 -42.86 36.06 -50.90
CA LYS O 107 -42.27 35.03 -50.03
C LYS O 107 -42.77 33.64 -50.42
N THR O 108 -44.09 33.45 -50.40
CA THR O 108 -44.64 32.16 -50.78
C THR O 108 -44.34 31.83 -52.23
N LEU O 109 -44.42 32.84 -53.10
CA LEU O 109 -44.20 32.59 -54.52
C LEU O 109 -42.81 32.02 -54.76
N VAL O 110 -41.81 32.52 -54.05
CA VAL O 110 -40.49 31.91 -54.09
C VAL O 110 -40.53 30.53 -53.46
N GLN O 111 -41.13 30.44 -52.28
CA GLN O 111 -41.20 29.17 -51.55
C GLN O 111 -41.65 28.03 -52.45
N GLN O 112 -42.70 28.26 -53.24
CA GLN O 112 -43.15 27.23 -54.17
C GLN O 112 -42.06 26.90 -55.17
N LEU O 113 -41.51 27.93 -55.82
CA LEU O 113 -40.41 27.69 -56.75
C LEU O 113 -39.26 26.95 -56.10
N TYR O 114 -39.06 27.15 -54.81
CA TYR O 114 -37.95 26.48 -54.14
C TYR O 114 -38.18 24.98 -54.04
N THR O 115 -39.43 24.55 -53.96
CA THR O 115 -39.73 23.14 -53.81
C THR O 115 -40.49 22.56 -54.98
N THR O 116 -41.01 23.39 -55.89
CA THR O 116 -41.62 22.85 -57.10
C THR O 116 -40.61 22.10 -57.93
N LEU O 117 -39.32 22.41 -57.77
CA LEU O 117 -38.26 21.78 -58.55
C LEU O 117 -37.11 21.32 -57.67
N CYS O 118 -37.42 20.92 -56.44
CA CYS O 118 -36.49 20.27 -55.52
C CYS O 118 -35.10 20.89 -55.53
N ILE O 119 -35.01 22.17 -55.17
CA ILE O 119 -33.72 22.86 -55.18
C ILE O 119 -32.74 22.16 -54.23
N GLU O 120 -33.10 22.08 -52.95
CA GLU O 120 -32.20 21.47 -51.98
C GLU O 120 -31.83 20.06 -52.38
N GLN O 121 -32.58 19.44 -53.29
CA GLN O 121 -32.11 18.20 -53.90
C GLN O 121 -31.01 18.48 -54.92
N HIS O 122 -31.04 19.66 -55.54
CA HIS O 122 -30.00 19.99 -56.51
C HIS O 122 -28.77 20.60 -55.84
N GLN O 123 -28.97 21.42 -54.81
CA GLN O 123 -27.84 21.92 -54.03
C GLN O 123 -26.99 20.77 -53.52
N LEU O 124 -27.62 19.83 -52.82
CA LEU O 124 -26.88 18.67 -52.34
C LEU O 124 -26.26 17.89 -53.48
N ASN O 125 -26.88 17.92 -54.67
CA ASN O 125 -26.21 17.36 -55.84
C ASN O 125 -24.96 18.14 -56.20
N LYS O 126 -25.08 19.47 -56.28
CA LYS O 126 -23.94 20.30 -56.62
C LYS O 126 -22.78 20.04 -55.68
N GLU O 127 -23.04 20.06 -54.37
CA GLU O 127 -22.00 19.74 -53.40
C GLU O 127 -21.44 18.35 -53.64
N ARG O 128 -22.33 17.36 -53.83
CA ARG O 128 -21.87 16.00 -54.06
C ARG O 128 -21.01 15.92 -55.33
N GLU O 129 -21.34 16.73 -56.35
CA GLU O 129 -20.49 16.78 -57.52
C GLU O 129 -19.12 17.35 -57.19
N LEU O 130 -19.05 18.24 -56.20
CA LEU O 130 -17.76 18.78 -55.80
C LEU O 130 -16.92 17.73 -55.10
N ILE O 131 -17.52 16.94 -54.22
CA ILE O 131 -16.78 15.90 -53.51
C ILE O 131 -16.07 14.99 -54.48
N GLU O 132 -16.81 14.42 -55.45
CA GLU O 132 -16.20 13.47 -56.36
C GLU O 132 -15.06 14.10 -57.15
N ARG O 133 -15.20 15.37 -57.52
CA ARG O 133 -14.11 16.05 -58.21
C ARG O 133 -12.88 16.13 -57.32
N LEU O 134 -13.07 16.50 -56.05
CA LEU O 134 -11.98 16.39 -55.09
C LEU O 134 -11.49 14.97 -54.99
N GLU O 135 -12.40 14.01 -54.92
CA GLU O 135 -12.01 12.60 -54.91
C GLU O 135 -11.55 12.10 -56.27
N ASP O 136 -11.68 12.93 -57.31
CA ASP O 136 -11.07 12.58 -58.59
C ASP O 136 -9.62 13.01 -58.64
N LEU O 137 -9.35 14.25 -58.22
CA LEU O 137 -7.96 14.72 -58.15
C LEU O 137 -7.19 13.95 -57.10
N LYS O 138 -7.72 13.89 -55.87
CA LYS O 138 -7.04 13.16 -54.80
C LYS O 138 -6.72 11.73 -55.20
N GLU O 139 -7.39 11.20 -56.22
CA GLU O 139 -6.95 9.93 -56.79
C GLU O 139 -5.69 10.11 -57.62
N GLN O 140 -5.75 10.98 -58.64
CA GLN O 140 -4.59 11.22 -59.49
C GLN O 140 -3.36 11.60 -58.69
N LEU O 141 -3.54 12.15 -57.49
CA LEU O 141 -2.40 12.51 -56.67
C LEU O 141 -1.69 11.27 -56.15
N ALA O 142 -2.44 10.22 -55.79
CA ALA O 142 -1.85 9.03 -55.19
C ALA O 142 -0.68 8.44 -55.98
N PRO O 143 -0.74 8.32 -57.33
CA PRO O 143 0.47 7.91 -58.05
C PRO O 143 1.59 8.92 -57.91
N LEU O 144 1.31 10.18 -58.24
CA LEU O 144 2.34 11.21 -58.20
C LEU O 144 2.86 11.43 -56.80
N GLU O 145 2.05 11.16 -55.78
CA GLU O 145 2.51 11.34 -54.41
C GLU O 145 3.66 10.40 -54.07
N LYS O 146 3.49 9.11 -54.36
CA LYS O 146 4.50 8.13 -53.99
C LYS O 146 5.85 8.47 -54.60
N VAL O 147 5.90 8.65 -55.92
CA VAL O 147 7.15 8.94 -56.59
C VAL O 147 7.73 10.27 -56.11
N ARG O 148 6.89 11.16 -55.58
CA ARG O 148 7.42 12.37 -54.99
C ARG O 148 7.79 12.15 -53.52
N ILE O 149 7.02 11.35 -52.79
CA ILE O 149 7.42 10.98 -51.44
C ILE O 149 8.76 10.25 -51.47
N GLU O 150 9.00 9.48 -52.53
CA GLU O 150 10.28 8.81 -52.68
C GLU O 150 11.41 9.84 -52.84
N ILE O 151 11.33 10.65 -53.90
CA ILE O 151 12.39 11.63 -54.16
C ILE O 151 12.55 12.57 -52.98
N SER O 152 11.45 13.15 -52.52
CA SER O 152 11.53 14.07 -51.38
C SER O 152 12.08 13.39 -50.15
N ARG O 153 12.25 12.06 -50.20
CA ARG O 153 13.07 11.40 -49.19
C ARG O 153 14.51 11.31 -49.65
N LYS O 154 14.73 10.81 -50.88
CA LYS O 154 16.09 10.68 -51.40
C LYS O 154 16.79 12.02 -51.45
N ALA O 155 16.26 12.96 -52.24
CA ALA O 155 16.86 14.28 -52.33
C ALA O 155 16.97 14.95 -50.98
N GLU O 156 16.20 14.49 -49.98
CA GLU O 156 16.41 14.95 -48.62
C GLU O 156 17.50 14.16 -47.92
N LYS O 157 17.60 12.86 -48.21
CA LYS O 157 18.68 12.06 -47.64
C LYS O 157 20.05 12.57 -48.06
N ARG O 158 20.14 13.26 -49.20
CA ARG O 158 21.40 13.88 -49.57
C ARG O 158 21.63 15.16 -48.80
N THR O 159 20.63 16.03 -48.75
CA THR O 159 20.82 17.33 -48.09
C THR O 159 21.06 17.19 -46.60
N THR O 160 20.76 16.04 -45.99
CA THR O 160 21.18 15.84 -44.62
C THR O 160 22.61 15.35 -44.54
N LEU O 161 23.07 14.66 -45.59
CA LEU O 161 24.48 14.28 -45.66
C LEU O 161 25.36 15.52 -45.78
N VAL O 162 25.16 16.31 -46.84
CA VAL O 162 25.93 17.53 -47.03
C VAL O 162 25.81 18.43 -45.80
N LEU O 163 24.63 18.44 -45.18
CA LEU O 163 24.48 19.16 -43.92
C LEU O 163 25.47 18.67 -42.88
N TRP O 164 25.58 17.34 -42.73
CA TRP O 164 26.61 16.79 -41.87
C TRP O 164 28.00 17.10 -42.42
N GLY O 165 28.20 16.88 -43.72
CA GLY O 165 29.48 17.15 -44.35
C GLY O 165 29.98 18.56 -44.16
N GLY O 166 29.09 19.48 -43.77
CA GLY O 166 29.53 20.78 -43.33
C GLY O 166 30.27 20.67 -42.02
N LEU O 167 29.59 20.15 -40.99
CA LEU O 167 30.21 20.04 -39.68
C LEU O 167 31.48 19.21 -39.73
N ALA O 168 31.53 18.21 -40.60
CA ALA O 168 32.78 17.48 -40.79
C ALA O 168 33.91 18.41 -41.15
N TYR O 169 33.73 19.18 -42.23
CA TYR O 169 34.72 20.20 -42.59
C TYR O 169 34.96 21.15 -41.43
N MET O 170 33.89 21.69 -40.84
CA MET O 170 34.02 22.66 -39.77
C MET O 170 34.67 22.06 -38.53
N ALA O 171 34.95 20.76 -38.52
CA ALA O 171 35.69 20.14 -37.44
C ALA O 171 37.15 19.90 -37.77
N THR O 172 37.45 19.47 -38.99
CA THR O 172 38.85 19.30 -39.38
C THR O 172 39.57 20.63 -39.35
N GLN O 173 38.88 21.71 -39.73
CA GLN O 173 39.47 23.05 -39.62
C GLN O 173 39.76 23.42 -38.18
N PHE O 174 39.17 22.69 -37.23
CA PHE O 174 39.60 22.81 -35.85
C PHE O 174 40.80 21.92 -35.58
N GLY O 175 40.77 20.70 -36.12
CA GLY O 175 41.90 19.80 -36.03
C GLY O 175 43.13 20.35 -36.71
N ILE O 176 43.04 20.60 -38.01
CA ILE O 176 44.17 21.11 -38.78
C ILE O 176 44.86 22.25 -38.05
N LEU O 177 44.09 23.09 -37.39
CA LEU O 177 44.67 24.20 -36.66
C LEU O 177 45.02 23.86 -35.23
N ALA O 178 44.55 22.71 -34.72
CA ALA O 178 44.96 22.29 -33.39
C ALA O 178 46.45 21.98 -33.34
N ARG O 179 46.90 21.03 -34.16
CA ARG O 179 48.31 20.68 -34.15
C ARG O 179 49.18 21.84 -34.59
N LEU O 180 48.72 22.62 -35.56
CA LEU O 180 49.56 23.67 -36.11
C LEU O 180 49.76 24.83 -35.14
N THR O 181 48.98 24.89 -34.07
CA THR O 181 49.12 26.04 -33.18
C THR O 181 50.03 25.76 -31.99
N TRP O 182 50.02 24.54 -31.46
CA TRP O 182 50.77 24.23 -30.25
C TRP O 182 51.92 23.27 -30.50
N TRP O 183 51.65 22.14 -31.13
CA TRP O 183 52.66 21.09 -31.21
C TRP O 183 53.68 21.38 -32.30
N GLU O 184 53.25 21.39 -33.56
CA GLU O 184 54.21 21.50 -34.64
C GLU O 184 54.74 22.93 -34.78
N TYR O 185 53.87 23.86 -35.10
CA TYR O 185 54.28 25.25 -35.28
C TYR O 185 53.97 26.04 -34.02
N SER O 186 54.29 27.32 -34.05
CA SER O 186 53.95 28.21 -32.95
C SER O 186 52.50 28.64 -33.10
N TRP O 187 52.09 29.62 -32.31
CA TRP O 187 50.81 30.29 -32.52
C TRP O 187 50.97 31.58 -33.31
N ASP O 188 51.99 32.39 -32.97
CA ASP O 188 52.27 33.60 -33.71
C ASP O 188 52.65 33.33 -35.16
N ILE O 189 52.89 32.09 -35.53
CA ILE O 189 53.07 31.72 -36.92
C ILE O 189 51.79 31.10 -37.50
N MET O 190 50.86 30.68 -36.64
CA MET O 190 49.61 30.08 -37.09
C MET O 190 48.41 30.95 -36.74
N GLU O 191 48.63 32.11 -36.14
CA GLU O 191 47.55 33.08 -36.00
C GLU O 191 47.13 33.67 -37.34
N PRO O 192 48.03 34.18 -38.18
CA PRO O 192 47.56 34.89 -39.38
C PRO O 192 46.78 34.00 -40.33
N VAL O 193 47.01 32.69 -40.30
CA VAL O 193 46.16 31.80 -41.08
C VAL O 193 44.76 31.78 -40.52
N THR O 194 44.63 31.78 -39.20
CA THR O 194 43.30 31.83 -38.60
C THR O 194 42.75 33.23 -38.53
N TYR O 195 43.28 34.15 -39.32
CA TYR O 195 42.60 35.38 -39.65
C TYR O 195 42.26 35.45 -41.12
N PHE O 196 43.20 35.07 -41.99
CA PHE O 196 42.90 34.96 -43.40
C PHE O 196 42.03 33.76 -43.74
N ILE O 197 41.51 33.06 -42.74
CA ILE O 197 40.49 32.05 -42.98
C ILE O 197 39.11 32.59 -42.68
N THR O 198 38.94 33.23 -41.52
CA THR O 198 37.69 33.91 -41.25
C THR O 198 37.37 34.92 -42.35
N TYR O 199 38.31 35.82 -42.63
CA TYR O 199 38.13 36.76 -43.72
C TYR O 199 38.19 36.11 -45.09
N GLY O 200 38.31 34.79 -45.14
CA GLY O 200 38.07 34.06 -46.36
C GLY O 200 36.68 33.49 -46.30
N SER O 201 36.30 33.00 -45.13
CA SER O 201 34.94 32.55 -44.92
C SER O 201 33.95 33.67 -45.15
N ALA O 202 34.09 34.77 -44.39
CA ALA O 202 33.18 35.90 -44.53
C ALA O 202 33.30 36.58 -45.89
N MET O 203 34.12 36.04 -46.78
CA MET O 203 34.10 36.39 -48.19
C MET O 203 33.28 35.40 -48.99
N ALA O 204 33.36 34.12 -48.64
CA ALA O 204 32.48 33.13 -49.26
C ALA O 204 31.02 33.38 -48.88
N MET O 205 30.77 33.61 -47.59
CA MET O 205 29.41 33.93 -47.15
C MET O 205 28.88 35.20 -47.82
N TYR O 206 29.74 35.92 -48.53
CA TYR O 206 29.26 37.01 -49.37
C TYR O 206 29.18 36.57 -50.82
N ALA O 207 30.23 35.94 -51.33
CA ALA O 207 30.20 35.46 -52.70
C ALA O 207 29.03 34.51 -52.92
N TYR O 208 28.69 33.73 -51.91
CA TYR O 208 27.51 32.89 -52.00
C TYR O 208 26.25 33.72 -52.19
N PHE O 209 26.21 34.92 -51.61
CA PHE O 209 25.05 35.78 -51.78
C PHE O 209 24.96 36.34 -53.19
N VAL O 210 26.09 36.56 -53.85
CA VAL O 210 26.04 37.08 -55.20
C VAL O 210 25.69 35.96 -56.18
N MET O 211 26.19 34.75 -55.93
CA MET O 211 25.85 33.64 -56.82
C MET O 211 24.37 33.31 -56.76
N THR O 212 23.72 33.63 -55.64
CA THR O 212 22.29 33.41 -55.49
C THR O 212 21.73 34.40 -54.49
N ARG O 213 20.71 35.13 -54.90
CA ARG O 213 20.32 36.37 -54.21
C ARG O 213 19.67 36.04 -52.87
N GLN O 214 20.51 35.71 -51.89
CA GLN O 214 20.11 35.69 -50.49
C GLN O 214 21.38 35.52 -49.67
N GLU O 215 21.23 35.70 -48.37
CA GLU O 215 22.36 35.61 -47.47
C GLU O 215 22.58 34.16 -47.04
N TYR O 216 23.81 33.86 -46.65
CA TYR O 216 24.11 32.53 -46.15
C TYR O 216 23.49 32.39 -44.76
N VAL O 217 22.27 31.86 -44.71
CA VAL O 217 21.55 31.68 -43.46
C VAL O 217 21.10 30.23 -43.41
N TYR O 218 21.54 29.52 -42.39
CA TYR O 218 21.40 28.07 -42.30
C TYR O 218 20.01 27.57 -42.67
N PRO O 219 18.95 27.97 -41.97
CA PRO O 219 17.64 27.38 -42.27
C PRO O 219 17.20 27.64 -43.70
N GLU O 220 17.55 28.78 -44.26
CA GLU O 220 17.22 29.06 -45.66
C GLU O 220 18.21 28.37 -46.59
N ALA O 221 19.50 28.66 -46.42
CA ALA O 221 20.51 28.17 -47.35
C ALA O 221 20.48 26.66 -47.47
N ARG O 222 20.06 25.96 -46.42
CA ARG O 222 19.83 24.53 -46.55
C ARG O 222 18.78 24.25 -47.62
N ASP O 223 17.66 24.95 -47.55
CA ASP O 223 16.55 24.67 -48.44
C ASP O 223 16.91 24.95 -49.89
N ARG O 224 17.49 26.13 -50.15
CA ARG O 224 17.86 26.45 -51.53
C ARG O 224 18.81 25.41 -52.10
N GLN O 225 19.54 24.72 -51.23
CA GLN O 225 20.24 23.52 -51.66
C GLN O 225 19.27 22.36 -51.84
N TYR O 226 18.37 22.17 -50.86
CA TYR O 226 17.49 21.01 -50.84
C TYR O 226 16.70 20.91 -52.14
N LEU O 227 16.08 22.00 -52.56
CA LEU O 227 15.32 21.97 -53.81
C LEU O 227 16.21 21.63 -54.98
N LEU O 228 17.43 22.14 -54.99
CA LEU O 228 18.34 21.82 -56.09
C LEU O 228 18.67 20.35 -56.12
N PHE O 229 18.68 19.68 -54.96
CA PHE O 229 18.69 18.23 -54.98
C PHE O 229 17.39 17.68 -55.53
N PHE O 230 16.28 18.35 -55.23
CA PHE O 230 14.98 17.83 -55.63
C PHE O 230 14.80 17.90 -57.14
N HIS O 231 14.82 19.12 -57.70
CA HIS O 231 14.57 19.26 -59.13
C HIS O 231 15.56 18.47 -59.96
N LYS O 232 16.78 18.31 -59.47
CA LYS O 232 17.71 17.40 -60.13
C LYS O 232 17.18 15.98 -60.08
N GLY O 233 16.88 15.48 -58.89
CA GLY O 233 16.34 14.14 -58.76
C GLY O 233 14.97 13.98 -59.41
N ALA O 234 14.14 15.01 -59.35
CA ALA O 234 12.86 14.97 -60.03
C ALA O 234 13.04 14.74 -61.52
N LYS O 235 14.02 15.41 -62.13
CA LYS O 235 14.36 15.12 -63.51
C LYS O 235 14.85 13.70 -63.68
N LYS O 236 15.58 13.17 -62.68
CA LYS O 236 16.14 11.82 -62.78
C LYS O 236 15.03 10.78 -62.81
N SER O 237 14.23 10.72 -61.74
CA SER O 237 13.12 9.77 -61.73
C SER O 237 11.99 10.19 -62.66
N ARG O 238 12.16 11.31 -63.37
CA ARG O 238 11.43 11.59 -64.60
C ARG O 238 9.97 11.99 -64.38
N PHE O 239 9.45 11.89 -63.17
CA PHE O 239 8.03 12.16 -63.00
C PHE O 239 7.79 13.66 -63.10
N ASP O 240 6.77 14.03 -63.87
CA ASP O 240 6.47 15.44 -64.10
C ASP O 240 6.20 16.15 -62.78
N LEU O 241 7.02 17.14 -62.47
CA LEU O 241 6.82 17.93 -61.26
C LEU O 241 5.72 18.95 -61.41
N GLU O 242 5.67 19.67 -62.54
CA GLU O 242 4.64 20.69 -62.69
C GLU O 242 3.25 20.08 -62.58
N LYS O 243 3.05 18.87 -63.12
CA LYS O 243 1.78 18.19 -62.97
C LYS O 243 1.41 18.05 -61.49
N TYR O 244 2.27 17.40 -60.71
CA TYR O 244 2.05 17.34 -59.27
C TYR O 244 1.92 18.73 -58.68
N ASN O 245 2.73 19.66 -59.15
CA ASN O 245 2.60 21.04 -58.71
C ASN O 245 1.24 21.60 -59.11
N GLN O 246 0.87 21.47 -60.38
CA GLN O 246 -0.44 21.92 -60.84
C GLN O 246 -1.56 21.22 -60.08
N LEU O 247 -1.56 19.89 -60.10
CA LEU O 247 -2.62 19.12 -59.46
C LEU O 247 -2.77 19.50 -58.00
N LYS O 248 -1.65 19.66 -57.28
CA LYS O 248 -1.74 19.98 -55.87
C LYS O 248 -2.42 21.32 -55.63
N ASP O 249 -2.29 22.24 -56.58
CA ASP O 249 -2.95 23.54 -56.45
C ASP O 249 -4.46 23.38 -56.37
N ALA O 250 -5.04 22.72 -57.37
CA ALA O 250 -6.50 22.62 -57.44
C ALA O 250 -7.08 21.95 -56.20
N ILE O 251 -6.37 20.96 -55.66
CA ILE O 251 -6.85 20.30 -54.43
C ILE O 251 -7.05 21.34 -53.34
N ALA O 252 -6.00 22.05 -52.98
CA ALA O 252 -6.14 23.08 -51.96
C ALA O 252 -6.98 24.26 -52.42
N GLN O 253 -7.49 24.22 -53.65
CA GLN O 253 -8.44 25.21 -54.11
C GLN O 253 -9.85 24.64 -54.18
N ALA O 254 -10.01 23.46 -54.77
CA ALA O 254 -11.31 22.81 -54.79
C ALA O 254 -11.79 22.53 -53.38
N GLU O 255 -10.92 22.01 -52.51
CA GLU O 255 -11.29 21.80 -51.12
C GLU O 255 -11.73 23.09 -50.46
N MET O 256 -10.89 24.12 -50.55
CA MET O 256 -11.26 25.43 -50.00
C MET O 256 -12.60 25.88 -50.53
N ASP O 257 -12.89 25.58 -51.80
CA ASP O 257 -14.19 25.91 -52.34
C ASP O 257 -15.30 25.16 -51.62
N LEU O 258 -15.05 23.91 -51.25
CA LEU O 258 -16.05 23.15 -50.51
C LEU O 258 -16.22 23.68 -49.10
N LYS O 259 -15.11 23.83 -48.38
CA LYS O 259 -15.17 24.46 -47.06
C LYS O 259 -15.83 25.83 -47.14
N ARG O 260 -15.74 26.48 -48.29
CA ARG O 260 -16.45 27.74 -48.49
C ARG O 260 -17.90 27.54 -48.85
N LEU O 261 -18.27 26.32 -49.25
CA LEU O 261 -19.66 26.02 -49.62
C LEU O 261 -20.46 25.50 -48.44
N ARG O 262 -19.85 24.73 -47.56
CA ARG O 262 -20.49 24.29 -46.33
C ARG O 262 -20.43 25.33 -45.24
N ASP O 263 -20.20 26.58 -45.61
CA ASP O 263 -20.05 27.68 -44.67
C ASP O 263 -21.16 27.64 -43.63
N PRO O 264 -20.83 27.42 -42.37
CA PRO O 264 -21.88 27.23 -41.35
C PRO O 264 -22.59 28.52 -40.99
N LEU O 265 -22.38 29.56 -41.76
CA LEU O 265 -23.14 30.79 -41.63
C LEU O 265 -24.05 31.07 -42.81
N GLN O 266 -23.65 30.68 -44.01
CA GLN O 266 -24.56 30.75 -45.14
C GLN O 266 -25.51 29.56 -45.09
N VAL O 267 -26.37 29.45 -46.10
CA VAL O 267 -27.33 28.35 -46.21
C VAL O 267 -27.17 27.75 -47.61
N HIS O 268 -26.32 26.74 -47.71
CA HIS O 268 -26.16 26.01 -48.96
C HIS O 268 -26.44 24.53 -48.82
N LEU O 269 -26.15 23.94 -47.67
CA LEU O 269 -26.48 22.55 -47.38
C LEU O 269 -27.39 22.51 -46.16
N PRO O 270 -28.68 22.23 -46.31
CA PRO O 270 -29.62 22.14 -45.19
C PRO O 270 -29.26 21.01 -44.23
N VAL P 1 7.26 32.80 -29.99
CA VAL P 1 6.17 32.11 -30.66
C VAL P 1 5.79 30.85 -29.86
N ILE P 2 5.56 31.06 -28.57
CA ILE P 2 5.15 29.96 -27.69
C ILE P 2 3.84 29.37 -28.17
N VAL P 3 2.80 30.20 -28.26
CA VAL P 3 1.45 29.76 -28.60
C VAL P 3 1.07 30.29 -29.97
N THR P 4 0.29 29.48 -30.69
CA THR P 4 -0.20 29.89 -32.01
C THR P 4 -1.23 31.01 -31.86
N ARG P 5 -1.75 31.46 -33.00
CA ARG P 5 -2.71 32.55 -32.99
C ARG P 5 -3.94 32.20 -32.17
N SER P 6 -4.39 30.95 -32.26
CA SER P 6 -5.56 30.52 -31.51
C SER P 6 -5.32 30.43 -30.02
N GLY P 7 -4.14 30.83 -29.53
CA GLY P 7 -3.79 30.62 -28.14
C GLY P 7 -3.37 29.21 -27.81
N ALA P 8 -3.63 28.24 -28.69
CA ALA P 8 -3.21 26.87 -28.46
C ALA P 8 -1.70 26.81 -28.31
N ILE P 9 -1.25 25.80 -27.57
CA ILE P 9 0.18 25.61 -27.31
C ILE P 9 0.77 24.76 -28.43
N LEU P 10 1.86 25.24 -29.02
CA LEU P 10 2.48 24.57 -30.15
C LEU P 10 2.86 23.13 -29.78
N PRO P 11 2.97 22.25 -30.76
CA PRO P 11 3.35 20.87 -30.48
C PRO P 11 4.75 20.79 -29.88
N LYS P 12 5.06 19.62 -29.34
CA LYS P 12 6.38 19.38 -28.78
C LYS P 12 7.43 19.54 -29.88
N PRO P 13 8.43 20.40 -29.70
CA PRO P 13 9.45 20.54 -30.73
C PRO P 13 10.19 19.22 -30.93
N VAL P 14 10.50 18.92 -32.19
CA VAL P 14 11.01 17.60 -32.55
C VAL P 14 12.51 17.59 -32.33
N LYS P 15 12.93 17.07 -31.18
CA LYS P 15 14.34 16.78 -30.98
C LYS P 15 14.77 15.66 -31.90
N MET P 16 16.08 15.60 -32.17
CA MET P 16 16.62 14.53 -32.99
C MET P 16 17.12 13.40 -32.10
N SER P 17 16.90 12.17 -32.54
CA SER P 17 17.28 11.01 -31.76
C SER P 17 18.80 10.91 -31.64
N PHE P 18 19.28 10.70 -30.41
CA PHE P 18 20.72 10.59 -30.14
C PHE P 18 21.46 11.83 -30.62
N GLY P 19 20.85 13.00 -30.43
CA GLY P 19 21.40 14.25 -30.91
C GLY P 19 22.86 14.44 -30.56
N LEU P 20 23.15 14.58 -29.26
CA LEU P 20 24.53 14.75 -28.83
C LEU P 20 25.42 13.63 -29.33
N LEU P 21 24.86 12.42 -29.50
CA LEU P 21 25.65 11.29 -29.94
C LEU P 21 25.74 11.23 -31.46
N ARG P 22 24.65 11.52 -32.16
CA ARG P 22 24.67 11.51 -33.61
C ARG P 22 25.61 12.56 -34.17
N VAL P 23 26.01 13.55 -33.38
CA VAL P 23 26.95 14.58 -33.83
C VAL P 23 28.37 14.24 -33.42
N PHE P 24 28.57 13.74 -32.20
CA PHE P 24 29.91 13.35 -31.78
C PHE P 24 30.49 12.27 -32.69
N SER P 25 29.62 11.42 -33.24
CA SER P 25 30.06 10.38 -34.17
C SER P 25 30.70 10.95 -35.42
N ILE P 26 30.57 12.24 -35.69
CA ILE P 26 31.20 12.84 -36.86
C ILE P 26 32.19 13.94 -36.51
N VAL P 27 32.02 14.67 -35.43
CA VAL P 27 33.03 15.68 -35.08
C VAL P 27 34.25 15.06 -34.44
N ILE P 28 34.07 14.12 -33.50
CA ILE P 28 35.18 13.51 -32.79
C ILE P 28 36.04 12.70 -33.75
N PRO P 29 35.51 11.73 -34.49
CA PRO P 29 36.36 11.00 -35.44
C PRO P 29 36.86 11.85 -36.59
N PHE P 30 36.51 13.13 -36.64
CA PHE P 30 37.07 14.01 -37.65
C PHE P 30 38.03 15.05 -37.09
N LEU P 31 37.88 15.44 -35.83
CA LEU P 31 38.93 16.21 -35.17
C LEU P 31 40.26 15.48 -35.30
N TYR P 32 40.23 14.16 -35.15
CA TYR P 32 41.46 13.38 -35.18
C TYR P 32 42.01 13.26 -36.60
N VAL P 33 41.14 12.99 -37.58
CA VAL P 33 41.64 12.98 -38.95
C VAL P 33 42.00 14.39 -39.37
N GLY P 34 41.35 15.40 -38.79
CA GLY P 34 41.83 16.76 -38.94
C GLY P 34 43.11 17.01 -38.19
N THR P 35 43.47 16.13 -37.26
CA THR P 35 44.71 16.24 -36.53
C THR P 35 45.88 15.65 -37.31
N LEU P 36 45.70 14.43 -37.81
CA LEU P 36 46.83 13.72 -38.42
C LEU P 36 47.21 14.34 -39.76
N ILE P 37 46.23 14.69 -40.59
CA ILE P 37 46.55 15.25 -41.90
C ILE P 37 47.22 16.62 -41.78
N SER P 38 47.35 17.14 -40.57
CA SER P 38 48.23 18.27 -40.33
C SER P 38 49.64 17.79 -39.98
N LYS P 39 49.73 16.90 -39.00
CA LYS P 39 51.01 16.32 -38.62
C LYS P 39 51.69 15.66 -39.80
N ASN P 40 50.97 14.78 -40.49
CA ASN P 40 51.50 14.17 -41.71
C ASN P 40 51.83 15.21 -42.77
N PHE P 41 51.24 16.41 -42.67
CA PHE P 41 51.56 17.45 -43.63
C PHE P 41 52.82 18.21 -43.23
N ALA P 42 52.96 18.55 -41.94
CA ALA P 42 54.20 19.16 -41.48
C ALA P 42 55.40 18.30 -41.84
N ALA P 43 55.28 16.99 -41.60
CA ALA P 43 56.35 16.08 -42.00
C ALA P 43 56.39 15.90 -43.51
N LEU P 44 55.36 16.37 -44.22
CA LEU P 44 55.47 16.45 -45.67
C LEU P 44 56.06 17.79 -46.09
N LEU P 45 55.95 18.80 -45.23
CA LEU P 45 56.53 20.10 -45.47
C LEU P 45 57.86 20.29 -44.75
N GLU P 46 58.23 19.36 -43.87
CA GLU P 46 59.48 19.47 -43.12
C GLU P 46 60.67 19.65 -44.04
N GLU P 47 60.60 19.10 -45.25
CA GLU P 47 61.69 19.14 -46.20
C GLU P 47 61.80 20.54 -46.79
N HIS P 48 62.56 20.67 -47.87
CA HIS P 48 62.80 21.97 -48.48
C HIS P 48 61.50 22.77 -48.62
N ASP P 49 61.43 23.86 -47.87
CA ASP P 49 60.23 24.68 -47.77
C ASP P 49 60.62 25.99 -47.08
N ILE P 50 59.60 26.76 -46.71
CA ILE P 50 59.73 27.79 -45.69
C ILE P 50 59.20 27.20 -44.39
N PHE P 51 60.05 27.18 -43.37
CA PHE P 51 59.66 26.57 -42.09
C PHE P 51 58.59 27.42 -41.40
N SER Q 1 2.25 -40.48 68.72
CA SER Q 1 2.65 -39.16 68.21
C SER Q 1 3.17 -39.27 66.78
N GLY Q 2 2.27 -39.53 65.83
CA GLY Q 2 2.69 -39.71 64.46
C GLY Q 2 3.24 -38.44 63.84
N PHE Q 3 2.35 -37.46 63.59
CA PHE Q 3 2.76 -36.25 62.89
C PHE Q 3 3.03 -35.09 63.84
N ARG Q 4 3.11 -35.36 65.15
CA ARG Q 4 3.47 -34.30 66.09
C ARG Q 4 4.76 -33.61 65.69
N ASP Q 5 5.85 -34.35 65.56
CA ASP Q 5 7.18 -33.77 65.49
C ASP Q 5 7.91 -34.13 64.21
N ARG Q 6 7.26 -34.84 63.28
CA ARG Q 6 7.89 -35.15 62.00
C ARG Q 6 8.04 -33.91 61.13
N LYS Q 7 7.64 -32.75 61.63
CA LYS Q 7 8.04 -31.47 61.06
C LYS Q 7 9.29 -30.94 61.73
N VAL Q 8 9.32 -30.92 63.07
CA VAL Q 8 10.50 -30.43 63.77
C VAL Q 8 11.64 -31.43 63.63
N MET Q 9 11.35 -32.74 63.61
CA MET Q 9 12.40 -33.72 63.38
C MET Q 9 13.07 -33.48 62.03
N GLU Q 10 12.30 -32.99 61.06
CA GLU Q 10 12.90 -32.54 59.80
C GLU Q 10 13.37 -31.10 59.90
N TYR Q 11 12.66 -30.26 60.66
CA TYR Q 11 13.07 -28.87 60.78
C TYR Q 11 14.41 -28.74 61.49
N GLU Q 12 14.51 -29.29 62.69
CA GLU Q 12 15.80 -29.29 63.40
C GLU Q 12 16.88 -29.91 62.53
N ASN Q 13 16.52 -30.94 61.76
CA ASN Q 13 17.45 -31.46 60.76
C ASN Q 13 17.79 -30.38 59.73
N ARG Q 14 16.78 -29.65 59.26
CA ARG Q 14 17.03 -28.57 58.32
C ARG Q 14 17.87 -27.46 58.95
N ILE Q 15 17.61 -27.15 60.22
CA ILE Q 15 18.49 -26.23 60.94
C ILE Q 15 19.91 -26.79 60.99
N ARG Q 16 20.06 -28.03 61.45
CA ARG Q 16 21.37 -28.66 61.48
C ARG Q 16 21.92 -28.92 60.09
N ALA Q 17 21.09 -28.84 59.06
CA ALA Q 17 21.59 -28.94 57.69
C ALA Q 17 22.30 -27.66 57.28
N TYR Q 18 21.62 -26.53 57.39
CA TYR Q 18 22.21 -25.23 57.06
C TYR Q 18 21.36 -24.16 57.71
N SER Q 19 21.95 -23.44 58.67
CA SER Q 19 21.24 -22.38 59.39
C SER Q 19 22.28 -21.58 60.18
N THR Q 20 21.79 -20.58 60.91
CA THR Q 20 22.62 -19.69 61.72
C THR Q 20 22.88 -20.31 63.09
N PRO Q 21 24.10 -20.13 63.61
CA PRO Q 21 24.43 -20.77 64.89
C PRO Q 21 23.73 -20.15 66.09
N ASP Q 22 23.07 -19.00 65.94
CA ASP Q 22 22.52 -18.28 67.09
C ASP Q 22 21.53 -19.14 67.86
N LYS Q 23 20.42 -19.51 67.23
CA LYS Q 23 19.48 -20.42 67.89
C LYS Q 23 20.09 -21.79 68.09
N ILE Q 24 21.08 -22.15 67.27
CA ILE Q 24 21.69 -23.48 67.35
C ILE Q 24 22.28 -23.70 68.74
N PHE Q 25 22.96 -22.70 69.28
CA PHE Q 25 23.48 -22.82 70.64
C PHE Q 25 22.50 -22.31 71.69
N ARG Q 26 21.41 -21.66 71.29
CA ARG Q 26 20.38 -21.25 72.23
C ARG Q 26 19.67 -22.43 72.87
N TYR Q 27 19.87 -23.65 72.35
CA TYR Q 27 19.19 -24.83 72.87
C TYR Q 27 19.71 -25.27 74.23
N PHE Q 28 20.54 -24.47 74.88
CA PHE Q 28 20.98 -24.76 76.24
C PHE Q 28 19.79 -24.76 77.20
N THR Q 45 23.97 -26.46 75.05
CA THR Q 45 25.33 -25.94 75.10
C THR Q 45 26.21 -26.63 76.15
N PRO Q 46 25.73 -26.82 77.41
CA PRO Q 46 26.56 -27.54 78.39
C PRO Q 46 26.92 -28.92 77.90
N GLU Q 47 25.91 -29.72 77.60
CA GLU Q 47 26.08 -30.96 76.86
C GLU Q 47 24.95 -31.19 75.87
N ASP Q 48 23.95 -30.32 75.82
CA ASP Q 48 22.90 -30.40 74.79
C ASP Q 48 23.47 -30.38 73.39
N PHE Q 49 24.70 -29.90 73.21
CA PHE Q 49 25.35 -29.87 71.91
C PHE Q 49 25.22 -31.21 71.18
N VAL Q 50 25.11 -32.31 71.92
CA VAL Q 50 24.90 -33.62 71.31
C VAL Q 50 23.65 -33.63 70.44
N ARG Q 51 22.76 -32.65 70.60
CA ARG Q 51 21.65 -32.48 69.67
C ARG Q 51 22.11 -32.26 68.23
N SER Q 52 23.41 -32.07 68.01
CA SER Q 52 23.94 -31.87 66.67
C SER Q 52 23.78 -33.09 65.77
N ILE Q 53 23.18 -34.17 66.26
CA ILE Q 53 22.93 -35.34 65.44
C ILE Q 53 21.48 -35.37 65.00
N THR Q 54 20.57 -35.50 65.97
CA THR Q 54 19.13 -35.56 65.71
C THR Q 54 18.35 -35.49 67.01
N SER Q 90 33.69 -40.18 76.31
CA SER Q 90 33.88 -40.01 77.74
C SER Q 90 34.51 -38.65 78.04
N ILE Q 91 34.70 -37.84 77.00
CA ILE Q 91 35.26 -36.51 77.19
C ILE Q 91 34.33 -35.65 78.03
N PHE Q 92 33.02 -35.76 77.80
CA PHE Q 92 32.07 -34.88 78.48
C PHE Q 92 32.04 -35.13 79.97
N TYR Q 93 32.43 -36.31 80.44
CA TYR Q 93 32.64 -36.50 81.87
C TYR Q 93 33.73 -35.57 82.38
N THR Q 94 34.72 -35.28 81.53
CA THR Q 94 35.77 -34.33 81.83
C THR Q 94 35.39 -32.90 81.44
N LEU Q 95 34.12 -32.64 81.15
CA LEU Q 95 33.67 -31.30 80.78
C LEU Q 95 33.23 -30.56 82.05
N GLY Q 96 34.20 -29.93 82.71
CA GLY Q 96 33.89 -29.02 83.80
C GLY Q 96 33.51 -27.66 83.26
N GLU Q 97 32.54 -27.64 82.35
CA GLU Q 97 32.21 -26.46 81.57
C GLU Q 97 31.28 -25.53 82.35
N CYS Q 98 30.91 -24.44 81.68
CA CYS Q 98 29.95 -23.47 82.20
C CYS Q 98 28.82 -23.37 81.19
N GLY Q 99 27.60 -23.67 81.63
CA GLY Q 99 26.49 -24.04 80.75
C GLY Q 99 26.41 -23.21 79.46
N LEU Q 100 26.22 -21.90 79.60
CA LEU Q 100 26.26 -20.99 78.45
C LEU Q 100 27.72 -20.70 78.13
N ILE Q 101 28.38 -21.70 77.51
CA ILE Q 101 29.82 -21.61 77.32
C ILE Q 101 30.13 -20.47 76.37
N SER Q 102 29.73 -20.62 75.12
CA SER Q 102 29.94 -19.65 74.07
C SER Q 102 29.34 -20.21 72.78
N PHE Q 103 29.34 -19.38 71.74
CA PHE Q 103 29.16 -19.89 70.39
C PHE Q 103 30.46 -19.85 69.60
N SER Q 104 31.43 -19.02 70.02
CA SER Q 104 32.75 -19.04 69.42
C SER Q 104 33.39 -20.41 69.55
N ASP Q 105 33.50 -20.91 70.79
CA ASP Q 105 33.98 -22.27 71.01
C ASP Q 105 33.16 -23.26 70.21
N TYR Q 106 31.84 -23.05 70.14
CA TYR Q 106 31.01 -23.90 69.30
C TYR Q 106 31.54 -23.93 67.88
N ILE Q 107 31.74 -22.74 67.28
CA ILE Q 107 32.35 -22.66 65.96
C ILE Q 107 33.65 -23.46 65.94
N PHE Q 108 34.48 -23.27 66.97
CA PHE Q 108 35.66 -24.11 67.12
C PHE Q 108 35.25 -25.58 67.23
N LEU Q 109 34.25 -25.87 68.06
CA LEU Q 109 33.93 -27.26 68.40
C LEU Q 109 33.57 -28.08 67.15
N THR Q 110 32.58 -27.64 66.37
CA THR Q 110 32.21 -28.42 65.20
C THR Q 110 33.38 -28.59 64.25
N THR Q 111 34.25 -27.58 64.17
CA THR Q 111 35.44 -27.70 63.34
C THR Q 111 36.39 -28.77 63.89
N VAL Q 112 36.37 -29.00 65.20
CA VAL Q 112 37.13 -30.12 65.74
C VAL Q 112 36.61 -31.43 65.16
N LEU Q 113 35.37 -31.43 64.69
CA LEU Q 113 34.86 -32.56 63.91
C LEU Q 113 34.76 -32.25 62.42
N SER Q 114 34.72 -30.98 62.03
CA SER Q 114 34.57 -30.64 60.62
C SER Q 114 35.91 -30.67 59.88
N THR Q 115 36.91 -29.97 60.41
CA THR Q 115 38.23 -29.95 59.76
C THR Q 115 38.79 -31.36 59.66
N PRO Q 116 39.29 -31.77 58.51
CA PRO Q 116 39.84 -33.13 58.39
C PRO Q 116 41.19 -33.28 59.07
N GLN Q 117 41.80 -34.46 58.92
CA GLN Q 117 43.00 -34.79 59.67
C GLN Q 117 44.18 -33.88 59.30
N ARG Q 118 44.62 -33.93 58.05
CA ARG Q 118 45.85 -33.23 57.70
C ARG Q 118 45.67 -31.71 57.70
N ASN Q 119 44.44 -31.22 57.60
CA ASN Q 119 44.26 -29.79 57.45
C ASN Q 119 44.33 -29.06 58.78
N PHE Q 120 43.76 -29.62 59.84
CA PHE Q 120 43.73 -28.89 61.11
C PHE Q 120 45.12 -28.67 61.68
N GLU Q 121 46.12 -29.41 61.20
CA GLU Q 121 47.50 -29.05 61.50
C GLU Q 121 47.78 -27.61 61.11
N ILE Q 122 47.20 -27.15 59.99
CA ILE Q 122 47.35 -25.76 59.60
C ILE Q 122 46.57 -24.85 60.53
N ALA Q 123 45.33 -25.24 60.85
CA ALA Q 123 44.60 -24.54 61.90
C ALA Q 123 45.40 -24.51 63.19
N PHE Q 124 46.05 -25.62 63.51
CA PHE Q 124 47.02 -25.65 64.61
C PHE Q 124 48.12 -24.62 64.36
N LYS Q 125 48.69 -24.61 63.16
CA LYS Q 125 49.71 -23.62 62.84
C LYS Q 125 49.15 -22.22 62.86
N MET Q 126 47.99 -22.01 62.21
CA MET Q 126 47.34 -20.70 62.25
C MET Q 126 47.07 -20.29 63.69
N PHE Q 127 46.70 -21.24 64.54
CA PHE Q 127 46.53 -20.96 65.95
C PHE Q 127 47.82 -20.48 66.61
N ASP Q 128 48.97 -20.76 66.00
CA ASP Q 128 50.27 -20.52 66.60
C ASP Q 128 50.91 -19.22 66.12
N LEU Q 129 50.12 -18.17 65.92
CA LEU Q 129 50.67 -16.90 65.45
C LEU Q 129 51.79 -16.37 66.33
N ASN Q 130 51.81 -16.74 67.61
CA ASN Q 130 52.95 -16.43 68.47
C ASN Q 130 54.15 -17.33 68.18
N GLY Q 131 53.98 -18.35 67.33
CA GLY Q 131 55.07 -19.27 67.11
C GLY Q 131 55.34 -20.10 68.34
N ASP Q 132 56.61 -20.39 68.59
CA ASP Q 132 57.11 -21.12 69.77
C ASP Q 132 56.30 -22.39 70.05
N GLY Q 133 55.65 -22.95 69.03
CA GLY Q 133 54.87 -24.16 69.19
C GLY Q 133 53.77 -24.08 70.22
N GLU Q 134 53.43 -22.87 70.67
CA GLU Q 134 52.48 -22.71 71.76
C GLU Q 134 51.84 -21.34 71.70
N VAL Q 135 50.52 -21.30 71.96
CA VAL Q 135 49.75 -20.06 72.00
C VAL Q 135 48.67 -20.20 73.06
N ASP Q 136 48.61 -19.24 73.98
CA ASP Q 136 47.60 -19.24 75.02
C ASP Q 136 46.39 -18.41 74.58
N MET Q 137 45.52 -18.09 75.53
CA MET Q 137 44.25 -17.43 75.23
C MET Q 137 44.42 -16.07 74.57
N GLU Q 138 45.58 -15.43 74.71
CA GLU Q 138 45.77 -14.09 74.17
C GLU Q 138 45.35 -14.02 72.70
N GLU Q 139 46.02 -14.79 71.85
CA GLU Q 139 45.56 -14.91 70.47
C GLU Q 139 44.30 -15.76 70.39
N PHE Q 140 44.23 -16.81 71.22
CA PHE Q 140 43.13 -17.76 71.17
C PHE Q 140 41.80 -17.09 71.47
N GLU Q 141 41.63 -16.59 72.69
CA GLU Q 141 40.35 -15.98 73.06
C GLU Q 141 40.06 -14.73 72.23
N GLN Q 142 41.08 -14.08 71.69
CA GLN Q 142 40.84 -12.93 70.82
C GLN Q 142 40.10 -13.36 69.56
N VAL Q 143 40.69 -14.29 68.79
CA VAL Q 143 40.00 -14.80 67.61
C VAL Q 143 38.71 -15.52 67.99
N GLN Q 144 38.56 -15.91 69.26
CA GLN Q 144 37.25 -16.33 69.74
C GLN Q 144 36.31 -15.14 69.83
N SER Q 145 36.82 -13.99 70.24
CA SER Q 145 35.97 -12.82 70.44
C SER Q 145 35.58 -12.18 69.11
N ILE Q 146 36.39 -12.36 68.07
CA ILE Q 146 36.17 -11.65 66.82
C ILE Q 146 34.85 -12.00 66.17
N ILE Q 147 34.26 -13.15 66.52
CA ILE Q 147 32.97 -13.51 65.92
C ILE Q 147 31.86 -12.62 66.44
N ARG Q 148 31.93 -12.25 67.72
CA ARG Q 148 30.90 -11.41 68.31
C ARG Q 148 31.24 -9.93 68.14
N SER Q 173 35.07 -22.55 77.72
CA SER Q 173 36.00 -22.32 78.80
C SER Q 173 36.63 -23.63 79.27
N ALA Q 174 35.82 -24.69 79.28
CA ALA Q 174 36.32 -25.99 79.72
C ALA Q 174 37.50 -26.45 78.89
N LEU Q 175 37.44 -26.22 77.57
CA LEU Q 175 38.56 -26.55 76.70
C LEU Q 175 39.83 -25.83 77.15
N THR Q 176 39.71 -24.57 77.55
CA THR Q 176 40.86 -23.85 78.11
C THR Q 176 41.30 -24.50 79.42
N THR Q 177 40.34 -24.80 80.30
CA THR Q 177 40.67 -25.57 81.49
C THR Q 177 41.17 -26.96 81.13
N TYR Q 178 40.75 -27.49 79.97
CA TYR Q 178 41.28 -28.78 79.53
C TYR Q 178 42.62 -28.64 78.83
N PHE Q 179 42.86 -27.50 78.18
CA PHE Q 179 44.14 -27.27 77.52
C PHE Q 179 45.14 -26.58 78.44
N PHE Q 180 44.81 -25.37 78.88
CA PHE Q 180 45.72 -24.58 79.70
C PHE Q 180 45.49 -24.80 81.20
N GLY Q 181 44.93 -25.95 81.57
CA GLY Q 181 44.71 -26.27 82.97
C GLY Q 181 43.61 -25.45 83.61
N ALA Q 182 43.14 -25.89 84.78
CA ALA Q 182 42.14 -25.11 85.50
C ALA Q 182 42.68 -23.74 85.89
N ASP Q 183 44.00 -23.62 86.02
CA ASP Q 183 44.60 -22.31 86.22
C ASP Q 183 44.39 -21.39 85.02
N LEU Q 184 44.17 -21.96 83.84
CA LEU Q 184 43.90 -21.26 82.58
C LEU Q 184 45.13 -20.53 82.07
N LYS Q 185 46.22 -20.50 82.83
CA LYS Q 185 47.44 -19.79 82.44
C LYS Q 185 48.53 -20.69 81.93
N GLY Q 186 48.79 -21.82 82.59
CA GLY Q 186 49.83 -22.73 82.17
C GLY Q 186 49.61 -23.24 80.76
N LYS Q 187 50.41 -22.76 79.82
CA LYS Q 187 50.21 -23.03 78.40
C LYS Q 187 50.78 -24.41 78.08
N LEU Q 188 49.90 -25.37 77.83
CA LEU Q 188 50.32 -26.69 77.40
C LEU Q 188 50.87 -26.61 75.98
N THR Q 189 51.59 -27.66 75.58
CA THR Q 189 51.97 -27.79 74.19
C THR Q 189 50.71 -27.94 73.34
N ILE Q 190 50.56 -27.05 72.36
CA ILE Q 190 49.35 -27.02 71.54
C ILE Q 190 49.40 -28.18 70.55
N LYS Q 191 50.48 -28.97 70.60
CA LYS Q 191 50.47 -30.24 69.88
C LYS Q 191 49.35 -31.14 70.38
N ASN Q 192 48.88 -30.91 71.61
CA ASN Q 192 47.77 -31.67 72.18
C ASN Q 192 46.45 -31.30 71.52
N PHE Q 193 46.52 -30.43 70.50
CA PHE Q 193 45.34 -30.14 69.69
C PHE Q 193 44.93 -31.35 68.88
N LEU Q 194 45.88 -32.20 68.51
CA LEU Q 194 45.56 -33.37 67.68
C LEU Q 194 44.80 -34.41 68.47
N GLU Q 195 45.40 -34.94 69.53
CA GLU Q 195 44.75 -35.98 70.33
C GLU Q 195 43.38 -35.53 70.81
N PHE Q 196 43.27 -34.29 71.27
CA PHE Q 196 41.97 -33.73 71.63
C PHE Q 196 41.00 -33.82 70.47
N GLN Q 197 41.46 -33.50 69.25
CA GLN Q 197 40.62 -33.69 68.08
C GLN Q 197 40.32 -35.16 67.83
N ARG Q 198 41.22 -36.05 68.24
CA ARG Q 198 41.04 -37.47 67.96
C ARG Q 198 39.88 -38.05 68.77
N LYS Q 199 39.89 -37.83 70.08
CA LYS Q 199 38.88 -38.44 70.93
C LYS Q 199 37.50 -37.83 70.70
N LEU Q 200 37.43 -36.52 70.47
CA LEU Q 200 36.14 -35.88 70.24
C LEU Q 200 35.46 -36.45 69.01
N GLN Q 201 36.21 -36.58 67.91
CA GLN Q 201 35.67 -37.24 66.73
C GLN Q 201 35.22 -38.66 67.06
N HIS Q 202 35.91 -39.31 68.00
CA HIS Q 202 35.53 -40.66 68.41
C HIS Q 202 34.29 -40.65 69.29
N ASP Q 203 34.26 -39.78 70.29
CA ASP Q 203 33.18 -39.81 71.27
C ASP Q 203 31.82 -39.51 70.63
N VAL Q 204 31.75 -38.44 69.84
CA VAL Q 204 30.50 -38.12 69.16
C VAL Q 204 30.08 -39.28 68.27
N LEU Q 205 31.04 -39.86 67.54
CA LEU Q 205 30.76 -41.08 66.80
C LEU Q 205 30.38 -42.21 67.74
N LYS Q 206 31.03 -42.30 68.89
CA LYS Q 206 30.68 -43.34 69.87
C LYS Q 206 29.23 -43.20 70.31
N LEU Q 207 28.89 -42.06 70.91
CA LEU Q 207 27.54 -41.87 71.43
C LEU Q 207 26.49 -42.12 70.36
N GLU Q 208 26.78 -41.70 69.12
CA GLU Q 208 25.85 -41.97 68.03
C GLU Q 208 25.71 -43.46 67.78
N PHE Q 209 26.80 -44.21 67.93
CA PHE Q 209 26.73 -45.65 67.72
C PHE Q 209 25.78 -46.31 68.71
N GLU Q 210 25.73 -45.82 69.96
CA GLU Q 210 24.76 -46.33 70.91
C GLU Q 210 23.34 -45.86 70.58
N ARG Q 211 23.20 -44.65 70.02
CA ARG Q 211 21.88 -44.19 69.62
C ARG Q 211 21.21 -45.12 68.62
N HIS Q 212 22.01 -45.85 67.84
CA HIS Q 212 21.49 -46.87 66.94
C HIS Q 212 21.40 -48.24 67.60
N ASP Q 213 21.65 -48.32 68.91
CA ASP Q 213 21.47 -49.53 69.70
C ASP Q 213 22.22 -50.71 69.09
N PRO Q 214 23.55 -50.75 69.22
CA PRO Q 214 24.30 -51.85 68.61
C PRO Q 214 23.97 -53.19 69.25
N VAL Q 215 23.34 -54.07 68.48
CA VAL Q 215 23.05 -55.42 68.95
C VAL Q 215 24.26 -56.30 68.70
N ASP Q 216 24.67 -57.05 69.73
CA ASP Q 216 25.91 -57.83 69.69
C ASP Q 216 27.08 -56.93 69.29
N GLY Q 217 27.10 -55.71 69.82
CA GLY Q 217 28.09 -54.73 69.44
C GLY Q 217 28.08 -54.36 67.97
N ARG Q 218 26.98 -54.66 67.26
CA ARG Q 218 26.90 -54.43 65.82
C ARG Q 218 25.56 -53.81 65.49
N ILE Q 219 25.51 -53.08 64.38
CA ILE Q 219 24.29 -52.43 63.93
C ILE Q 219 23.94 -52.90 62.53
N THR Q 220 22.68 -52.70 62.17
CA THR Q 220 22.21 -53.14 60.86
C THR Q 220 22.90 -52.35 59.76
N GLU Q 221 23.07 -53.02 58.61
CA GLU Q 221 23.64 -52.35 57.45
C GLU Q 221 22.81 -51.16 57.03
N ARG Q 222 21.50 -51.19 57.28
CA ARG Q 222 20.67 -50.03 56.98
C ARG Q 222 20.85 -48.94 58.02
N GLN Q 223 21.36 -49.27 59.20
CA GLN Q 223 21.74 -48.25 60.16
C GLN Q 223 23.08 -47.65 59.81
N PHE Q 224 24.09 -48.51 59.60
CA PHE Q 224 25.40 -48.04 59.17
C PHE Q 224 25.31 -47.22 57.90
N GLY Q 225 24.39 -47.58 57.00
CA GLY Q 225 24.11 -46.73 55.87
C GLY Q 225 23.28 -45.53 56.24
N GLY Q 226 22.41 -45.68 57.25
CA GLY Q 226 21.58 -44.56 57.67
C GLY Q 226 22.41 -43.40 58.18
N MET Q 227 23.37 -43.69 59.05
CA MET Q 227 24.22 -42.62 59.58
C MET Q 227 24.97 -41.89 58.48
N LEU Q 228 25.36 -42.59 57.42
CA LEU Q 228 25.93 -41.92 56.25
C LEU Q 228 24.97 -40.84 55.75
N LEU Q 229 23.71 -41.23 55.51
CA LEU Q 229 22.70 -40.26 55.16
C LEU Q 229 22.58 -39.18 56.22
N ALA Q 230 22.53 -39.59 57.49
CA ALA Q 230 22.56 -38.62 58.57
C ALA Q 230 23.83 -37.79 58.52
N TYR Q 231 24.95 -38.38 58.12
CA TYR Q 231 26.16 -37.61 57.90
C TYR Q 231 26.03 -36.71 56.69
N SER Q 232 25.70 -37.29 55.53
CA SER Q 232 25.61 -36.52 54.31
C SER Q 232 24.58 -35.41 54.43
N GLY Q 233 23.42 -35.73 55.01
CA GLY Q 233 22.35 -34.75 55.10
C GLY Q 233 21.92 -34.27 53.73
N VAL Q 234 21.39 -35.18 52.92
CA VAL Q 234 20.93 -34.85 51.58
C VAL Q 234 19.45 -35.20 51.49
N GLN Q 235 18.76 -34.54 50.56
CA GLN Q 235 17.33 -34.75 50.35
C GLN Q 235 17.14 -35.29 48.93
N SER Q 236 17.24 -36.61 48.81
CA SER Q 236 17.02 -37.29 47.53
C SER Q 236 16.21 -38.53 47.80
N LYS Q 237 14.97 -38.55 47.31
CA LYS Q 237 14.05 -39.63 47.63
C LYS Q 237 14.58 -40.97 47.17
N LYS Q 238 15.32 -41.00 46.04
CA LYS Q 238 15.79 -42.26 45.50
C LYS Q 238 16.72 -42.96 46.48
N LEU Q 239 17.88 -42.34 46.75
CA LEU Q 239 18.82 -42.94 47.69
C LEU Q 239 18.21 -43.10 49.07
N THR Q 240 17.30 -42.21 49.46
CA THR Q 240 16.56 -42.40 50.70
C THR Q 240 15.85 -43.75 50.70
N ALA Q 241 15.15 -44.05 49.59
CA ALA Q 241 14.50 -45.35 49.47
C ALA Q 241 15.54 -46.46 49.34
N MET Q 242 16.63 -46.20 48.61
CA MET Q 242 17.70 -47.19 48.53
C MET Q 242 18.19 -47.58 49.91
N GLN Q 243 18.24 -46.62 50.84
CA GLN Q 243 18.56 -46.94 52.22
C GLN Q 243 17.55 -47.92 52.78
N ARG Q 244 16.27 -47.73 52.45
CA ARG Q 244 15.25 -48.66 52.92
C ARG Q 244 15.37 -50.01 52.23
N GLN Q 245 15.60 -50.00 50.92
CA GLN Q 245 15.59 -51.21 50.11
C GLN Q 245 16.79 -52.12 50.37
N LEU Q 246 17.73 -51.70 51.20
CA LEU Q 246 18.96 -52.46 51.37
C LEU Q 246 18.71 -53.83 52.00
N LYS Q 247 17.71 -53.94 52.88
CA LYS Q 247 17.38 -55.25 53.44
C LYS Q 247 17.07 -56.27 52.35
N LYS Q 248 16.52 -55.82 51.22
CA LYS Q 248 16.38 -56.71 50.08
C LYS Q 248 17.75 -57.04 49.48
N HIS Q 249 18.60 -56.02 49.31
CA HIS Q 249 19.96 -56.24 48.84
C HIS Q 249 20.82 -56.93 49.89
N PHE Q 250 20.50 -56.77 51.16
CA PHE Q 250 21.25 -57.44 52.24
C PHE Q 250 20.22 -57.97 53.25
N LYS Q 251 19.78 -59.21 53.01
CA LYS Q 251 18.91 -59.90 53.95
C LYS Q 251 19.65 -60.93 54.78
N GLU Q 252 20.93 -61.18 54.49
CA GLU Q 252 21.71 -62.14 55.26
C GLU Q 252 21.91 -61.67 56.69
N GLY Q 253 22.37 -60.43 56.86
CA GLY Q 253 22.59 -59.88 58.19
C GLY Q 253 23.96 -60.21 58.73
N LYS Q 254 24.75 -59.18 59.01
CA LYS Q 254 26.08 -59.38 59.56
C LYS Q 254 26.28 -58.50 60.78
N GLY Q 255 25.56 -57.39 60.85
CA GLY Q 255 25.80 -56.40 61.88
C GLY Q 255 27.05 -55.60 61.60
N LEU Q 256 27.06 -54.33 61.99
CA LEU Q 256 28.19 -53.45 61.71
C LEU Q 256 28.76 -52.94 63.03
N THR Q 257 30.02 -53.29 63.29
CA THR Q 257 30.66 -52.95 64.55
C THR Q 257 31.13 -51.50 64.57
N PHE Q 258 31.46 -51.02 65.76
CA PHE Q 258 31.87 -49.63 65.91
C PHE Q 258 33.22 -49.37 65.26
N GLN Q 259 34.07 -50.39 65.13
CA GLN Q 259 35.37 -50.16 64.52
C GLN Q 259 35.29 -50.13 63.00
N GLU Q 260 34.48 -51.02 62.42
CA GLU Q 260 34.32 -51.04 60.97
C GLU Q 260 33.56 -49.82 60.46
N VAL Q 261 33.01 -49.00 61.35
CA VAL Q 261 32.41 -47.74 60.92
C VAL Q 261 33.32 -46.55 61.24
N GLU Q 262 34.10 -46.62 62.33
CA GLU Q 262 34.98 -45.51 62.66
C GLU Q 262 36.09 -45.37 61.63
N ASN Q 263 36.67 -46.49 61.20
CA ASN Q 263 37.68 -46.45 60.15
C ASN Q 263 37.13 -45.80 58.89
N PHE Q 264 35.88 -46.10 58.55
CA PHE Q 264 35.29 -45.55 57.33
C PHE Q 264 35.12 -44.04 57.43
N PHE Q 265 34.74 -43.54 58.60
CA PHE Q 265 34.52 -42.09 58.72
C PHE Q 265 35.84 -41.33 58.67
N THR Q 266 36.89 -41.85 59.31
CA THR Q 266 38.21 -41.26 59.14
C THR Q 266 38.55 -41.13 57.67
N PHE Q 267 38.24 -42.16 56.88
CA PHE Q 267 38.32 -42.04 55.43
C PHE Q 267 37.35 -40.97 54.93
N LEU Q 268 36.09 -41.07 55.34
CA LEU Q 268 35.10 -40.08 54.97
C LEU Q 268 35.49 -38.68 55.44
N LYS Q 269 36.30 -38.58 56.48
CA LYS Q 269 36.83 -37.28 56.88
C LYS Q 269 37.75 -36.71 55.82
N ASN Q 270 38.76 -37.48 55.43
CA ASN Q 270 39.80 -37.00 54.51
C ASN Q 270 39.41 -37.16 53.05
N ILE Q 271 38.11 -37.19 52.78
CA ILE Q 271 37.61 -37.23 51.41
C ILE Q 271 38.31 -36.22 50.53
N ASN Q 272 38.57 -35.03 51.08
CA ASN Q 272 39.12 -33.91 50.31
C ASN Q 272 40.31 -34.34 49.47
N ASP Q 273 41.19 -35.15 50.05
CA ASP Q 273 42.37 -35.60 49.33
C ASP Q 273 42.09 -36.81 48.45
N VAL Q 274 41.04 -37.57 48.73
CA VAL Q 274 40.77 -38.78 47.95
C VAL Q 274 40.50 -38.42 46.49
N ASP Q 275 39.48 -37.61 46.25
CA ASP Q 275 39.17 -37.17 44.90
C ASP Q 275 40.40 -36.56 44.23
N THR Q 276 41.16 -35.76 44.97
CA THR Q 276 42.45 -35.29 44.50
C THR Q 276 43.31 -36.47 44.06
N ALA Q 277 43.55 -37.42 44.97
CA ALA Q 277 44.29 -38.61 44.61
C ALA Q 277 43.56 -39.41 43.54
N LEU Q 278 42.25 -39.23 43.44
CA LEU Q 278 41.44 -39.97 42.48
C LEU Q 278 41.22 -39.20 41.19
N SER Q 279 41.89 -38.04 41.03
CA SER Q 279 41.61 -37.16 39.91
C SER Q 279 41.77 -37.86 38.57
N PHE Q 280 42.78 -38.71 38.44
CA PHE Q 280 42.97 -39.43 37.19
C PHE Q 280 41.75 -40.27 36.88
N TYR Q 281 41.29 -41.04 37.87
CA TYR Q 281 40.01 -41.73 37.72
C TYR Q 281 38.90 -40.74 37.46
N HIS Q 282 38.89 -39.62 38.20
CA HIS Q 282 37.90 -38.58 37.98
C HIS Q 282 37.90 -38.07 36.56
N MET Q 283 39.07 -38.09 35.90
CA MET Q 283 39.12 -37.70 34.49
C MET Q 283 38.31 -38.65 33.62
N ALA Q 284 38.06 -39.87 34.09
CA ALA Q 284 37.20 -40.81 33.40
C ALA Q 284 35.98 -41.20 34.21
N GLY Q 285 36.16 -41.65 35.45
CA GLY Q 285 35.05 -41.99 36.31
C GLY Q 285 35.09 -43.39 36.87
N ALA Q 286 33.92 -43.88 37.30
CA ALA Q 286 33.62 -45.22 37.81
C ALA Q 286 34.10 -45.44 39.24
N SER Q 287 34.83 -44.51 39.83
CA SER Q 287 35.29 -44.60 41.23
C SER Q 287 35.86 -45.98 41.56
N LEU Q 288 36.74 -46.46 40.67
CA LEU Q 288 37.66 -47.57 40.91
C LEU Q 288 37.00 -48.75 41.64
N ASP Q 289 35.96 -49.29 41.00
CA ASP Q 289 35.48 -50.68 41.16
C ASP Q 289 35.43 -51.16 42.61
N LYS Q 290 35.30 -50.25 43.57
CA LYS Q 290 34.85 -50.56 44.93
C LYS Q 290 35.85 -51.34 45.77
N VAL Q 291 36.92 -51.85 45.18
CA VAL Q 291 37.88 -52.68 45.89
C VAL Q 291 39.20 -51.95 46.12
N THR Q 292 39.88 -51.56 45.03
CA THR Q 292 41.00 -50.65 45.20
C THR Q 292 40.55 -49.32 45.76
N MET Q 293 39.28 -48.93 45.54
CA MET Q 293 38.66 -47.87 46.31
C MET Q 293 38.97 -48.04 47.80
N GLN Q 294 38.64 -49.21 48.34
CA GLN Q 294 38.97 -49.50 49.72
C GLN Q 294 40.48 -49.52 49.93
N GLN Q 295 41.23 -49.97 48.92
CA GLN Q 295 42.68 -50.01 49.05
C GLN Q 295 43.26 -48.60 49.07
N VAL Q 296 42.95 -47.79 48.05
CA VAL Q 296 43.45 -46.42 48.02
C VAL Q 296 42.92 -45.64 49.20
N ALA Q 297 41.77 -46.04 49.75
CA ALA Q 297 41.26 -45.42 50.97
C ALA Q 297 42.31 -45.48 52.07
N ARG Q 298 42.75 -46.70 52.42
CA ARG Q 298 43.76 -46.85 53.46
C ARG Q 298 44.99 -46.02 53.17
N THR Q 299 45.37 -45.89 51.90
CA THR Q 299 46.51 -45.05 51.55
C THR Q 299 46.25 -43.60 51.93
N VAL Q 300 45.11 -43.05 51.50
CA VAL Q 300 44.83 -41.65 51.76
C VAL Q 300 44.33 -41.46 53.19
N ALA Q 301 43.60 -42.45 53.73
CA ALA Q 301 42.98 -42.31 55.03
C ALA Q 301 43.85 -42.82 56.17
N LYS Q 302 44.99 -43.45 55.87
CA LYS Q 302 45.90 -44.00 56.86
C LYS Q 302 45.24 -45.06 57.74
N VAL Q 303 44.10 -45.62 57.33
CA VAL Q 303 43.37 -46.58 58.14
C VAL Q 303 42.69 -47.59 57.22
N GLU Q 304 42.64 -48.82 57.66
CA GLU Q 304 42.12 -49.92 56.85
C GLU Q 304 40.62 -50.08 57.04
N LEU Q 305 39.96 -50.53 55.99
CA LEU Q 305 38.55 -50.93 56.05
C LEU Q 305 38.43 -52.37 55.61
N SER Q 306 37.33 -53.01 55.97
CA SER Q 306 37.08 -54.35 55.48
C SER Q 306 36.50 -54.29 54.06
N ASP Q 307 36.16 -55.47 53.53
CA ASP Q 307 35.54 -55.51 52.21
C ASP Q 307 34.05 -55.22 52.32
N HIS Q 308 33.33 -56.03 53.08
CA HIS Q 308 31.88 -55.91 53.15
C HIS Q 308 31.42 -54.52 53.57
N VAL Q 309 32.21 -53.83 54.39
CA VAL Q 309 31.79 -52.52 54.90
C VAL Q 309 31.50 -51.57 53.75
N CYS Q 310 32.30 -51.65 52.68
CA CYS Q 310 32.14 -50.73 51.57
C CYS Q 310 31.22 -51.29 50.49
N ASP Q 311 31.04 -52.61 50.43
CA ASP Q 311 30.15 -53.19 49.44
C ASP Q 311 28.74 -52.64 49.58
N VAL Q 312 28.26 -52.54 50.82
CA VAL Q 312 26.94 -51.98 51.05
C VAL Q 312 26.91 -50.51 50.69
N VAL Q 313 28.01 -49.79 50.91
CA VAL Q 313 28.06 -48.38 50.55
C VAL Q 313 27.95 -48.21 49.05
N PHE Q 314 28.72 -49.01 48.30
CA PHE Q 314 28.54 -49.02 46.85
C PHE Q 314 27.18 -49.55 46.47
N ALA Q 315 26.63 -50.48 47.26
CA ALA Q 315 25.26 -50.94 47.00
C ALA Q 315 24.25 -49.86 47.33
N LEU Q 316 24.56 -49.02 48.32
CA LEU Q 316 23.62 -47.97 48.72
C LEU Q 316 23.62 -46.83 47.70
N PHE Q 317 24.78 -46.25 47.44
CA PHE Q 317 24.89 -45.06 46.61
C PHE Q 317 24.90 -45.36 45.12
N ASP Q 318 24.68 -46.61 44.70
CA ASP Q 318 24.62 -46.95 43.28
C ASP Q 318 23.28 -46.50 42.72
N CYS Q 319 23.12 -45.17 42.64
CA CYS Q 319 21.87 -44.61 42.14
C CYS Q 319 21.64 -44.97 40.68
N ASP Q 320 22.68 -44.84 39.84
CA ASP Q 320 22.55 -45.17 38.43
C ASP Q 320 22.48 -46.67 38.19
N GLY Q 321 22.69 -47.49 39.22
CA GLY Q 321 22.65 -48.93 39.04
C GLY Q 321 23.81 -49.51 38.28
N ASN Q 322 24.83 -48.71 37.95
CA ASN Q 322 25.96 -49.20 37.19
C ASN Q 322 26.84 -50.16 38.00
N GLY Q 323 26.67 -50.23 39.32
CA GLY Q 323 27.55 -51.00 40.15
C GLY Q 323 28.79 -50.27 40.60
N GLU Q 324 28.93 -49.00 40.23
CA GLU Q 324 30.07 -48.18 40.62
C GLU Q 324 29.54 -46.82 41.05
N LEU Q 325 30.44 -45.85 41.19
CA LEU Q 325 30.07 -44.50 41.55
C LEU Q 325 30.71 -43.51 40.59
N SER Q 326 29.98 -42.47 40.27
CA SER Q 326 30.56 -41.26 39.70
C SER Q 326 30.95 -40.31 40.83
N ASN Q 327 31.77 -39.33 40.49
CA ASN Q 327 32.00 -38.26 41.45
C ASN Q 327 30.69 -37.60 41.83
N LYS Q 328 29.80 -37.39 40.86
CA LYS Q 328 28.46 -36.89 41.13
C LYS Q 328 27.57 -37.89 41.85
N GLU Q 329 28.02 -39.14 41.98
CA GLU Q 329 27.23 -40.15 42.69
C GLU Q 329 27.47 -40.09 44.20
N PHE Q 330 28.72 -40.24 44.61
CA PHE Q 330 29.05 -40.31 46.02
C PHE Q 330 30.07 -39.27 46.47
N VAL Q 331 31.16 -39.11 45.71
CA VAL Q 331 32.32 -38.36 46.22
C VAL Q 331 31.98 -36.89 46.38
N SER Q 332 31.53 -36.25 45.29
CA SER Q 332 31.31 -34.81 45.31
C SER Q 332 30.38 -34.41 46.45
N ILE Q 333 29.28 -35.15 46.61
CA ILE Q 333 28.35 -34.88 47.71
C ILE Q 333 29.08 -34.87 49.04
N MET Q 334 29.99 -35.83 49.24
CA MET Q 334 30.82 -35.80 50.43
C MET Q 334 31.71 -34.56 50.43
N LYS Q 335 32.34 -34.27 49.31
CA LYS Q 335 33.25 -33.13 49.24
C LYS Q 335 32.54 -31.85 49.65
N GLN Q 336 31.41 -31.54 49.03
CA GLN Q 336 30.68 -30.33 49.37
C GLN Q 336 30.11 -30.36 50.78
N ARG Q 337 30.00 -31.56 51.38
CA ARG Q 337 29.47 -31.65 52.74
C ARG Q 337 30.29 -30.82 53.73
N LEU Q 338 31.55 -30.53 53.39
CA LEU Q 338 32.41 -29.81 54.32
C LEU Q 338 32.04 -28.33 54.46
N MET Q 339 30.91 -27.90 53.91
CA MET Q 339 30.46 -26.53 54.09
C MET Q 339 30.15 -26.26 55.56
N LEU R 1 35.39 -34.72 27.78
CA LEU R 1 35.72 -34.83 26.36
C LEU R 1 37.14 -34.36 26.11
N ARG R 2 37.96 -34.37 27.16
CA ARG R 2 39.36 -33.99 27.06
C ARG R 2 40.06 -34.71 25.91
N LYS R 3 39.70 -35.98 25.67
CA LYS R 3 40.30 -36.73 24.58
C LYS R 3 40.10 -36.00 23.25
N GLN R 4 38.90 -35.48 23.00
CA GLN R 4 38.65 -34.76 21.77
C GLN R 4 39.57 -33.55 21.65
N ARG R 5 39.81 -32.85 22.76
CA ARG R 5 40.78 -31.76 22.74
C ARG R 5 42.18 -32.29 22.47
N PHE R 6 42.54 -33.42 23.09
CA PHE R 6 43.85 -34.00 22.85
C PHE R 6 44.10 -34.25 21.37
N MET R 7 43.04 -34.62 20.64
CA MET R 7 43.17 -34.78 19.20
C MET R 7 43.50 -33.48 18.52
N GLN R 8 42.87 -32.38 18.94
CA GLN R 8 43.09 -31.08 18.32
C GLN R 8 44.55 -30.69 18.37
N PHE R 9 45.09 -30.55 19.59
CA PHE R 9 46.46 -30.08 19.72
C PHE R 9 47.48 -31.08 19.19
N SER R 10 47.18 -32.37 19.23
CA SER R 10 48.13 -33.36 18.74
C SER R 10 48.11 -33.41 17.21
N SER R 11 49.27 -33.75 16.65
CA SER R 11 49.41 -33.89 15.21
C SER R 11 50.17 -35.15 14.81
N LEU R 12 50.49 -36.02 15.77
CA LEU R 12 51.22 -37.25 15.50
C LEU R 12 50.36 -38.44 15.93
N GLU R 13 49.91 -39.24 14.96
CA GLU R 13 49.05 -40.38 15.25
C GLU R 13 49.63 -41.63 14.60
N HIS R 14 49.36 -42.77 15.24
CA HIS R 14 49.79 -44.08 14.75
C HIS R 14 48.64 -45.05 14.98
N GLU R 15 47.96 -45.46 13.90
CA GLU R 15 46.73 -46.24 13.94
C GLU R 15 45.80 -45.80 15.06
N GLY R 16 45.58 -44.48 15.17
CA GLY R 16 44.75 -43.93 16.22
C GLY R 16 45.48 -43.63 17.52
N GLU R 17 46.65 -44.23 17.73
CA GLU R 17 47.47 -43.97 18.90
C GLU R 17 48.16 -42.62 18.70
N TYR R 18 47.40 -41.56 18.98
CA TYR R 18 47.90 -40.20 18.82
C TYR R 18 48.97 -39.90 19.84
N TYR R 19 50.18 -39.59 19.38
CA TYR R 19 51.25 -39.16 20.26
C TYR R 19 51.31 -37.64 20.28
N MET R 20 51.50 -37.09 21.47
CA MET R 20 51.50 -35.65 21.67
C MET R 20 52.93 -35.13 21.57
N THR R 21 53.11 -34.05 20.82
CA THR R 21 54.45 -33.49 20.89
C THR R 21 54.59 -32.73 22.21
N PRO R 22 55.80 -32.68 22.76
CA PRO R 22 56.02 -31.88 23.98
C PRO R 22 55.47 -30.47 23.88
N ARG R 23 55.46 -29.89 22.68
CA ARG R 23 54.97 -28.52 22.53
C ARG R 23 53.45 -28.49 22.53
N ASP R 24 52.81 -29.43 21.84
CA ASP R 24 51.35 -29.49 21.83
C ASP R 24 50.79 -29.43 23.25
N PHE R 25 51.32 -30.27 24.14
CA PHE R 25 50.89 -30.24 25.53
C PHE R 25 51.11 -28.87 26.14
N LEU R 26 52.35 -28.37 26.08
CA LEU R 26 52.62 -27.03 26.60
C LEU R 26 51.73 -25.99 25.94
N PHE R 27 51.38 -26.19 24.67
CA PHE R 27 50.43 -25.30 24.03
C PHE R 27 49.01 -25.60 24.48
N SER R 28 48.73 -26.85 24.85
CA SER R 28 47.38 -27.20 25.30
C SER R 28 47.10 -26.65 26.69
N VAL R 29 48.15 -26.32 27.44
CA VAL R 29 47.98 -25.76 28.77
C VAL R 29 48.19 -24.26 28.81
N MET R 30 48.93 -23.70 27.84
CA MET R 30 49.12 -22.26 27.76
C MET R 30 48.06 -21.61 26.87
N PHE R 31 48.05 -21.98 25.60
CA PHE R 31 47.01 -21.50 24.71
C PHE R 31 45.73 -22.31 24.94
N GLU R 32 44.68 -21.93 24.23
CA GLU R 32 43.40 -22.60 24.42
C GLU R 32 42.85 -23.11 23.11
N GLN R 33 43.14 -22.39 22.01
CA GLN R 33 42.64 -22.77 20.69
C GLN R 33 43.78 -22.60 19.69
N MET R 34 44.29 -23.71 19.17
CA MET R 34 45.33 -23.68 18.16
C MET R 34 45.11 -24.84 17.19
N GLU R 35 45.30 -24.57 15.90
CA GLU R 35 44.86 -25.51 14.87
C GLU R 35 45.83 -25.69 13.72
N ARG R 36 47.01 -25.08 13.76
CA ARG R 36 47.91 -25.04 12.62
C ARG R 36 48.54 -26.38 12.28
N LYS R 37 48.15 -27.51 12.88
CA LYS R 37 48.90 -28.75 12.71
C LYS R 37 49.00 -29.21 11.25
N THR R 38 47.87 -29.60 10.67
CA THR R 38 47.81 -30.15 9.31
C THR R 38 48.93 -31.17 9.08
N SER R 39 48.94 -32.21 9.92
CA SER R 39 50.01 -33.19 9.85
C SER R 39 49.56 -34.51 10.44
N VAL R 40 49.99 -35.59 9.81
CA VAL R 40 49.79 -36.96 10.31
C VAL R 40 51.19 -37.59 10.28
N LYS R 41 52.20 -36.77 10.55
CA LYS R 41 53.57 -37.06 10.14
C LYS R 41 54.06 -38.42 10.63
N LYS R 42 53.87 -38.72 11.91
CA LYS R 42 54.67 -39.76 12.56
C LYS R 42 54.46 -41.17 12.01
N LEU R 43 53.59 -41.34 11.01
CA LEU R 43 53.30 -42.67 10.48
C LEU R 43 54.54 -43.39 10.00
N THR R 44 55.59 -42.67 9.62
CA THR R 44 56.79 -43.29 9.05
C THR R 44 57.59 -44.10 10.05
N LYS R 45 57.10 -44.27 11.28
CA LYS R 45 57.75 -45.05 12.32
C LYS R 45 59.15 -44.54 12.67
N LYS R 46 59.44 -43.27 12.35
CA LYS R 46 60.64 -42.65 12.88
C LYS R 46 60.51 -42.39 14.37
N ASP R 47 59.29 -42.46 14.91
CA ASP R 47 59.05 -42.18 16.32
C ASP R 47 59.92 -43.04 17.23
N ILE R 48 60.00 -44.33 16.93
CA ILE R 48 60.67 -45.28 17.83
C ILE R 48 62.12 -44.88 18.07
N GLU R 49 62.71 -44.12 17.14
CA GLU R 49 64.04 -43.55 17.37
C GLU R 49 64.01 -42.04 17.50
N ASP R 50 62.94 -41.37 17.05
CA ASP R 50 62.87 -39.92 17.11
C ASP R 50 63.05 -39.43 18.54
N THR R 51 62.16 -39.86 19.43
CA THR R 51 62.24 -39.41 20.82
C THR R 51 63.55 -39.84 21.47
N LEU R 52 63.77 -41.15 21.59
CA LEU R 52 64.96 -41.67 22.27
C LEU R 52 66.25 -41.00 21.82
N SER R 53 66.31 -40.58 20.56
CA SER R 53 67.47 -39.82 20.11
C SER R 53 67.56 -38.47 20.82
N GLY R 54 66.45 -37.74 20.87
CA GLY R 54 66.48 -36.40 21.42
C GLY R 54 66.39 -36.30 22.93
N ILE R 55 65.81 -37.30 23.59
CA ILE R 55 65.67 -37.20 25.04
C ILE R 55 67.02 -37.33 25.74
N GLN R 56 68.03 -37.88 25.07
CA GLN R 56 69.33 -38.09 25.70
C GLN R 56 70.00 -36.80 26.14
N THR R 57 69.49 -35.63 25.73
CA THR R 57 70.03 -34.35 26.16
C THR R 57 69.02 -33.55 26.97
N ALA R 58 68.03 -34.22 27.56
CA ALA R 58 66.99 -33.52 28.29
C ALA R 58 67.54 -32.90 29.57
N GLY R 59 67.05 -31.71 29.89
CA GLY R 59 67.43 -31.04 31.12
C GLY R 59 66.55 -31.47 32.29
N CYS R 60 67.14 -32.24 33.21
CA CYS R 60 66.38 -32.82 34.31
C CYS R 60 65.73 -31.76 35.20
N GLY R 61 66.19 -30.52 35.14
CA GLY R 61 65.65 -29.47 35.97
C GLY R 61 64.33 -28.91 35.48
N SER R 62 64.17 -27.59 35.57
CA SER R 62 62.93 -26.92 35.22
C SER R 62 62.76 -26.76 33.71
N THR R 63 63.53 -27.49 32.90
CA THR R 63 63.47 -27.37 31.45
C THR R 63 63.16 -28.70 30.78
N PHE R 64 62.67 -29.68 31.53
CA PHE R 64 62.44 -31.01 30.97
C PHE R 64 61.51 -31.00 29.76
N PHE R 65 60.71 -29.95 29.59
CA PHE R 65 59.93 -29.77 28.38
C PHE R 65 60.40 -28.60 27.54
N ARG R 66 61.11 -27.63 28.14
CA ARG R 66 61.78 -26.57 27.40
C ARG R 66 63.10 -27.02 26.80
N ASP R 67 63.39 -28.32 26.84
CA ASP R 67 64.60 -28.88 26.26
C ASP R 67 64.37 -29.64 24.98
N LEU R 68 63.23 -30.32 24.84
CA LEU R 68 62.95 -31.10 23.65
C LEU R 68 62.23 -30.27 22.59
N GLY R 69 61.17 -29.55 22.96
CA GLY R 69 60.55 -28.63 22.04
C GLY R 69 59.90 -29.27 20.83
N ASP R 70 58.78 -29.96 21.06
CA ASP R 70 57.85 -30.56 20.09
C ASP R 70 58.31 -31.91 19.54
N LYS R 71 59.35 -32.52 20.11
CA LYS R 71 59.76 -33.86 19.72
C LYS R 71 59.84 -34.74 20.96
N GLY R 72 58.95 -35.70 21.06
CA GLY R 72 58.86 -36.57 22.21
C GLY R 72 57.61 -37.41 22.17
N LEU R 73 57.65 -38.51 22.93
CA LEU R 73 56.56 -39.48 22.97
C LEU R 73 55.68 -39.18 24.16
N ILE R 74 54.53 -38.56 23.92
CA ILE R 74 53.57 -38.23 24.95
C ILE R 74 52.23 -38.86 24.56
N SER R 75 51.84 -39.90 25.29
CA SER R 75 50.59 -40.59 25.02
C SER R 75 49.42 -39.80 25.61
N TYR R 76 48.22 -40.09 25.09
CA TYR R 76 47.02 -39.47 25.64
C TYR R 76 46.86 -39.81 27.11
N THR R 77 47.19 -41.04 27.50
CA THR R 77 47.18 -41.41 28.90
C THR R 77 48.13 -40.53 29.70
N GLU R 78 49.41 -40.52 29.31
CA GLU R 78 50.38 -39.66 29.96
C GLU R 78 49.92 -38.21 29.96
N TYR R 79 49.26 -37.77 28.89
CA TYR R 79 48.74 -36.41 28.82
C TYR R 79 47.89 -36.10 30.04
N LEU R 80 46.86 -36.93 30.27
CA LEU R 80 46.04 -36.76 31.46
C LEU R 80 46.88 -36.90 32.73
N PHE R 81 47.89 -37.77 32.71
CA PHE R 81 48.74 -37.92 33.88
C PHE R 81 49.45 -36.61 34.23
N LEU R 82 49.76 -35.80 33.22
CA LEU R 82 50.30 -34.48 33.51
C LEU R 82 49.22 -33.55 34.03
N LEU R 83 48.01 -33.67 33.50
CA LEU R 83 46.91 -32.81 33.96
C LEU R 83 46.64 -33.00 35.44
N THR R 84 46.72 -34.24 35.92
CA THR R 84 46.47 -34.46 37.34
C THR R 84 47.63 -33.94 38.19
N ILE R 85 48.87 -34.17 37.75
CA ILE R 85 50.01 -33.61 38.45
C ILE R 85 50.13 -32.11 38.25
N LEU R 86 49.38 -31.55 37.30
CA LEU R 86 49.33 -30.11 37.14
C LEU R 86 48.80 -29.44 38.40
N THR R 87 47.75 -30.00 39.00
CA THR R 87 47.00 -29.35 40.05
C THR R 87 47.37 -29.84 41.44
N LYS R 88 48.34 -30.73 41.57
CA LYS R 88 48.69 -31.28 42.87
C LYS R 88 49.52 -30.28 43.65
N PRO R 89 49.11 -29.89 44.85
CA PRO R 89 50.02 -29.15 45.74
C PRO R 89 51.06 -30.06 46.34
N HIS R 90 51.89 -29.53 47.24
CA HIS R 90 52.91 -30.35 47.89
C HIS R 90 52.29 -31.49 48.67
N SER R 91 51.11 -31.25 49.27
CA SER R 91 50.46 -32.28 50.09
C SER R 91 50.18 -33.53 49.26
N GLY R 92 49.44 -33.38 48.16
CA GLY R 92 49.09 -34.53 47.36
C GLY R 92 50.26 -35.20 46.68
N PHE R 93 51.43 -34.53 46.65
CA PHE R 93 52.58 -35.07 45.94
C PHE R 93 52.94 -36.46 46.45
N HIS R 94 53.27 -36.56 47.74
CA HIS R 94 53.55 -37.87 48.33
C HIS R 94 52.38 -38.82 48.12
N VAL R 95 51.16 -38.31 48.27
CA VAL R 95 49.97 -39.14 48.12
C VAL R 95 49.84 -39.59 46.66
N ALA R 96 49.99 -38.66 45.72
CA ALA R 96 49.93 -39.05 44.31
C ALA R 96 50.94 -40.14 44.01
N PHE R 97 52.12 -40.06 44.62
CA PHE R 97 53.04 -41.20 44.56
C PHE R 97 52.45 -42.37 45.31
N LYS R 98 51.96 -42.13 46.54
CA LYS R 98 51.37 -43.19 47.34
C LYS R 98 50.08 -43.73 46.73
N MET R 99 49.41 -42.97 45.87
CA MET R 99 48.26 -43.54 45.17
C MET R 99 48.70 -44.68 44.27
N LEU R 100 49.90 -44.60 43.72
CA LEU R 100 50.47 -45.74 43.02
C LEU R 100 50.97 -46.76 44.05
N ASP R 101 51.40 -47.93 43.54
CA ASP R 101 51.61 -49.10 44.38
C ASP R 101 52.53 -48.86 45.57
N THR R 102 53.34 -47.81 45.55
CA THR R 102 54.02 -47.29 46.74
C THR R 102 55.10 -48.23 47.26
N ASP R 103 55.30 -49.38 46.60
CA ASP R 103 56.31 -50.34 47.02
C ASP R 103 57.58 -50.23 46.19
N GLY R 104 57.94 -49.02 45.79
CA GLY R 104 59.01 -48.84 44.86
C GLY R 104 58.59 -49.17 43.44
N ASN R 105 59.28 -48.55 42.48
CA ASN R 105 58.90 -48.66 41.08
C ASN R 105 58.85 -50.10 40.59
N GLU R 106 59.47 -51.04 41.31
CA GLU R 106 59.28 -52.45 40.98
C GLU R 106 57.81 -52.82 40.96
N MET R 107 57.01 -52.20 41.82
CA MET R 107 55.57 -52.32 41.80
C MET R 107 54.91 -51.13 41.11
N ILE R 108 55.69 -50.14 40.69
CA ILE R 108 55.14 -48.95 40.07
C ILE R 108 55.43 -48.90 38.57
N GLU R 109 56.36 -49.70 38.07
CA GLU R 109 56.59 -49.77 36.63
C GLU R 109 55.31 -50.14 35.89
N LYS R 110 54.68 -51.26 36.29
CA LYS R 110 53.43 -51.67 35.68
C LYS R 110 52.33 -50.64 35.86
N ARG R 111 52.42 -49.80 36.90
CA ARG R 111 51.38 -48.80 37.13
C ARG R 111 51.26 -47.85 35.95
N GLU R 112 52.35 -47.63 35.23
CA GLU R 112 52.29 -46.83 34.01
C GLU R 112 51.33 -47.44 33.00
N PHE R 113 51.56 -48.71 32.64
CA PHE R 113 50.59 -49.42 31.82
C PHE R 113 49.25 -49.51 32.53
N PHE R 114 49.28 -49.73 33.85
CA PHE R 114 48.05 -49.68 34.64
C PHE R 114 47.34 -48.35 34.47
N LYS R 115 48.10 -47.25 34.46
CA LYS R 115 47.52 -45.95 34.12
C LYS R 115 46.87 -46.02 32.73
N LEU R 116 47.55 -46.65 31.78
CA LEU R 116 47.01 -46.79 30.43
C LEU R 116 45.78 -47.69 30.42
N GLN R 117 45.91 -48.92 30.94
CA GLN R 117 44.80 -49.86 30.87
C GLN R 117 43.59 -49.36 31.64
N LYS R 118 43.76 -48.42 32.57
CA LYS R 118 42.63 -47.86 33.27
C LYS R 118 41.67 -47.19 32.29
N ILE R 119 42.20 -46.37 31.38
CA ILE R 119 41.34 -45.70 30.42
C ILE R 119 40.71 -46.68 29.45
N ILE R 120 41.31 -47.86 29.28
CA ILE R 120 40.73 -48.85 28.37
C ILE R 120 39.44 -49.41 28.95
N SER R 121 39.46 -49.80 30.22
CA SER R 121 38.26 -50.29 30.86
C SER R 121 37.17 -49.23 30.86
N LYS R 122 37.55 -47.96 31.01
CA LYS R 122 36.58 -46.88 30.95
C LYS R 122 36.03 -46.72 29.54
N GLN R 123 36.91 -46.51 28.56
CA GLN R 123 36.56 -46.34 27.15
C GLN R 123 35.31 -45.52 26.92
N ASN R 147 56.90 -46.85 25.17
CA ASN R 147 58.20 -46.22 24.95
C ASN R 147 58.13 -44.71 25.19
N THR R 148 57.23 -44.30 26.08
CA THR R 148 56.93 -42.89 26.24
C THR R 148 58.14 -42.12 26.77
N THR R 149 58.13 -40.82 26.49
CA THR R 149 59.20 -39.94 26.94
C THR R 149 59.39 -40.03 28.45
N LEU R 150 58.29 -39.97 29.21
CA LEU R 150 58.39 -40.06 30.65
C LEU R 150 58.87 -41.44 31.09
N GLN R 151 58.24 -42.50 30.56
CA GLN R 151 58.66 -43.85 30.89
C GLN R 151 60.14 -44.06 30.58
N MET R 152 60.61 -43.48 29.48
CA MET R 152 62.03 -43.52 29.18
C MET R 152 62.84 -42.80 30.24
N ARG R 153 62.35 -41.64 30.69
CA ARG R 153 63.02 -40.94 31.78
C ARG R 153 62.70 -41.56 33.14
N PHE R 154 61.64 -42.37 33.23
CA PHE R 154 61.26 -42.99 34.49
C PHE R 154 61.76 -44.41 34.64
N PHE R 155 61.92 -45.15 33.54
CA PHE R 155 62.30 -46.55 33.61
C PHE R 155 63.35 -46.90 32.57
N GLY R 156 64.28 -45.98 32.32
CA GLY R 156 65.37 -46.23 31.41
C GLY R 156 64.93 -46.48 29.98
N LYS R 157 65.02 -47.73 29.54
CA LYS R 157 64.65 -48.12 28.18
C LYS R 157 63.50 -49.10 28.14
N ARG R 158 63.52 -50.14 28.97
CA ARG R 158 62.51 -51.19 28.96
C ARG R 158 62.09 -51.54 30.38
N GLY R 159 61.89 -50.53 31.21
CA GLY R 159 61.57 -50.76 32.61
C GLY R 159 62.80 -50.94 33.47
N GLN R 160 63.71 -49.97 33.42
CA GLN R 160 65.00 -50.06 34.07
C GLN R 160 65.09 -49.21 35.33
N ARG R 161 64.81 -47.92 35.23
CA ARG R 161 65.10 -46.98 36.31
C ARG R 161 64.12 -47.13 37.46
N LYS R 162 64.64 -47.02 38.68
CA LYS R 162 63.85 -47.14 39.90
C LYS R 162 63.58 -45.74 40.45
N LEU R 163 62.58 -45.08 39.85
CA LEU R 163 62.28 -43.68 40.15
C LEU R 163 61.52 -43.58 41.48
N HIS R 164 62.26 -43.49 42.59
CA HIS R 164 61.62 -43.39 43.89
C HIS R 164 60.90 -42.04 44.02
N TYR R 165 60.28 -41.84 45.19
CA TYR R 165 59.41 -40.69 45.42
C TYR R 165 60.14 -39.38 45.15
N LYS R 166 61.23 -39.14 45.88
CA LYS R 166 61.96 -37.88 45.73
C LYS R 166 62.36 -37.64 44.29
N GLU R 167 62.89 -38.66 43.62
CA GLU R 167 63.19 -38.57 42.21
C GLU R 167 61.93 -38.28 41.40
N PHE R 168 60.84 -38.97 41.72
CA PHE R 168 59.56 -38.63 41.10
C PHE R 168 59.11 -37.24 41.50
N ARG R 169 59.29 -36.88 42.77
CA ARG R 169 58.90 -35.55 43.23
C ARG R 169 59.67 -34.47 42.50
N ARG R 170 60.97 -34.69 42.26
CA ARG R 170 61.74 -33.76 41.45
C ARG R 170 61.03 -33.47 40.13
N PHE R 171 60.61 -34.53 39.43
CA PHE R 171 59.91 -34.35 38.17
C PHE R 171 58.58 -33.63 38.36
N MET R 172 58.00 -33.72 39.56
CA MET R 172 56.71 -33.09 39.79
C MET R 172 56.84 -31.58 39.83
N GLU R 173 57.70 -31.07 40.71
CA GLU R 173 57.75 -29.63 40.96
C GLU R 173 58.26 -28.87 39.75
N ASN R 174 59.38 -29.31 39.16
CA ASN R 174 59.96 -28.58 38.05
C ASN R 174 58.97 -28.49 36.88
N LEU R 175 58.35 -29.61 36.53
CA LEU R 175 57.34 -29.58 35.47
C LEU R 175 56.20 -28.65 35.84
N GLN R 176 55.84 -28.58 37.12
CA GLN R 176 54.91 -27.55 37.56
C GLN R 176 55.52 -26.17 37.38
N THR R 177 56.75 -25.99 37.87
CA THR R 177 57.45 -24.73 37.67
C THR R 177 57.57 -24.40 36.19
N GLU R 178 57.86 -25.40 35.36
CA GLU R 178 58.07 -25.15 33.94
C GLU R 178 56.85 -24.52 33.30
N ILE R 179 55.71 -25.23 33.34
CA ILE R 179 54.47 -24.66 32.83
C ILE R 179 54.19 -23.32 33.49
N GLN R 180 54.50 -23.21 34.78
CA GLN R 180 54.38 -21.93 35.45
C GLN R 180 55.34 -20.91 34.84
N GLU R 181 56.62 -21.28 34.72
CA GLU R 181 57.63 -20.33 34.27
C GLU R 181 57.32 -19.82 32.87
N MET R 182 57.10 -20.73 31.93
CA MET R 182 56.77 -20.33 30.57
C MET R 182 55.57 -19.40 30.54
N GLU R 183 54.64 -19.55 31.47
CA GLU R 183 53.51 -18.63 31.54
C GLU R 183 53.96 -17.23 31.91
N PHE R 184 55.00 -17.13 32.76
CA PHE R 184 55.50 -15.83 33.16
C PHE R 184 55.93 -15.00 31.95
N LEU R 185 56.70 -15.61 31.04
CA LEU R 185 57.15 -14.90 29.86
C LEU R 185 55.99 -14.49 28.97
N GLN R 186 54.97 -15.35 28.87
CA GLN R 186 53.88 -15.09 27.92
C GLN R 186 53.13 -13.82 28.27
N PHE R 187 53.21 -13.35 29.52
CA PHE R 187 52.56 -12.11 29.89
C PHE R 187 53.54 -10.95 30.06
N SER R 188 54.72 -11.20 30.62
CA SER R 188 55.75 -10.16 30.64
C SER R 188 56.42 -10.00 29.29
N LYS R 189 55.95 -10.70 28.26
CA LYS R 189 56.49 -10.61 26.90
C LYS R 189 57.99 -10.84 26.88
N GLY R 190 58.43 -11.91 27.56
CA GLY R 190 59.80 -12.32 27.58
C GLY R 190 60.67 -11.58 28.59
N LEU R 191 60.34 -10.34 28.91
CA LEU R 191 61.16 -9.56 29.82
C LEU R 191 61.13 -10.17 31.22
N SER R 192 62.27 -10.10 31.91
CA SER R 192 62.41 -10.67 33.24
C SER R 192 61.54 -9.98 34.28
N PHE R 193 60.79 -8.94 33.91
CA PHE R 193 59.98 -8.18 34.84
C PHE R 193 58.57 -8.09 34.28
N MET R 194 57.58 -8.30 35.13
CA MET R 194 56.18 -8.22 34.74
C MET R 194 55.56 -6.96 35.35
N ARG R 195 55.12 -6.04 34.50
CA ARG R 195 54.41 -4.86 34.97
C ARG R 195 53.25 -5.25 35.88
N LYS R 196 53.10 -4.53 36.98
CA LYS R 196 51.99 -4.78 37.89
C LYS R 196 50.66 -4.82 37.16
N GLU R 197 50.56 -4.12 36.04
CA GLU R 197 49.35 -4.19 35.23
C GLU R 197 49.23 -5.53 34.51
N ASP R 198 50.34 -6.08 34.01
CA ASP R 198 50.28 -7.40 33.38
C ASP R 198 49.78 -8.44 34.38
N PHE R 199 50.28 -8.38 35.60
CA PHE R 199 49.88 -9.33 36.63
C PHE R 199 48.38 -9.35 36.86
N ALA R 200 47.66 -8.29 36.46
CA ALA R 200 46.22 -8.29 36.58
C ALA R 200 45.59 -9.36 35.70
N GLU R 201 45.90 -9.35 34.40
CA GLU R 201 45.25 -10.26 33.46
C GLU R 201 45.42 -11.71 33.90
N TRP R 202 46.62 -12.07 34.36
CA TRP R 202 46.83 -13.43 34.84
C TRP R 202 45.86 -13.79 35.94
N LEU R 203 45.71 -12.90 36.92
CA LEU R 203 44.68 -13.09 37.95
C LEU R 203 43.30 -13.13 37.32
N LEU R 204 43.04 -12.21 36.38
CA LEU R 204 41.75 -12.21 35.71
C LEU R 204 41.58 -13.47 34.88
N PHE R 205 42.61 -13.86 34.12
CA PHE R 205 42.59 -15.15 33.44
C PHE R 205 42.46 -16.30 34.44
N PHE R 206 42.83 -16.07 35.69
CA PHE R 206 42.66 -17.09 36.72
C PHE R 206 41.24 -17.08 37.28
N THR R 207 40.79 -15.93 37.78
CA THR R 207 39.47 -15.87 38.41
C THR R 207 38.33 -15.94 37.41
N ASN R 208 38.58 -15.64 36.14
CA ASN R 208 37.58 -15.70 35.07
C ASN R 208 36.38 -14.80 35.33
N THR R 209 36.54 -13.82 36.22
CA THR R 209 35.52 -12.79 36.44
C THR R 209 35.87 -11.50 35.70
N GLU R 210 36.44 -11.65 34.50
CA GLU R 210 37.01 -10.50 33.80
C GLU R 210 35.93 -9.61 33.21
N ASN R 211 34.76 -10.17 32.87
CA ASN R 211 33.68 -9.36 32.33
C ASN R 211 33.18 -8.32 33.31
N LYS R 212 33.44 -8.50 34.61
CA LYS R 212 33.11 -7.48 35.61
C LYS R 212 34.09 -6.32 35.48
N ASP R 213 33.70 -5.32 34.70
CA ASP R 213 34.55 -4.16 34.44
C ASP R 213 34.96 -3.44 35.71
N ILE R 214 34.22 -3.62 36.82
CA ILE R 214 34.56 -2.94 38.07
C ILE R 214 36.02 -3.22 38.44
N TYR R 215 36.48 -4.45 38.25
CA TYR R 215 37.88 -4.76 38.49
C TYR R 215 38.77 -4.03 37.50
N TRP R 216 38.41 -4.06 36.21
CA TRP R 216 39.12 -3.23 35.25
C TRP R 216 38.98 -1.76 35.61
N LYS R 217 37.79 -1.35 36.04
CA LYS R 217 37.63 -0.02 36.62
C LYS R 217 38.53 0.14 37.84
N ASN R 218 38.68 -0.92 38.64
CA ASN R 218 39.53 -0.84 39.81
C ASN R 218 40.99 -0.66 39.40
N VAL R 219 41.48 -1.54 38.52
CA VAL R 219 42.91 -1.51 38.18
C VAL R 219 43.26 -0.26 37.38
N ARG R 220 42.32 0.26 36.59
CA ARG R 220 42.64 1.36 35.69
C ARG R 220 43.04 2.62 36.44
N GLU R 221 42.56 2.78 37.68
CA GLU R 221 42.86 3.96 38.46
C GLU R 221 43.60 3.64 39.75
N LYS R 222 43.16 2.63 40.50
CA LYS R 222 43.78 2.32 41.78
C LYS R 222 45.22 1.87 41.58
N LEU R 223 45.45 1.00 40.60
CA LEU R 223 46.81 0.56 40.31
C LEU R 223 47.57 1.64 39.57
N SER R 224 48.82 1.88 39.98
CA SER R 224 49.69 2.85 39.35
C SER R 224 50.71 2.11 38.50
N ALA R 225 50.76 2.43 37.21
CA ALA R 225 51.68 1.77 36.29
C ALA R 225 53.10 2.13 36.69
N GLY R 226 53.79 1.19 37.33
CA GLY R 226 55.09 1.46 37.90
C GLY R 226 56.05 0.28 37.82
N GLU R 227 56.61 -0.08 38.97
CA GLU R 227 57.58 -1.17 39.07
C GLU R 227 56.95 -2.50 38.73
N SER R 228 57.72 -3.58 38.81
CA SER R 228 57.29 -4.87 38.30
C SER R 228 57.41 -5.96 39.37
N ILE R 229 57.21 -7.21 38.93
CA ILE R 229 57.24 -8.39 39.78
C ILE R 229 58.13 -9.43 39.12
N SER R 230 59.07 -9.97 39.88
CA SER R 230 60.03 -10.93 39.35
C SER R 230 59.37 -12.30 39.22
N LEU R 231 60.17 -13.31 38.90
CA LEU R 231 59.63 -14.66 38.75
C LEU R 231 59.33 -15.29 40.10
N ASP R 232 60.20 -15.08 41.09
CA ASP R 232 60.00 -15.70 42.40
C ASP R 232 58.68 -15.27 43.02
N GLU R 233 58.40 -13.98 43.00
CA GLU R 233 57.15 -13.49 43.58
C GLU R 233 55.95 -14.00 42.81
N PHE R 234 56.09 -14.18 41.49
CA PHE R 234 54.98 -14.74 40.72
C PHE R 234 54.90 -16.24 40.87
N LYS R 235 56.03 -16.95 40.77
CA LYS R 235 56.01 -18.40 40.84
C LYS R 235 55.53 -18.86 42.22
N SER R 236 55.89 -18.12 43.27
CA SER R 236 55.34 -18.42 44.59
C SER R 236 53.84 -18.25 44.61
N PHE R 237 53.35 -17.13 44.07
CA PHE R 237 51.92 -16.90 44.02
C PHE R 237 51.21 -17.99 43.25
N CYS R 238 51.73 -18.35 42.08
CA CYS R 238 51.13 -19.45 41.33
C CYS R 238 51.15 -20.73 42.12
N HIS R 239 52.23 -20.97 42.87
CA HIS R 239 52.29 -22.14 43.73
C HIS R 239 51.32 -22.04 44.89
N PHE R 240 51.13 -20.82 45.41
CA PHE R 240 50.13 -20.60 46.45
C PHE R 240 48.75 -21.08 46.02
N THR R 241 48.39 -20.85 44.76
CA THR R 241 47.09 -21.30 44.28
C THR R 241 47.03 -22.81 44.12
N THR R 242 48.17 -23.48 44.01
CA THR R 242 48.16 -24.94 44.00
C THR R 242 47.68 -25.49 45.35
N HIS R 243 47.97 -24.78 46.43
CA HIS R 243 47.50 -25.13 47.76
C HIS R 243 46.26 -24.35 48.16
N LEU R 244 45.38 -24.03 47.21
CA LEU R 244 44.30 -23.09 47.46
C LEU R 244 43.39 -23.56 48.60
N GLU R 245 43.04 -24.85 48.60
CA GLU R 245 42.06 -25.35 49.56
C GLU R 245 42.53 -25.16 50.99
N ASP R 246 43.73 -25.69 51.31
CA ASP R 246 44.25 -25.60 52.67
C ASP R 246 44.25 -24.17 53.17
N PHE R 247 44.44 -23.20 52.28
CA PHE R 247 44.28 -21.80 52.67
C PHE R 247 42.84 -21.50 53.03
N ALA R 248 41.89 -21.95 52.20
CA ALA R 248 40.49 -21.62 52.43
C ALA R 248 40.00 -22.14 53.77
N ILE R 249 40.47 -23.32 54.17
CA ILE R 249 40.04 -23.88 55.45
C ILE R 249 40.60 -23.05 56.60
N ALA R 250 41.87 -22.68 56.52
CA ALA R 250 42.43 -21.77 57.50
C ALA R 250 41.74 -20.41 57.52
N MET R 251 40.88 -20.14 56.54
CA MET R 251 40.09 -18.93 56.50
C MET R 251 38.64 -19.16 56.87
N GLN R 252 38.28 -20.39 57.27
CA GLN R 252 36.89 -20.66 57.63
C GLN R 252 36.46 -19.83 58.82
N MET R 253 37.27 -19.82 59.88
CA MET R 253 36.91 -19.07 61.09
C MET R 253 36.72 -17.58 60.79
N PHE R 254 37.49 -17.05 59.85
CA PHE R 254 37.37 -15.63 59.51
C PHE R 254 36.24 -15.38 58.51
N SER R 255 36.02 -16.32 57.58
CA SER R 255 34.96 -16.15 56.60
C SER R 255 33.59 -16.11 57.27
N LEU R 256 33.31 -17.08 58.13
CA LEU R 256 32.08 -17.04 58.91
C LEU R 256 32.04 -15.82 59.81
N ALA R 257 33.20 -15.37 60.29
CA ALA R 257 33.26 -14.13 61.04
C ALA R 257 33.04 -12.91 60.15
N HIS R 258 33.23 -13.06 58.84
CA HIS R 258 33.01 -12.01 57.84
C HIS R 258 33.94 -10.82 58.01
N ARG R 259 34.87 -10.88 58.95
CA ARG R 259 35.77 -9.76 59.13
C ARG R 259 36.80 -9.74 58.01
N PRO R 260 36.90 -8.67 57.23
CA PRO R 260 37.85 -8.63 56.13
C PRO R 260 39.28 -8.55 56.63
N VAL R 261 40.18 -9.23 55.93
CA VAL R 261 41.52 -9.51 56.42
C VAL R 261 42.46 -8.39 56.00
N ARG R 262 43.43 -8.09 56.88
CA ARG R 262 44.47 -7.11 56.63
C ARG R 262 45.66 -7.79 55.95
N LEU R 263 46.55 -6.96 55.37
CA LEU R 263 47.71 -7.48 54.65
C LEU R 263 48.53 -8.42 55.52
N ALA R 264 49.10 -7.89 56.61
CA ALA R 264 49.94 -8.70 57.48
C ALA R 264 49.22 -9.94 57.96
N GLU R 265 47.94 -9.79 58.34
CA GLU R 265 47.12 -10.96 58.63
C GLU R 265 47.11 -11.92 57.45
N PHE R 266 46.94 -11.40 56.24
CA PHE R 266 46.87 -12.26 55.07
C PHE R 266 48.21 -12.92 54.80
N LYS R 267 49.31 -12.25 55.12
CA LYS R 267 50.63 -12.84 54.93
C LYS R 267 50.82 -14.06 55.82
N ARG R 268 50.74 -13.87 57.14
CA ARG R 268 50.86 -14.99 58.06
C ARG R 268 49.85 -16.08 57.75
N ALA R 269 48.66 -15.69 57.26
CA ALA R 269 47.68 -16.67 56.84
C ALA R 269 48.23 -17.56 55.74
N VAL R 270 48.54 -16.97 54.58
CA VAL R 270 49.08 -17.76 53.47
C VAL R 270 50.43 -18.36 53.83
N LYS R 271 51.12 -17.79 54.82
CA LYS R 271 52.37 -18.39 55.28
C LYS R 271 52.13 -19.77 55.84
N VAL R 272 51.33 -19.86 56.90
CA VAL R 272 51.05 -21.17 57.48
C VAL R 272 50.16 -22.00 56.57
N ALA R 273 49.43 -21.37 55.64
CA ALA R 273 48.55 -22.13 54.77
C ALA R 273 49.34 -22.95 53.76
N THR R 274 50.14 -22.29 52.93
CA THR R 274 50.87 -22.96 51.87
C THR R 274 52.29 -23.33 52.28
N GLY R 275 52.86 -22.61 53.24
CA GLY R 275 54.29 -22.69 53.49
C GLY R 275 55.11 -21.82 52.59
N GLN R 276 54.49 -21.04 51.71
CA GLN R 276 55.19 -20.20 50.74
C GLN R 276 54.90 -18.75 51.05
N GLU R 277 55.92 -18.01 51.45
CA GLU R 277 55.77 -16.59 51.70
C GLU R 277 55.61 -15.84 50.40
N LEU R 278 54.95 -14.69 50.46
CA LEU R 278 54.76 -13.80 49.32
C LEU R 278 55.39 -12.45 49.61
N SER R 279 55.32 -11.55 48.64
CA SER R 279 55.80 -10.19 48.80
C SER R 279 54.62 -9.23 48.84
N ASN R 280 54.71 -8.24 49.72
CA ASN R 280 53.65 -7.23 49.82
C ASN R 280 53.42 -6.54 48.48
N ASN R 281 54.46 -6.42 47.65
CA ASN R 281 54.32 -5.81 46.34
C ASN R 281 53.26 -6.53 45.51
N ILE R 282 53.03 -7.81 45.78
CA ILE R 282 51.96 -8.53 45.10
C ILE R 282 50.62 -8.24 45.78
N LEU R 283 50.52 -8.62 47.05
CA LEU R 283 49.23 -8.68 47.71
C LEU R 283 48.61 -7.31 47.89
N ASP R 284 49.43 -6.26 48.05
CA ASP R 284 48.88 -4.93 48.08
C ASP R 284 48.10 -4.62 46.80
N THR R 285 48.70 -4.96 45.65
CA THR R 285 47.96 -4.86 44.39
C THR R 285 46.75 -5.78 44.42
N VAL R 286 46.95 -7.04 44.81
CA VAL R 286 45.83 -7.95 45.02
C VAL R 286 44.78 -7.30 45.90
N PHE R 287 45.22 -6.68 47.00
CA PHE R 287 44.32 -5.85 47.77
C PHE R 287 43.80 -4.68 46.93
N LYS R 288 44.71 -3.95 46.29
CA LYS R 288 44.31 -2.77 45.52
C LYS R 288 43.35 -3.11 44.40
N ILE R 289 43.36 -4.35 43.92
CA ILE R 289 42.44 -4.74 42.85
C ILE R 289 41.20 -5.42 43.39
N PHE R 290 41.31 -6.16 44.50
CA PHE R 290 40.18 -6.92 45.01
C PHE R 290 39.39 -6.19 46.09
N ASP R 291 39.89 -5.07 46.61
CA ASP R 291 39.21 -4.37 47.69
C ASP R 291 38.28 -3.29 47.13
N LEU R 292 37.29 -3.74 46.35
CA LEU R 292 36.31 -2.82 45.79
C LEU R 292 35.50 -2.12 46.89
N ASP R 293 35.31 -2.77 48.03
CA ASP R 293 34.61 -2.13 49.14
C ASP R 293 35.36 -0.92 49.68
N GLY R 294 36.65 -0.80 49.37
CA GLY R 294 37.41 0.37 49.77
C GLY R 294 37.84 0.41 51.21
N ASP R 295 37.71 -0.68 51.95
CA ASP R 295 38.14 -0.71 53.33
C ASP R 295 39.58 -1.21 53.50
N GLU R 296 40.27 -1.51 52.41
CA GLU R 296 41.63 -2.04 52.43
C GLU R 296 41.74 -3.33 53.21
N CYS R 297 40.64 -4.09 53.29
CA CYS R 297 40.63 -5.38 53.96
C CYS R 297 39.79 -6.34 53.14
N LEU R 298 40.33 -7.53 52.89
CA LEU R 298 39.70 -8.49 51.99
C LEU R 298 38.71 -9.35 52.76
N SER R 299 37.43 -9.14 52.50
CA SER R 299 36.43 -10.07 53.03
C SER R 299 36.45 -11.37 52.24
N HIS R 300 35.81 -12.39 52.80
CA HIS R 300 35.81 -13.70 52.16
C HIS R 300 35.19 -13.63 50.77
N GLU R 301 34.03 -12.99 50.65
CA GLU R 301 33.37 -12.88 49.36
C GLU R 301 34.17 -12.03 48.38
N GLU R 302 35.07 -11.17 48.86
CA GLU R 302 35.86 -10.36 47.95
C GLU R 302 36.83 -11.22 47.16
N PHE R 303 37.77 -11.89 47.84
CA PHE R 303 38.78 -12.68 47.14
C PHE R 303 38.29 -14.10 46.89
N LEU R 304 37.99 -14.83 47.96
CA LEU R 304 37.53 -16.21 47.80
C LEU R 304 36.26 -16.28 46.96
N GLY R 305 35.37 -15.28 47.11
CA GLY R 305 34.11 -15.30 46.38
C GLY R 305 34.31 -15.36 44.88
N VAL R 306 35.21 -14.54 44.35
CA VAL R 306 35.44 -14.57 42.91
C VAL R 306 36.35 -15.73 42.52
N LEU R 307 37.17 -16.22 43.46
CA LEU R 307 38.05 -17.33 43.14
C LEU R 307 37.28 -18.62 42.89
N LYS R 308 36.09 -18.76 43.49
CA LYS R 308 35.25 -19.93 43.21
C LYS R 308 34.34 -19.71 42.01
N ASN R 309 34.68 -18.79 41.13
CA ASN R 309 33.93 -18.64 39.87
C ASN R 309 34.24 -19.78 38.92
N ARG R 310 35.45 -20.31 38.95
CA ARG R 310 35.81 -21.45 38.13
C ARG R 310 35.91 -22.72 38.97
N SER S 1 66.03 22.64 -38.92
CA SER S 1 65.36 21.40 -38.52
C SER S 1 64.74 21.54 -37.14
N GLY S 2 63.66 22.31 -37.06
CA GLY S 2 63.02 22.54 -35.77
C GLY S 2 62.38 21.28 -35.20
N PHE S 3 61.28 20.84 -35.82
CA PHE S 3 60.52 19.71 -35.28
C PHE S 3 60.86 18.39 -35.97
N ARG S 4 61.93 18.36 -36.77
CA ARG S 4 62.36 17.11 -37.38
C ARG S 4 62.55 16.01 -36.36
N ASP S 5 63.41 16.24 -35.36
CA ASP S 5 63.89 15.17 -34.51
C ASP S 5 63.59 15.42 -33.04
N ARG S 6 62.86 16.49 -32.71
CA ARG S 6 62.48 16.72 -31.32
C ARG S 6 61.44 15.72 -30.84
N LYS S 7 61.07 14.76 -31.69
CA LYS S 7 60.37 13.56 -31.25
C LYS S 7 61.36 12.44 -30.95
N VAL S 8 62.28 12.17 -31.87
CA VAL S 8 63.27 11.12 -31.63
C VAL S 8 64.26 11.55 -30.56
N MET S 9 64.62 12.83 -30.50
CA MET S 9 65.48 13.31 -29.42
C MET S 9 64.84 13.05 -28.07
N GLU S 10 63.51 13.12 -28.01
CA GLU S 10 62.80 12.69 -26.81
C GLU S 10 62.55 11.20 -26.82
N TYR S 11 62.31 10.61 -28.00
CA TYR S 11 62.05 9.18 -28.07
C TYR S 11 63.27 8.38 -27.66
N GLU S 12 64.41 8.61 -28.32
CA GLU S 12 65.64 7.95 -27.93
C GLU S 12 65.94 8.20 -26.45
N ASN S 13 65.62 9.40 -25.96
CA ASN S 13 65.69 9.65 -24.53
C ASN S 13 64.72 8.73 -23.78
N ARG S 14 63.50 8.58 -24.30
CA ARG S 14 62.55 7.68 -23.67
C ARG S 14 63.03 6.24 -23.73
N ILE S 15 63.62 5.84 -24.85
CA ILE S 15 64.26 4.53 -24.92
C ILE S 15 65.35 4.41 -23.86
N ARG S 16 66.28 5.38 -23.85
CA ARG S 16 67.33 5.38 -22.85
C ARG S 16 66.80 5.63 -21.45
N ALA S 17 65.55 6.09 -21.33
CA ALA S 17 64.95 6.22 -20.00
C ALA S 17 64.55 4.85 -19.46
N TYR S 18 63.74 4.11 -20.23
CA TYR S 18 63.33 2.76 -19.83
C TYR S 18 62.84 2.05 -21.07
N SER S 19 63.54 0.99 -21.47
CA SER S 19 63.19 0.21 -22.66
C SER S 19 64.02 -1.07 -22.65
N THR S 20 63.81 -1.89 -23.67
CA THR S 20 64.49 -3.17 -23.84
C THR S 20 65.86 -2.98 -24.49
N PRO S 21 66.86 -3.73 -24.05
CA PRO S 21 68.21 -3.54 -24.60
C PRO S 21 68.38 -4.00 -26.03
N ASP S 22 67.41 -4.72 -26.59
CA ASP S 22 67.58 -5.33 -27.91
C ASP S 22 67.89 -4.29 -28.97
N LYS S 23 66.95 -3.38 -29.23
CA LYS S 23 67.23 -2.30 -30.17
C LYS S 23 68.31 -1.37 -29.63
N ILE S 24 68.46 -1.31 -28.31
CA ILE S 24 69.43 -0.41 -27.70
C ILE S 24 70.83 -0.70 -28.22
N PHE S 25 71.19 -1.98 -28.32
CA PHE S 25 72.49 -2.33 -28.88
C PHE S 25 72.44 -2.55 -30.39
N ARG S 26 71.24 -2.61 -30.97
CA ARG S 26 71.12 -2.70 -32.42
C ARG S 26 71.63 -1.47 -33.14
N TYR S 27 71.91 -0.39 -32.42
CA TYR S 27 72.36 0.87 -33.02
C TYR S 27 73.79 0.80 -33.53
N PHE S 28 74.40 -0.38 -33.57
CA PHE S 28 75.72 -0.54 -34.15
C PHE S 28 75.69 -0.22 -35.64
N THR S 45 77.35 -0.08 -30.94
CA THR S 45 77.98 -1.13 -30.13
C THR S 45 79.51 -1.07 -30.11
N PRO S 46 80.18 -0.92 -31.29
CA PRO S 46 81.64 -0.80 -31.28
C PRO S 46 82.10 0.36 -30.42
N GLU S 47 81.62 1.56 -30.76
CA GLU S 47 81.72 2.72 -29.89
C GLU S 47 80.47 3.57 -29.93
N ASP S 48 79.48 3.22 -30.75
CA ASP S 48 78.20 3.91 -30.76
C ASP S 48 77.54 3.91 -29.39
N PHE S 49 77.94 2.99 -28.50
CA PHE S 49 77.41 2.94 -27.15
C PHE S 49 77.38 4.31 -26.48
N VAL S 50 78.30 5.21 -26.86
CA VAL S 50 78.29 6.56 -26.33
C VAL S 50 76.96 7.26 -26.59
N ARG S 51 76.14 6.72 -27.50
CA ARG S 51 74.76 7.21 -27.66
C ARG S 51 73.95 7.07 -26.38
N SER S 52 74.48 6.40 -25.35
CA SER S 52 73.78 6.23 -24.09
C SER S 52 73.57 7.55 -23.35
N ILE S 53 74.00 8.68 -23.91
CA ILE S 53 73.78 9.96 -23.27
C ILE S 53 72.64 10.69 -23.98
N THR S 54 72.83 11.01 -25.25
CA THR S 54 71.82 11.70 -26.05
C THR S 54 72.23 11.75 -27.52
N SER S 90 89.65 7.83 -22.53
CA SER S 90 90.69 7.33 -23.42
C SER S 90 90.70 5.80 -23.45
N ILE S 91 89.74 5.19 -22.75
CA ILE S 91 89.65 3.74 -22.74
C ILE S 91 89.33 3.21 -24.13
N PHE S 92 88.46 3.90 -24.85
CA PHE S 92 88.00 3.40 -26.14
C PHE S 92 89.12 3.37 -27.18
N TYR S 93 90.17 4.17 -27.00
CA TYR S 93 91.36 3.99 -27.83
C TYR S 93 91.97 2.62 -27.59
N THR S 94 91.84 2.10 -26.37
CA THR S 94 92.27 0.75 -26.03
C THR S 94 91.19 -0.29 -26.29
N LEU S 95 90.13 0.06 -27.01
CA LEU S 95 89.05 -0.87 -27.33
C LEU S 95 89.35 -1.57 -28.64
N GLY S 96 90.12 -2.65 -28.56
CA GLY S 96 90.32 -3.52 -29.70
C GLY S 96 89.17 -4.49 -29.84
N GLU S 97 87.96 -3.92 -29.88
CA GLU S 97 86.73 -4.69 -29.79
C GLU S 97 86.34 -5.27 -31.14
N CYS S 98 85.20 -5.97 -31.15
CA CYS S 98 84.59 -6.53 -32.35
C CYS S 98 83.18 -5.96 -32.44
N GLY S 99 82.89 -5.26 -33.54
CA GLY S 99 81.78 -4.30 -33.61
C GLY S 99 80.51 -4.79 -32.94
N LEU S 100 79.94 -5.90 -33.40
CA LEU S 100 78.78 -6.51 -32.75
C LEU S 100 79.30 -7.32 -31.57
N ILE S 101 79.67 -6.61 -30.50
CA ILE S 101 80.36 -7.25 -29.39
C ILE S 101 79.41 -8.23 -28.72
N SER S 102 78.36 -7.70 -28.10
CA SER S 102 77.34 -8.48 -27.40
C SER S 102 76.33 -7.50 -26.82
N PHE S 103 75.27 -8.04 -26.24
CA PHE S 103 74.45 -7.29 -25.32
C PHE S 103 74.64 -7.73 -23.87
N SER S 104 75.15 -8.94 -23.67
CA SER S 104 75.52 -9.38 -22.32
C SER S 104 76.56 -8.45 -21.71
N ASP S 105 77.70 -8.28 -22.41
CA ASP S 105 78.69 -7.30 -21.98
C ASP S 105 78.07 -5.93 -21.80
N TYR S 106 77.16 -5.55 -22.70
CA TYR S 106 76.44 -4.30 -22.54
C TYR S 106 75.77 -4.24 -21.17
N ILE S 107 74.99 -5.27 -20.84
CA ILE S 107 74.40 -5.36 -19.50
C ILE S 107 75.47 -5.20 -18.44
N PHE S 108 76.60 -5.90 -18.62
CA PHE S 108 77.75 -5.67 -17.76
C PHE S 108 78.20 -4.21 -17.84
N LEU S 109 78.31 -3.68 -19.06
CA LEU S 109 78.93 -2.37 -19.25
C LEU S 109 78.20 -1.27 -18.48
N THR S 110 76.89 -1.11 -18.70
CA THR S 110 76.18 -0.04 -17.99
C THR S 110 76.28 -0.23 -16.49
N THR S 111 76.31 -1.48 -16.03
CA THR S 111 76.49 -1.71 -14.60
C THR S 111 77.86 -1.27 -14.13
N VAL S 112 78.87 -1.28 -15.01
CA VAL S 112 80.15 -0.71 -14.65
C VAL S 112 79.99 0.78 -14.36
N LEU S 113 78.93 1.39 -14.88
CA LEU S 113 78.56 2.74 -14.49
C LEU S 113 77.35 2.78 -13.58
N SER S 114 76.52 1.73 -13.57
CA SER S 114 75.31 1.75 -12.75
C SER S 114 75.61 1.34 -11.31
N THR S 115 76.26 0.20 -11.10
CA THR S 115 76.58 -0.25 -9.75
C THR S 115 77.43 0.78 -9.03
N PRO S 116 77.10 1.15 -7.81
CA PRO S 116 77.90 2.14 -7.09
C PRO S 116 79.23 1.58 -6.60
N GLN S 117 79.97 2.40 -5.86
CA GLN S 117 81.34 2.06 -5.48
C GLN S 117 81.40 0.83 -4.59
N ARG S 118 80.81 0.91 -3.39
CA ARG S 118 80.99 -0.18 -2.42
C ARG S 118 80.26 -1.44 -2.84
N ASN S 119 79.27 -1.35 -3.72
CA ASN S 119 78.45 -2.51 -4.01
C ASN S 119 79.12 -3.44 -5.02
N PHE S 120 79.76 -2.88 -6.05
CA PHE S 120 80.31 -3.75 -7.09
C PHE S 120 81.42 -4.63 -6.57
N GLU S 121 81.99 -4.31 -5.40
CA GLU S 121 82.86 -5.26 -4.73
C GLU S 121 82.15 -6.60 -4.53
N ILE S 122 80.85 -6.56 -4.24
CA ILE S 122 80.09 -7.79 -4.11
C ILE S 122 79.90 -8.43 -5.48
N ALA S 123 79.55 -7.62 -6.49
CA ALA S 123 79.55 -8.13 -7.86
C ALA S 123 80.91 -8.72 -8.20
N PHE S 124 81.99 -8.05 -7.77
CA PHE S 124 83.32 -8.64 -7.86
C PHE S 124 83.38 -9.97 -7.13
N LYS S 125 82.87 -10.00 -5.89
CA LYS S 125 82.83 -11.26 -5.14
C LYS S 125 81.93 -12.28 -5.82
N MET S 126 80.72 -11.86 -6.20
CA MET S 126 79.82 -12.75 -6.92
C MET S 126 80.48 -13.26 -8.20
N PHE S 127 81.26 -12.41 -8.86
CA PHE S 127 82.02 -12.84 -10.02
C PHE S 127 83.02 -13.93 -9.67
N ASP S 128 83.39 -14.06 -8.40
CA ASP S 128 84.48 -14.92 -7.96
C ASP S 128 83.99 -16.26 -7.43
N LEU S 129 82.94 -16.84 -8.04
CA LEU S 129 82.41 -18.11 -7.56
C LEU S 129 83.46 -19.20 -7.51
N ASN S 130 84.52 -19.12 -8.31
CA ASN S 130 85.65 -20.01 -8.18
C ASN S 130 86.52 -19.66 -6.98
N GLY S 131 86.27 -18.55 -6.32
CA GLY S 131 87.14 -18.13 -5.23
C GLY S 131 88.49 -17.73 -5.76
N ASP S 132 89.53 -18.06 -4.98
CA ASP S 132 90.94 -17.82 -5.34
C ASP S 132 91.19 -16.41 -5.85
N GLY S 133 90.33 -15.46 -5.49
CA GLY S 133 90.49 -14.08 -5.91
C GLY S 133 90.53 -13.87 -7.41
N GLU S 134 90.14 -14.88 -8.18
CA GLU S 134 90.28 -14.81 -9.63
C GLU S 134 89.28 -15.75 -10.29
N VAL S 135 88.67 -15.28 -11.38
CA VAL S 135 87.73 -16.07 -12.18
C VAL S 135 87.89 -15.68 -13.63
N ASP S 136 88.09 -16.66 -14.50
CA ASP S 136 88.22 -16.44 -15.93
C ASP S 136 86.86 -16.59 -16.61
N MET S 137 86.88 -16.68 -17.94
CA MET S 137 85.65 -16.68 -18.73
C MET S 137 84.71 -17.84 -18.41
N GLU S 138 85.22 -18.92 -17.81
CA GLU S 138 84.40 -20.10 -17.57
C GLU S 138 83.12 -19.72 -16.84
N GLU S 139 83.23 -19.16 -15.64
CA GLU S 139 82.07 -18.62 -14.97
C GLU S 139 81.63 -17.31 -15.63
N PHE S 140 82.59 -16.50 -16.06
CA PHE S 140 82.30 -15.18 -16.61
C PHE S 140 81.46 -15.27 -17.86
N GLU S 141 81.99 -15.87 -18.94
CA GLU S 141 81.25 -15.93 -20.18
C GLU S 141 79.98 -16.77 -20.05
N GLN S 142 79.94 -17.69 -19.07
CA GLN S 142 78.71 -18.46 -18.85
C GLN S 142 77.59 -17.53 -18.41
N VAL S 143 77.77 -16.83 -17.30
CA VAL S 143 76.76 -15.88 -16.85
C VAL S 143 76.57 -14.76 -17.87
N GLN S 144 77.53 -14.57 -18.78
CA GLN S 144 77.26 -13.74 -19.94
C GLN S 144 76.28 -14.41 -20.89
N SER S 145 76.39 -15.73 -21.03
CA SER S 145 75.53 -16.44 -21.98
C SER S 145 74.12 -16.62 -21.43
N ILE S 146 73.95 -16.61 -20.11
CA ILE S 146 72.65 -16.93 -19.53
C ILE S 146 71.57 -15.94 -19.93
N ILE S 147 71.94 -14.73 -20.36
CA ILE S 147 70.93 -13.76 -20.76
C ILE S 147 70.27 -14.18 -22.06
N ARG S 148 71.04 -14.77 -22.97
CA ARG S 148 70.49 -15.19 -24.26
C ARG S 148 69.96 -16.61 -24.18
N SER S 173 84.10 -8.70 -25.86
CA SER S 173 85.31 -9.50 -26.01
C SER S 173 86.54 -8.67 -25.65
N ALA S 174 86.52 -7.38 -26.02
CA ALA S 174 87.65 -6.51 -25.74
C ALA S 174 87.96 -6.46 -24.25
N LEU S 175 86.92 -6.40 -23.42
CA LEU S 175 87.12 -6.43 -21.98
C LEU S 175 87.88 -7.68 -21.55
N THR S 176 87.55 -8.83 -22.15
CA THR S 176 88.32 -10.04 -21.88
C THR S 176 89.75 -9.89 -22.36
N THR S 177 89.93 -9.37 -23.58
CA THR S 177 91.28 -9.04 -24.05
C THR S 177 91.89 -7.93 -23.19
N TYR S 178 91.07 -7.09 -22.58
CA TYR S 178 91.60 -6.09 -21.66
C TYR S 178 91.85 -6.66 -20.28
N PHE S 179 91.07 -7.66 -19.86
CA PHE S 179 91.27 -8.27 -18.55
C PHE S 179 92.20 -9.47 -18.65
N PHE S 180 91.82 -10.49 -19.40
CA PHE S 180 92.59 -11.72 -19.50
C PHE S 180 93.58 -11.69 -20.66
N GLY S 181 94.00 -10.50 -21.09
CA GLY S 181 94.96 -10.37 -22.16
C GLY S 181 94.43 -10.77 -23.52
N ALA S 182 95.13 -10.36 -24.58
CA ALA S 182 94.73 -10.77 -25.92
C ALA S 182 94.73 -12.28 -26.06
N ASP S 183 95.56 -12.97 -25.27
CA ASP S 183 95.51 -14.43 -25.24
C ASP S 183 94.17 -14.94 -24.73
N LEU S 184 93.45 -14.13 -23.95
CA LEU S 184 92.14 -14.42 -23.38
C LEU S 184 92.20 -15.50 -22.31
N LYS S 185 93.36 -16.12 -22.08
CA LYS S 185 93.51 -17.20 -21.12
C LYS S 185 94.17 -16.76 -19.83
N GLY S 186 95.24 -15.98 -19.91
CA GLY S 186 95.94 -15.53 -18.72
C GLY S 186 95.05 -14.74 -17.80
N LYS S 187 94.67 -15.35 -16.67
CA LYS S 187 93.68 -14.75 -15.77
C LYS S 187 94.36 -13.72 -14.89
N LEU S 188 94.07 -12.44 -15.15
CA LEU S 188 94.57 -11.37 -14.32
C LEU S 188 93.88 -11.42 -12.95
N THR S 189 94.46 -10.71 -11.99
CA THR S 189 93.77 -10.50 -10.73
C THR S 189 92.50 -9.70 -10.97
N ILE S 190 91.37 -10.25 -10.56
CA ILE S 190 90.08 -9.63 -10.84
C ILE S 190 89.89 -8.44 -9.89
N LYS S 191 90.88 -8.20 -9.03
CA LYS S 191 90.92 -6.94 -8.30
C LYS S 191 90.98 -5.76 -9.25
N ASN S 192 91.46 -5.99 -10.48
CA ASN S 192 91.52 -4.94 -11.49
C ASN S 192 90.13 -4.60 -12.01
N PHE S 193 89.11 -5.22 -11.43
CA PHE S 193 87.73 -4.84 -11.72
C PHE S 193 87.42 -3.45 -11.22
N LEU S 194 88.09 -3.01 -10.15
CA LEU S 194 87.81 -1.70 -9.57
C LEU S 194 88.33 -0.59 -10.46
N GLU S 195 89.65 -0.56 -10.68
CA GLU S 195 90.26 0.50 -11.48
C GLU S 195 89.60 0.59 -12.85
N PHE S 196 89.34 -0.56 -13.48
CA PHE S 196 88.59 -0.57 -14.74
C PHE S 196 87.25 0.13 -14.58
N GLN S 197 86.55 -0.14 -13.48
CA GLN S 197 85.32 0.58 -13.20
C GLN S 197 85.58 2.06 -12.96
N ARG S 198 86.76 2.41 -12.45
CA ARG S 198 87.04 3.80 -12.13
C ARG S 198 87.17 4.65 -13.38
N LYS S 199 87.99 4.22 -14.34
CA LYS S 199 88.24 5.05 -15.51
C LYS S 199 87.02 5.13 -16.41
N LEU S 200 86.28 4.02 -16.55
CA LEU S 200 85.09 4.03 -17.40
C LEU S 200 84.08 5.05 -16.90
N GLN S 201 83.81 5.05 -15.59
CA GLN S 201 82.94 6.08 -15.02
C GLN S 201 83.50 7.46 -15.30
N HIS S 202 84.83 7.59 -15.35
CA HIS S 202 85.46 8.87 -15.64
C HIS S 202 85.33 9.22 -17.12
N ASP S 203 85.64 8.28 -18.01
CA ASP S 203 85.70 8.60 -19.43
C ASP S 203 84.34 9.01 -19.98
N VAL S 204 83.30 8.23 -19.68
CA VAL S 204 81.95 8.60 -20.13
C VAL S 204 81.58 9.96 -19.58
N LEU S 205 81.87 10.20 -18.30
CA LEU S 205 81.71 11.53 -17.74
C LEU S 205 82.61 12.53 -18.45
N LYS S 206 83.83 12.15 -18.79
CA LYS S 206 84.73 13.03 -19.52
C LYS S 206 84.13 13.44 -20.85
N LEU S 207 83.87 12.46 -21.72
CA LEU S 207 83.37 12.77 -23.06
C LEU S 207 82.10 13.63 -22.98
N GLU S 208 81.24 13.36 -22.00
CA GLU S 208 80.05 14.17 -21.83
C GLU S 208 80.41 15.61 -21.46
N PHE S 209 81.47 15.79 -20.68
CA PHE S 209 81.89 17.14 -20.32
C PHE S 209 82.28 17.94 -21.54
N GLU S 210 82.92 17.31 -22.53
CA GLU S 210 83.21 18.01 -23.78
C GLU S 210 81.96 18.24 -24.62
N ARG S 211 80.99 17.33 -24.55
CA ARG S 211 79.74 17.53 -25.27
C ARG S 211 79.04 18.82 -24.85
N HIS S 212 79.27 19.28 -23.62
CA HIS S 212 78.76 20.57 -23.18
C HIS S 212 79.74 21.70 -23.43
N ASP S 213 80.83 21.43 -24.16
CA ASP S 213 81.78 22.45 -24.61
C ASP S 213 82.29 23.29 -23.44
N PRO S 214 83.16 22.75 -22.61
CA PRO S 214 83.66 23.52 -21.45
C PRO S 214 84.45 24.73 -21.88
N VAL S 215 83.92 25.93 -21.61
CA VAL S 215 84.64 27.16 -21.89
C VAL S 215 85.54 27.48 -20.71
N ASP S 216 86.81 27.79 -21.01
CA ASP S 216 87.83 27.97 -19.97
C ASP S 216 87.87 26.75 -19.05
N GLY S 217 87.74 25.57 -19.65
CA GLY S 217 87.65 24.34 -18.87
C GLY S 217 86.47 24.28 -17.93
N ARG S 218 85.46 25.12 -18.14
CA ARG S 218 84.32 25.21 -17.24
C ARG S 218 83.04 25.29 -18.04
N ILE S 219 81.94 24.85 -17.43
CA ILE S 219 80.63 24.87 -18.09
C ILE S 219 79.66 25.68 -17.26
N THR S 220 78.58 26.09 -17.92
CA THR S 220 77.58 26.92 -17.25
C THR S 220 76.89 26.13 -16.15
N GLU S 221 76.48 26.85 -15.10
CA GLU S 221 75.73 26.21 -14.03
C GLU S 221 74.44 25.58 -14.53
N ARG S 222 73.87 26.12 -15.61
CA ARG S 222 72.68 25.49 -16.19
C ARG S 222 73.06 24.25 -16.99
N GLN S 223 74.32 24.13 -17.41
CA GLN S 223 74.77 22.89 -18.01
C GLN S 223 75.08 21.85 -16.94
N PHE S 224 75.87 22.24 -15.94
CA PHE S 224 76.16 21.35 -14.82
C PHE S 224 74.88 20.88 -14.15
N GLY S 225 73.87 21.74 -14.09
CA GLY S 225 72.56 21.30 -13.65
C GLY S 225 71.83 20.52 -14.72
N GLY S 226 72.08 20.84 -15.99
CA GLY S 226 71.43 20.12 -17.06
C GLY S 226 71.79 18.64 -17.08
N MET S 227 73.08 18.33 -16.95
CA MET S 227 73.50 16.95 -16.94
C MET S 227 72.87 16.17 -15.79
N LEU S 228 72.66 16.82 -14.65
CA LEU S 228 71.89 16.19 -13.57
C LEU S 228 70.54 15.73 -14.09
N LEU S 229 69.80 16.63 -14.71
CA LEU S 229 68.55 16.26 -15.34
C LEU S 229 68.77 15.17 -16.37
N ALA S 230 69.79 15.32 -17.21
CA ALA S 230 70.16 14.26 -18.13
C ALA S 230 70.51 12.99 -17.37
N TYR S 231 71.14 13.13 -16.21
CA TYR S 231 71.39 11.97 -15.37
C TYR S 231 70.09 11.44 -14.78
N SER S 232 69.34 12.30 -14.09
CA SER S 232 68.11 11.86 -13.45
C SER S 232 67.13 11.29 -14.44
N GLY S 233 66.97 11.95 -15.59
CA GLY S 233 66.01 11.52 -16.58
C GLY S 233 64.61 11.52 -16.02
N VAL S 234 64.12 12.69 -15.64
CA VAL S 234 62.78 12.83 -15.09
C VAL S 234 61.99 13.78 -15.98
N GLN S 235 60.67 13.65 -15.94
CA GLN S 235 59.76 14.47 -16.74
C GLN S 235 58.90 15.28 -15.78
N SER S 236 59.41 16.44 -15.37
CA SER S 236 58.69 17.36 -14.51
C SER S 236 58.92 18.77 -15.03
N LYS S 237 57.85 19.38 -15.53
CA LYS S 237 57.99 20.67 -16.20
C LYS S 237 58.54 21.74 -15.25
N LYS S 238 58.20 21.64 -13.96
CA LYS S 238 58.62 22.66 -13.00
C LYS S 238 60.14 22.72 -12.92
N LEU S 239 60.75 21.65 -12.43
CA LEU S 239 62.20 21.61 -12.32
C LEU S 239 62.87 21.76 -13.68
N THR S 240 62.23 21.28 -14.74
CA THR S 240 62.74 21.55 -16.08
C THR S 240 62.87 23.04 -16.31
N ALA S 241 61.83 23.80 -15.98
CA ALA S 241 61.90 25.25 -16.09
C ALA S 241 62.88 25.83 -15.07
N MET S 242 62.91 25.26 -13.86
CA MET S 242 63.89 25.71 -12.88
C MET S 242 65.31 25.61 -13.43
N GLN S 243 65.58 24.56 -14.22
CA GLN S 243 66.86 24.48 -14.90
C GLN S 243 67.06 25.67 -15.82
N ARG S 244 66.01 26.10 -16.51
CA ARG S 244 66.11 27.26 -17.37
C ARG S 244 66.27 28.54 -16.54
N GLN S 245 65.49 28.67 -15.48
CA GLN S 245 65.42 29.90 -14.69
C GLN S 245 66.69 30.15 -13.87
N LEU S 246 67.65 29.23 -13.88
CA LEU S 246 68.80 29.36 -13.01
C LEU S 246 69.66 30.57 -13.36
N LYS S 247 69.73 30.94 -14.64
CA LYS S 247 70.47 32.14 -15.02
C LYS S 247 69.96 33.37 -14.28
N LYS S 248 68.66 33.41 -13.96
CA LYS S 248 68.16 34.46 -13.09
C LYS S 248 68.68 34.28 -11.67
N HIS S 249 68.64 33.05 -11.15
CA HIS S 249 69.20 32.77 -9.84
C HIS S 249 70.73 32.82 -9.84
N PHE S 250 71.36 32.60 -10.99
CA PHE S 250 72.82 32.68 -11.10
C PHE S 250 73.13 33.41 -12.41
N LYS S 251 73.23 34.73 -12.32
CA LYS S 251 73.66 35.56 -13.45
C LYS S 251 75.10 36.00 -13.32
N GLU S 252 75.75 35.73 -12.19
CA GLU S 252 77.14 36.13 -12.01
C GLU S 252 78.06 35.37 -12.96
N GLY S 253 77.93 34.05 -12.98
CA GLY S 253 78.74 33.24 -13.86
C GLY S 253 80.07 32.86 -13.23
N LYS S 254 80.30 31.56 -13.07
CA LYS S 254 81.55 31.08 -12.50
C LYS S 254 82.15 29.99 -13.38
N GLY S 255 81.31 29.29 -14.13
CA GLY S 255 81.75 28.13 -14.87
C GLY S 255 81.96 26.95 -13.96
N LEU S 256 81.70 25.74 -14.46
CA LEU S 256 81.81 24.53 -13.65
C LEU S 256 82.84 23.60 -14.27
N THR S 257 83.92 23.33 -13.52
CA THR S 257 85.03 22.55 -14.02
C THR S 257 84.71 21.05 -13.97
N PHE S 258 85.54 20.28 -14.68
CA PHE S 258 85.30 18.84 -14.75
C PHE S 258 85.54 18.15 -13.42
N GLN S 259 86.37 18.74 -12.55
CA GLN S 259 86.61 18.09 -11.26
C GLN S 259 85.50 18.37 -10.28
N GLU S 260 84.99 19.60 -10.26
CA GLU S 260 83.90 19.93 -9.35
C GLU S 260 82.59 19.27 -9.74
N VAL S 261 82.54 18.61 -10.90
CA VAL S 261 81.37 17.82 -11.25
C VAL S 261 81.63 16.32 -11.07
N GLU S 262 82.87 15.86 -11.28
CA GLU S 262 83.16 14.44 -11.10
C GLU S 262 83.03 14.03 -9.65
N ASN S 263 83.55 14.86 -8.73
CA ASN S 263 83.39 14.58 -7.32
C ASN S 263 81.93 14.47 -6.94
N PHE S 264 81.08 15.32 -7.50
CA PHE S 264 79.66 15.30 -7.17
C PHE S 264 79.00 14.00 -7.63
N PHE S 265 79.38 13.50 -8.81
CA PHE S 265 78.74 12.30 -9.32
C PHE S 265 79.15 11.07 -8.51
N THR S 266 80.43 10.98 -8.13
CA THR S 266 80.84 9.93 -7.21
C THR S 266 79.97 9.93 -5.98
N PHE S 267 79.67 11.12 -5.44
CA PHE S 267 78.66 11.23 -4.40
C PHE S 267 77.30 10.78 -4.92
N LEU S 268 76.89 11.33 -6.06
CA LEU S 268 75.63 10.92 -6.67
C LEU S 268 75.61 9.44 -7.00
N LYS S 269 76.76 8.81 -7.18
CA LYS S 269 76.81 7.37 -7.35
C LYS S 269 76.37 6.66 -6.06
N ASN S 270 77.02 6.99 -4.95
CA ASN S 270 76.80 6.30 -3.68
C ASN S 270 75.62 6.86 -2.91
N ILE S 271 74.67 7.48 -3.60
CA ILE S 271 73.45 7.98 -2.99
C ILE S 271 72.83 6.92 -2.08
N ASN S 272 72.87 5.66 -2.52
CA ASN S 272 72.19 4.58 -1.80
C ASN S 272 72.49 4.60 -0.31
N ASP S 273 73.75 4.86 0.05
CA ASP S 273 74.13 4.89 1.45
C ASP S 273 73.85 6.23 2.10
N VAL S 274 73.75 7.30 1.32
CA VAL S 274 73.55 8.63 1.90
C VAL S 274 72.23 8.68 2.67
N ASP S 275 71.13 8.43 1.96
CA ASP S 275 69.82 8.42 2.63
C ASP S 275 69.83 7.48 3.82
N THR S 276 70.46 6.31 3.68
CA THR S 276 70.70 5.44 4.81
C THR S 276 71.38 6.20 5.94
N ALA S 277 72.55 6.78 5.64
CA ALA S 277 73.23 7.59 6.63
C ALA S 277 72.40 8.81 7.02
N LEU S 278 71.48 9.22 6.16
CA LEU S 278 70.64 10.38 6.40
C LEU S 278 69.30 10.01 7.01
N SER S 279 69.10 8.74 7.36
CA SER S 279 67.79 8.26 7.78
C SER S 279 67.25 9.06 8.96
N PHE S 280 68.10 9.41 9.92
CA PHE S 280 67.65 10.19 11.05
C PHE S 280 67.07 11.52 10.58
N TYR S 281 67.80 12.22 9.72
CA TYR S 281 67.23 13.39 9.07
C TYR S 281 65.98 13.02 8.30
N HIS S 282 66.04 11.91 7.57
CA HIS S 282 64.87 11.43 6.83
C HIS S 282 63.66 11.24 7.74
N MET S 283 63.90 10.87 9.01
CA MET S 283 62.80 10.76 9.95
C MET S 283 62.11 12.10 10.18
N ALA S 284 62.79 13.21 9.90
CA ALA S 284 62.20 14.52 9.97
C ALA S 284 62.21 15.25 8.63
N GLY S 285 63.36 15.34 7.98
CA GLY S 285 63.45 15.95 6.66
C GLY S 285 64.45 17.09 6.56
N ALA S 286 64.26 17.95 5.55
CA ALA S 286 64.99 19.17 5.25
C ALA S 286 66.35 18.92 4.62
N SER S 287 66.81 17.67 4.54
CA SER S 287 68.09 17.32 3.89
C SER S 287 69.23 18.24 4.31
N LEU S 288 69.32 18.46 5.62
CA LEU S 288 70.50 19.02 6.30
C LEU S 288 71.11 20.21 5.56
N ASP S 289 70.29 21.25 5.39
CA ASP S 289 70.69 22.64 5.22
C ASP S 289 71.86 22.85 4.25
N LYS S 290 72.07 21.91 3.33
CA LYS S 290 72.87 22.13 2.12
C LYS S 290 74.37 22.27 2.37
N VAL S 291 74.80 22.37 3.62
CA VAL S 291 76.22 22.58 3.94
C VAL S 291 76.84 21.33 4.56
N THR S 292 76.32 20.89 5.71
CA THR S 292 76.71 19.58 6.20
C THR S 292 76.28 18.49 5.24
N MET S 293 75.23 18.72 4.46
CA MET S 293 74.96 17.89 3.29
C MET S 293 76.24 17.66 2.50
N GLN S 294 76.91 18.74 2.11
CA GLN S 294 78.18 18.61 1.43
C GLN S 294 79.22 17.96 2.33
N GLN S 295 79.15 18.23 3.64
CA GLN S 295 80.11 17.63 4.56
C GLN S 295 79.88 16.13 4.69
N VAL S 296 78.66 15.72 5.03
CA VAL S 296 78.36 14.30 5.13
C VAL S 296 78.54 13.61 3.79
N ALA S 297 78.41 14.35 2.69
CA ALA S 297 78.70 13.80 1.38
C ALA S 297 80.11 13.22 1.35
N ARG S 298 81.10 14.06 1.63
CA ARG S 298 82.49 13.58 1.63
C ARG S 298 82.67 12.37 2.54
N THR S 299 81.95 12.32 3.66
CA THR S 299 82.03 11.15 4.53
C THR S 299 81.54 9.91 3.82
N VAL S 300 80.34 9.97 3.23
CA VAL S 300 79.77 8.80 2.59
C VAL S 300 80.40 8.59 1.21
N ALA S 301 80.75 9.68 0.52
CA ALA S 301 81.24 9.58 -0.86
C ALA S 301 82.75 9.47 -0.95
N LYS S 302 83.46 9.62 0.16
CA LYS S 302 84.93 9.54 0.20
C LYS S 302 85.58 10.60 -0.67
N VAL S 303 84.86 11.64 -1.06
CA VAL S 303 85.40 12.67 -1.95
C VAL S 303 84.77 14.01 -1.59
N GLU S 304 85.57 15.07 -1.70
CA GLU S 304 85.16 16.39 -1.29
C GLU S 304 84.47 17.13 -2.43
N LEU S 305 83.54 18.01 -2.07
CA LEU S 305 82.92 18.93 -3.01
C LEU S 305 83.14 20.35 -2.52
N SER S 306 83.02 21.32 -3.42
CA SER S 306 83.09 22.70 -2.99
C SER S 306 81.74 23.14 -2.42
N ASP S 307 81.66 24.42 -2.05
CA ASP S 307 80.40 24.96 -1.56
C ASP S 307 79.47 25.30 -2.71
N HIS S 308 79.92 26.20 -3.60
CA HIS S 308 79.07 26.69 -4.67
C HIS S 308 78.51 25.57 -5.54
N VAL S 309 79.25 24.47 -5.69
CA VAL S 309 78.82 23.40 -6.59
C VAL S 309 77.45 22.87 -6.16
N CYS S 310 77.21 22.81 -4.85
CA CYS S 310 75.96 22.26 -4.36
C CYS S 310 74.90 23.33 -4.13
N ASP S 311 75.31 24.58 -3.97
CA ASP S 311 74.34 25.65 -3.78
C ASP S 311 73.38 25.73 -4.96
N VAL S 312 73.92 25.63 -6.18
CA VAL S 312 73.06 25.65 -7.36
C VAL S 312 72.19 24.41 -7.41
N VAL S 313 72.69 23.27 -6.92
CA VAL S 313 71.88 22.05 -6.90
C VAL S 313 70.70 22.22 -5.96
N PHE S 314 70.97 22.73 -4.76
CA PHE S 314 69.86 23.07 -3.87
C PHE S 314 69.01 24.19 -4.44
N ALA S 315 69.62 25.11 -5.20
CA ALA S 315 68.85 26.13 -5.88
C ALA S 315 68.02 25.54 -7.01
N LEU S 316 68.54 24.49 -7.66
CA LEU S 316 67.83 23.89 -8.77
C LEU S 316 66.65 23.05 -8.29
N PHE S 317 66.91 22.10 -7.40
CA PHE S 317 65.90 21.14 -6.97
C PHE S 317 65.00 21.66 -5.87
N ASP S 318 65.10 22.94 -5.49
CA ASP S 318 64.22 23.53 -4.48
C ASP S 318 62.85 23.78 -5.10
N CYS S 319 62.15 22.69 -5.39
CA CYS S 319 60.84 22.80 -6.02
C CYS S 319 59.84 23.47 -5.10
N ASP S 320 59.82 23.07 -3.82
CA ASP S 320 58.90 23.67 -2.86
C ASP S 320 59.31 25.08 -2.46
N GLY S 321 60.49 25.53 -2.88
CA GLY S 321 60.94 26.86 -2.51
C GLY S 321 61.34 27.02 -1.06
N ASN S 322 61.38 25.94 -0.29
CA ASN S 322 61.73 26.05 1.12
C ASN S 322 63.19 26.39 1.35
N GLY S 323 64.04 26.28 0.33
CA GLY S 323 65.46 26.45 0.50
C GLY S 323 66.19 25.19 0.90
N GLU S 324 65.49 24.07 1.02
CA GLU S 324 66.09 22.79 1.39
C GLU S 324 65.51 21.72 0.46
N LEU S 325 65.74 20.47 0.80
CA LEU S 325 65.20 19.36 0.04
C LEU S 325 64.50 18.37 0.96
N SER S 326 63.41 17.81 0.49
CA SER S 326 62.86 16.60 1.06
C SER S 326 63.48 15.40 0.37
N ASN S 327 63.32 14.22 0.98
CA ASN S 327 63.68 13.01 0.27
C ASN S 327 62.89 12.90 -1.03
N LYS S 328 61.61 13.27 -1.00
CA LYS S 328 60.79 13.33 -2.21
C LYS S 328 61.19 14.47 -3.13
N GLU S 329 62.06 15.38 -2.68
CA GLU S 329 62.51 16.47 -3.53
C GLU S 329 63.67 16.06 -4.43
N PHE S 330 64.76 15.59 -3.82
CA PHE S 330 65.97 15.26 -4.57
C PHE S 330 66.44 13.83 -4.36
N VAL S 331 66.50 13.36 -3.12
CA VAL S 331 67.21 12.12 -2.81
C VAL S 331 66.51 10.93 -3.44
N SER S 332 65.22 10.73 -3.10
CA SER S 332 64.51 9.55 -3.54
C SER S 332 64.58 9.38 -5.06
N ILE S 333 64.36 10.47 -5.79
CA ILE S 333 64.46 10.43 -7.25
C ILE S 333 65.81 9.87 -7.67
N MET S 334 66.88 10.31 -7.01
CA MET S 334 68.19 9.73 -7.26
C MET S 334 68.20 8.25 -6.89
N LYS S 335 67.66 7.92 -5.71
CA LYS S 335 67.67 6.54 -5.26
C LYS S 335 67.01 5.61 -6.28
N GLN S 336 65.78 5.94 -6.69
CA GLN S 336 65.09 5.10 -7.66
C GLN S 336 65.75 5.12 -9.02
N ARG S 337 66.60 6.13 -9.30
CA ARG S 337 67.27 6.19 -10.59
C ARG S 337 68.08 4.93 -10.87
N LEU S 338 68.48 4.20 -9.82
CA LEU S 338 69.32 3.03 -10.00
C LEU S 338 68.59 1.85 -10.63
N MET S 339 67.37 2.03 -11.11
CA MET S 339 66.65 0.98 -11.81
C MET S 339 67.38 0.61 -13.09
N LEU T 1 54.40 11.11 11.32
CA LEU T 1 53.66 11.33 12.55
C LEU T 1 54.11 10.37 13.63
N ARG T 2 55.33 9.85 13.47
CA ARG T 2 55.91 8.94 14.45
C ARG T 2 55.82 9.50 15.87
N LYS T 3 55.97 10.82 16.01
CA LYS T 3 55.87 11.44 17.32
C LYS T 3 54.53 11.12 17.97
N GLN T 4 53.44 11.22 17.22
CA GLN T 4 52.13 10.90 17.76
C GLN T 4 52.08 9.47 18.27
N ARG T 5 52.71 8.53 17.54
CA ARG T 5 52.80 7.17 18.04
C ARG T 5 53.65 7.10 19.29
N PHE T 6 54.76 7.85 19.32
CA PHE T 6 55.61 7.86 20.51
C PHE T 6 54.83 8.26 21.74
N MET T 7 53.86 9.16 21.58
CA MET T 7 52.99 9.53 22.70
C MET T 7 52.17 8.34 23.18
N GLN T 8 51.64 7.56 22.23
CA GLN T 8 50.78 6.43 22.58
C GLN T 8 51.52 5.46 23.50
N PHE T 9 52.61 4.88 23.01
CA PHE T 9 53.31 3.86 23.79
C PHE T 9 53.95 4.43 25.04
N SER T 10 54.35 5.70 25.05
CA SER T 10 54.98 6.27 26.23
C SER T 10 53.92 6.60 27.28
N SER T 11 54.35 6.53 28.54
CA SER T 11 53.49 6.87 29.66
C SER T 11 54.19 7.74 30.70
N LEU T 12 55.40 8.21 30.41
CA LEU T 12 56.16 9.05 31.32
C LEU T 12 56.45 10.39 30.65
N GLU T 13 55.84 11.46 31.15
CA GLU T 13 56.02 12.78 30.57
C GLU T 13 56.44 13.77 31.64
N HIS T 14 57.20 14.79 31.22
CA HIS T 14 57.65 15.86 32.09
C HIS T 14 57.55 17.15 31.30
N GLU T 15 56.58 18.00 31.66
CA GLU T 15 56.22 19.21 30.91
C GLU T 15 56.27 19.00 29.41
N GLY T 16 55.67 17.90 28.94
CA GLY T 16 55.68 17.56 27.53
C GLY T 16 56.88 16.74 27.09
N GLU T 17 57.96 16.75 27.87
CA GLU T 17 59.15 15.94 27.57
C GLU T 17 58.84 14.50 27.94
N TYR T 18 58.16 13.81 27.03
CA TYR T 18 57.76 12.44 27.25
C TYR T 18 58.98 11.53 27.22
N TYR T 19 59.22 10.84 28.33
CA TYR T 19 60.28 9.84 28.39
C TYR T 19 59.70 8.47 28.15
N MET T 20 60.41 7.68 27.36
CA MET T 20 59.94 6.35 26.95
C MET T 20 60.48 5.32 27.93
N THR T 21 59.62 4.42 28.38
CA THR T 21 60.21 3.35 29.15
C THR T 21 60.89 2.36 28.21
N PRO T 22 61.96 1.71 28.65
CA PRO T 22 62.60 0.69 27.81
C PRO T 22 61.62 -0.32 27.25
N ARG T 23 60.54 -0.61 27.98
CA ARG T 23 59.58 -1.59 27.48
C ARG T 23 58.67 -0.99 26.41
N ASP T 24 58.22 0.26 26.62
CA ASP T 24 57.38 0.91 25.62
C ASP T 24 58.01 0.83 24.24
N PHE T 25 59.30 1.19 24.14
CA PHE T 25 60.00 1.08 22.87
C PHE T 25 59.98 -0.35 22.34
N LEU T 26 60.45 -1.30 23.16
CA LEU T 26 60.42 -2.70 22.75
C LEU T 26 59.00 -3.14 22.40
N PHE T 27 58.00 -2.57 23.07
CA PHE T 27 56.62 -2.84 22.69
C PHE T 27 56.23 -2.07 21.44
N SER T 28 56.84 -0.91 21.21
CA SER T 28 56.52 -0.12 20.04
C SER T 28 57.08 -0.75 18.77
N VAL T 29 58.09 -1.62 18.92
CA VAL T 29 58.68 -2.29 17.77
C VAL T 29 58.19 -3.73 17.63
N MET T 30 57.73 -4.35 18.71
CA MET T 30 57.17 -5.69 18.63
C MET T 30 55.67 -5.67 18.40
N PHE T 31 54.93 -5.10 19.34
CA PHE T 31 53.50 -4.92 19.15
C PHE T 31 53.26 -3.72 18.25
N GLU T 32 51.99 -3.48 17.93
CA GLU T 32 51.66 -2.40 17.03
C GLU T 32 50.64 -1.46 17.66
N GLN T 33 49.75 -2.01 18.48
CA GLN T 33 48.69 -1.22 19.13
C GLN T 33 48.59 -1.66 20.57
N MET T 34 49.00 -0.79 21.50
CA MET T 34 48.87 -1.07 22.92
C MET T 34 48.57 0.24 23.64
N GLU T 35 47.67 0.16 24.62
CA GLU T 35 47.09 1.37 25.20
C GLU T 35 46.92 1.34 26.71
N ARG T 36 47.40 0.30 27.39
CA ARG T 36 47.10 0.10 28.80
C ARG T 36 47.80 1.09 29.72
N LYS T 37 48.46 2.15 29.24
CA LYS T 37 49.30 2.98 30.11
C LYS T 37 48.53 3.61 31.26
N THR T 38 47.64 4.55 30.96
CA THR T 38 46.89 5.30 31.96
C THR T 38 47.81 5.79 33.08
N SER T 39 48.83 6.55 32.69
CA SER T 39 49.82 6.99 33.67
C SER T 39 50.52 8.24 33.18
N VAL T 40 50.79 9.15 34.12
CA VAL T 40 51.59 10.35 33.88
C VAL T 40 52.65 10.34 34.99
N LYS T 41 53.08 9.13 35.37
CA LYS T 41 53.72 8.89 36.66
C LYS T 41 54.91 9.82 36.90
N LYS T 42 55.82 9.92 35.93
CA LYS T 42 57.18 10.40 36.23
C LYS T 42 57.26 11.83 36.73
N LEU T 43 56.12 12.53 36.84
CA LEU T 43 56.15 13.93 37.25
C LEU T 43 56.85 14.15 38.57
N THR T 44 56.89 13.14 39.44
CA THR T 44 57.45 13.30 40.78
C THR T 44 58.96 13.50 40.79
N LYS T 45 59.60 13.62 39.62
CA LYS T 45 61.02 13.86 39.50
C LYS T 45 61.86 12.76 40.15
N LYS T 46 61.28 11.57 40.33
CA LYS T 46 62.09 10.41 40.68
C LYS T 46 62.95 9.96 39.51
N ASP T 47 62.64 10.42 38.30
CA ASP T 47 63.36 10.01 37.10
C ASP T 47 64.86 10.25 37.24
N ILE T 48 65.25 11.42 37.74
CA ILE T 48 66.66 11.81 37.76
C ILE T 48 67.50 10.81 38.52
N GLU T 49 66.89 10.07 39.44
CA GLU T 49 67.57 8.97 40.10
C GLU T 49 67.02 7.60 39.72
N ASP T 50 65.80 7.54 39.17
CA ASP T 50 65.19 6.26 38.81
C ASP T 50 66.09 5.49 37.86
N THR T 51 66.37 6.07 36.69
CA THR T 51 67.19 5.38 35.71
C THR T 51 68.59 5.09 36.25
N LEU T 52 69.35 6.15 36.56
CA LEU T 52 70.74 5.99 37.01
C LEU T 52 70.88 4.94 38.09
N SER T 53 69.87 4.76 38.94
CA SER T 53 69.92 3.70 39.93
C SER T 53 69.90 2.33 39.26
N GLY T 54 68.99 2.13 38.30
CA GLY T 54 68.81 0.82 37.70
C GLY T 54 69.78 0.49 36.58
N ILE T 55 70.31 1.50 35.89
CA ILE T 55 71.21 1.21 34.77
C ILE T 55 72.53 0.62 35.25
N GLN T 56 72.87 0.81 36.52
CA GLN T 56 74.16 0.35 37.02
C GLN T 56 74.32 -1.17 36.96
N THR T 57 73.26 -1.91 36.67
CA THR T 57 73.34 -3.36 36.52
C THR T 57 72.96 -3.79 35.11
N ALA T 58 73.09 -2.90 34.13
CA ALA T 58 72.69 -3.22 32.76
C ALA T 58 73.64 -4.24 32.15
N GLY T 59 73.08 -5.17 31.36
CA GLY T 59 73.87 -6.15 30.65
C GLY T 59 74.37 -5.62 29.32
N CYS T 60 75.67 -5.35 29.23
CA CYS T 60 76.23 -4.72 28.04
C CYS T 60 76.02 -5.56 26.78
N GLY T 61 75.72 -6.84 26.92
CA GLY T 61 75.56 -7.70 25.76
C GLY T 61 74.21 -7.56 25.09
N SER T 62 73.63 -8.68 24.67
CA SER T 62 72.37 -8.69 23.94
C SER T 62 71.15 -8.50 24.84
N THR T 63 71.35 -8.01 26.06
CA THR T 63 70.25 -7.82 27.00
C THR T 63 70.16 -6.39 27.51
N PHE T 64 70.81 -5.45 26.81
CA PHE T 64 70.85 -4.07 27.28
C PHE T 64 69.46 -3.46 27.46
N PHE T 65 68.44 -4.04 26.84
CA PHE T 65 67.07 -3.65 27.10
C PHE T 65 66.27 -4.72 27.81
N ARG T 66 66.69 -5.99 27.71
CA ARG T 66 66.11 -7.06 28.49
C ARG T 66 66.66 -7.11 29.91
N ASP T 67 67.40 -6.08 30.32
CA ASP T 67 67.94 -5.99 31.66
C ASP T 67 67.23 -4.97 32.53
N LEU T 68 66.75 -3.87 31.96
CA LEU T 68 66.08 -2.83 32.73
C LEU T 68 64.58 -3.08 32.82
N GLY T 69 63.93 -3.34 31.69
CA GLY T 69 62.54 -3.73 31.73
C GLY T 69 61.59 -2.67 32.23
N ASP T 70 61.38 -1.62 31.43
CA ASP T 70 60.41 -0.52 31.56
C ASP T 70 60.86 0.59 32.50
N LYS T 71 62.12 0.59 32.93
CA LYS T 71 62.65 1.69 33.73
C LYS T 71 63.93 2.20 33.09
N GLY T 72 63.88 3.41 32.57
CA GLY T 72 65.00 4.01 31.87
C GLY T 72 64.60 5.28 31.18
N LEU T 73 65.61 6.11 30.88
CA LEU T 73 65.39 7.42 30.28
C LEU T 73 65.59 7.29 28.77
N ILE T 74 64.49 7.27 28.03
CA ILE T 74 64.50 7.18 26.58
C ILE T 74 63.72 8.37 26.04
N SER T 75 64.43 9.33 25.46
CA SER T 75 63.81 10.51 24.89
C SER T 75 63.21 10.18 23.52
N TYR T 76 62.26 11.03 23.10
CA TYR T 76 61.70 10.89 21.77
C TYR T 76 62.77 10.98 20.70
N THR T 77 63.74 11.86 20.89
CA THR T 77 64.87 11.94 19.96
C THR T 77 65.61 10.61 19.91
N GLU T 78 66.08 10.15 21.08
CA GLU T 78 66.73 8.84 21.14
C GLU T 78 65.86 7.74 20.56
N TYR T 79 64.54 7.83 20.77
CA TYR T 79 63.62 6.85 20.21
C TYR T 79 63.84 6.71 18.71
N LEU T 80 63.75 7.82 17.98
CA LEU T 80 64.03 7.80 16.55
C LEU T 80 65.46 7.34 16.28
N PHE T 81 66.40 7.68 17.16
CA PHE T 81 67.78 7.25 16.98
C PHE T 81 67.89 5.74 16.99
N LEU T 82 67.02 5.06 17.75
CA LEU T 82 66.99 3.61 17.69
C LEU T 82 66.32 3.13 16.41
N LEU T 83 65.29 3.84 15.96
CA LEU T 83 64.62 3.46 14.72
C LEU T 83 65.58 3.47 13.54
N THR T 84 66.48 4.45 13.48
CA THR T 84 67.41 4.47 12.36
C THR T 84 68.46 3.38 12.49
N ILE T 85 68.98 3.15 13.69
CA ILE T 85 69.89 2.03 13.89
C ILE T 85 69.19 0.69 13.85
N LEU T 86 67.85 0.69 13.88
CA LEU T 86 67.12 -0.55 13.70
C LEU T 86 67.40 -1.16 12.34
N THR T 87 67.43 -0.32 11.30
CA THR T 87 67.46 -0.80 9.92
C THR T 87 68.85 -0.77 9.30
N LYS T 88 69.87 -0.40 10.06
CA LYS T 88 71.22 -0.30 9.49
C LYS T 88 71.83 -1.69 9.35
N PRO T 89 72.25 -2.09 8.15
CA PRO T 89 73.08 -3.30 8.05
C PRO T 89 74.51 -3.02 8.52
N HIS T 90 75.39 -4.01 8.38
CA HIS T 90 76.77 -3.83 8.78
C HIS T 90 77.44 -2.70 8.01
N SER T 91 77.07 -2.54 6.73
CA SER T 91 77.69 -1.50 5.91
C SER T 91 77.48 -0.12 6.49
N GLY T 92 76.22 0.26 6.72
CA GLY T 92 75.93 1.58 7.25
C GLY T 92 76.43 1.81 8.66
N PHE T 93 76.80 0.74 9.36
CA PHE T 93 77.22 0.87 10.76
C PHE T 93 78.36 1.85 10.91
N HIS T 94 79.49 1.57 10.26
CA HIS T 94 80.60 2.50 10.29
C HIS T 94 80.18 3.87 9.79
N VAL T 95 79.36 3.92 8.74
CA VAL T 95 78.91 5.17 8.17
C VAL T 95 78.00 5.90 9.16
N ALA T 96 77.05 5.18 9.76
CA ALA T 96 76.19 5.81 10.76
C ALA T 96 77.03 6.43 11.87
N PHE T 97 78.11 5.75 12.27
CA PHE T 97 79.09 6.38 13.15
C PHE T 97 79.76 7.55 12.43
N LYS T 98 80.22 7.30 11.20
CA LYS T 98 80.88 8.34 10.42
C LYS T 98 79.93 9.47 10.04
N MET T 99 78.62 9.23 10.04
CA MET T 99 77.70 10.34 9.82
C MET T 99 77.82 11.35 10.95
N LEU T 100 78.10 10.88 12.16
CA LEU T 100 78.42 11.78 13.24
C LEU T 100 79.85 12.30 13.07
N ASP T 101 80.24 13.25 13.92
CA ASP T 101 81.43 14.06 13.71
C ASP T 101 82.70 13.23 13.49
N THR T 102 82.73 11.95 13.88
CA THR T 102 83.73 11.00 13.42
C THR T 102 85.12 11.29 13.99
N ASP T 103 85.25 12.33 14.79
CA ASP T 103 86.54 12.71 15.39
C ASP T 103 86.65 12.23 16.82
N GLY T 104 86.08 11.08 17.12
CA GLY T 104 85.98 10.64 18.49
C GLY T 104 84.89 11.38 19.25
N ASN T 105 84.36 10.71 20.28
CA ASN T 105 83.22 11.23 21.01
C ASN T 105 83.44 12.62 21.56
N GLU T 106 84.70 13.06 21.68
CA GLU T 106 84.96 14.46 22.03
C GLU T 106 84.23 15.41 21.07
N MET T 107 84.11 15.03 19.81
CA MET T 107 83.29 15.74 18.85
C MET T 107 81.94 15.09 18.65
N ILE T 108 81.70 13.96 19.30
CA ILE T 108 80.44 13.24 19.13
C ILE T 108 79.54 13.36 20.36
N GLU T 109 80.08 13.78 21.51
CA GLU T 109 79.22 14.01 22.68
C GLU T 109 78.13 15.02 22.36
N LYS T 110 78.51 16.19 21.86
CA LYS T 110 77.52 17.20 21.49
C LYS T 110 76.57 16.71 20.40
N ARG T 111 77.00 15.72 19.59
CA ARG T 111 76.14 15.23 18.53
C ARG T 111 74.84 14.65 19.09
N GLU T 112 74.89 14.13 20.32
CA GLU T 112 73.67 13.67 20.97
C GLU T 112 72.67 14.81 21.11
N PHE T 113 73.08 15.90 21.75
CA PHE T 113 72.24 17.09 21.77
C PHE T 113 71.99 17.60 20.36
N PHE T 114 73.01 17.54 19.50
CA PHE T 114 72.82 17.86 18.10
C PHE T 114 71.73 17.00 17.47
N LYS T 115 71.72 15.70 17.81
CA LYS T 115 70.59 14.86 17.42
C LYS T 115 69.29 15.46 17.93
N LEU T 116 69.27 15.91 19.18
CA LEU T 116 68.08 16.51 19.76
C LEU T 116 67.74 17.83 19.07
N GLN T 117 68.69 18.76 19.03
CA GLN T 117 68.39 20.07 18.48
C GLN T 117 68.00 20.00 17.01
N LYS T 118 68.37 18.92 16.32
CA LYS T 118 67.95 18.76 14.93
C LYS T 118 66.43 18.74 14.82
N ILE T 119 65.76 17.97 15.68
CA ILE T 119 64.31 17.90 15.62
C ILE T 119 63.67 19.23 16.04
N ILE T 120 64.40 20.06 16.79
CA ILE T 120 63.86 21.34 17.20
C ILE T 120 63.73 22.27 15.99
N SER T 121 64.80 22.38 15.20
CA SER T 121 64.74 23.20 13.99
C SER T 121 63.66 22.70 13.05
N LYS T 122 63.45 21.39 12.99
CA LYS T 122 62.40 20.84 12.15
C LYS T 122 61.02 21.20 12.71
N GLN T 123 60.78 20.82 13.97
CA GLN T 123 59.52 21.07 14.69
C GLN T 123 58.28 20.90 13.81
N ASN T 147 70.22 13.42 30.31
CA ASN T 147 70.56 12.36 31.26
C ASN T 147 70.05 11.00 30.78
N THR T 148 69.98 10.84 29.46
CA THR T 148 69.32 9.68 28.88
C THR T 148 70.07 8.40 29.22
N THR T 149 69.33 7.29 29.17
CA THR T 149 69.89 5.97 29.44
C THR T 149 71.09 5.71 28.54
N LEU T 150 70.95 5.97 27.25
CA LEU T 150 72.05 5.74 26.33
C LEU T 150 73.21 6.68 26.60
N GLN T 151 72.92 7.98 26.72
CA GLN T 151 73.97 8.95 27.03
C GLN T 151 74.70 8.57 28.32
N MET T 152 73.97 8.06 29.30
CA MET T 152 74.62 7.57 30.51
C MET T 152 75.52 6.39 30.20
N ARG T 153 75.06 5.48 29.34
CA ARG T 153 75.91 4.38 28.92
C ARG T 153 76.93 4.82 27.87
N PHE T 154 76.71 5.96 27.22
CA PHE T 154 77.63 6.43 26.19
C PHE T 154 78.62 7.45 26.70
N PHE T 155 78.26 8.25 27.71
CA PHE T 155 79.12 9.33 28.17
C PHE T 155 79.15 9.39 29.68
N GLY T 156 79.13 8.23 30.34
CA GLY T 156 79.24 8.18 31.78
C GLY T 156 78.10 8.84 32.51
N LYS T 157 78.37 10.00 33.11
CA LYS T 157 77.37 10.75 33.86
C LYS T 157 77.07 12.12 33.26
N ARG T 158 78.11 12.88 32.89
CA ARG T 158 77.95 14.23 32.39
C ARG T 158 78.83 14.46 31.18
N GLY T 159 78.88 13.48 30.27
CA GLY T 159 79.75 13.56 29.12
C GLY T 159 81.14 13.05 29.41
N GLN T 160 81.23 11.82 29.91
CA GLN T 160 82.48 11.24 30.36
C GLN T 160 83.06 10.21 29.41
N ARG T 161 82.27 9.19 29.04
CA ARG T 161 82.81 8.04 28.33
C ARG T 161 83.10 8.37 26.86
N LYS T 162 84.20 7.82 26.37
CA LYS T 162 84.65 8.03 24.99
C LYS T 162 84.27 6.80 24.17
N LEU T 163 83.01 6.73 23.77
CA LEU T 163 82.45 5.56 23.09
C LEU T 163 82.90 5.55 21.63
N HIS T 164 84.05 4.95 21.37
CA HIS T 164 84.54 4.88 19.99
C HIS T 164 83.65 3.96 19.15
N TYR T 165 84.02 3.82 17.88
CA TYR T 165 83.19 3.13 16.91
C TYR T 165 82.88 1.70 17.35
N LYS T 166 83.91 0.89 17.57
CA LYS T 166 83.71 -0.50 17.94
C LYS T 166 82.83 -0.61 19.19
N GLU T 167 83.12 0.20 20.21
CA GLU T 167 82.26 0.25 21.38
C GLU T 167 80.85 0.67 21.01
N PHE T 168 80.72 1.68 20.15
CA PHE T 168 79.41 2.04 19.63
C PHE T 168 78.84 0.90 18.79
N ARG T 169 79.68 0.27 17.97
CA ARG T 169 79.22 -0.83 17.13
C ARG T 169 78.70 -1.98 17.98
N ARG T 170 79.38 -2.28 19.09
CA ARG T 170 78.88 -3.28 20.02
C ARG T 170 77.43 -2.99 20.39
N PHE T 171 77.14 -1.75 20.78
CA PHE T 171 75.78 -1.38 21.13
C PHE T 171 74.83 -1.49 19.94
N MET T 172 75.37 -1.39 18.73
CA MET T 172 74.50 -1.46 17.55
C MET T 172 73.98 -2.88 17.33
N GLU T 173 74.89 -3.85 17.24
CA GLU T 173 74.48 -5.19 16.84
C GLU T 173 73.61 -5.86 17.89
N ASN T 174 74.05 -5.82 19.16
CA ASN T 174 73.30 -6.50 20.20
C ASN T 174 71.88 -5.96 20.31
N LEU T 175 71.74 -4.64 20.32
CA LEU T 175 70.40 -4.05 20.34
C LEU T 175 69.60 -4.48 19.13
N GLN T 176 70.25 -4.62 17.98
CA GLN T 176 69.58 -5.23 16.83
C GLN T 176 69.25 -6.68 17.13
N THR T 177 70.23 -7.45 17.62
CA THR T 177 69.97 -8.82 18.02
C THR T 177 68.87 -8.89 19.07
N GLU T 178 68.87 -7.96 20.02
CA GLU T 178 67.90 -8.00 21.11
C GLU T 178 66.48 -7.93 20.59
N ILE T 179 66.14 -6.84 19.90
CA ILE T 179 64.83 -6.73 19.28
C ILE T 179 64.57 -7.93 18.39
N GLN T 180 65.59 -8.40 17.68
CA GLN T 180 65.45 -9.63 16.91
C GLN T 180 65.17 -10.81 17.82
N GLU T 181 65.98 -10.99 18.86
CA GLU T 181 65.86 -12.17 19.71
C GLU T 181 64.49 -12.23 20.37
N MET T 182 64.09 -11.16 21.03
CA MET T 182 62.78 -11.14 21.68
C MET T 182 61.67 -11.45 20.69
N GLU T 183 61.85 -11.10 19.42
CA GLU T 183 60.84 -11.46 18.42
C GLU T 183 60.79 -12.97 18.22
N PHE T 184 61.93 -13.64 18.35
CA PHE T 184 61.95 -15.09 18.17
C PHE T 184 61.02 -15.77 19.16
N LEU T 185 61.09 -15.38 20.44
CA LEU T 185 60.23 -15.99 21.45
C LEU T 185 58.77 -15.69 21.19
N GLN T 186 58.46 -14.49 20.70
CA GLN T 186 57.06 -14.10 20.55
C GLN T 186 56.33 -14.98 19.54
N PHE T 187 57.05 -15.65 18.66
CA PHE T 187 56.41 -16.57 17.72
C PHE T 187 56.62 -18.03 18.08
N SER T 188 57.79 -18.41 18.55
CA SER T 188 57.98 -19.76 19.08
C SER T 188 57.35 -19.93 20.45
N LYS T 189 56.66 -18.92 20.96
CA LYS T 189 55.99 -18.98 22.26
C LYS T 189 56.97 -19.39 23.36
N GLY T 190 58.12 -18.74 23.39
CA GLY T 190 59.11 -18.96 24.41
C GLY T 190 60.02 -20.16 24.18
N LEU T 191 59.52 -21.19 23.50
CA LEU T 191 60.31 -22.39 23.30
C LEU T 191 61.52 -22.11 22.42
N SER T 192 62.63 -22.78 22.73
CA SER T 192 63.88 -22.58 22.00
C SER T 192 63.80 -23.02 20.55
N PHE T 193 62.68 -23.56 20.10
CA PHE T 193 62.53 -24.06 18.74
C PHE T 193 61.28 -23.46 18.13
N MET T 194 61.39 -23.01 16.88
CA MET T 194 60.26 -22.43 16.16
C MET T 194 59.80 -23.40 15.08
N ARG T 195 58.57 -23.88 15.20
CA ARG T 195 57.98 -24.72 14.17
C ARG T 195 58.11 -24.06 12.81
N LYS T 196 58.48 -24.85 11.81
CA LYS T 196 58.58 -24.33 10.44
C LYS T 196 57.30 -23.60 10.03
N GLU T 197 56.16 -23.99 10.62
CA GLU T 197 54.94 -23.25 10.35
C GLU T 197 54.92 -21.88 11.00
N ASP T 198 55.44 -21.77 12.22
CA ASP T 198 55.53 -20.45 12.86
C ASP T 198 56.36 -19.50 12.00
N PHE T 199 57.49 -19.98 11.49
CA PHE T 199 58.37 -19.18 10.66
C PHE T 199 57.66 -18.58 9.47
N ALA T 200 56.52 -19.14 9.06
CA ALA T 200 55.76 -18.56 7.97
C ALA T 200 55.24 -17.18 8.34
N GLU T 201 54.50 -17.08 9.45
CA GLU T 201 53.86 -15.82 9.82
C GLU T 201 54.87 -14.68 9.89
N TRP T 202 56.04 -14.95 10.47
CA TRP T 202 57.07 -13.92 10.53
C TRP T 202 57.41 -13.40 9.15
N LEU T 203 57.63 -14.31 8.20
CA LEU T 203 57.83 -13.90 6.82
C LEU T 203 56.60 -13.18 6.29
N LEU T 204 55.42 -13.70 6.60
CA LEU T 204 54.19 -13.04 6.17
C LEU T 204 54.04 -11.69 6.85
N PHE T 205 54.28 -11.64 8.16
CA PHE T 205 54.34 -10.36 8.86
C PHE T 205 55.43 -9.47 8.29
N PHE T 206 56.43 -10.06 7.63
CA PHE T 206 57.47 -9.27 6.99
C PHE T 206 57.03 -8.79 5.61
N THR T 207 56.63 -9.72 4.74
CA THR T 207 56.28 -9.34 3.37
C THR T 207 54.95 -8.62 3.28
N ASN T 208 54.08 -8.75 4.28
CA ASN T 208 52.79 -8.08 4.34
C ASN T 208 51.89 -8.44 3.16
N THR T 209 52.18 -9.53 2.47
CA THR T 209 51.31 -10.07 1.42
C THR T 209 50.46 -11.21 1.95
N GLU T 210 50.03 -11.11 3.21
CA GLU T 210 49.38 -12.23 3.89
C GLU T 210 47.97 -12.47 3.37
N ASN T 211 47.28 -11.43 2.90
CA ASN T 211 45.93 -11.58 2.38
C ASN T 211 45.89 -12.49 1.14
N LYS T 212 47.03 -12.68 0.47
CA LYS T 212 47.09 -13.63 -0.65
C LYS T 212 47.09 -15.05 -0.08
N ASP T 213 45.90 -15.63 0.01
CA ASP T 213 45.73 -16.97 0.56
C ASP T 213 46.56 -18.02 -0.17
N ILE T 214 46.98 -17.76 -1.40
CA ILE T 214 47.75 -18.73 -2.15
C ILE T 214 48.98 -19.16 -1.36
N TYR T 215 49.63 -18.22 -0.68
CA TYR T 215 50.75 -18.58 0.18
C TYR T 215 50.27 -19.41 1.37
N TRP T 216 49.18 -19.00 2.02
CA TRP T 216 48.57 -19.84 3.02
C TRP T 216 48.13 -21.17 2.41
N LYS T 217 47.56 -21.11 1.20
CA LYS T 217 47.32 -22.34 0.45
C LYS T 217 48.62 -23.08 0.20
N ASN T 218 49.70 -22.35 -0.06
CA ASN T 218 50.99 -23.00 -0.28
C ASN T 218 51.48 -23.68 0.99
N VAL T 219 51.52 -22.95 2.10
CA VAL T 219 52.10 -23.51 3.32
C VAL T 219 51.22 -24.62 3.89
N ARG T 220 49.90 -24.54 3.69
CA ARG T 220 49.01 -25.49 4.34
C ARG T 220 49.24 -26.91 3.86
N GLU T 221 49.75 -27.08 2.65
CA GLU T 221 49.97 -28.41 2.09
C GLU T 221 51.44 -28.67 1.78
N LYS T 222 52.11 -27.73 1.13
CA LYS T 222 53.50 -27.95 0.74
C LYS T 222 54.40 -28.11 1.96
N LEU T 223 54.21 -27.25 2.96
CA LEU T 223 54.99 -27.37 4.18
C LEU T 223 54.47 -28.52 5.03
N SER T 224 55.38 -29.32 5.57
CA SER T 224 55.05 -30.43 6.44
C SER T 224 55.36 -30.03 7.88
N ALA T 225 54.36 -30.10 8.75
CA ALA T 225 54.53 -29.72 10.15
C ALA T 225 55.49 -30.72 10.80
N GLY T 226 56.73 -30.29 11.01
CA GLY T 226 57.77 -31.18 11.47
C GLY T 226 58.77 -30.52 12.40
N GLU T 227 60.05 -30.64 12.06
CA GLU T 227 61.14 -30.10 12.86
C GLU T 227 61.09 -28.58 12.90
N SER T 228 62.05 -27.96 13.58
CA SER T 228 61.99 -26.54 13.87
C SER T 228 63.25 -25.82 13.41
N ILE T 229 63.36 -24.55 13.80
CA ILE T 229 64.46 -23.66 13.45
C ILE T 229 64.96 -22.98 14.71
N SER T 230 66.27 -23.05 14.94
CA SER T 230 66.85 -22.49 16.15
C SER T 230 66.94 -20.97 16.03
N LEU T 231 67.62 -20.35 17.00
CA LEU T 231 67.77 -18.89 16.96
C LEU T 231 68.79 -18.45 15.93
N ASP T 232 69.90 -19.19 15.81
CA ASP T 232 70.95 -18.80 14.89
C ASP T 232 70.44 -18.74 13.45
N GLU T 233 69.71 -19.78 13.02
CA GLU T 233 69.19 -19.79 11.67
C GLU T 233 68.17 -18.69 11.46
N PHE T 234 67.41 -18.34 12.51
CA PHE T 234 66.45 -17.26 12.37
C PHE T 234 67.14 -15.90 12.48
N LYS T 235 68.02 -15.73 13.47
CA LYS T 235 68.68 -14.44 13.65
C LYS T 235 69.55 -14.09 12.46
N SER T 236 70.17 -15.09 11.84
CA SER T 236 70.91 -14.84 10.61
C SER T 236 69.96 -14.37 9.52
N PHE T 237 68.83 -15.06 9.35
CA PHE T 237 67.87 -14.66 8.33
C PHE T 237 67.37 -13.25 8.57
N CYS T 238 67.01 -12.93 9.82
CA CYS T 238 66.60 -11.57 10.12
C CYS T 238 67.71 -10.58 9.81
N HIS T 239 68.96 -10.96 10.09
CA HIS T 239 70.09 -10.09 9.75
C HIS T 239 70.28 -10.00 8.24
N PHE T 240 70.03 -11.11 7.53
CA PHE T 240 70.07 -11.08 6.08
C PHE T 240 69.17 -10.00 5.51
N THR T 241 67.98 -9.81 6.08
CA THR T 241 67.08 -8.78 5.59
C THR T 241 67.57 -7.38 5.93
N THR T 242 68.44 -7.24 6.92
CA THR T 242 69.04 -5.94 7.19
C THR T 242 69.92 -5.50 6.02
N HIS T 243 70.55 -6.45 5.34
CA HIS T 243 71.34 -6.20 4.16
C HIS T 243 70.57 -6.45 2.87
N LEU T 244 69.27 -6.19 2.86
CA LEU T 244 68.42 -6.62 1.76
C LEU T 244 68.86 -6.03 0.42
N GLU T 245 69.21 -4.74 0.41
CA GLU T 245 69.51 -4.07 -0.85
C GLU T 245 70.71 -4.69 -1.54
N ASP T 246 71.84 -4.78 -0.83
CA ASP T 246 73.05 -5.34 -1.43
C ASP T 246 72.80 -6.70 -2.04
N PHE T 247 71.89 -7.48 -1.46
CA PHE T 247 71.49 -8.73 -2.10
C PHE T 247 70.76 -8.46 -3.41
N ALA T 248 69.82 -7.51 -3.42
CA ALA T 248 69.03 -7.26 -4.61
C ALA T 248 69.90 -6.84 -5.78
N ILE T 249 70.95 -6.07 -5.53
CA ILE T 249 71.83 -5.62 -6.60
C ILE T 249 72.60 -6.80 -7.17
N ALA T 250 73.12 -7.66 -6.30
CA ALA T 250 73.76 -8.88 -6.75
C ALA T 250 72.79 -9.80 -7.49
N MET T 251 71.50 -9.51 -7.45
CA MET T 251 70.51 -10.25 -8.20
C MET T 251 70.00 -9.50 -9.42
N GLN T 252 70.59 -8.34 -9.73
CA GLN T 252 70.15 -7.58 -10.90
C GLN T 252 70.37 -8.36 -12.18
N MET T 253 71.58 -8.91 -12.35
CA MET T 253 71.89 -9.65 -13.57
C MET T 253 70.95 -10.84 -13.77
N PHE T 254 70.52 -11.47 -12.68
CA PHE T 254 69.62 -12.60 -12.78
C PHE T 254 68.17 -12.17 -12.91
N SER T 255 67.78 -11.07 -12.26
CA SER T 255 66.41 -10.60 -12.34
C SER T 255 66.06 -10.19 -13.77
N LEU T 256 66.91 -9.36 -14.39
CA LEU T 256 66.71 -9.04 -15.80
C LEU T 256 66.81 -10.28 -16.66
N ALA T 257 67.63 -11.25 -16.28
CA ALA T 257 67.66 -12.52 -16.98
C ALA T 257 66.41 -13.35 -16.74
N HIS T 258 65.66 -13.05 -15.67
CA HIS T 258 64.41 -13.69 -15.31
C HIS T 258 64.57 -15.17 -15.00
N ARG T 259 65.79 -15.69 -14.99
CA ARG T 259 65.97 -17.10 -14.69
C ARG T 259 65.78 -17.33 -13.20
N PRO T 260 64.85 -18.18 -12.80
CA PRO T 260 64.62 -18.40 -11.36
C PRO T 260 65.77 -19.17 -10.74
N VAL T 261 66.10 -18.80 -9.51
CA VAL T 261 67.33 -19.21 -8.86
C VAL T 261 67.13 -20.52 -8.12
N ARG T 262 68.17 -21.35 -8.10
CA ARG T 262 68.19 -22.61 -7.38
C ARG T 262 68.71 -22.38 -5.95
N LEU T 263 68.47 -23.37 -5.08
CA LEU T 263 68.86 -23.27 -3.68
C LEU T 263 70.34 -22.93 -3.54
N ALA T 264 71.21 -23.85 -3.99
CA ALA T 264 72.65 -23.65 -3.86
C ALA T 264 73.08 -22.32 -4.48
N GLU T 265 72.54 -22.00 -5.66
CA GLU T 265 72.75 -20.67 -6.22
C GLU T 265 72.32 -19.59 -5.24
N PHE T 266 71.16 -19.76 -4.62
CA PHE T 266 70.67 -18.75 -3.69
C PHE T 266 71.54 -18.66 -2.45
N LYS T 267 72.13 -19.78 -2.03
CA LYS T 267 73.01 -19.77 -0.87
C LYS T 267 74.25 -18.92 -1.13
N ARG T 268 75.04 -19.31 -2.14
CA ARG T 268 76.22 -18.53 -2.49
C ARG T 268 75.87 -17.09 -2.78
N ALA T 269 74.67 -16.84 -3.33
CA ALA T 269 74.22 -15.48 -3.55
C ALA T 269 74.15 -14.72 -2.25
N VAL T 270 73.27 -15.15 -1.33
CA VAL T 270 73.15 -14.49 -0.04
C VAL T 270 74.44 -14.57 0.75
N LYS T 271 75.30 -15.55 0.45
CA LYS T 271 76.60 -15.63 1.11
C LYS T 271 77.42 -14.40 0.81
N VAL T 272 77.74 -14.18 -0.47
CA VAL T 272 78.51 -13.01 -0.83
C VAL T 272 77.72 -11.72 -0.67
N ALA T 273 76.38 -11.81 -0.66
CA ALA T 273 75.57 -10.61 -0.52
C ALA T 273 75.69 -10.02 0.88
N THR T 274 75.29 -10.79 1.88
CA THR T 274 75.26 -10.29 3.26
C THR T 274 76.53 -10.63 4.03
N GLY T 275 77.23 -11.69 3.63
CA GLY T 275 78.27 -12.26 4.46
C GLY T 275 77.76 -13.22 5.51
N GLN T 276 76.45 -13.49 5.54
CA GLN T 276 75.84 -14.34 6.55
C GLN T 276 75.27 -15.57 5.87
N GLU T 277 75.85 -16.73 6.17
CA GLU T 277 75.33 -17.97 5.63
C GLU T 277 74.02 -18.34 6.29
N LEU T 278 73.20 -19.09 5.58
CA LEU T 278 71.92 -19.58 6.08
C LEU T 278 71.93 -21.11 6.07
N SER T 279 70.82 -21.69 6.52
CA SER T 279 70.65 -23.14 6.50
C SER T 279 69.58 -23.51 5.49
N ASN T 280 69.83 -24.59 4.76
CA ASN T 280 68.87 -25.06 3.77
C ASN T 280 67.51 -25.33 4.41
N ASN T 281 67.50 -25.72 5.69
CA ASN T 281 66.23 -25.96 6.39
C ASN T 281 65.34 -24.73 6.35
N ILE T 282 65.93 -23.54 6.25
CA ILE T 282 65.13 -22.33 6.09
C ILE T 282 64.72 -22.15 4.65
N LEU T 283 65.69 -22.00 3.76
CA LEU T 283 65.43 -21.53 2.42
C LEU T 283 64.61 -22.53 1.60
N ASP T 284 64.77 -23.83 1.88
CA ASP T 284 63.90 -24.80 1.22
C ASP T 284 62.44 -24.51 1.52
N THR T 285 62.12 -24.24 2.79
CA THR T 285 60.78 -23.79 3.13
C THR T 285 60.47 -22.47 2.44
N VAL T 286 61.39 -21.51 2.54
CA VAL T 286 61.26 -20.27 1.78
C VAL T 286 60.99 -20.58 0.32
N PHE T 287 61.75 -21.51 -0.26
CA PHE T 287 61.40 -22.02 -1.57
C PHE T 287 60.04 -22.68 -1.56
N LYS T 288 59.82 -23.59 -0.61
CA LYS T 288 58.56 -24.34 -0.58
C LYS T 288 57.36 -23.43 -0.40
N ILE T 289 57.55 -22.23 0.16
CA ILE T 289 56.44 -21.31 0.34
C ILE T 289 56.37 -20.29 -0.79
N PHE T 290 57.51 -19.88 -1.34
CA PHE T 290 57.53 -18.83 -2.34
C PHE T 290 57.52 -19.34 -3.78
N ASP T 291 57.70 -20.65 -3.99
CA ASP T 291 57.75 -21.19 -5.34
C ASP T 291 56.37 -21.67 -5.79
N LEU T 292 55.45 -20.70 -5.86
CA LEU T 292 54.10 -21.01 -6.32
C LEU T 292 54.10 -21.50 -7.77
N ASP T 293 55.05 -21.05 -8.58
CA ASP T 293 55.14 -21.54 -9.95
C ASP T 293 55.44 -23.02 -10.02
N GLY T 294 55.94 -23.61 -8.94
CA GLY T 294 56.17 -25.04 -8.89
C GLY T 294 57.40 -25.54 -9.61
N ASP T 295 58.31 -24.65 -10.00
CA ASP T 295 59.53 -25.06 -10.67
C ASP T 295 60.69 -25.24 -9.69
N GLU T 296 60.46 -25.06 -8.40
CA GLU T 296 61.49 -25.16 -7.36
C GLU T 296 62.64 -24.19 -7.59
N CYS T 297 62.37 -23.09 -8.28
CA CYS T 297 63.37 -22.05 -8.52
C CYS T 297 62.71 -20.69 -8.36
N LEU T 298 63.35 -19.81 -7.60
CA LEU T 298 62.76 -18.53 -7.23
C LEU T 298 63.08 -17.50 -8.30
N SER T 299 62.07 -17.10 -9.05
CA SER T 299 62.24 -15.96 -9.96
C SER T 299 62.25 -14.67 -9.15
N HIS T 300 62.69 -13.59 -9.80
CA HIS T 300 62.79 -12.31 -9.12
C HIS T 300 61.43 -11.85 -8.60
N GLU T 301 60.41 -11.91 -9.45
CA GLU T 301 59.08 -11.50 -9.02
C GLU T 301 58.51 -12.40 -7.93
N GLU T 302 59.01 -13.63 -7.81
CA GLU T 302 58.50 -14.52 -6.77
C GLU T 302 58.87 -14.00 -5.38
N PHE T 303 60.17 -13.93 -5.09
CA PHE T 303 60.61 -13.52 -3.75
C PHE T 303 60.74 -12.00 -3.65
N LEU T 304 61.61 -11.43 -4.48
CA LEU T 304 61.81 -9.98 -4.44
C LEU T 304 60.52 -9.23 -4.73
N GLY T 305 59.68 -9.78 -5.62
CA GLY T 305 58.46 -9.10 -6.00
C GLY T 305 57.55 -8.84 -4.81
N VAL T 306 57.37 -9.86 -3.96
CA VAL T 306 56.51 -9.66 -2.81
C VAL T 306 57.26 -8.94 -1.69
N LEU T 307 58.59 -9.01 -1.68
CA LEU T 307 59.35 -8.33 -0.63
C LEU T 307 59.27 -6.82 -0.77
N LYS T 308 59.04 -6.31 -1.98
CA LYS T 308 58.85 -4.87 -2.17
C LYS T 308 57.40 -4.45 -2.01
N ASN T 309 56.59 -5.26 -1.33
CA ASN T 309 55.23 -4.84 -1.02
C ASN T 309 55.21 -3.78 0.08
N ARG T 310 56.17 -3.82 0.99
CA ARG T 310 56.29 -2.80 2.03
C ARG T 310 57.46 -1.87 1.74
CA CA U . -9.90 -48.22 48.02
CA CA V . 47.57 38.29 -31.40
#